data_4U3F
#
_entry.id   4U3F
#
_cell.length_a   167.251
_cell.length_b   181.483
_cell.length_c   239.631
_cell.angle_alpha   90.00
_cell.angle_beta   90.00
_cell.angle_gamma   90.00
#
_symmetry.space_group_name_H-M   'P 21 21 21'
#
loop_
_entity.id
_entity.type
_entity.pdbx_description
1 polymer 'Mitochondrial ubiquinol-cytochrome-c reductase complex core protein i'
2 polymer 'Mitochondrial ubiquinol-cytochrome-c reductase complex core protein 2'
3 polymer 'Cytochrome b'
4 polymer 'Mitochondrial cytochrome c1, heme protein'
5 polymer 'Cytochrome b-c1 complex subunit Rieske, mitochondrial'
6 polymer 'Cytochrome b-c1 complex subunit 7'
7 polymer 'Mitochondrial ubiquinol-cytochrome c reductase ubiquinone-binding protein qp-c'
8 polymer 'Cytochrome b-c1 complex subunit 6'
9 polymer 'Cytochrome b-c1 complex subunit Rieske, mitochondrial'
10 polymer 'Mitochondrial ubiquinol-cytochrome c reductase 7.2 kda protein'
11 non-polymer 1,2-dioleoyl-sn-glycero-3-phosphoethanolamine
12 non-polymer 'PROTOPORPHYRIN IX CONTAINING FE'
13 non-polymer 'methyl (2E)-3-methoxy-2-(2-{[(5-methoxy-1,3-benzothiazol-2-yl)sulfanyl]methyl}phenyl)prop-2-enoate'
14 non-polymer UBIQUINONE-10
15 non-polymer '2-(N-MORPHOLINO)-ETHANESULFONIC ACID'
16 non-polymer GLYCEROL
17 non-polymer 'HEME C'
18 non-polymer CARDIOLIPIN
19 non-polymer 'octyl beta-D-glucopyranoside'
20 non-polymer 'FE2/S2 (INORGANIC) CLUSTER'
21 water water
#
loop_
_entity_poly.entity_id
_entity_poly.type
_entity_poly.pdbx_seq_one_letter_code
_entity_poly.pdbx_strand_id
1 'polypeptide(L)'
;AATYAQTLQNIPETNVTTLDNGLRVASEESSQPTCTVGVWIGAGSRYENEKNNGAGYFVEHLAFKGTKKRPCAAFEKEVE
SMGAHFNGYTSREQTAFYIKALSKDMPKVVELLADVVQNCALEESQIEKERGVILQELKEMDNDMTNVTFDYLHATAFQG
TALARTVEGTTENIKHLTRADLASYIDTHFKAPRMVLAAAGGISHKELVDAARQHFSGVSFTYKEDAVPILPRCRFTGSE
IRARDDALPVAHVALAVEGPGWADPDNVVLHVANAIIGRYDRTFGGGKHLSSRLAALAVEHKLCHSFQTFNTSYSDTGLF
GFHFVADPLSIDDMMFCAQGEWMRLCTSTTESEVKRAKNHLRSAMVAQLDGTTPVCETIGSHLLNYGRRISLEEWDSRIS
AVDARMVRDVCSKYIYDKCPALAAVGPIEQLLDYNRIRSGMYWIRF
;
A,N
2 'polypeptide(L)'
;SLKVAPKVAVSAAAERVKLCPGAEDLEITKLPNGLIIASLENFSPASRIGVFIKAGSRYETTANLGTAHLLRLASPLTTK
GASSFRITRGIEAVGGSLSVYSTREKMTYCVECLRDHVDTVMEYLLNVTTAPEFRPWEVTDLQPQLKVDKAVAFQSPQVG
VLENLHAAAYKTALANPLYCPDYRIGKITSEQLHHFVQNNFTSARMALVGIGVKHSDLKQVAEQFLNIRSGAGTSSAKAT
YWGGEIREQNGHSLVHAAVVTEGAAVGSAEANAFSVLQHVLGAGPLIKRGSSVTSKLYQGVAKATTQPFDASAFNVNYSD
SGLFGFYTISQAAHAGEVIRAAMNQLKAAAQGGVTEEDVTKAKNQLKATYLMSVETAQGLLNEIGSEALLSGTHTAPSVV
AQKIDSVTSADVVNAAKKFVSGKKSMAASGDLGSTPFLDEL
;
B,O
3 'polypeptide(L)'
;(FME)APNIRKSHPLLKMINNSLIDLPAPSNISAWWNFGSLLAVCLMTQILTGLLLAMHYTADTSLAFSSVAHTCRNVQY
GWLIRNLHANGASFFFICIFLHIGRGLYYGSYLYKETWNTGVILLLTLMATAFVGYVLPWGQMSFWGATVITNLFSAIPY
IGHTLVEWAWGGFSVDNPTLTRFFALHFLLPFAIAGITIIHLTFLHESGSNNPLGISSDSDKIPFHPYYSFKDILGLTLM
LTPFLTLALFSPNLLGDPENFTPANPLVTPPHIKPEWYFLFAYAILRSIPNKLGGVLALAASVLILFLIPFLHKSKQRTM
TFRPLSQTLFWLLVANLLILTWIGSQPVEHPFIIIGQMASLSYFTILLILFPTIGTLENKMLNY
;
C,P
4 'polypeptide(L)'
;GELELHPPAFPWSHGGPLSALDHSSVRRGFQVYKQVCSACHSMDYVAFRNLIGVTHTEAEAKALAEEVEVQDGPDENGEL
FMRPGKISDYFPKPYPNPEAARAANNGALPPDLSYIVNARHGGEDYVFSLLTGYCDPPAGVVVREGLHYNPYFPGQAIGM
APPIYNEILEYDDGTPATMSQIAKDVCTFLRWAAEPEHDQRKRMGLKMLLISALLTSLLYYMKRHKWSVLKSRKMAYRPP
K
;
D,Q
5 'polypeptide(L)'
;VHNDVTVPDFSAYRREDVMDATTSSQTSSEDRKGFSYLVTATACVATAYAAKNVVTQFISSLSASADVLALSKIEIKLSD
IPEGKNVAFKWRGKPLFVRHRTQAEINQEAEVDVSKLRDPQHDLDRVKKPEWVILVGVCTHLGCVPIANSGDFGGYYCPC
HGSHYDASGRIRKGPAPYNLEVPTYQFVGDDLVVVG
;
E,R
6 'polypeptide(L)'
;AARATVAGGGRLMDRIRKWYYNAAGFNKYGLMRDDTLYEDDDVKEALKRLPEDLYNERMFRIKRALDLSLKHRILPKEQW
VKYEEDKPYLEPYLKEVIRERLEREAWNKK
;
F,S
7 'polypeptide(L)'
;GIHFGNLARVRHIITYSLSPFEQRAIPNIFSDALPNVWRRFSSQVFKVAPPFLGAYLLYSWGTQEFERLKRKNPADYEND
Q
;
G,T
8 'polypeptide(L)' LRGSGEEEEEELVDPLTTIREHCEQTEKCVKARERLELCDARVSSRSHTEEQCTEELFDFLHARDHCVAHKLFNKLK H,U
9 'polypeptide(L)'
;(AME)LSVAARSGPFAPYLSAAAHAVPGPLKA(UNK)(UNK)(UNK)(UNK)(UNK)(UNK)(UNK)(UNK)(UNK)
(UNK)(UNK)(UNK)(UNK)(UNK)LKRPLLCRESMSGRSARRDLVAGISLNAPASVRY
;
I,V
10 'polypeptide(L)' ALLRQAYSALFRRTSTFALTVVLGAVLFERAFDQGADAIFEHLNEGKLWKHIKHKYEASEE J,W
#
# COMPACT_ATOMS: atom_id res chain seq x y z
N ALA A 2 -18.73 -2.62 -62.83
CA ALA A 2 -19.09 -3.87 -62.18
C ALA A 2 -18.77 -3.83 -60.69
N THR A 3 -19.73 -4.26 -59.88
CA THR A 3 -19.58 -4.20 -58.43
C THR A 3 -19.75 -5.55 -57.75
N TYR A 4 -19.75 -5.52 -56.42
CA TYR A 4 -19.75 -6.72 -55.58
C TYR A 4 -21.04 -7.54 -55.67
N ALA A 5 -22.18 -6.86 -55.69
CA ALA A 5 -23.47 -7.53 -55.63
C ALA A 5 -23.76 -8.38 -56.87
N GLN A 6 -23.04 -8.13 -57.95
CA GLN A 6 -23.27 -8.84 -59.20
C GLN A 6 -22.22 -9.92 -59.45
N THR A 7 -21.03 -9.71 -58.89
CA THR A 7 -19.93 -10.64 -59.07
C THR A 7 -20.07 -11.85 -58.16
N LEU A 8 -21.13 -11.87 -57.36
CA LEU A 8 -21.42 -13.02 -56.52
C LEU A 8 -22.40 -13.98 -57.20
N GLN A 9 -23.36 -13.41 -57.92
CA GLN A 9 -24.30 -14.22 -58.69
C GLN A 9 -23.66 -14.74 -59.96
N ASN A 10 -22.66 -14.03 -60.46
CA ASN A 10 -21.98 -14.42 -61.69
C ASN A 10 -20.86 -15.43 -61.44
N ILE A 11 -20.89 -16.06 -60.26
CA ILE A 11 -19.93 -17.12 -59.96
C ILE A 11 -20.49 -18.44 -60.47
N PRO A 12 -19.69 -19.17 -61.27
CA PRO A 12 -20.10 -20.46 -61.83
C PRO A 12 -20.54 -21.44 -60.74
N GLU A 13 -21.79 -21.88 -60.83
CA GLU A 13 -22.37 -22.77 -59.82
C GLU A 13 -21.62 -24.10 -59.74
N THR A 14 -21.61 -24.69 -58.55
CA THR A 14 -20.91 -25.95 -58.31
C THR A 14 -21.79 -27.13 -58.70
N ASN A 15 -21.30 -27.96 -59.63
CA ASN A 15 -22.06 -29.10 -60.11
C ASN A 15 -21.90 -30.32 -59.21
N VAL A 16 -23.00 -31.03 -58.97
CA VAL A 16 -22.98 -32.22 -58.13
C VAL A 16 -23.70 -33.40 -58.77
N THR A 17 -23.01 -34.55 -58.80
CA THR A 17 -23.59 -35.79 -59.30
C THR A 17 -23.10 -36.97 -58.46
N THR A 18 -23.95 -37.98 -58.31
CA THR A 18 -23.64 -39.11 -57.44
C THR A 18 -23.61 -40.43 -58.20
N LEU A 19 -22.59 -41.24 -57.90
CA LEU A 19 -22.44 -42.56 -58.52
C LEU A 19 -23.39 -43.57 -57.87
N ASP A 20 -23.25 -44.83 -58.27
CA ASP A 20 -24.06 -45.90 -57.70
C ASP A 20 -23.72 -46.17 -56.24
N ASN A 21 -22.42 -46.31 -55.96
CA ASN A 21 -21.94 -46.66 -54.63
C ASN A 21 -22.15 -45.56 -53.60
N GLY A 22 -22.64 -44.40 -54.06
CA GLY A 22 -22.98 -43.32 -53.16
C GLY A 22 -21.96 -42.19 -53.12
N LEU A 23 -20.89 -42.33 -53.90
CA LEU A 23 -19.84 -41.32 -53.91
C LEU A 23 -20.30 -40.08 -54.68
N ARG A 24 -20.13 -38.92 -54.06
CA ARG A 24 -20.50 -37.65 -54.68
C ARG A 24 -19.31 -37.02 -55.39
N VAL A 25 -19.58 -36.41 -56.53
CA VAL A 25 -18.57 -35.70 -57.30
C VAL A 25 -18.99 -34.25 -57.50
N ALA A 26 -18.15 -33.32 -57.05
CA ALA A 26 -18.46 -31.90 -57.18
C ALA A 26 -17.29 -31.13 -57.78
N SER A 27 -17.60 -30.10 -58.55
CA SER A 27 -16.56 -29.34 -59.23
C SER A 27 -16.91 -27.86 -59.38
N GLU A 28 -15.88 -27.02 -59.30
CA GLU A 28 -16.00 -25.61 -59.63
C GLU A 28 -15.09 -25.30 -60.81
N GLU A 29 -15.68 -25.19 -61.99
CA GLU A 29 -14.90 -25.01 -63.21
C GLU A 29 -14.54 -23.55 -63.47
N SER A 30 -13.25 -23.30 -63.66
CA SER A 30 -12.77 -21.99 -64.07
C SER A 30 -11.91 -22.15 -65.32
N SER A 31 -11.17 -21.10 -65.66
CA SER A 31 -10.27 -21.15 -66.80
C SER A 31 -8.82 -21.29 -66.34
N GLN A 32 -8.64 -22.05 -65.25
CA GLN A 32 -7.31 -22.24 -64.66
C GLN A 32 -6.52 -23.34 -65.34
N PRO A 33 -5.28 -23.03 -65.74
CA PRO A 33 -4.37 -24.04 -66.30
C PRO A 33 -3.98 -25.08 -65.25
N THR A 34 -4.02 -24.67 -63.98
CA THR A 34 -3.80 -25.57 -62.86
C THR A 34 -5.13 -25.91 -62.20
N CYS A 35 -5.07 -26.84 -61.24
CA CYS A 35 -6.29 -27.26 -60.55
C CYS A 35 -5.98 -28.02 -59.26
N THR A 36 -6.98 -28.15 -58.40
CA THR A 36 -6.87 -28.97 -57.20
C THR A 36 -8.05 -29.92 -57.14
N VAL A 37 -7.74 -31.21 -56.98
CA VAL A 37 -8.77 -32.24 -56.94
C VAL A 37 -8.37 -33.34 -55.95
N GLY A 38 -9.29 -33.66 -55.04
CA GLY A 38 -9.04 -34.67 -54.03
C GLY A 38 -10.31 -35.25 -53.46
N VAL A 39 -10.16 -36.10 -52.44
CA VAL A 39 -11.30 -36.73 -51.81
C VAL A 39 -11.41 -36.35 -50.33
N TRP A 40 -12.54 -35.79 -49.96
CA TRP A 40 -12.78 -35.41 -48.56
C TRP A 40 -13.65 -36.46 -47.88
N ILE A 41 -13.06 -37.18 -46.93
CA ILE A 41 -13.74 -38.28 -46.27
C ILE A 41 -14.32 -37.87 -44.93
N GLY A 42 -15.50 -38.39 -44.61
CA GLY A 42 -16.12 -38.14 -43.32
C GLY A 42 -15.58 -39.09 -42.27
N ALA A 43 -14.29 -38.95 -41.98
CA ALA A 43 -13.63 -39.81 -41.01
C ALA A 43 -12.60 -39.02 -40.19
N GLY A 44 -12.50 -39.36 -38.91
CA GLY A 44 -11.57 -38.68 -38.03
C GLY A 44 -11.36 -39.43 -36.72
N SER A 45 -10.94 -38.71 -35.69
CA SER A 45 -10.65 -39.31 -34.39
C SER A 45 -11.91 -39.55 -33.57
N ARG A 46 -13.01 -38.92 -33.98
CA ARG A 46 -14.29 -39.14 -33.32
C ARG A 46 -14.85 -40.51 -33.72
N TYR A 47 -14.54 -40.92 -34.95
CA TYR A 47 -14.96 -42.23 -35.44
C TYR A 47 -14.10 -43.33 -34.85
N GLU A 48 -12.96 -42.94 -34.28
CA GLU A 48 -12.07 -43.89 -33.60
C GLU A 48 -12.59 -44.17 -32.20
N ASN A 49 -11.89 -45.03 -31.47
CA ASN A 49 -12.21 -45.25 -30.06
C ASN A 49 -10.98 -45.57 -29.22
N GLU A 50 -11.21 -46.33 -28.16
CA GLU A 50 -10.20 -46.62 -27.14
C GLU A 50 -8.93 -47.25 -27.69
N LYS A 51 -9.09 -48.18 -28.63
CA LYS A 51 -7.97 -49.00 -29.07
C LYS A 51 -7.42 -48.60 -30.44
N ASN A 52 -8.25 -47.98 -31.28
CA ASN A 52 -7.77 -47.54 -32.58
C ASN A 52 -7.65 -46.02 -32.67
N ASN A 53 -7.33 -45.39 -31.54
CA ASN A 53 -7.14 -43.94 -31.51
C ASN A 53 -5.84 -43.56 -32.20
N GLY A 54 -5.95 -42.64 -33.16
CA GLY A 54 -4.80 -42.20 -33.93
C GLY A 54 -4.47 -43.14 -35.07
N ALA A 55 -5.36 -44.07 -35.37
CA ALA A 55 -5.17 -44.98 -36.49
C ALA A 55 -5.34 -44.25 -37.81
N GLY A 56 -6.34 -43.37 -37.87
CA GLY A 56 -6.58 -42.57 -39.06
C GLY A 56 -5.45 -41.61 -39.33
N TYR A 57 -4.72 -41.26 -38.27
CA TYR A 57 -3.54 -40.42 -38.40
C TYR A 57 -2.36 -41.27 -38.83
N PHE A 58 -2.29 -42.49 -38.29
CA PHE A 58 -1.28 -43.47 -38.68
C PHE A 58 -1.48 -43.83 -40.15
N VAL A 59 -2.74 -43.87 -40.57
CA VAL A 59 -3.08 -44.10 -41.97
C VAL A 59 -2.62 -42.95 -42.85
N GLU A 60 -2.80 -41.72 -42.35
CA GLU A 60 -2.43 -40.52 -43.11
C GLU A 60 -0.96 -40.52 -43.44
N HIS A 61 -0.16 -41.12 -42.56
CA HIS A 61 1.28 -41.25 -42.77
C HIS A 61 1.60 -42.25 -43.88
N LEU A 62 0.74 -43.24 -44.05
CA LEU A 62 1.00 -44.33 -45.00
C LEU A 62 0.25 -44.17 -46.31
N ALA A 63 -0.50 -43.08 -46.44
CA ALA A 63 -1.25 -42.82 -47.66
C ALA A 63 -0.32 -42.54 -48.84
N PHE A 64 0.71 -41.73 -48.61
CA PHE A 64 1.61 -41.32 -49.67
C PHE A 64 2.80 -42.26 -49.82
N LYS A 65 2.86 -43.27 -48.95
CA LYS A 65 4.01 -44.18 -48.92
C LYS A 65 3.87 -45.36 -49.86
N GLY A 66 3.06 -45.20 -50.91
CA GLY A 66 2.92 -46.23 -51.93
C GLY A 66 1.64 -47.02 -51.85
N THR A 67 1.20 -47.54 -52.99
CA THR A 67 -0.03 -48.33 -53.06
C THR A 67 0.26 -49.74 -53.57
N LYS A 68 -0.80 -50.51 -53.79
CA LYS A 68 -0.66 -51.88 -54.29
C LYS A 68 -0.16 -51.90 -55.73
N LYS A 69 -0.78 -51.07 -56.58
CA LYS A 69 -0.41 -51.03 -57.99
C LYS A 69 0.98 -50.46 -58.20
N ARG A 70 1.36 -49.48 -57.38
CA ARG A 70 2.66 -48.85 -57.49
C ARG A 70 3.26 -48.58 -56.11
N PRO A 71 4.38 -49.25 -55.79
CA PRO A 71 5.05 -49.10 -54.50
C PRO A 71 5.60 -47.70 -54.26
N CYS A 72 6.21 -47.49 -53.10
CA CYS A 72 6.69 -46.17 -52.68
C CYS A 72 7.57 -45.47 -53.70
N ALA A 73 8.57 -46.19 -54.22
CA ALA A 73 9.52 -45.61 -55.16
C ALA A 73 8.82 -45.11 -56.43
N ALA A 74 7.95 -45.94 -56.99
CA ALA A 74 7.25 -45.60 -58.22
C ALA A 74 6.23 -44.48 -58.01
N PHE A 75 5.44 -44.59 -56.94
CA PHE A 75 4.37 -43.65 -56.68
C PHE A 75 4.88 -42.22 -56.47
N GLU A 76 5.94 -42.09 -55.68
CA GLU A 76 6.53 -40.77 -55.44
C GLU A 76 7.15 -40.21 -56.71
N LYS A 77 7.80 -41.07 -57.49
CA LYS A 77 8.45 -40.65 -58.72
C LYS A 77 7.42 -40.22 -59.77
N GLU A 78 6.28 -40.89 -59.80
CA GLU A 78 5.23 -40.58 -60.77
C GLU A 78 4.55 -39.24 -60.45
N VAL A 79 4.27 -39.02 -59.17
CA VAL A 79 3.60 -37.81 -58.73
C VAL A 79 4.49 -36.58 -58.90
N GLU A 80 5.77 -36.71 -58.54
CA GLU A 80 6.71 -35.60 -58.64
C GLU A 80 6.94 -35.17 -60.09
N SER A 81 6.94 -36.13 -61.01
CA SER A 81 7.30 -35.89 -62.40
C SER A 81 6.30 -35.01 -63.14
N MET A 82 5.04 -35.05 -62.71
CA MET A 82 4.00 -34.27 -63.37
C MET A 82 3.83 -32.90 -62.70
N GLY A 83 4.83 -32.52 -61.89
CA GLY A 83 4.81 -31.26 -61.19
C GLY A 83 3.65 -31.14 -60.21
N ALA A 84 3.09 -32.28 -59.82
CA ALA A 84 1.91 -32.31 -58.98
C ALA A 84 2.26 -32.39 -57.51
N HIS A 85 1.52 -31.66 -56.68
CA HIS A 85 1.71 -31.69 -55.24
C HIS A 85 0.63 -32.54 -54.57
N PHE A 86 1.07 -33.55 -53.82
CA PHE A 86 0.14 -34.40 -53.08
C PHE A 86 0.17 -34.04 -51.60
N ASN A 87 -1.00 -33.69 -51.07
CA ASN A 87 -1.11 -33.29 -49.66
C ASN A 87 -2.44 -33.76 -49.06
N GLY A 88 -2.51 -33.75 -47.74
CA GLY A 88 -3.71 -34.16 -47.05
C GLY A 88 -3.64 -33.92 -45.54
N TYR A 89 -4.73 -34.23 -44.85
CA TYR A 89 -4.78 -34.06 -43.40
C TYR A 89 -5.83 -34.97 -42.78
N THR A 90 -5.95 -34.90 -41.45
CA THR A 90 -7.04 -35.57 -40.75
C THR A 90 -7.40 -34.78 -39.50
N SER A 91 -8.70 -34.56 -39.30
CA SER A 91 -9.15 -33.82 -38.13
C SER A 91 -9.84 -34.76 -37.15
N ARG A 92 -10.79 -34.21 -36.40
CA ARG A 92 -11.56 -35.00 -35.46
C ARG A 92 -12.78 -35.61 -36.14
N GLU A 93 -13.20 -34.99 -37.23
CA GLU A 93 -14.41 -35.42 -37.93
C GLU A 93 -14.26 -35.42 -39.44
N GLN A 94 -13.06 -35.16 -39.94
CA GLN A 94 -12.87 -35.01 -41.38
C GLN A 94 -11.45 -35.31 -41.85
N THR A 95 -11.33 -36.26 -42.76
CA THR A 95 -10.05 -36.60 -43.37
C THR A 95 -10.08 -36.22 -44.84
N ALA A 96 -8.94 -35.76 -45.37
CA ALA A 96 -8.88 -35.35 -46.76
C ALA A 96 -7.54 -35.66 -47.40
N PHE A 97 -7.58 -36.08 -48.67
CA PHE A 97 -6.38 -36.28 -49.47
C PHE A 97 -6.58 -35.64 -50.83
N TYR A 98 -5.72 -34.69 -51.19
CA TYR A 98 -5.92 -33.92 -52.41
C TYR A 98 -4.63 -33.67 -53.19
N ILE A 99 -4.78 -33.30 -54.46
CA ILE A 99 -3.64 -33.09 -55.35
C ILE A 99 -3.73 -31.80 -56.15
N LYS A 100 -2.63 -31.04 -56.16
CA LYS A 100 -2.53 -29.86 -57.02
C LYS A 100 -1.75 -30.18 -58.28
N ALA A 101 -2.38 -30.02 -59.44
CA ALA A 101 -1.71 -30.31 -60.70
C ALA A 101 -2.29 -29.50 -61.85
N LEU A 102 -1.74 -29.72 -63.04
CA LEU A 102 -2.25 -29.10 -64.24
C LEU A 102 -3.64 -29.65 -64.54
N SER A 103 -4.46 -28.86 -65.22
CA SER A 103 -5.82 -29.26 -65.54
C SER A 103 -5.87 -30.42 -66.51
N LYS A 104 -4.76 -30.66 -67.20
CA LYS A 104 -4.69 -31.73 -68.19
C LYS A 104 -4.52 -33.11 -67.54
N ASP A 105 -3.89 -33.13 -66.36
CA ASP A 105 -3.59 -34.38 -65.68
C ASP A 105 -4.75 -34.84 -64.79
N MET A 106 -5.86 -34.11 -64.86
CA MET A 106 -7.03 -34.39 -64.03
C MET A 106 -7.48 -35.86 -64.01
N PRO A 107 -7.57 -36.51 -65.18
CA PRO A 107 -8.02 -37.92 -65.10
C PRO A 107 -6.97 -38.83 -64.44
N LYS A 108 -5.70 -38.61 -64.75
CA LYS A 108 -4.62 -39.37 -64.14
C LYS A 108 -4.59 -39.13 -62.64
N VAL A 109 -4.84 -37.89 -62.24
CA VAL A 109 -4.88 -37.53 -60.83
C VAL A 109 -5.97 -38.29 -60.08
N VAL A 110 -7.17 -38.31 -60.65
CA VAL A 110 -8.30 -39.02 -60.05
C VAL A 110 -7.97 -40.50 -59.87
N GLU A 111 -7.26 -41.06 -60.85
CA GLU A 111 -6.78 -42.44 -60.75
C GLU A 111 -5.80 -42.59 -59.59
N LEU A 112 -4.91 -41.61 -59.45
CA LEU A 112 -3.92 -41.61 -58.37
C LEU A 112 -4.59 -41.49 -57.01
N LEU A 113 -5.62 -40.65 -56.93
CA LEU A 113 -6.39 -40.48 -55.71
C LEU A 113 -7.13 -41.76 -55.34
N ALA A 114 -7.84 -42.33 -56.32
CA ALA A 114 -8.63 -43.53 -56.10
C ALA A 114 -7.76 -44.72 -55.70
N ASP A 115 -6.48 -44.66 -56.08
CA ASP A 115 -5.56 -45.75 -55.79
C ASP A 115 -5.15 -45.74 -54.32
N VAL A 116 -4.94 -44.53 -53.78
CA VAL A 116 -4.49 -44.38 -52.40
C VAL A 116 -5.57 -44.73 -51.39
N VAL A 117 -6.79 -44.21 -51.62
CA VAL A 117 -7.89 -44.44 -50.69
C VAL A 117 -8.34 -45.90 -50.67
N GLN A 118 -8.06 -46.61 -51.75
CA GLN A 118 -8.52 -47.99 -51.90
C GLN A 118 -7.39 -49.00 -51.76
N ASN A 119 -6.46 -48.98 -52.72
CA ASN A 119 -5.40 -49.98 -52.77
C ASN A 119 -4.11 -49.56 -52.06
N CYS A 120 -4.24 -49.00 -50.86
CA CYS A 120 -3.07 -48.62 -50.07
C CYS A 120 -2.22 -49.85 -49.72
N ALA A 121 -0.91 -49.68 -49.77
CA ALA A 121 0.01 -50.81 -49.57
C ALA A 121 0.04 -51.31 -48.13
N LEU A 122 0.32 -50.40 -47.19
CA LEU A 122 0.48 -50.74 -45.79
C LEU A 122 1.57 -51.79 -45.58
N GLU A 123 2.76 -51.52 -46.10
CA GLU A 123 3.88 -52.43 -45.98
C GLU A 123 4.26 -52.61 -44.51
N GLU A 124 4.42 -53.85 -44.08
CA GLU A 124 4.68 -54.16 -42.68
C GLU A 124 5.98 -53.52 -42.20
N SER A 125 6.93 -53.37 -43.12
CA SER A 125 8.22 -52.75 -42.81
C SER A 125 8.09 -51.23 -42.74
N GLN A 126 7.21 -50.69 -43.58
CA GLN A 126 7.00 -49.24 -43.64
C GLN A 126 6.32 -48.72 -42.40
N ILE A 127 5.38 -49.50 -41.87
CA ILE A 127 4.65 -49.14 -40.66
C ILE A 127 5.60 -48.92 -39.49
N GLU A 128 6.60 -49.79 -39.39
CA GLU A 128 7.55 -49.74 -38.28
C GLU A 128 8.40 -48.47 -38.30
N LYS A 129 8.56 -47.88 -39.48
CA LYS A 129 9.32 -46.64 -39.57
C LYS A 129 8.49 -45.46 -39.11
N GLU A 130 7.22 -45.45 -39.50
CA GLU A 130 6.32 -44.37 -39.13
C GLU A 130 5.95 -44.44 -37.65
N ARG A 131 6.32 -45.54 -37.00
CA ARG A 131 6.20 -45.66 -35.56
C ARG A 131 6.99 -44.55 -34.88
N GLY A 132 8.29 -44.48 -35.21
CA GLY A 132 9.16 -43.47 -34.66
C GLY A 132 8.89 -42.09 -35.23
N VAL A 133 8.39 -42.05 -36.46
CA VAL A 133 8.08 -40.78 -37.11
C VAL A 133 6.95 -40.04 -36.39
N ILE A 134 5.85 -40.75 -36.15
CA ILE A 134 4.72 -40.16 -35.42
C ILE A 134 5.13 -39.83 -33.99
N LEU A 135 5.90 -40.72 -33.37
CA LEU A 135 6.36 -40.53 -32.00
C LEU A 135 7.27 -39.31 -31.87
N GLN A 136 7.85 -38.88 -32.98
CA GLN A 136 8.66 -37.67 -33.01
C GLN A 136 7.77 -36.45 -33.25
N GLU A 137 6.76 -36.62 -34.09
CA GLU A 137 5.81 -35.56 -34.36
C GLU A 137 4.98 -35.25 -33.12
N LEU A 138 4.87 -36.23 -32.23
CA LEU A 138 4.19 -36.01 -30.95
C LEU A 138 5.05 -35.15 -30.03
N LYS A 139 6.34 -35.47 -29.95
CA LYS A 139 7.26 -34.71 -29.12
C LYS A 139 7.41 -33.29 -29.66
N GLU A 140 7.31 -33.16 -30.98
CA GLU A 140 7.39 -31.86 -31.64
C GLU A 140 6.18 -31.00 -31.35
N MET A 141 4.99 -31.58 -31.53
CA MET A 141 3.73 -30.87 -31.33
C MET A 141 3.48 -30.58 -29.85
N ASP A 142 4.20 -31.28 -28.97
CA ASP A 142 4.04 -31.11 -27.54
C ASP A 142 4.64 -29.79 -27.08
N ASN A 143 5.49 -29.20 -27.90
CA ASN A 143 6.08 -27.91 -27.60
C ASN A 143 5.30 -26.75 -28.23
N ASP A 144 4.25 -27.09 -28.97
CA ASP A 144 3.32 -26.09 -29.48
C ASP A 144 2.25 -25.85 -28.41
N MET A 145 2.39 -24.75 -27.68
CA MET A 145 1.52 -24.45 -26.56
C MET A 145 0.07 -24.22 -26.99
N THR A 146 -0.11 -23.65 -28.17
CA THR A 146 -1.44 -23.46 -28.74
C THR A 146 -2.07 -24.82 -29.03
N ASN A 147 -1.26 -25.74 -29.54
CA ASN A 147 -1.72 -27.09 -29.86
C ASN A 147 -2.13 -27.86 -28.60
N VAL A 148 -1.26 -27.83 -27.59
CA VAL A 148 -1.50 -28.53 -26.34
C VAL A 148 -2.75 -28.03 -25.64
N THR A 149 -2.96 -26.72 -25.70
CA THR A 149 -4.10 -26.08 -25.07
C THR A 149 -5.43 -26.50 -25.70
N PHE A 150 -5.50 -26.46 -27.03
CA PHE A 150 -6.73 -26.81 -27.75
C PHE A 150 -7.07 -28.29 -27.61
N ASP A 151 -6.05 -29.13 -27.49
CA ASP A 151 -6.27 -30.54 -27.22
C ASP A 151 -6.85 -30.71 -25.82
N TYR A 152 -6.26 -29.98 -24.86
CA TYR A 152 -6.74 -29.99 -23.49
C TYR A 152 -8.17 -29.47 -23.38
N LEU A 153 -8.49 -28.48 -24.21
CA LEU A 153 -9.83 -27.90 -24.23
C LEU A 153 -10.86 -28.95 -24.61
N HIS A 154 -10.60 -29.68 -25.70
CA HIS A 154 -11.47 -30.77 -26.11
C HIS A 154 -11.51 -31.87 -25.06
N ALA A 155 -10.37 -32.12 -24.43
CA ALA A 155 -10.24 -33.20 -23.47
C ALA A 155 -11.12 -33.00 -22.24
N THR A 156 -11.46 -31.75 -21.95
CA THR A 156 -12.25 -31.43 -20.76
C THR A 156 -13.66 -30.94 -21.13
N ALA A 157 -13.80 -30.29 -22.28
CA ALA A 157 -15.10 -29.80 -22.71
C ALA A 157 -15.99 -30.97 -23.07
N PHE A 158 -15.45 -31.90 -23.85
CA PHE A 158 -16.17 -33.11 -24.23
C PHE A 158 -15.61 -34.31 -23.47
N GLN A 159 -15.25 -34.09 -22.20
CA GLN A 159 -14.67 -35.13 -21.38
C GLN A 159 -15.56 -36.37 -21.29
N GLY A 160 -14.96 -37.54 -21.48
CA GLY A 160 -15.68 -38.79 -21.40
C GLY A 160 -16.33 -39.22 -22.71
N THR A 161 -16.09 -38.45 -23.77
CA THR A 161 -16.65 -38.79 -25.07
C THR A 161 -15.56 -38.97 -26.11
N ALA A 162 -15.97 -39.20 -27.36
CA ALA A 162 -15.03 -39.45 -28.45
C ALA A 162 -14.31 -38.18 -28.89
N LEU A 163 -14.96 -37.04 -28.71
CA LEU A 163 -14.38 -35.76 -29.14
C LEU A 163 -13.27 -35.30 -28.20
N ALA A 164 -13.14 -35.96 -27.06
CA ALA A 164 -12.13 -35.61 -26.08
C ALA A 164 -10.75 -36.15 -26.46
N ARG A 165 -10.70 -36.96 -27.51
CA ARG A 165 -9.45 -37.58 -27.94
C ARG A 165 -8.69 -36.72 -28.94
N THR A 166 -7.37 -36.81 -28.86
CA THR A 166 -6.50 -36.13 -29.81
C THR A 166 -6.54 -36.85 -31.15
N VAL A 167 -6.30 -36.09 -32.22
CA VAL A 167 -6.32 -36.65 -33.58
C VAL A 167 -5.18 -37.64 -33.78
N GLU A 168 -4.04 -37.35 -33.15
CA GLU A 168 -2.84 -38.15 -33.34
C GLU A 168 -2.87 -39.44 -32.52
N GLY A 169 -3.58 -39.40 -31.39
CA GLY A 169 -3.75 -40.59 -30.57
C GLY A 169 -2.73 -40.73 -29.45
N THR A 170 -2.90 -41.78 -28.65
CA THR A 170 -2.03 -42.02 -27.51
C THR A 170 -0.65 -42.50 -27.97
N THR A 171 0.31 -42.46 -27.05
CA THR A 171 1.64 -43.01 -27.32
C THR A 171 1.56 -44.53 -27.37
N GLU A 172 0.79 -45.11 -26.46
CA GLU A 172 0.59 -46.55 -26.41
C GLU A 172 -0.06 -47.08 -27.67
N ASN A 173 -1.04 -46.34 -28.18
CA ASN A 173 -1.73 -46.73 -29.40
C ASN A 173 -0.81 -46.71 -30.61
N ILE A 174 -0.05 -45.64 -30.75
CA ILE A 174 0.92 -45.53 -31.85
C ILE A 174 1.94 -46.65 -31.73
N LYS A 175 2.38 -46.92 -30.51
CA LYS A 175 3.31 -48.01 -30.23
C LYS A 175 2.81 -49.36 -30.74
N HIS A 176 1.54 -49.66 -30.48
CA HIS A 176 1.04 -51.02 -30.61
C HIS A 176 0.03 -51.25 -31.74
N LEU A 177 -0.29 -50.20 -32.50
CA LEU A 177 -1.22 -50.34 -33.62
C LEU A 177 -0.66 -51.31 -34.64
N THR A 178 -1.52 -52.21 -35.13
CA THR A 178 -1.09 -53.25 -36.06
C THR A 178 -1.52 -52.93 -37.49
N ARG A 179 -0.97 -53.68 -38.44
CA ARG A 179 -1.36 -53.54 -39.84
C ARG A 179 -2.83 -53.92 -40.00
N ALA A 180 -3.27 -54.86 -39.19
CA ALA A 180 -4.67 -55.28 -39.19
C ALA A 180 -5.56 -54.13 -38.71
N ASP A 181 -5.15 -53.47 -37.63
CA ASP A 181 -5.89 -52.34 -37.09
C ASP A 181 -5.99 -51.20 -38.10
N LEU A 182 -4.89 -50.92 -38.79
CA LEU A 182 -4.87 -49.86 -39.79
C LEU A 182 -5.77 -50.21 -40.97
N ALA A 183 -5.60 -51.42 -41.50
CA ALA A 183 -6.41 -51.88 -42.62
C ALA A 183 -7.89 -51.91 -42.26
N SER A 184 -8.18 -52.17 -40.98
CA SER A 184 -9.55 -52.20 -40.51
C SER A 184 -10.17 -50.81 -40.57
N TYR A 185 -9.43 -49.81 -40.12
CA TYR A 185 -9.88 -48.42 -40.16
C TYR A 185 -10.23 -47.99 -41.57
N ILE A 186 -9.33 -48.29 -42.51
CA ILE A 186 -9.50 -47.90 -43.90
C ILE A 186 -10.75 -48.54 -44.51
N ASP A 187 -10.94 -49.83 -44.26
CA ASP A 187 -12.10 -50.55 -44.79
C ASP A 187 -13.39 -50.11 -44.11
N THR A 188 -13.30 -49.78 -42.83
CA THR A 188 -14.49 -49.42 -42.06
C THR A 188 -14.98 -48.01 -42.38
N HIS A 189 -14.05 -47.10 -42.66
CA HIS A 189 -14.40 -45.70 -42.77
C HIS A 189 -14.31 -45.12 -44.19
N PHE A 190 -13.26 -45.48 -44.92
CA PHE A 190 -13.07 -44.94 -46.26
C PHE A 190 -14.04 -45.57 -47.26
N LYS A 191 -15.32 -45.28 -47.10
CA LYS A 191 -16.35 -45.86 -47.96
C LYS A 191 -17.06 -44.81 -48.81
N ALA A 192 -17.41 -45.21 -50.02
CA ALA A 192 -17.91 -44.31 -51.07
C ALA A 192 -18.97 -43.27 -50.64
N PRO A 193 -20.04 -43.70 -49.94
CA PRO A 193 -21.05 -42.67 -49.61
C PRO A 193 -20.52 -41.61 -48.64
N ARG A 194 -19.51 -41.96 -47.85
CA ARG A 194 -18.93 -41.03 -46.89
C ARG A 194 -17.73 -40.29 -47.48
N MET A 195 -17.58 -40.37 -48.80
CA MET A 195 -16.50 -39.68 -49.48
C MET A 195 -17.02 -38.72 -50.54
N VAL A 196 -16.28 -37.64 -50.74
CA VAL A 196 -16.64 -36.64 -51.75
C VAL A 196 -15.44 -36.34 -52.65
N LEU A 197 -15.58 -36.64 -53.94
CA LEU A 197 -14.53 -36.27 -54.89
C LEU A 197 -14.76 -34.85 -55.38
N ALA A 198 -13.99 -33.91 -54.83
CA ALA A 198 -14.12 -32.51 -55.21
C ALA A 198 -12.98 -32.08 -56.13
N ALA A 199 -13.26 -31.10 -56.98
CA ALA A 199 -12.26 -30.56 -57.89
C ALA A 199 -12.53 -29.09 -58.19
N ALA A 200 -11.48 -28.36 -58.55
CA ALA A 200 -11.60 -26.94 -58.86
C ALA A 200 -10.45 -26.47 -59.74
N GLY A 201 -10.77 -25.82 -60.85
CA GLY A 201 -9.78 -25.33 -61.77
C GLY A 201 -10.31 -25.31 -63.19
N GLY A 202 -9.45 -25.64 -64.15
CA GLY A 202 -9.88 -25.74 -65.54
C GLY A 202 -10.35 -27.15 -65.85
N ILE A 203 -11.37 -27.60 -65.13
CA ILE A 203 -11.84 -28.97 -65.24
C ILE A 203 -13.29 -29.08 -65.70
N SER A 204 -13.53 -29.83 -66.77
CA SER A 204 -14.88 -30.15 -67.19
C SER A 204 -15.50 -31.13 -66.20
N HIS A 205 -16.65 -30.76 -65.64
CA HIS A 205 -17.33 -31.58 -64.65
C HIS A 205 -17.68 -32.97 -65.18
N LYS A 206 -18.15 -33.03 -66.42
CA LYS A 206 -18.54 -34.30 -67.02
C LYS A 206 -17.34 -35.23 -67.19
N GLU A 207 -16.22 -34.66 -67.62
CA GLU A 207 -14.98 -35.42 -67.74
C GLU A 207 -14.53 -35.92 -66.38
N LEU A 208 -14.84 -35.14 -65.35
CA LEU A 208 -14.46 -35.49 -63.98
C LEU A 208 -15.24 -36.70 -63.48
N VAL A 209 -16.55 -36.68 -63.66
CA VAL A 209 -17.40 -37.76 -63.19
C VAL A 209 -17.17 -39.03 -64.03
N ASP A 210 -16.61 -38.86 -65.22
CA ASP A 210 -16.32 -40.00 -66.08
C ASP A 210 -15.10 -40.75 -65.58
N ALA A 211 -14.02 -40.00 -65.32
CA ALA A 211 -12.80 -40.58 -64.75
C ALA A 211 -13.08 -41.08 -63.35
N ALA A 212 -14.01 -40.44 -62.67
CA ALA A 212 -14.44 -40.87 -61.33
C ALA A 212 -15.23 -42.16 -61.43
N ARG A 213 -16.11 -42.23 -62.43
CA ARG A 213 -16.95 -43.41 -62.64
C ARG A 213 -16.10 -44.64 -62.94
N GLN A 214 -14.92 -44.41 -63.52
CA GLN A 214 -14.02 -45.50 -63.91
C GLN A 214 -13.22 -46.04 -62.73
N HIS A 215 -12.62 -45.15 -61.95
CA HIS A 215 -11.68 -45.56 -60.91
C HIS A 215 -12.29 -45.66 -59.52
N PHE A 216 -13.43 -44.99 -59.30
CA PHE A 216 -14.14 -45.17 -58.04
C PHE A 216 -15.18 -46.25 -58.24
N SER A 217 -15.02 -47.34 -57.50
CA SER A 217 -15.34 -48.68 -57.97
C SER A 217 -16.70 -49.26 -57.63
N GLY A 218 -16.71 -50.58 -57.50
CA GLY A 218 -17.93 -51.38 -57.40
C GLY A 218 -18.91 -51.02 -56.32
N VAL A 219 -20.16 -51.40 -56.56
CA VAL A 219 -21.25 -51.13 -55.64
C VAL A 219 -21.16 -52.01 -54.39
N SER A 220 -21.55 -51.43 -53.26
CA SER A 220 -21.71 -52.18 -52.03
C SER A 220 -22.86 -53.17 -52.18
N PHE A 221 -22.77 -54.30 -51.48
CA PHE A 221 -23.77 -55.36 -51.61
C PHE A 221 -24.90 -55.23 -50.59
N THR A 222 -24.55 -55.16 -49.31
CA THR A 222 -25.54 -55.07 -48.26
C THR A 222 -26.07 -53.65 -48.08
N TYR A 223 -27.07 -53.51 -47.21
CA TYR A 223 -27.61 -52.21 -46.87
C TYR A 223 -26.70 -51.52 -45.84
N LYS A 224 -25.97 -52.35 -45.08
CA LYS A 224 -25.07 -51.85 -44.05
C LYS A 224 -23.96 -50.99 -44.65
N GLU A 225 -23.46 -51.39 -45.81
CA GLU A 225 -22.35 -50.70 -46.45
C GLU A 225 -22.80 -49.43 -47.19
N ASP A 226 -24.12 -49.22 -47.27
CA ASP A 226 -24.64 -48.01 -47.90
C ASP A 226 -24.85 -46.88 -46.89
N ALA A 227 -25.69 -47.18 -45.89
CA ALA A 227 -26.04 -46.28 -44.79
C ALA A 227 -24.84 -45.54 -44.20
N VAL A 228 -25.04 -44.26 -43.91
CA VAL A 228 -24.02 -43.44 -43.26
C VAL A 228 -24.28 -43.42 -41.75
N PRO A 229 -23.27 -43.75 -40.95
CA PRO A 229 -23.41 -43.92 -39.49
C PRO A 229 -23.85 -42.65 -38.77
N ILE A 230 -24.72 -42.82 -37.78
CA ILE A 230 -25.14 -41.72 -36.91
C ILE A 230 -24.34 -41.75 -35.62
N LEU A 231 -23.32 -40.91 -35.54
CA LEU A 231 -22.41 -40.88 -34.39
C LEU A 231 -23.13 -40.61 -33.08
N PRO A 232 -22.72 -41.31 -32.01
CA PRO A 232 -23.24 -41.07 -30.66
C PRO A 232 -22.89 -39.67 -30.19
N ARG A 233 -23.83 -39.04 -29.48
CA ARG A 233 -23.67 -37.64 -29.08
C ARG A 233 -22.53 -37.45 -28.08
N CYS A 234 -21.97 -36.24 -28.07
CA CYS A 234 -20.89 -35.90 -27.14
C CYS A 234 -21.37 -34.90 -26.09
N ARG A 235 -21.11 -35.22 -24.83
CA ARG A 235 -21.59 -34.43 -23.70
C ARG A 235 -20.62 -33.31 -23.33
N PHE A 236 -21.12 -32.08 -23.33
CA PHE A 236 -20.33 -30.94 -22.87
C PHE A 236 -20.27 -30.95 -21.35
N THR A 237 -19.16 -30.44 -20.81
CA THR A 237 -19.02 -30.36 -19.36
C THR A 237 -18.43 -29.03 -18.94
N GLY A 238 -19.22 -28.24 -18.21
CA GLY A 238 -18.71 -27.04 -17.58
C GLY A 238 -17.59 -27.45 -16.66
N SER A 239 -16.35 -27.31 -17.13
CA SER A 239 -15.21 -27.82 -16.39
C SER A 239 -13.94 -27.08 -16.75
N GLU A 240 -12.85 -27.43 -16.07
CA GLU A 240 -11.55 -26.82 -16.35
C GLU A 240 -10.43 -27.84 -16.24
N ILE A 241 -9.37 -27.62 -17.00
CA ILE A 241 -8.13 -28.38 -16.84
C ILE A 241 -6.96 -27.40 -16.80
N ARG A 242 -6.19 -27.46 -15.71
CA ARG A 242 -5.07 -26.54 -15.54
C ARG A 242 -3.76 -27.30 -15.47
N ALA A 243 -3.00 -27.24 -16.56
CA ALA A 243 -1.67 -27.84 -16.61
C ALA A 243 -0.61 -26.78 -16.33
N ARG A 244 -0.11 -26.75 -15.10
CA ARG A 244 0.76 -25.68 -14.66
C ARG A 244 2.25 -25.98 -14.86
N ASP A 245 2.95 -25.02 -15.44
CA ASP A 245 4.40 -25.09 -15.59
C ASP A 245 4.96 -23.67 -15.56
N ASP A 246 5.50 -23.27 -14.41
CA ASP A 246 5.98 -21.90 -14.23
C ASP A 246 7.27 -21.63 -14.98
N ALA A 247 7.97 -22.70 -15.37
CA ALA A 247 9.18 -22.55 -16.16
C ALA A 247 8.84 -22.18 -17.59
N LEU A 248 7.62 -22.51 -18.01
CA LEU A 248 7.10 -22.11 -19.31
C LEU A 248 7.09 -20.59 -19.40
N PRO A 249 7.64 -20.04 -20.50
CA PRO A 249 7.79 -18.59 -20.67
C PRO A 249 6.47 -17.82 -20.57
N VAL A 250 5.52 -18.16 -21.42
CA VAL A 250 4.23 -17.48 -21.41
C VAL A 250 3.08 -18.48 -21.24
N ALA A 251 1.97 -18.02 -20.68
CA ALA A 251 0.84 -18.91 -20.40
C ALA A 251 -0.19 -18.87 -21.53
N HIS A 252 -0.86 -19.99 -21.74
CA HIS A 252 -1.93 -20.08 -22.72
C HIS A 252 -3.26 -20.38 -22.03
N VAL A 253 -4.32 -19.67 -22.43
CA VAL A 253 -5.64 -19.89 -21.86
C VAL A 253 -6.72 -19.95 -22.94
N ALA A 254 -7.51 -21.01 -22.92
CA ALA A 254 -8.65 -21.14 -23.81
C ALA A 254 -9.94 -21.34 -23.01
N LEU A 255 -10.96 -20.56 -23.35
CA LEU A 255 -12.26 -20.65 -22.69
C LEU A 255 -13.35 -20.76 -23.73
N ALA A 256 -14.26 -21.72 -23.57
CA ALA A 256 -15.28 -21.95 -24.58
C ALA A 256 -16.60 -22.46 -24.02
N VAL A 257 -17.69 -22.16 -24.72
CA VAL A 257 -19.00 -22.72 -24.44
C VAL A 257 -19.38 -23.67 -25.58
N GLU A 258 -20.45 -24.42 -25.41
CA GLU A 258 -20.83 -25.39 -26.44
C GLU A 258 -21.47 -24.73 -27.65
N GLY A 259 -21.05 -25.16 -28.84
CA GLY A 259 -21.56 -24.61 -30.09
C GLY A 259 -22.83 -25.31 -30.56
N PRO A 260 -23.36 -24.86 -31.70
CA PRO A 260 -24.64 -25.35 -32.25
C PRO A 260 -24.50 -26.53 -33.22
N GLY A 261 -23.42 -26.57 -34.00
CA GLY A 261 -23.26 -27.59 -35.03
C GLY A 261 -23.40 -27.00 -36.42
N TRP A 262 -22.87 -27.71 -37.41
CA TRP A 262 -22.84 -27.23 -38.79
C TRP A 262 -24.21 -26.81 -39.32
N ALA A 263 -25.25 -27.56 -38.97
CA ALA A 263 -26.59 -27.35 -39.51
C ALA A 263 -27.20 -26.01 -39.09
N ASP A 264 -27.01 -25.64 -37.83
CA ASP A 264 -27.67 -24.46 -37.25
C ASP A 264 -27.33 -23.16 -37.98
N PRO A 265 -28.37 -22.39 -38.35
CA PRO A 265 -28.21 -21.07 -38.96
C PRO A 265 -27.67 -20.03 -37.98
N ASP A 266 -27.65 -20.37 -36.69
CA ASP A 266 -27.12 -19.47 -35.67
C ASP A 266 -25.59 -19.39 -35.77
N ASN A 267 -24.99 -20.37 -36.42
CA ASN A 267 -23.55 -20.42 -36.62
C ASN A 267 -23.06 -19.23 -37.44
N VAL A 268 -23.95 -18.64 -38.24
CA VAL A 268 -23.64 -17.46 -39.01
C VAL A 268 -23.52 -16.24 -38.10
N VAL A 269 -24.49 -16.12 -37.18
CA VAL A 269 -24.52 -15.00 -36.24
C VAL A 269 -23.34 -15.06 -35.28
N LEU A 270 -22.99 -16.27 -34.86
CA LEU A 270 -21.87 -16.48 -33.95
C LEU A 270 -20.55 -16.11 -34.61
N HIS A 271 -20.51 -16.18 -35.93
CA HIS A 271 -19.34 -15.76 -36.69
C HIS A 271 -19.31 -14.24 -36.85
N VAL A 272 -20.49 -13.63 -36.92
CA VAL A 272 -20.61 -12.17 -36.95
C VAL A 272 -20.18 -11.59 -35.61
N ALA A 273 -20.62 -12.24 -34.54
CA ALA A 273 -20.27 -11.85 -33.18
C ALA A 273 -18.77 -12.00 -32.94
N ASN A 274 -18.22 -13.12 -33.40
CA ASN A 274 -16.78 -13.38 -33.26
C ASN A 274 -15.95 -12.39 -34.07
N ALA A 275 -16.55 -11.85 -35.12
CA ALA A 275 -15.87 -10.86 -35.95
C ALA A 275 -15.75 -9.52 -35.23
N ILE A 276 -16.73 -9.24 -34.37
CA ILE A 276 -16.73 -8.00 -33.58
C ILE A 276 -15.52 -7.94 -32.66
N ILE A 277 -15.31 -9.01 -31.88
CA ILE A 277 -14.18 -9.08 -30.97
C ILE A 277 -12.88 -9.28 -31.74
N GLY A 278 -12.94 -10.11 -32.77
CA GLY A 278 -11.80 -10.29 -33.67
C GLY A 278 -10.60 -10.96 -33.04
N ARG A 279 -9.41 -10.48 -33.42
CA ARG A 279 -8.16 -11.09 -32.97
C ARG A 279 -7.02 -10.08 -32.97
N TYR A 280 -5.90 -10.45 -32.37
CA TYR A 280 -4.75 -9.55 -32.25
C TYR A 280 -3.47 -10.29 -31.90
N ASP A 281 -2.35 -9.77 -32.39
CA ASP A 281 -1.03 -10.14 -31.86
C ASP A 281 -0.13 -8.92 -32.04
N ARG A 282 0.92 -8.83 -31.22
CA ARG A 282 1.71 -7.61 -31.09
C ARG A 282 2.35 -7.08 -32.37
N THR A 283 2.03 -7.70 -33.51
CA THR A 283 2.52 -7.22 -34.80
C THR A 283 1.41 -6.52 -35.59
N PHE A 284 0.21 -6.50 -35.03
CA PHE A 284 -0.89 -5.74 -35.61
C PHE A 284 -0.55 -4.25 -35.61
N GLY A 285 -0.23 -3.72 -36.78
CA GLY A 285 0.22 -2.35 -36.92
C GLY A 285 -0.81 -1.32 -36.51
N GLY A 286 -2.08 -1.70 -36.54
CA GLY A 286 -3.17 -0.81 -36.17
C GLY A 286 -3.03 -0.27 -34.77
N GLY A 287 -2.54 -1.11 -33.85
CA GLY A 287 -2.24 -0.69 -32.50
C GLY A 287 -3.45 -0.28 -31.67
N LYS A 288 -3.31 0.84 -30.97
CA LYS A 288 -4.34 1.30 -30.04
C LYS A 288 -5.61 1.80 -30.76
N HIS A 289 -5.52 1.94 -32.08
CA HIS A 289 -6.62 2.50 -32.85
C HIS A 289 -7.50 1.42 -33.49
N LEU A 290 -7.19 0.16 -33.23
CA LEU A 290 -7.97 -0.96 -33.76
C LEU A 290 -9.42 -0.87 -33.29
N SER A 291 -10.35 -1.24 -34.17
CA SER A 291 -11.77 -1.15 -33.89
C SER A 291 -12.20 -2.12 -32.78
N SER A 292 -11.58 -3.30 -32.77
CA SER A 292 -11.87 -4.31 -31.77
C SER A 292 -11.57 -3.78 -30.37
N ARG A 293 -12.60 -3.73 -29.53
CA ARG A 293 -12.48 -3.21 -28.17
C ARG A 293 -11.47 -4.00 -27.34
N LEU A 294 -11.56 -5.32 -27.42
CA LEU A 294 -10.64 -6.19 -26.67
C LEU A 294 -9.20 -5.99 -27.13
N ALA A 295 -9.03 -5.75 -28.43
CA ALA A 295 -7.71 -5.49 -28.99
C ALA A 295 -7.17 -4.15 -28.51
N ALA A 296 -8.05 -3.15 -28.45
CA ALA A 296 -7.67 -1.82 -27.98
C ALA A 296 -7.25 -1.85 -26.52
N LEU A 297 -7.99 -2.59 -25.71
CA LEU A 297 -7.68 -2.74 -24.29
C LEU A 297 -6.41 -3.58 -24.11
N ALA A 298 -6.20 -4.52 -25.03
CA ALA A 298 -5.02 -5.37 -25.00
C ALA A 298 -3.77 -4.55 -25.30
N VAL A 299 -3.92 -3.52 -26.13
CA VAL A 299 -2.80 -2.66 -26.48
C VAL A 299 -2.56 -1.64 -25.40
N GLU A 300 -3.63 -0.99 -24.94
CA GLU A 300 -3.54 0.08 -23.96
C GLU A 300 -2.94 -0.41 -22.64
N HIS A 301 -3.25 -1.64 -22.25
CA HIS A 301 -2.84 -2.16 -20.95
C HIS A 301 -1.83 -3.30 -21.05
N LYS A 302 -1.37 -3.58 -22.28
CA LYS A 302 -0.45 -4.68 -22.55
C LYS A 302 -0.94 -5.99 -21.92
N LEU A 303 -2.12 -6.42 -22.35
CA LEU A 303 -2.80 -7.54 -21.71
C LEU A 303 -2.31 -8.91 -22.20
N CYS A 304 -1.88 -8.98 -23.45
CA CYS A 304 -1.50 -10.28 -24.02
C CYS A 304 -0.59 -10.15 -25.23
N HIS A 305 0.09 -11.24 -25.57
CA HIS A 305 0.90 -11.30 -26.78
C HIS A 305 -0.02 -11.52 -27.98
N SER A 306 -1.08 -12.29 -27.77
CA SER A 306 -2.04 -12.58 -28.82
C SER A 306 -3.37 -13.07 -28.24
N PHE A 307 -4.46 -12.83 -28.96
CA PHE A 307 -5.73 -13.45 -28.62
C PHE A 307 -6.53 -13.71 -29.89
N GLN A 308 -7.29 -14.80 -29.89
CA GLN A 308 -8.11 -15.16 -31.04
C GLN A 308 -9.48 -15.67 -30.59
N THR A 309 -10.49 -15.42 -31.39
CA THR A 309 -11.83 -15.96 -31.15
C THR A 309 -12.14 -17.04 -32.18
N PHE A 310 -12.82 -18.10 -31.76
CA PHE A 310 -13.11 -19.21 -32.66
C PHE A 310 -14.52 -19.75 -32.48
N ASN A 311 -15.09 -20.22 -33.59
CA ASN A 311 -16.35 -20.95 -33.54
C ASN A 311 -16.19 -22.27 -34.29
N THR A 312 -15.43 -23.17 -33.70
CA THR A 312 -15.18 -24.48 -34.29
C THR A 312 -16.45 -25.33 -34.24
N SER A 313 -17.04 -25.58 -35.40
CA SER A 313 -18.27 -26.35 -35.47
C SER A 313 -18.00 -27.82 -35.82
N TYR A 314 -18.79 -28.70 -35.23
CA TYR A 314 -18.76 -30.12 -35.57
C TYR A 314 -20.14 -30.52 -36.07
N SER A 315 -20.34 -31.83 -36.28
CA SER A 315 -21.59 -32.33 -36.83
C SER A 315 -22.80 -31.98 -35.96
N ASP A 316 -22.74 -32.37 -34.69
CA ASP A 316 -23.89 -32.15 -33.79
C ASP A 316 -23.58 -31.16 -32.67
N THR A 317 -22.36 -30.66 -32.65
CA THR A 317 -21.94 -29.74 -31.60
C THR A 317 -20.89 -28.76 -32.10
N GLY A 318 -20.27 -28.03 -31.18
CA GLY A 318 -19.24 -27.07 -31.51
C GLY A 318 -18.53 -26.49 -30.31
N LEU A 319 -17.65 -25.53 -30.55
CA LEU A 319 -16.92 -24.86 -29.49
C LEU A 319 -16.78 -23.36 -29.76
N PHE A 320 -17.70 -22.58 -29.22
CA PHE A 320 -17.62 -21.13 -29.27
C PHE A 320 -16.80 -20.61 -28.09
N GLY A 321 -15.71 -19.91 -28.38
CA GLY A 321 -14.88 -19.38 -27.31
C GLY A 321 -13.75 -18.49 -27.78
N PHE A 322 -12.72 -18.38 -26.94
CA PHE A 322 -11.54 -17.58 -27.27
C PHE A 322 -10.26 -18.15 -26.64
N HIS A 323 -9.12 -17.77 -27.22
CA HIS A 323 -7.83 -18.22 -26.73
C HIS A 323 -6.83 -17.07 -26.74
N PHE A 324 -6.06 -16.92 -25.67
CA PHE A 324 -5.06 -15.86 -25.62
C PHE A 324 -3.73 -16.31 -25.01
N VAL A 325 -2.66 -15.65 -25.42
CA VAL A 325 -1.32 -15.89 -24.88
C VAL A 325 -0.85 -14.65 -24.15
N ALA A 326 -0.47 -14.81 -22.87
CA ALA A 326 -0.09 -13.65 -22.08
C ALA A 326 1.02 -13.96 -21.09
N ASP A 327 1.63 -12.89 -20.57
CA ASP A 327 2.66 -12.99 -19.55
C ASP A 327 2.02 -13.38 -18.22
N PRO A 328 2.79 -14.06 -17.34
CA PRO A 328 2.30 -14.57 -16.06
C PRO A 328 1.48 -13.59 -15.21
N LEU A 329 1.71 -12.29 -15.36
CA LEU A 329 1.06 -11.30 -14.50
C LEU A 329 0.03 -10.44 -15.22
N SER A 330 -0.28 -10.80 -16.47
CA SER A 330 -1.27 -10.05 -17.23
C SER A 330 -2.47 -10.92 -17.58
N ILE A 331 -2.49 -12.14 -17.06
CA ILE A 331 -3.53 -13.11 -17.38
C ILE A 331 -4.90 -12.70 -16.86
N ASP A 332 -4.96 -12.36 -15.57
CA ASP A 332 -6.23 -12.08 -14.91
C ASP A 332 -6.93 -10.87 -15.51
N ASP A 333 -6.16 -9.83 -15.80
CA ASP A 333 -6.70 -8.62 -16.40
C ASP A 333 -7.17 -8.89 -17.84
N MET A 334 -6.44 -9.75 -18.53
CA MET A 334 -6.80 -10.13 -19.89
C MET A 334 -8.09 -10.93 -19.91
N MET A 335 -8.17 -11.95 -19.06
CA MET A 335 -9.38 -12.76 -18.91
C MET A 335 -10.57 -11.89 -18.50
N PHE A 336 -10.30 -10.91 -17.65
CA PHE A 336 -11.32 -9.99 -17.18
C PHE A 336 -11.96 -9.23 -18.33
N CYS A 337 -11.11 -8.61 -19.16
CA CYS A 337 -11.58 -7.83 -20.29
C CYS A 337 -12.25 -8.70 -21.35
N ALA A 338 -11.71 -9.90 -21.54
CA ALA A 338 -12.24 -10.82 -22.55
C ALA A 338 -13.67 -11.23 -22.22
N GLN A 339 -13.89 -11.63 -20.97
CA GLN A 339 -15.22 -12.02 -20.51
C GLN A 339 -16.17 -10.81 -20.50
N GLY A 340 -15.59 -9.63 -20.33
CA GLY A 340 -16.36 -8.40 -20.35
C GLY A 340 -16.93 -8.13 -21.73
N GLU A 341 -16.13 -8.38 -22.76
CA GLU A 341 -16.56 -8.18 -24.13
C GLU A 341 -17.57 -9.24 -24.57
N TRP A 342 -17.51 -10.39 -23.91
CA TRP A 342 -18.51 -11.44 -24.14
C TRP A 342 -19.87 -10.97 -23.65
N MET A 343 -19.88 -10.37 -22.46
CA MET A 343 -21.10 -9.81 -21.90
C MET A 343 -21.57 -8.63 -22.74
N ARG A 344 -20.61 -7.88 -23.28
CA ARG A 344 -20.91 -6.73 -24.12
C ARG A 344 -21.60 -7.18 -25.40
N LEU A 345 -21.30 -8.40 -25.83
CA LEU A 345 -21.96 -8.99 -26.99
C LEU A 345 -23.44 -9.24 -26.69
N CYS A 346 -23.69 -9.87 -25.55
CA CYS A 346 -25.04 -10.26 -25.16
C CYS A 346 -25.89 -9.08 -24.74
N THR A 347 -25.25 -7.98 -24.39
CA THR A 347 -25.94 -6.86 -23.76
C THR A 347 -25.96 -5.57 -24.60
N SER A 348 -24.80 -5.13 -25.06
CA SER A 348 -24.65 -3.77 -25.56
C SER A 348 -24.40 -3.62 -27.06
N THR A 349 -24.30 -4.75 -27.77
CA THR A 349 -23.93 -4.75 -29.19
C THR A 349 -24.73 -3.76 -30.03
N THR A 350 -24.01 -2.84 -30.67
CA THR A 350 -24.65 -1.79 -31.46
C THR A 350 -24.69 -2.15 -32.94
N GLU A 351 -25.60 -1.51 -33.67
CA GLU A 351 -25.72 -1.73 -35.11
C GLU A 351 -24.46 -1.30 -35.82
N SER A 352 -23.80 -0.26 -35.30
CA SER A 352 -22.56 0.24 -35.86
C SER A 352 -21.46 -0.81 -35.81
N GLU A 353 -21.45 -1.58 -34.73
CA GLU A 353 -20.46 -2.63 -34.55
C GLU A 353 -20.62 -3.75 -35.56
N VAL A 354 -21.85 -4.21 -35.74
CA VAL A 354 -22.12 -5.35 -36.61
C VAL A 354 -22.08 -4.96 -38.08
N LYS A 355 -22.28 -3.67 -38.37
CA LYS A 355 -22.17 -3.18 -39.73
C LYS A 355 -20.74 -3.35 -40.21
N ARG A 356 -19.80 -3.22 -39.28
CA ARG A 356 -18.39 -3.47 -39.56
C ARG A 356 -18.10 -4.96 -39.60
N ALA A 357 -18.60 -5.68 -38.60
CA ALA A 357 -18.36 -7.11 -38.45
C ALA A 357 -18.84 -7.90 -39.66
N LYS A 358 -19.99 -7.49 -40.21
CA LYS A 358 -20.54 -8.13 -41.40
C LYS A 358 -19.63 -7.91 -42.60
N ASN A 359 -19.12 -6.69 -42.73
CA ASN A 359 -18.20 -6.35 -43.81
C ASN A 359 -16.90 -7.14 -43.71
N HIS A 360 -16.47 -7.42 -42.48
CA HIS A 360 -15.26 -8.22 -42.27
C HIS A 360 -15.51 -9.69 -42.62
N LEU A 361 -16.67 -10.20 -42.21
CA LEU A 361 -17.02 -11.59 -42.47
C LEU A 361 -17.26 -11.83 -43.96
N ARG A 362 -17.79 -10.82 -44.64
CA ARG A 362 -17.96 -10.89 -46.09
C ARG A 362 -16.60 -11.02 -46.77
N SER A 363 -15.68 -10.14 -46.38
CA SER A 363 -14.33 -10.15 -46.94
C SER A 363 -13.57 -11.41 -46.53
N ALA A 364 -13.99 -12.02 -45.42
CA ALA A 364 -13.33 -13.22 -44.91
C ALA A 364 -13.68 -14.44 -45.76
N MET A 365 -14.98 -14.66 -45.97
CA MET A 365 -15.45 -15.82 -46.72
C MET A 365 -14.99 -15.79 -48.18
N VAL A 366 -14.80 -14.57 -48.71
CA VAL A 366 -14.31 -14.40 -50.07
C VAL A 366 -12.82 -14.71 -50.14
N ALA A 367 -12.10 -14.26 -49.12
CA ALA A 367 -10.66 -14.54 -49.00
C ALA A 367 -10.44 -16.03 -48.79
N GLN A 368 -11.44 -16.70 -48.23
CA GLN A 368 -11.39 -18.14 -48.00
C GLN A 368 -11.30 -18.91 -49.32
N LEU A 369 -11.73 -18.29 -50.41
CA LEU A 369 -11.76 -18.98 -51.69
C LEU A 369 -10.76 -18.38 -52.68
N ASP A 370 -9.55 -18.11 -52.19
CA ASP A 370 -8.49 -17.55 -53.04
C ASP A 370 -7.57 -18.66 -53.53
N GLY A 371 -7.93 -19.26 -54.66
CA GLY A 371 -7.16 -20.35 -55.23
C GLY A 371 -8.03 -21.56 -55.54
N THR A 372 -7.42 -22.63 -56.03
CA THR A 372 -8.15 -23.84 -56.37
C THR A 372 -8.30 -24.76 -55.16
N THR A 373 -7.23 -24.91 -54.39
CA THR A 373 -7.25 -25.71 -53.17
C THR A 373 -8.24 -25.21 -52.12
N PRO A 374 -8.28 -23.89 -51.86
CA PRO A 374 -9.24 -23.45 -50.85
C PRO A 374 -10.69 -23.53 -51.32
N VAL A 375 -10.91 -23.50 -52.64
CA VAL A 375 -12.24 -23.71 -53.19
C VAL A 375 -12.60 -25.18 -53.08
N CYS A 376 -11.65 -26.04 -53.39
CA CYS A 376 -11.85 -27.48 -53.31
C CYS A 376 -12.09 -27.91 -51.87
N GLU A 377 -11.40 -27.25 -50.94
CA GLU A 377 -11.55 -27.53 -49.51
C GLU A 377 -12.95 -27.16 -49.04
N THR A 378 -13.44 -26.02 -49.49
CA THR A 378 -14.79 -25.57 -49.18
C THR A 378 -15.82 -26.54 -49.75
N ILE A 379 -15.64 -26.91 -51.01
CA ILE A 379 -16.56 -27.81 -51.71
C ILE A 379 -16.58 -29.20 -51.06
N GLY A 380 -15.40 -29.73 -50.79
CA GLY A 380 -15.28 -31.04 -50.17
C GLY A 380 -15.87 -31.08 -48.76
N SER A 381 -15.94 -29.91 -48.13
CA SER A 381 -16.48 -29.81 -46.77
C SER A 381 -17.95 -29.43 -46.76
N HIS A 382 -18.35 -28.57 -47.71
CA HIS A 382 -19.74 -28.13 -47.79
C HIS A 382 -20.68 -29.30 -48.03
N LEU A 383 -20.33 -30.18 -48.96
CA LEU A 383 -21.11 -31.39 -49.20
C LEU A 383 -21.10 -32.30 -47.98
N LEU A 384 -19.93 -32.43 -47.36
CA LEU A 384 -19.74 -33.37 -46.27
C LEU A 384 -20.45 -32.92 -44.98
N ASN A 385 -20.76 -31.63 -44.90
CA ASN A 385 -21.35 -31.09 -43.68
C ASN A 385 -22.74 -30.49 -43.89
N TYR A 386 -22.94 -29.83 -45.03
CA TYR A 386 -24.22 -29.20 -45.33
C TYR A 386 -25.06 -30.05 -46.27
N GLY A 387 -24.41 -30.94 -47.01
CA GLY A 387 -25.08 -31.77 -47.98
C GLY A 387 -25.17 -31.11 -49.34
N ARG A 388 -24.63 -29.90 -49.43
CA ARG A 388 -24.71 -29.11 -50.65
C ARG A 388 -23.66 -28.00 -50.65
N ARG A 389 -23.53 -27.30 -51.77
CA ARG A 389 -22.63 -26.16 -51.85
C ARG A 389 -23.38 -24.87 -51.54
N ILE A 390 -22.82 -24.07 -50.64
CA ILE A 390 -23.39 -22.77 -50.33
C ILE A 390 -22.58 -21.68 -51.03
N SER A 391 -23.13 -21.13 -52.09
CA SER A 391 -22.47 -20.08 -52.85
C SER A 391 -22.23 -18.85 -51.97
N LEU A 392 -21.23 -18.06 -52.33
CA LEU A 392 -20.94 -16.82 -51.63
C LEU A 392 -22.14 -15.88 -51.67
N GLU A 393 -22.94 -16.01 -52.73
CA GLU A 393 -24.17 -15.27 -52.88
C GLU A 393 -25.15 -15.59 -51.77
N GLU A 394 -25.23 -16.86 -51.40
CA GLU A 394 -26.14 -17.29 -50.34
C GLU A 394 -25.62 -16.89 -48.97
N TRP A 395 -24.31 -17.06 -48.76
CA TRP A 395 -23.67 -16.64 -47.51
C TRP A 395 -23.94 -15.17 -47.23
N ASP A 396 -23.81 -14.35 -48.27
CA ASP A 396 -24.02 -12.92 -48.15
C ASP A 396 -25.45 -12.60 -47.73
N SER A 397 -26.41 -13.36 -48.25
CA SER A 397 -27.82 -13.16 -47.92
C SER A 397 -28.08 -13.46 -46.43
N ARG A 398 -27.48 -14.55 -45.94
CA ARG A 398 -27.61 -14.90 -44.53
C ARG A 398 -26.94 -13.85 -43.66
N ILE A 399 -25.74 -13.43 -44.04
CA ILE A 399 -24.96 -12.48 -43.27
C ILE A 399 -25.60 -11.09 -43.26
N SER A 400 -26.07 -10.64 -44.42
CA SER A 400 -26.63 -9.29 -44.55
C SER A 400 -27.93 -9.12 -43.76
N ALA A 401 -28.50 -10.23 -43.30
CA ALA A 401 -29.74 -10.19 -42.53
C ALA A 401 -29.45 -10.10 -41.03
N VAL A 402 -28.17 -10.15 -40.67
CA VAL A 402 -27.77 -10.07 -39.27
C VAL A 402 -27.77 -8.64 -38.77
N ASP A 403 -28.48 -8.41 -37.67
CA ASP A 403 -28.48 -7.10 -37.04
C ASP A 403 -28.10 -7.21 -35.57
N ALA A 404 -27.94 -6.06 -34.90
CA ALA A 404 -27.47 -6.01 -33.52
C ALA A 404 -28.40 -6.73 -32.55
N ARG A 405 -29.71 -6.63 -32.80
CA ARG A 405 -30.70 -7.27 -31.95
C ARG A 405 -30.56 -8.79 -32.01
N MET A 406 -30.13 -9.29 -33.16
CA MET A 406 -29.98 -10.73 -33.36
C MET A 406 -28.70 -11.24 -32.71
N VAL A 407 -27.62 -10.49 -32.85
CA VAL A 407 -26.34 -10.85 -32.25
C VAL A 407 -26.48 -10.94 -30.73
N ARG A 408 -27.22 -10.00 -30.15
CA ARG A 408 -27.47 -10.00 -28.72
C ARG A 408 -28.20 -11.27 -28.28
N ASP A 409 -29.24 -11.64 -29.04
CA ASP A 409 -30.05 -12.81 -28.71
C ASP A 409 -29.26 -14.11 -28.81
N VAL A 410 -28.58 -14.31 -29.94
CA VAL A 410 -27.84 -15.53 -30.18
C VAL A 410 -26.71 -15.71 -29.16
N CYS A 411 -26.03 -14.62 -28.83
CA CYS A 411 -24.95 -14.66 -27.86
C CYS A 411 -25.49 -14.92 -26.45
N SER A 412 -26.62 -14.28 -26.12
CA SER A 412 -27.25 -14.49 -24.81
C SER A 412 -27.69 -15.93 -24.66
N LYS A 413 -27.91 -16.60 -25.79
CA LYS A 413 -28.39 -17.97 -25.82
C LYS A 413 -27.27 -18.98 -25.57
N TYR A 414 -26.10 -18.71 -26.13
CA TYR A 414 -24.97 -19.65 -26.04
C TYR A 414 -23.93 -19.26 -25.00
N ILE A 415 -23.92 -18.00 -24.58
CA ILE A 415 -22.88 -17.52 -23.68
C ILE A 415 -23.39 -17.22 -22.27
N TYR A 416 -24.45 -16.42 -22.17
CA TYR A 416 -24.89 -15.87 -20.89
C TYR A 416 -25.26 -16.93 -19.87
N ASP A 417 -24.64 -16.84 -18.69
CA ASP A 417 -24.89 -17.73 -17.56
C ASP A 417 -24.72 -19.21 -17.93
N LYS A 418 -23.77 -19.48 -18.81
CA LYS A 418 -23.42 -20.86 -19.15
C LYS A 418 -22.09 -21.24 -18.50
N CYS A 419 -22.01 -22.49 -18.04
CA CYS A 419 -20.79 -23.02 -17.46
C CYS A 419 -19.79 -23.34 -18.56
N PRO A 420 -18.73 -22.51 -18.68
CA PRO A 420 -17.78 -22.67 -19.78
C PRO A 420 -16.75 -23.76 -19.54
N ALA A 421 -16.00 -24.09 -20.60
CA ALA A 421 -14.89 -25.04 -20.48
C ALA A 421 -13.57 -24.29 -20.51
N LEU A 422 -12.67 -24.62 -19.60
CA LEU A 422 -11.44 -23.85 -19.45
C LEU A 422 -10.18 -24.70 -19.56
N ALA A 423 -9.30 -24.33 -20.49
CA ALA A 423 -7.99 -24.96 -20.62
C ALA A 423 -6.89 -23.92 -20.38
N ALA A 424 -6.04 -24.20 -19.41
CA ALA A 424 -4.96 -23.27 -19.05
C ALA A 424 -3.61 -23.97 -18.94
N VAL A 425 -2.63 -23.53 -19.71
CA VAL A 425 -1.31 -24.15 -19.71
C VAL A 425 -0.20 -23.14 -19.44
N GLY A 426 0.75 -23.50 -18.58
CA GLY A 426 1.91 -22.66 -18.31
C GLY A 426 1.91 -22.01 -16.93
N PRO A 427 2.60 -20.87 -16.81
CA PRO A 427 2.64 -20.09 -15.56
C PRO A 427 1.29 -19.39 -15.32
N ILE A 428 0.40 -20.08 -14.61
CA ILE A 428 -1.00 -19.69 -14.57
C ILE A 428 -1.55 -19.39 -13.16
N GLU A 429 -0.79 -18.66 -12.35
CA GLU A 429 -1.23 -18.37 -10.99
C GLU A 429 -2.24 -17.22 -10.94
N GLN A 430 -1.96 -16.16 -11.69
CA GLN A 430 -2.81 -14.98 -11.68
C GLN A 430 -4.25 -15.29 -12.07
N LEU A 431 -4.41 -16.23 -12.99
CA LEU A 431 -5.73 -16.74 -13.33
C LEU A 431 -6.08 -17.94 -12.45
N LEU A 432 -7.15 -17.82 -11.68
CA LEU A 432 -7.50 -18.85 -10.71
C LEU A 432 -8.99 -18.92 -10.39
N ASP A 433 -9.40 -20.08 -9.87
CA ASP A 433 -10.77 -20.37 -9.43
C ASP A 433 -11.78 -20.34 -10.58
N TYR A 434 -12.39 -21.50 -10.82
CA TYR A 434 -13.44 -21.63 -11.82
C TYR A 434 -14.64 -20.77 -11.45
N ASN A 435 -14.94 -20.70 -10.16
CA ASN A 435 -16.06 -19.93 -9.65
C ASN A 435 -16.00 -18.46 -10.05
N ARG A 436 -14.79 -17.89 -10.03
CA ARG A 436 -14.59 -16.50 -10.45
C ARG A 436 -14.83 -16.37 -11.95
N ILE A 437 -14.29 -17.31 -12.71
CA ILE A 437 -14.50 -17.36 -14.15
C ILE A 437 -15.99 -17.56 -14.46
N ARG A 438 -16.63 -18.41 -13.67
CA ARG A 438 -18.05 -18.72 -13.85
C ARG A 438 -18.93 -17.49 -13.59
N SER A 439 -18.52 -16.68 -12.63
CA SER A 439 -19.28 -15.48 -12.29
C SER A 439 -19.07 -14.38 -13.34
N GLY A 440 -18.04 -14.54 -14.15
CA GLY A 440 -17.77 -13.61 -15.23
C GLY A 440 -18.63 -13.87 -16.44
N MET A 441 -19.53 -14.85 -16.31
CA MET A 441 -20.40 -15.24 -17.40
C MET A 441 -21.75 -14.51 -17.38
N TYR A 442 -21.97 -13.70 -16.34
CA TYR A 442 -23.23 -12.95 -16.27
C TYR A 442 -23.06 -11.52 -15.79
N TRP A 443 -23.94 -10.66 -16.33
CA TRP A 443 -24.03 -9.23 -16.02
C TRP A 443 -22.76 -8.46 -16.42
N ILE A 444 -22.92 -7.64 -17.46
CA ILE A 444 -21.84 -6.82 -18.00
C ILE A 444 -21.43 -5.71 -17.04
N PRO B 21 -20.52 -10.80 -68.33
CA PRO B 21 -19.85 -12.10 -68.50
C PRO B 21 -18.44 -11.95 -69.05
N GLY B 22 -17.85 -13.08 -69.47
CA GLY B 22 -16.55 -13.07 -70.13
C GLY B 22 -15.38 -12.66 -69.27
N ALA B 23 -14.18 -12.83 -69.81
CA ALA B 23 -12.95 -12.44 -69.13
C ALA B 23 -12.04 -11.69 -70.10
N GLU B 24 -12.02 -10.37 -69.97
CA GLU B 24 -11.22 -9.55 -70.87
C GLU B 24 -9.84 -9.25 -70.30
N ASP B 25 -8.89 -8.93 -71.19
CA ASP B 25 -7.47 -8.94 -70.87
C ASP B 25 -7.01 -7.83 -69.92
N LEU B 26 -5.71 -7.86 -69.64
CA LEU B 26 -5.04 -6.93 -68.75
C LEU B 26 -4.51 -5.74 -69.53
N GLU B 27 -4.63 -4.54 -68.94
CA GLU B 27 -4.17 -3.33 -69.61
C GLU B 27 -2.99 -2.70 -68.86
N ILE B 28 -2.16 -1.96 -69.61
CA ILE B 28 -1.00 -1.29 -69.04
C ILE B 28 -0.83 0.10 -69.66
N THR B 29 -0.67 1.10 -68.80
CA THR B 29 -0.46 2.47 -69.26
C THR B 29 0.77 3.07 -68.60
N LYS B 30 1.66 3.66 -69.41
CA LYS B 30 2.83 4.33 -68.88
C LYS B 30 2.61 5.84 -68.89
N LEU B 31 2.28 6.39 -67.73
CA LEU B 31 1.96 7.81 -67.61
C LEU B 31 3.11 8.71 -68.03
N PRO B 32 2.83 10.00 -68.30
CA PRO B 32 3.88 10.98 -68.57
C PRO B 32 4.95 11.02 -67.47
N ASN B 33 4.56 10.66 -66.25
CA ASN B 33 5.47 10.62 -65.12
C ASN B 33 6.58 9.59 -65.32
N GLY B 34 6.21 8.44 -65.87
CA GLY B 34 7.06 7.27 -65.90
C GLY B 34 6.41 6.21 -65.03
N LEU B 35 5.23 6.55 -64.52
CA LEU B 35 4.46 5.66 -63.65
C LEU B 35 3.74 4.58 -64.46
N ILE B 36 3.78 3.36 -63.96
CA ILE B 36 3.15 2.24 -64.64
C ILE B 36 1.80 1.91 -63.99
N ILE B 37 0.77 1.74 -64.81
CA ILE B 37 -0.55 1.37 -64.32
C ILE B 37 -0.99 0.05 -64.93
N ALA B 38 -0.76 -1.05 -64.22
CA ALA B 38 -1.15 -2.36 -64.70
C ALA B 38 -2.42 -2.85 -64.02
N SER B 39 -3.52 -2.84 -64.76
CA SER B 39 -4.81 -3.25 -64.22
C SER B 39 -5.31 -4.55 -64.85
N LEU B 40 -6.28 -5.18 -64.20
CA LEU B 40 -6.90 -6.40 -64.69
C LEU B 40 -8.22 -6.67 -63.99
N GLU B 41 -9.29 -6.73 -64.77
CA GLU B 41 -10.60 -7.07 -64.24
C GLU B 41 -10.84 -8.57 -64.34
N ASN B 42 -11.09 -9.22 -63.20
CA ASN B 42 -11.37 -10.65 -63.18
C ASN B 42 -12.76 -10.95 -62.63
N PHE B 43 -13.49 -9.88 -62.32
CA PHE B 43 -14.86 -9.99 -61.80
C PHE B 43 -14.94 -10.81 -60.51
N SER B 44 -13.84 -10.84 -59.77
CA SER B 44 -13.82 -11.43 -58.44
C SER B 44 -14.46 -10.47 -57.46
N PRO B 45 -15.24 -10.99 -56.50
CA PRO B 45 -15.91 -10.12 -55.52
C PRO B 45 -14.96 -9.40 -54.59
N ALA B 46 -13.67 -9.71 -54.68
CA ALA B 46 -12.66 -9.05 -53.85
C ALA B 46 -11.62 -8.34 -54.72
N SER B 47 -11.49 -7.05 -54.52
CA SER B 47 -10.46 -6.28 -55.21
C SER B 47 -9.17 -6.31 -54.41
N ARG B 48 -8.04 -6.15 -55.10
CA ARG B 48 -6.75 -6.08 -54.42
C ARG B 48 -5.81 -5.16 -55.16
N ILE B 49 -5.60 -3.97 -54.60
CA ILE B 49 -4.75 -2.96 -55.22
C ILE B 49 -3.42 -2.85 -54.48
N GLY B 50 -2.33 -2.74 -55.24
CA GLY B 50 -1.01 -2.60 -54.66
C GLY B 50 -0.21 -1.46 -55.24
N VAL B 51 0.79 -1.00 -54.50
CA VAL B 51 1.72 0.01 -55.00
C VAL B 51 3.14 -0.54 -54.94
N PHE B 52 3.64 -1.00 -56.09
CA PHE B 52 4.97 -1.59 -56.18
C PHE B 52 6.02 -0.49 -56.34
N ILE B 53 7.02 -0.50 -55.46
CA ILE B 53 8.04 0.55 -55.45
C ILE B 53 9.44 -0.06 -55.38
N LYS B 54 10.38 0.54 -56.13
CA LYS B 54 11.77 0.10 -56.09
C LYS B 54 12.51 0.72 -54.91
N ALA B 55 12.09 0.36 -53.69
CA ALA B 55 12.76 0.82 -52.48
C ALA B 55 13.51 -0.34 -51.83
N GLY B 56 13.68 -0.27 -50.51
CA GLY B 56 14.32 -1.35 -49.79
C GLY B 56 15.65 -0.99 -49.14
N SER B 57 16.20 -1.93 -48.38
CA SER B 57 17.46 -1.72 -47.68
C SER B 57 18.66 -1.68 -48.62
N ARG B 58 18.42 -2.00 -49.88
CA ARG B 58 19.47 -1.99 -50.89
C ARG B 58 19.99 -0.56 -51.12
N TYR B 59 19.16 0.42 -50.80
CA TYR B 59 19.48 1.81 -51.05
C TYR B 59 19.93 2.51 -49.78
N GLU B 60 20.03 1.74 -48.70
CA GLU B 60 20.57 2.26 -47.44
C GLU B 60 22.08 2.35 -47.51
N THR B 61 22.63 3.34 -46.82
CA THR B 61 24.06 3.39 -46.58
C THR B 61 24.30 3.24 -45.08
N THR B 62 25.56 3.27 -44.68
CA THR B 62 25.92 3.05 -43.28
C THR B 62 25.34 4.13 -42.36
N ALA B 63 24.91 5.24 -42.95
CA ALA B 63 24.38 6.36 -42.16
C ALA B 63 22.92 6.15 -41.77
N ASN B 64 22.16 5.50 -42.64
CA ASN B 64 20.72 5.35 -42.41
C ASN B 64 20.23 3.90 -42.42
N LEU B 65 21.03 3.00 -41.87
CA LEU B 65 20.66 1.58 -41.82
C LEU B 65 19.37 1.37 -41.02
N GLY B 66 18.46 0.57 -41.58
CA GLY B 66 17.22 0.24 -40.90
C GLY B 66 16.06 1.16 -41.21
N THR B 67 16.32 2.21 -41.97
CA THR B 67 15.27 3.18 -42.31
C THR B 67 14.26 2.60 -43.29
N ALA B 68 14.63 1.51 -43.94
CA ALA B 68 13.70 0.81 -44.83
C ALA B 68 12.78 -0.07 -44.00
N HIS B 69 13.31 -0.64 -42.92
CA HIS B 69 12.53 -1.49 -42.03
C HIS B 69 11.50 -0.66 -41.27
N LEU B 70 11.95 0.41 -40.63
CA LEU B 70 11.06 1.30 -39.89
C LEU B 70 9.99 1.90 -40.80
N LEU B 71 10.33 2.04 -42.08
CA LEU B 71 9.43 2.64 -43.05
C LEU B 71 8.16 1.81 -43.27
N ARG B 72 8.31 0.49 -43.34
CA ARG B 72 7.17 -0.38 -43.58
C ARG B 72 6.36 -0.59 -42.31
N LEU B 73 6.97 -0.30 -41.17
CA LEU B 73 6.25 -0.34 -39.89
C LEU B 73 5.51 0.97 -39.69
N ALA B 74 5.87 1.97 -40.49
CA ALA B 74 5.34 3.32 -40.33
C ALA B 74 4.10 3.55 -41.17
N SER B 75 3.59 2.49 -41.78
CA SER B 75 2.38 2.58 -42.60
C SER B 75 1.14 3.12 -41.88
N PRO B 76 0.89 2.68 -40.62
CA PRO B 76 -0.33 3.22 -40.01
C PRO B 76 -0.17 4.60 -39.38
N LEU B 77 1.02 5.19 -39.46
CA LEU B 77 1.26 6.50 -38.87
C LEU B 77 0.49 7.59 -39.62
N THR B 78 0.36 8.77 -39.01
CA THR B 78 -0.40 9.87 -39.58
C THR B 78 0.11 10.30 -40.95
N THR B 79 -0.81 10.71 -41.82
CA THR B 79 -0.46 11.21 -43.14
C THR B 79 -1.04 12.61 -43.33
N LYS B 80 -0.72 13.25 -44.44
CA LYS B 80 -1.14 14.62 -44.69
C LYS B 80 -2.63 14.73 -45.02
N GLY B 81 -3.31 13.59 -45.08
CA GLY B 81 -4.72 13.57 -45.43
C GLY B 81 -5.54 12.64 -44.57
N ALA B 82 -4.88 11.84 -43.74
CA ALA B 82 -5.59 10.90 -42.87
C ALA B 82 -4.84 10.65 -41.57
N SER B 83 -5.55 10.74 -40.46
CA SER B 83 -4.95 10.50 -39.15
C SER B 83 -4.62 9.02 -38.98
N SER B 84 -3.67 8.73 -38.08
CA SER B 84 -3.30 7.37 -37.76
C SER B 84 -4.50 6.60 -37.22
N PHE B 85 -5.44 7.35 -36.66
CA PHE B 85 -6.69 6.82 -36.17
C PHE B 85 -7.63 6.47 -37.33
N ARG B 86 -7.85 7.42 -38.22
CA ARG B 86 -8.81 7.24 -39.32
C ARG B 86 -8.34 6.20 -40.33
N ILE B 87 -7.02 6.04 -40.46
CA ILE B 87 -6.46 5.05 -41.36
C ILE B 87 -6.86 3.64 -40.94
N THR B 88 -6.65 3.33 -39.66
CA THR B 88 -6.98 2.02 -39.13
C THR B 88 -8.48 1.83 -38.98
N ARG B 89 -9.16 2.85 -38.49
CA ARG B 89 -10.61 2.78 -38.27
C ARG B 89 -11.41 2.78 -39.57
N GLY B 90 -10.95 3.57 -40.55
CA GLY B 90 -11.63 3.68 -41.82
C GLY B 90 -11.53 2.42 -42.65
N ILE B 91 -10.34 1.81 -42.63
CA ILE B 91 -10.09 0.58 -43.38
C ILE B 91 -10.85 -0.60 -42.77
N GLU B 92 -10.81 -0.72 -41.45
CA GLU B 92 -11.51 -1.79 -40.76
C GLU B 92 -13.03 -1.62 -40.84
N ALA B 93 -13.47 -0.40 -41.08
CA ALA B 93 -14.90 -0.10 -41.17
C ALA B 93 -15.56 -0.80 -42.37
N VAL B 94 -14.75 -1.17 -43.35
CA VAL B 94 -15.27 -1.80 -44.56
C VAL B 94 -14.66 -3.17 -44.79
N GLY B 95 -14.20 -3.81 -43.70
CA GLY B 95 -13.65 -5.15 -43.77
C GLY B 95 -12.32 -5.25 -44.47
N GLY B 96 -11.78 -4.11 -44.90
CA GLY B 96 -10.55 -4.08 -45.65
C GLY B 96 -9.32 -4.35 -44.80
N SER B 97 -8.16 -4.47 -45.45
CA SER B 97 -6.91 -4.68 -44.74
C SER B 97 -5.76 -3.96 -45.45
N LEU B 98 -4.75 -3.57 -44.68
CA LEU B 98 -3.58 -2.89 -45.23
C LEU B 98 -2.30 -3.59 -44.78
N SER B 99 -1.41 -3.86 -45.73
CA SER B 99 -0.18 -4.57 -45.43
C SER B 99 0.97 -4.12 -46.33
N VAL B 100 2.19 -4.24 -45.80
CA VAL B 100 3.38 -3.83 -46.55
C VAL B 100 4.40 -4.94 -46.65
N TYR B 101 4.53 -5.53 -47.84
CA TYR B 101 5.53 -6.55 -48.10
C TYR B 101 6.72 -5.92 -48.79
N SER B 102 7.92 -6.35 -48.40
CA SER B 102 9.14 -5.78 -48.96
C SER B 102 10.33 -6.72 -48.85
N THR B 103 11.12 -6.78 -49.92
CA THR B 103 12.38 -7.52 -49.91
C THR B 103 13.54 -6.55 -49.75
N ARG B 104 14.73 -6.98 -50.16
CA ARG B 104 15.92 -6.17 -50.03
C ARG B 104 15.93 -5.02 -51.02
N GLU B 105 15.19 -5.16 -52.12
CA GLU B 105 15.16 -4.12 -53.15
C GLU B 105 13.79 -3.92 -53.79
N LYS B 106 12.74 -4.22 -53.04
CA LYS B 106 11.37 -4.01 -53.53
C LYS B 106 10.44 -3.68 -52.37
N MET B 107 9.40 -2.89 -52.64
CA MET B 107 8.43 -2.52 -51.63
C MET B 107 7.02 -2.44 -52.17
N THR B 108 6.14 -3.29 -51.66
CA THR B 108 4.75 -3.33 -52.11
C THR B 108 3.78 -2.94 -51.00
N TYR B 109 2.92 -1.97 -51.29
CA TYR B 109 1.89 -1.54 -50.35
C TYR B 109 0.53 -2.03 -50.81
N CYS B 110 -0.01 -3.04 -50.13
CA CYS B 110 -1.22 -3.71 -50.59
C CYS B 110 -2.46 -3.37 -49.78
N VAL B 111 -3.61 -3.34 -50.46
CA VAL B 111 -4.90 -3.23 -49.81
C VAL B 111 -5.89 -4.23 -50.40
N GLU B 112 -6.63 -4.91 -49.52
CA GLU B 112 -7.68 -5.81 -49.94
C GLU B 112 -9.02 -5.36 -49.38
N CYS B 113 -10.08 -5.50 -50.18
CA CYS B 113 -11.42 -5.15 -49.75
C CYS B 113 -12.47 -5.67 -50.73
N LEU B 114 -13.74 -5.45 -50.38
CA LEU B 114 -14.83 -5.77 -51.28
C LEU B 114 -14.79 -4.83 -52.49
N ARG B 115 -15.46 -5.22 -53.57
CA ARG B 115 -15.46 -4.42 -54.80
C ARG B 115 -16.03 -3.02 -54.59
N ASP B 116 -16.99 -2.92 -53.68
CA ASP B 116 -17.66 -1.66 -53.40
C ASP B 116 -16.72 -0.61 -52.81
N HIS B 117 -16.02 -0.99 -51.75
CA HIS B 117 -15.24 -0.03 -50.96
C HIS B 117 -13.81 0.11 -51.44
N VAL B 118 -13.60 -0.02 -52.75
CA VAL B 118 -12.28 0.20 -53.34
C VAL B 118 -11.82 1.63 -53.13
N ASP B 119 -12.63 2.57 -53.62
CA ASP B 119 -12.33 4.00 -53.52
C ASP B 119 -12.09 4.46 -52.09
N THR B 120 -12.80 3.85 -51.15
CA THR B 120 -12.63 4.18 -49.73
C THR B 120 -11.24 3.79 -49.24
N VAL B 121 -10.87 2.53 -49.44
CA VAL B 121 -9.58 2.04 -48.99
C VAL B 121 -8.46 2.60 -49.87
N MET B 122 -8.80 2.96 -51.10
CA MET B 122 -7.83 3.52 -52.04
C MET B 122 -7.26 4.85 -51.53
N GLU B 123 -8.08 5.59 -50.79
CA GLU B 123 -7.67 6.86 -50.22
C GLU B 123 -6.50 6.70 -49.25
N TYR B 124 -6.69 5.82 -48.27
CA TYR B 124 -5.69 5.58 -47.24
C TYR B 124 -4.41 5.00 -47.82
N LEU B 125 -4.57 4.13 -48.81
CA LEU B 125 -3.43 3.57 -49.53
C LEU B 125 -2.62 4.68 -50.19
N LEU B 126 -3.33 5.61 -50.82
CA LEU B 126 -2.69 6.71 -51.53
C LEU B 126 -2.05 7.68 -50.54
N ASN B 127 -2.72 7.89 -49.41
CA ASN B 127 -2.21 8.79 -48.37
C ASN B 127 -0.92 8.28 -47.72
N VAL B 128 -0.87 6.97 -47.48
CA VAL B 128 0.28 6.36 -46.82
C VAL B 128 1.54 6.45 -47.66
N THR B 129 1.43 6.10 -48.94
CA THR B 129 2.59 6.00 -49.81
C THR B 129 3.06 7.34 -50.37
N THR B 130 2.14 8.28 -50.55
CA THR B 130 2.48 9.53 -51.24
C THR B 130 2.47 10.76 -50.34
N ALA B 131 2.01 10.61 -49.10
CA ALA B 131 1.97 11.76 -48.21
C ALA B 131 2.11 11.42 -46.72
N PRO B 132 3.20 10.74 -46.34
CA PRO B 132 3.40 10.52 -44.90
C PRO B 132 3.93 11.77 -44.23
N GLU B 133 3.68 11.92 -42.93
CA GLU B 133 4.18 13.08 -42.19
C GLU B 133 5.34 12.70 -41.30
N PHE B 134 5.34 11.45 -40.83
CA PHE B 134 6.40 10.93 -39.96
C PHE B 134 6.59 11.82 -38.75
N ARG B 135 5.49 12.10 -38.05
CA ARG B 135 5.53 12.95 -36.86
C ARG B 135 6.50 12.38 -35.84
N PRO B 136 7.44 13.22 -35.37
CA PRO B 136 8.57 12.85 -34.51
C PRO B 136 8.19 12.00 -33.31
N TRP B 137 7.05 12.33 -32.67
CA TRP B 137 6.61 11.57 -31.51
C TRP B 137 6.01 10.22 -31.89
N GLU B 138 5.35 10.17 -33.04
CA GLU B 138 4.81 8.92 -33.54
C GLU B 138 5.95 8.01 -33.99
N VAL B 139 6.94 8.60 -34.63
CA VAL B 139 8.13 7.86 -35.05
C VAL B 139 8.87 7.30 -33.84
N THR B 140 9.04 8.15 -32.82
CA THR B 140 9.70 7.75 -31.59
C THR B 140 8.98 6.61 -30.88
N ASP B 141 7.65 6.69 -30.83
CA ASP B 141 6.84 5.65 -30.21
C ASP B 141 6.86 4.35 -31.01
N LEU B 142 7.16 4.46 -32.30
CA LEU B 142 7.17 3.29 -33.19
C LEU B 142 8.51 2.55 -33.13
N GLN B 143 9.58 3.29 -32.86
CA GLN B 143 10.94 2.74 -32.80
C GLN B 143 11.07 1.40 -32.05
N PRO B 144 10.49 1.28 -30.83
CA PRO B 144 10.70 0.01 -30.12
C PRO B 144 9.99 -1.19 -30.74
N GLN B 145 9.12 -0.97 -31.72
CA GLN B 145 8.46 -2.07 -32.43
C GLN B 145 9.47 -2.82 -33.29
N LEU B 146 10.57 -2.14 -33.64
CA LEU B 146 11.65 -2.77 -34.38
C LEU B 146 12.20 -3.96 -33.61
N LYS B 147 12.37 -3.80 -32.30
CA LYS B 147 12.80 -4.88 -31.43
C LYS B 147 11.86 -6.06 -31.49
N VAL B 148 10.56 -5.77 -31.45
CA VAL B 148 9.53 -6.81 -31.44
C VAL B 148 9.42 -7.53 -32.78
N ASP B 149 9.26 -6.76 -33.85
CA ASP B 149 9.08 -7.31 -35.19
C ASP B 149 10.28 -8.15 -35.61
N LYS B 150 11.47 -7.71 -35.22
CA LYS B 150 12.68 -8.46 -35.53
C LYS B 150 12.77 -9.74 -34.72
N ALA B 151 12.34 -9.67 -33.46
CA ALA B 151 12.44 -10.80 -32.55
C ALA B 151 11.55 -11.97 -32.96
N VAL B 152 10.39 -11.67 -33.54
CA VAL B 152 9.44 -12.71 -33.93
C VAL B 152 9.79 -13.28 -35.30
N ALA B 153 10.40 -12.48 -36.15
CA ALA B 153 10.83 -12.94 -37.46
C ALA B 153 12.08 -13.81 -37.33
N PHE B 154 12.93 -13.44 -36.37
CA PHE B 154 14.17 -14.17 -36.12
C PHE B 154 13.94 -15.46 -35.34
N GLN B 155 12.68 -15.77 -35.04
CA GLN B 155 12.35 -17.03 -34.37
C GLN B 155 12.61 -18.21 -35.28
N SER B 156 12.55 -17.97 -36.60
CA SER B 156 12.90 -18.99 -37.58
C SER B 156 14.38 -18.87 -37.94
N PRO B 157 15.17 -19.92 -37.64
CA PRO B 157 16.62 -19.91 -37.80
C PRO B 157 17.10 -19.53 -39.20
N GLN B 158 16.24 -19.70 -40.21
CA GLN B 158 16.63 -19.45 -41.60
C GLN B 158 16.91 -17.98 -41.88
N VAL B 159 16.06 -17.10 -41.36
CA VAL B 159 16.23 -15.66 -41.53
C VAL B 159 17.55 -15.21 -40.89
N GLY B 160 18.08 -16.03 -39.98
CA GLY B 160 19.35 -15.75 -39.36
C GLY B 160 20.49 -15.88 -40.34
N VAL B 161 20.60 -17.05 -40.96
CA VAL B 161 21.67 -17.31 -41.91
C VAL B 161 21.42 -16.62 -43.25
N LEU B 162 20.16 -16.35 -43.57
CA LEU B 162 19.81 -15.73 -44.83
C LEU B 162 20.24 -14.26 -44.84
N GLU B 163 20.16 -13.61 -43.68
CA GLU B 163 20.66 -12.25 -43.52
C GLU B 163 22.17 -12.24 -43.46
N ASN B 164 22.75 -13.26 -42.82
CA ASN B 164 24.19 -13.40 -42.74
C ASN B 164 24.79 -13.81 -44.08
N LEU B 165 24.00 -14.47 -44.91
CA LEU B 165 24.44 -14.89 -46.24
C LEU B 165 24.69 -13.68 -47.13
N HIS B 166 23.71 -12.78 -47.19
CA HIS B 166 23.83 -11.56 -47.97
C HIS B 166 24.97 -10.69 -47.46
N ALA B 167 25.21 -10.75 -46.16
CA ALA B 167 26.30 -9.99 -45.54
C ALA B 167 27.65 -10.58 -45.93
N ALA B 168 27.69 -11.91 -46.11
CA ALA B 168 28.92 -12.59 -46.45
C ALA B 168 29.11 -12.70 -47.97
N ALA B 169 28.03 -12.45 -48.71
CA ALA B 169 28.08 -12.57 -50.17
C ALA B 169 28.46 -11.27 -50.86
N TYR B 170 28.03 -10.15 -50.28
CA TYR B 170 28.24 -8.85 -50.91
C TYR B 170 29.06 -7.89 -50.04
N LYS B 171 29.20 -6.66 -50.49
CA LYS B 171 29.91 -5.63 -49.74
C LYS B 171 29.02 -4.41 -49.50
N THR B 172 27.98 -4.27 -50.32
CA THR B 172 27.05 -3.15 -50.20
C THR B 172 25.69 -3.51 -50.77
N ALA B 173 24.78 -2.55 -50.73
CA ALA B 173 23.45 -2.69 -51.33
C ALA B 173 22.72 -3.94 -50.84
N LEU B 174 22.99 -5.07 -51.47
CA LEU B 174 22.37 -6.33 -51.09
C LEU B 174 22.98 -6.88 -49.80
N ALA B 175 24.16 -6.36 -49.45
CA ALA B 175 24.82 -6.75 -48.22
C ALA B 175 24.07 -6.21 -47.01
N ASN B 176 23.30 -5.15 -47.22
CA ASN B 176 22.53 -4.54 -46.15
C ASN B 176 21.42 -5.48 -45.66
N PRO B 177 21.25 -5.56 -44.33
CA PRO B 177 20.23 -6.43 -43.71
C PRO B 177 18.81 -5.99 -44.02
N LEU B 178 17.90 -6.95 -44.13
CA LEU B 178 16.50 -6.67 -44.40
C LEU B 178 15.80 -6.15 -43.15
N TYR B 179 16.18 -6.69 -41.99
CA TYR B 179 15.66 -6.19 -40.72
C TYR B 179 16.69 -5.28 -40.07
N CYS B 180 16.22 -4.21 -39.45
CA CYS B 180 17.08 -3.18 -38.86
C CYS B 180 18.06 -3.77 -37.84
N PRO B 181 19.35 -3.39 -37.95
CA PRO B 181 20.37 -3.79 -36.98
C PRO B 181 20.05 -3.26 -35.58
N ASP B 182 20.42 -4.01 -34.55
CA ASP B 182 20.09 -3.68 -33.18
C ASP B 182 20.58 -2.30 -32.74
N TYR B 183 21.80 -1.95 -33.12
CA TYR B 183 22.43 -0.75 -32.61
C TYR B 183 21.77 0.53 -33.12
N ARG B 184 20.94 0.41 -34.16
CA ARG B 184 20.28 1.58 -34.74
C ARG B 184 18.78 1.62 -34.42
N ILE B 185 18.35 0.81 -33.47
CA ILE B 185 16.95 0.83 -33.03
C ILE B 185 16.71 2.01 -32.09
N GLY B 186 15.78 2.89 -32.48
CA GLY B 186 15.49 4.08 -31.70
C GLY B 186 16.37 5.25 -32.11
N LYS B 187 17.25 5.01 -33.07
CA LYS B 187 18.19 6.03 -33.52
C LYS B 187 17.96 6.43 -34.97
N ILE B 188 16.81 6.03 -35.51
CA ILE B 188 16.40 6.45 -36.84
C ILE B 188 15.58 7.74 -36.73
N THR B 189 16.07 8.81 -37.33
CA THR B 189 15.41 10.11 -37.23
C THR B 189 14.16 10.18 -38.11
N SER B 190 13.26 11.08 -37.75
CA SER B 190 12.05 11.31 -38.53
C SER B 190 12.37 11.90 -39.90
N GLU B 191 13.52 12.55 -40.00
CA GLU B 191 13.97 13.15 -41.25
C GLU B 191 14.47 12.08 -42.22
N GLN B 192 15.08 11.03 -41.68
CA GLN B 192 15.62 9.96 -42.50
C GLN B 192 14.50 9.22 -43.23
N LEU B 193 13.36 9.09 -42.56
CA LEU B 193 12.18 8.51 -43.18
C LEU B 193 11.68 9.41 -44.31
N HIS B 194 11.62 10.71 -44.04
CA HIS B 194 11.22 11.69 -45.04
C HIS B 194 12.12 11.66 -46.27
N HIS B 195 13.43 11.63 -46.02
CA HIS B 195 14.41 11.64 -47.10
C HIS B 195 14.35 10.37 -47.94
N PHE B 196 14.10 9.23 -47.29
CA PHE B 196 14.06 7.96 -47.99
C PHE B 196 12.86 7.88 -48.93
N VAL B 197 11.72 8.39 -48.47
CA VAL B 197 10.50 8.42 -49.27
C VAL B 197 10.64 9.42 -50.41
N GLN B 198 11.29 10.54 -50.13
CA GLN B 198 11.49 11.57 -51.15
C GLN B 198 12.46 11.10 -52.24
N ASN B 199 13.45 10.32 -51.86
CA ASN B 199 14.51 9.92 -52.79
C ASN B 199 14.19 8.65 -53.59
N ASN B 200 13.27 7.83 -53.08
CA ASN B 200 13.01 6.54 -53.70
C ASN B 200 11.57 6.34 -54.18
N PHE B 201 10.61 6.92 -53.46
CA PHE B 201 9.21 6.78 -53.84
C PHE B 201 8.85 7.75 -54.95
N THR B 202 9.57 7.71 -56.06
CA THR B 202 9.32 8.60 -57.19
C THR B 202 8.55 7.87 -58.28
N SER B 203 7.87 8.64 -59.12
CA SER B 203 6.91 8.12 -60.09
C SER B 203 7.48 7.08 -61.06
N ALA B 204 8.71 7.29 -61.51
CA ALA B 204 9.33 6.39 -62.48
C ALA B 204 9.91 5.15 -61.79
N ARG B 205 9.60 4.98 -60.52
CA ARG B 205 10.06 3.82 -59.77
C ARG B 205 8.88 3.07 -59.15
N MET B 206 7.67 3.49 -59.48
CA MET B 206 6.47 2.91 -58.89
C MET B 206 5.51 2.35 -59.92
N ALA B 207 4.49 1.65 -59.44
CA ALA B 207 3.47 1.06 -60.29
C ALA B 207 2.18 0.83 -59.53
N LEU B 208 1.09 1.45 -59.99
CA LEU B 208 -0.22 1.24 -59.40
C LEU B 208 -0.88 0.02 -60.03
N VAL B 209 -0.76 -1.12 -59.36
CA VAL B 209 -1.25 -2.38 -59.90
C VAL B 209 -2.51 -2.83 -59.16
N GLY B 210 -3.57 -3.10 -59.92
CA GLY B 210 -4.84 -3.47 -59.33
C GLY B 210 -5.46 -4.73 -59.92
N ILE B 211 -6.37 -5.33 -59.15
CA ILE B 211 -7.09 -6.52 -59.57
C ILE B 211 -8.55 -6.41 -59.14
N GLY B 212 -9.47 -6.72 -60.05
CA GLY B 212 -10.88 -6.59 -59.77
C GLY B 212 -11.30 -5.14 -59.89
N VAL B 213 -10.60 -4.42 -60.77
CA VAL B 213 -10.88 -3.01 -61.00
C VAL B 213 -10.81 -2.71 -62.50
N LYS B 214 -11.63 -1.78 -62.97
CA LYS B 214 -11.55 -1.37 -64.35
C LYS B 214 -10.36 -0.45 -64.55
N HIS B 215 -9.65 -0.61 -65.67
CA HIS B 215 -8.42 0.14 -65.91
C HIS B 215 -8.65 1.64 -65.99
N SER B 216 -9.81 2.05 -66.50
CA SER B 216 -10.12 3.46 -66.68
C SER B 216 -10.23 4.17 -65.33
N ASP B 217 -10.57 3.42 -64.29
CA ASP B 217 -10.67 3.99 -62.94
C ASP B 217 -9.30 4.05 -62.27
N LEU B 218 -8.56 2.96 -62.38
CA LEU B 218 -7.23 2.89 -61.78
C LEU B 218 -6.29 3.89 -62.42
N LYS B 219 -6.52 4.18 -63.70
CA LYS B 219 -5.74 5.18 -64.41
C LYS B 219 -6.13 6.58 -63.97
N GLN B 220 -7.43 6.81 -63.80
CA GLN B 220 -7.94 8.09 -63.35
C GLN B 220 -7.40 8.45 -61.97
N VAL B 221 -7.32 7.45 -61.10
CA VAL B 221 -6.81 7.65 -59.75
C VAL B 221 -5.33 8.02 -59.75
N ALA B 222 -4.54 7.32 -60.56
CA ALA B 222 -3.09 7.52 -60.60
C ALA B 222 -2.72 8.89 -61.14
N GLU B 223 -3.59 9.46 -61.97
CA GLU B 223 -3.38 10.78 -62.53
C GLU B 223 -3.91 11.88 -61.62
N GLN B 224 -5.02 11.60 -60.96
CA GLN B 224 -5.72 12.60 -60.17
C GLN B 224 -5.16 12.74 -58.76
N PHE B 225 -4.00 12.15 -58.48
CA PHE B 225 -3.52 12.12 -57.10
C PHE B 225 -2.03 11.88 -56.88
N LEU B 226 -1.31 11.40 -57.88
CA LEU B 226 0.11 11.09 -57.66
C LEU B 226 1.01 12.23 -58.13
N ASN B 227 1.69 12.86 -57.17
CA ASN B 227 2.40 14.11 -57.43
C ASN B 227 3.87 14.12 -57.04
N ILE B 228 4.27 13.21 -56.16
CA ILE B 228 5.66 13.16 -55.70
C ILE B 228 6.61 13.03 -56.89
N ARG B 229 7.71 13.78 -56.83
CA ARG B 229 8.61 14.04 -57.95
C ARG B 229 8.85 12.92 -58.96
N SER B 230 9.03 13.33 -60.21
CA SER B 230 9.36 12.42 -61.30
C SER B 230 10.83 12.01 -61.23
N GLY B 231 11.32 11.36 -62.29
CA GLY B 231 12.72 10.97 -62.35
C GLY B 231 13.03 9.68 -61.63
N ALA B 232 14.30 9.48 -61.31
CA ALA B 232 14.75 8.23 -60.72
C ALA B 232 15.21 8.40 -59.27
N GLY B 233 15.45 9.64 -58.86
CA GLY B 233 15.92 9.91 -57.51
C GLY B 233 17.22 9.20 -57.18
N THR B 234 17.42 8.88 -55.91
CA THR B 234 18.63 8.21 -55.45
C THR B 234 18.80 6.83 -56.08
N SER B 235 19.99 6.56 -56.59
CA SER B 235 20.32 5.27 -57.17
C SER B 235 21.14 4.44 -56.18
N SER B 236 21.42 3.18 -56.54
CA SER B 236 22.14 2.28 -55.66
C SER B 236 23.49 1.86 -56.23
N ALA B 237 24.51 1.87 -55.39
CA ALA B 237 25.82 1.34 -55.79
C ALA B 237 25.70 -0.15 -56.08
N LYS B 238 25.93 -0.52 -57.34
CA LYS B 238 25.75 -1.90 -57.77
C LYS B 238 26.51 -2.90 -56.90
N ALA B 239 25.89 -4.03 -56.66
CA ALA B 239 26.36 -5.00 -55.67
C ALA B 239 27.74 -5.57 -56.00
N THR B 240 28.74 -5.12 -55.25
CA THR B 240 30.07 -5.69 -55.32
C THR B 240 30.07 -7.04 -54.61
N TYR B 241 30.66 -8.05 -55.24
CA TYR B 241 30.73 -9.37 -54.63
C TYR B 241 31.88 -9.45 -53.64
N TRP B 242 31.71 -10.27 -52.61
CA TRP B 242 32.74 -10.45 -51.60
C TRP B 242 33.22 -11.89 -51.56
N GLY B 243 32.37 -12.79 -51.08
CA GLY B 243 32.74 -14.17 -50.88
C GLY B 243 33.28 -14.37 -49.48
N GLY B 244 32.40 -14.24 -48.49
CA GLY B 244 32.80 -14.32 -47.10
C GLY B 244 32.25 -15.56 -46.39
N GLU B 245 32.62 -15.71 -45.13
CA GLU B 245 32.23 -16.89 -44.36
C GLU B 245 31.80 -16.50 -42.95
N ILE B 246 30.50 -16.31 -42.78
CA ILE B 246 29.93 -15.93 -41.49
C ILE B 246 29.36 -17.14 -40.76
N ARG B 247 29.83 -17.35 -39.52
CA ARG B 247 29.47 -18.53 -38.75
C ARG B 247 28.97 -18.15 -37.34
N GLU B 248 27.80 -18.64 -36.98
CA GLU B 248 27.22 -18.35 -35.67
C GLU B 248 27.13 -19.59 -34.79
N GLN B 249 27.84 -19.56 -33.67
CA GLN B 249 27.82 -20.66 -32.70
C GLN B 249 26.80 -20.37 -31.60
N ASN B 250 25.69 -21.08 -31.62
CA ASN B 250 24.63 -20.86 -30.64
C ASN B 250 24.10 -22.15 -30.00
N GLY B 251 24.82 -23.25 -30.21
CA GLY B 251 24.55 -24.49 -29.51
C GLY B 251 23.24 -25.21 -29.84
N HIS B 252 22.48 -24.67 -30.77
CA HIS B 252 21.26 -25.32 -31.22
C HIS B 252 21.60 -26.69 -31.82
N SER B 253 20.81 -27.70 -31.46
CA SER B 253 21.06 -29.07 -31.90
C SER B 253 21.01 -29.22 -33.41
N LEU B 254 20.27 -28.31 -34.06
CA LEU B 254 20.19 -28.31 -35.51
C LEU B 254 21.07 -27.21 -36.11
N VAL B 255 21.82 -27.58 -37.15
CA VAL B 255 22.72 -26.65 -37.82
C VAL B 255 22.21 -26.28 -39.20
N HIS B 256 21.85 -25.01 -39.37
CA HIS B 256 21.50 -24.48 -40.68
C HIS B 256 22.77 -24.06 -41.41
N ALA B 257 22.79 -24.23 -42.72
CA ALA B 257 23.95 -23.87 -43.51
C ALA B 257 23.58 -23.57 -44.96
N ALA B 258 24.16 -22.51 -45.50
CA ALA B 258 23.93 -22.12 -46.88
C ALA B 258 25.25 -21.89 -47.60
N VAL B 259 25.37 -22.43 -48.81
CA VAL B 259 26.56 -22.23 -49.63
C VAL B 259 26.17 -21.76 -51.03
N VAL B 260 26.57 -20.54 -51.36
CA VAL B 260 26.19 -19.95 -52.66
C VAL B 260 27.36 -19.30 -53.38
N THR B 261 27.20 -19.16 -54.70
CA THR B 261 28.08 -18.33 -55.50
C THR B 261 27.18 -17.31 -56.20
N GLU B 262 27.76 -16.42 -56.99
CA GLU B 262 26.96 -15.43 -57.71
C GLU B 262 26.10 -16.12 -58.75
N GLY B 263 24.79 -16.06 -58.57
CA GLY B 263 23.85 -16.75 -59.45
C GLY B 263 23.57 -16.02 -60.75
N ALA B 264 22.38 -15.44 -60.83
CA ALA B 264 21.95 -14.72 -62.03
C ALA B 264 20.95 -13.63 -61.68
N ALA B 265 20.87 -12.62 -62.53
CA ALA B 265 19.99 -11.49 -62.30
C ALA B 265 18.65 -11.65 -63.02
N VAL B 266 17.69 -10.81 -62.66
CA VAL B 266 16.38 -10.82 -63.30
C VAL B 266 16.48 -10.36 -64.74
N GLY B 267 15.77 -11.06 -65.63
CA GLY B 267 15.75 -10.71 -67.04
C GLY B 267 16.85 -11.38 -67.83
N SER B 268 17.92 -11.77 -67.14
CA SER B 268 19.04 -12.43 -67.78
C SER B 268 18.62 -13.76 -68.42
N ALA B 269 19.26 -14.09 -69.54
CA ALA B 269 18.99 -15.36 -70.21
C ALA B 269 19.53 -16.50 -69.36
N GLU B 270 20.56 -16.20 -68.59
CA GLU B 270 21.22 -17.17 -67.72
C GLU B 270 20.34 -17.54 -66.53
N ALA B 271 19.31 -16.74 -66.27
CA ALA B 271 18.45 -16.94 -65.11
C ALA B 271 17.62 -18.22 -65.21
N ASN B 272 17.00 -18.44 -66.37
CA ASN B 272 16.14 -19.60 -66.58
C ASN B 272 16.89 -20.91 -66.41
N ALA B 273 18.18 -20.90 -66.78
CA ALA B 273 19.02 -22.07 -66.68
C ALA B 273 19.25 -22.50 -65.23
N PHE B 274 19.36 -21.52 -64.34
CA PHE B 274 19.57 -21.80 -62.92
C PHE B 274 18.30 -22.34 -62.26
N SER B 275 17.14 -21.81 -62.67
CA SER B 275 15.87 -22.23 -62.11
C SER B 275 15.58 -23.69 -62.45
N VAL B 276 16.01 -24.12 -63.63
CA VAL B 276 15.86 -25.50 -64.05
C VAL B 276 16.83 -26.40 -63.29
N LEU B 277 18.06 -25.93 -63.12
CA LEU B 277 19.06 -26.66 -62.35
C LEU B 277 18.61 -26.82 -60.90
N GLN B 278 17.85 -25.83 -60.42
CA GLN B 278 17.31 -25.87 -59.07
C GLN B 278 16.39 -27.08 -58.88
N HIS B 279 15.49 -27.27 -59.84
CA HIS B 279 14.53 -28.37 -59.78
C HIS B 279 15.18 -29.70 -60.15
N VAL B 280 16.27 -29.65 -60.90
CA VAL B 280 17.06 -30.85 -61.18
C VAL B 280 17.66 -31.37 -59.88
N LEU B 281 18.31 -30.48 -59.15
CA LEU B 281 18.84 -30.81 -57.83
C LEU B 281 17.70 -31.02 -56.85
N GLY B 282 16.61 -30.28 -57.05
CA GLY B 282 15.42 -30.44 -56.23
C GLY B 282 15.25 -29.34 -55.21
N ALA B 283 14.05 -28.79 -55.14
CA ALA B 283 13.76 -27.68 -54.24
C ALA B 283 12.48 -27.91 -53.44
N GLY B 284 12.61 -28.57 -52.30
CA GLY B 284 11.49 -28.80 -51.41
C GLY B 284 10.53 -29.88 -51.89
N PRO B 285 10.26 -30.88 -51.03
CA PRO B 285 9.38 -32.02 -51.30
C PRO B 285 8.01 -31.59 -51.85
N LEU B 286 7.48 -32.38 -52.78
CA LEU B 286 6.19 -32.09 -53.37
C LEU B 286 5.11 -32.99 -52.77
N ILE B 287 5.54 -33.90 -51.90
CA ILE B 287 4.63 -34.83 -51.25
C ILE B 287 4.75 -34.75 -49.74
N LYS B 288 3.62 -34.59 -49.06
CA LYS B 288 3.58 -34.47 -47.61
C LYS B 288 4.22 -35.67 -46.93
N ARG B 289 5.18 -35.39 -46.03
CA ARG B 289 5.95 -36.42 -45.34
C ARG B 289 6.64 -37.38 -46.31
N GLY B 290 6.96 -36.90 -47.50
CA GLY B 290 7.50 -37.76 -48.52
C GLY B 290 8.97 -37.54 -48.81
N SER B 291 9.65 -38.62 -49.17
CA SER B 291 11.02 -38.52 -49.67
C SER B 291 11.01 -37.89 -51.06
N SER B 292 12.12 -37.30 -51.46
CA SER B 292 12.20 -36.68 -52.76
C SER B 292 13.04 -37.53 -53.73
N VAL B 293 12.37 -38.09 -54.73
CA VAL B 293 13.03 -38.97 -55.68
C VAL B 293 13.69 -38.18 -56.82
N THR B 294 12.95 -37.22 -57.37
CA THR B 294 13.45 -36.38 -58.44
C THR B 294 14.67 -35.58 -57.96
N SER B 295 14.64 -35.18 -56.71
CA SER B 295 15.74 -34.41 -56.12
C SER B 295 17.01 -35.26 -56.01
N LYS B 296 18.00 -34.92 -56.83
CA LYS B 296 19.29 -35.59 -56.78
C LYS B 296 20.07 -35.12 -55.55
N LEU B 297 19.69 -33.95 -55.03
CA LEU B 297 20.34 -33.36 -53.87
C LEU B 297 19.86 -34.03 -52.58
N TYR B 298 18.54 -34.14 -52.43
CA TYR B 298 17.93 -34.80 -51.29
C TYR B 298 18.39 -36.26 -51.21
N GLN B 299 18.38 -36.94 -52.35
CA GLN B 299 18.73 -38.34 -52.44
C GLN B 299 20.22 -38.57 -52.22
N GLY B 300 21.03 -37.74 -52.86
CA GLY B 300 22.49 -37.85 -52.77
C GLY B 300 23.00 -37.70 -51.35
N VAL B 301 22.32 -36.86 -50.57
CA VAL B 301 22.70 -36.66 -49.18
C VAL B 301 22.19 -37.82 -48.32
N ALA B 302 21.00 -38.31 -48.65
CA ALA B 302 20.38 -39.41 -47.92
C ALA B 302 21.26 -40.65 -47.88
N LYS B 303 22.09 -40.82 -48.91
CA LYS B 303 23.00 -41.94 -49.00
C LYS B 303 24.19 -41.75 -48.05
N ALA B 304 24.45 -40.49 -47.69
CA ALA B 304 25.62 -40.15 -46.89
C ALA B 304 25.33 -40.09 -45.40
N THR B 305 24.13 -39.66 -45.04
CA THR B 305 23.79 -39.51 -43.62
C THR B 305 22.66 -40.47 -43.21
N THR B 306 22.54 -40.67 -41.91
CA THR B 306 21.57 -41.62 -41.37
C THR B 306 20.29 -40.93 -40.92
N GLN B 307 20.45 -39.81 -40.22
CA GLN B 307 19.36 -39.16 -39.51
C GLN B 307 18.58 -38.18 -40.38
N PRO B 308 17.34 -37.85 -39.96
CA PRO B 308 16.50 -36.81 -40.56
C PRO B 308 17.25 -35.51 -40.89
N PHE B 309 16.87 -34.87 -41.99
CA PHE B 309 17.51 -33.64 -42.44
C PHE B 309 16.67 -32.94 -43.49
N ASP B 310 17.21 -31.85 -44.02
CA ASP B 310 16.62 -31.20 -45.19
C ASP B 310 17.70 -30.49 -46.00
N ALA B 311 17.70 -30.72 -47.30
CA ALA B 311 18.70 -30.13 -48.19
C ALA B 311 18.07 -29.75 -49.52
N SER B 312 17.90 -28.44 -49.74
CA SER B 312 17.24 -27.94 -50.93
C SER B 312 18.15 -27.06 -51.78
N ALA B 313 17.70 -26.74 -52.99
CA ALA B 313 18.45 -25.86 -53.87
C ALA B 313 18.04 -24.41 -53.66
N PHE B 314 19.04 -23.55 -53.51
CA PHE B 314 18.81 -22.14 -53.18
C PHE B 314 19.11 -21.24 -54.37
N ASN B 315 18.15 -20.42 -54.77
CA ASN B 315 18.34 -19.55 -55.92
C ASN B 315 17.60 -18.22 -55.82
N VAL B 316 18.36 -17.13 -55.80
CA VAL B 316 17.79 -15.80 -55.77
C VAL B 316 18.20 -15.01 -57.00
N ASN B 317 17.27 -14.23 -57.53
CA ASN B 317 17.57 -13.37 -58.67
C ASN B 317 17.22 -11.92 -58.36
N TYR B 318 18.25 -11.09 -58.21
CA TYR B 318 18.06 -9.66 -57.96
C TYR B 318 18.21 -8.87 -59.26
N SER B 319 18.13 -7.56 -59.15
CA SER B 319 18.17 -6.68 -60.32
C SER B 319 19.54 -6.67 -61.00
N ASP B 320 20.60 -6.61 -60.21
CA ASP B 320 21.95 -6.51 -60.75
C ASP B 320 22.84 -7.67 -60.33
N SER B 321 22.25 -8.65 -59.64
CA SER B 321 23.00 -9.84 -59.21
C SER B 321 22.08 -10.97 -58.82
N GLY B 322 22.64 -11.98 -58.17
CA GLY B 322 21.87 -13.13 -57.72
C GLY B 322 22.73 -14.16 -57.01
N LEU B 323 22.08 -15.06 -56.28
CA LEU B 323 22.78 -16.10 -55.55
C LEU B 323 22.22 -17.48 -55.90
N PHE B 324 23.10 -18.47 -55.99
CA PHE B 324 22.68 -19.84 -56.24
C PHE B 324 23.53 -20.84 -55.47
N GLY B 325 22.87 -21.84 -54.90
CA GLY B 325 23.56 -22.88 -54.14
C GLY B 325 22.58 -23.78 -53.41
N PHE B 326 23.01 -24.30 -52.26
CA PHE B 326 22.19 -25.23 -51.50
C PHE B 326 22.07 -24.81 -50.03
N TYR B 327 20.96 -25.22 -49.41
CA TYR B 327 20.71 -24.94 -48.00
C TYR B 327 20.44 -26.26 -47.29
N THR B 328 21.24 -26.55 -46.26
CA THR B 328 21.12 -27.82 -45.55
C THR B 328 20.78 -27.64 -44.07
N ILE B 329 19.59 -28.08 -43.69
CA ILE B 329 19.24 -28.21 -42.29
C ILE B 329 19.54 -29.64 -41.86
N SER B 330 20.50 -29.81 -40.97
CA SER B 330 20.93 -31.14 -40.56
C SER B 330 21.20 -31.19 -39.06
N GLN B 331 21.44 -32.39 -38.55
CA GLN B 331 21.81 -32.56 -37.15
C GLN B 331 23.24 -32.07 -36.95
N ALA B 332 23.61 -31.83 -35.69
CA ALA B 332 24.89 -31.20 -35.37
C ALA B 332 26.10 -31.94 -35.91
N ALA B 333 26.31 -33.17 -35.43
CA ALA B 333 27.47 -33.96 -35.80
C ALA B 333 27.41 -34.47 -37.23
N HIS B 334 26.22 -34.46 -37.82
CA HIS B 334 26.03 -34.95 -39.18
C HIS B 334 25.96 -33.81 -40.18
N ALA B 335 26.30 -32.61 -39.74
CA ALA B 335 26.34 -31.45 -40.62
C ALA B 335 27.43 -31.62 -41.67
N GLY B 336 28.59 -32.10 -41.23
CA GLY B 336 29.71 -32.34 -42.12
C GLY B 336 29.37 -33.30 -43.23
N GLU B 337 28.68 -34.38 -42.89
CA GLU B 337 28.29 -35.40 -43.86
C GLU B 337 27.33 -34.84 -44.91
N VAL B 338 26.32 -34.11 -44.43
CA VAL B 338 25.28 -33.55 -45.30
C VAL B 338 25.84 -32.48 -46.23
N ILE B 339 26.63 -31.56 -45.68
CA ILE B 339 27.18 -30.45 -46.46
C ILE B 339 28.13 -30.93 -47.56
N ARG B 340 29.04 -31.84 -47.21
CA ARG B 340 29.97 -32.39 -48.20
C ARG B 340 29.22 -33.15 -49.29
N ALA B 341 28.23 -33.93 -48.89
CA ALA B 341 27.44 -34.71 -49.84
C ALA B 341 26.67 -33.80 -50.78
N ALA B 342 26.06 -32.76 -50.21
CA ALA B 342 25.30 -31.79 -51.00
C ALA B 342 26.21 -31.06 -51.98
N MET B 343 27.47 -30.88 -51.60
CA MET B 343 28.46 -30.27 -52.48
C MET B 343 28.79 -31.17 -53.66
N ASN B 344 28.99 -32.45 -53.38
CA ASN B 344 29.33 -33.44 -54.41
C ASN B 344 28.25 -33.56 -55.48
N GLN B 345 27.00 -33.30 -55.09
CA GLN B 345 25.88 -33.42 -56.01
C GLN B 345 25.93 -32.33 -57.08
N LEU B 346 26.48 -31.18 -56.73
CA LEU B 346 26.65 -30.09 -57.69
C LEU B 346 27.92 -30.30 -58.52
N LYS B 347 28.90 -30.97 -57.93
CA LYS B 347 30.10 -31.35 -58.66
C LYS B 347 29.75 -32.38 -59.73
N ALA B 348 29.01 -33.41 -59.33
CA ALA B 348 28.60 -34.46 -60.25
C ALA B 348 27.62 -33.93 -61.30
N ALA B 349 26.87 -32.90 -60.94
CA ALA B 349 25.93 -32.28 -61.87
C ALA B 349 26.67 -31.45 -62.91
N ALA B 350 27.82 -30.92 -62.52
CA ALA B 350 28.64 -30.13 -63.42
C ALA B 350 29.51 -31.01 -64.31
N GLN B 351 29.79 -32.22 -63.82
CA GLN B 351 30.62 -33.17 -64.57
C GLN B 351 29.82 -33.90 -65.64
N GLY B 352 28.57 -33.50 -65.82
CA GLY B 352 27.74 -34.04 -66.87
C GLY B 352 26.51 -34.80 -66.39
N GLY B 353 26.53 -35.18 -65.11
CA GLY B 353 25.48 -36.01 -64.55
C GLY B 353 24.08 -35.41 -64.60
N VAL B 354 23.61 -35.12 -65.81
CA VAL B 354 22.27 -34.58 -66.01
C VAL B 354 21.62 -35.22 -67.23
N THR B 355 20.60 -36.05 -66.98
CA THR B 355 19.89 -36.72 -68.06
C THR B 355 19.03 -35.72 -68.82
N GLU B 356 18.85 -35.95 -70.12
CA GLU B 356 18.00 -35.10 -70.95
C GLU B 356 16.56 -35.15 -70.43
N GLU B 357 16.21 -36.26 -69.79
CA GLU B 357 14.89 -36.39 -69.18
C GLU B 357 14.80 -35.59 -67.90
N ASP B 358 15.90 -35.55 -67.14
CA ASP B 358 15.96 -34.79 -65.90
C ASP B 358 15.63 -33.32 -66.14
N VAL B 359 16.16 -32.78 -67.24
CA VAL B 359 15.88 -31.41 -67.63
C VAL B 359 14.40 -31.24 -67.93
N THR B 360 13.87 -32.09 -68.79
CA THR B 360 12.46 -32.03 -69.19
C THR B 360 11.55 -32.30 -68.00
N LYS B 361 12.03 -33.09 -67.05
CA LYS B 361 11.27 -33.37 -65.84
C LYS B 361 11.31 -32.17 -64.90
N ALA B 362 12.43 -31.46 -64.90
CA ALA B 362 12.58 -30.26 -64.08
C ALA B 362 11.88 -29.09 -64.75
N LYS B 363 11.97 -29.02 -66.08
CA LYS B 363 11.28 -27.99 -66.83
C LYS B 363 9.76 -28.14 -66.69
N ASN B 364 9.32 -29.37 -66.43
CA ASN B 364 7.92 -29.63 -66.16
C ASN B 364 7.52 -29.22 -64.75
N GLN B 365 8.35 -29.59 -63.77
CA GLN B 365 8.11 -29.22 -62.38
C GLN B 365 8.10 -27.70 -62.22
N LEU B 366 8.91 -27.03 -63.02
CA LEU B 366 9.05 -25.58 -62.94
C LEU B 366 7.85 -24.87 -63.56
N LYS B 367 7.41 -25.34 -64.73
CA LYS B 367 6.23 -24.78 -65.38
C LYS B 367 4.99 -24.97 -64.53
N ALA B 368 4.97 -26.06 -63.76
CA ALA B 368 3.88 -26.30 -62.83
C ALA B 368 3.91 -25.28 -61.69
N THR B 369 5.02 -25.28 -60.96
CA THR B 369 5.21 -24.38 -59.80
C THR B 369 4.83 -22.93 -60.10
N TYR B 370 5.25 -22.45 -61.26
CA TYR B 370 4.92 -21.10 -61.71
C TYR B 370 3.42 -20.90 -61.80
N LEU B 371 2.74 -21.84 -62.46
CA LEU B 371 1.33 -21.69 -62.79
C LEU B 371 0.41 -21.68 -61.57
N MET B 372 0.61 -22.61 -60.64
CA MET B 372 -0.23 -22.68 -59.45
C MET B 372 0.11 -21.61 -58.42
N SER B 373 1.25 -20.94 -58.62
CA SER B 373 1.64 -19.84 -57.74
C SER B 373 0.80 -18.60 -58.04
N VAL B 374 0.27 -18.54 -59.26
CA VAL B 374 -0.50 -17.38 -59.71
C VAL B 374 -2.01 -17.64 -59.54
N GLU B 375 -2.34 -18.75 -58.87
CA GLU B 375 -3.72 -19.02 -58.52
C GLU B 375 -4.23 -17.98 -57.54
N THR B 376 -3.44 -17.73 -56.50
CA THR B 376 -3.82 -16.83 -55.42
C THR B 376 -3.91 -15.38 -55.88
N ALA B 377 -4.61 -14.57 -55.10
CA ALA B 377 -4.71 -13.14 -55.37
C ALA B 377 -3.35 -12.48 -55.12
N GLN B 378 -2.67 -12.93 -54.08
CA GLN B 378 -1.33 -12.44 -53.75
C GLN B 378 -0.36 -12.74 -54.89
N GLY B 379 -0.35 -13.99 -55.34
CA GLY B 379 0.55 -14.43 -56.39
C GLY B 379 0.31 -13.74 -57.72
N LEU B 380 -0.95 -13.48 -58.04
CA LEU B 380 -1.29 -12.85 -59.31
C LEU B 380 -0.92 -11.37 -59.32
N LEU B 381 -1.29 -10.64 -58.27
CA LEU B 381 -0.99 -9.21 -58.18
C LEU B 381 0.51 -8.97 -58.15
N ASN B 382 1.23 -9.84 -57.43
CA ASN B 382 2.68 -9.73 -57.33
C ASN B 382 3.37 -10.00 -58.66
N GLU B 383 2.97 -11.09 -59.31
CA GLU B 383 3.57 -11.49 -60.58
C GLU B 383 3.35 -10.43 -61.66
N ILE B 384 2.17 -9.84 -61.67
CA ILE B 384 1.87 -8.75 -62.60
C ILE B 384 2.67 -7.50 -62.26
N GLY B 385 2.63 -7.10 -60.99
CA GLY B 385 3.28 -5.88 -60.55
C GLY B 385 4.80 -5.95 -60.55
N SER B 386 5.34 -7.16 -60.39
CA SER B 386 6.78 -7.35 -60.41
C SER B 386 7.37 -6.99 -61.76
N GLU B 387 6.73 -7.47 -62.82
CA GLU B 387 7.21 -7.25 -64.18
C GLU B 387 6.85 -5.84 -64.65
N ALA B 388 5.66 -5.39 -64.30
CA ALA B 388 5.19 -4.05 -64.68
C ALA B 388 6.07 -2.97 -64.07
N LEU B 389 6.70 -3.29 -62.94
CA LEU B 389 7.61 -2.38 -62.28
C LEU B 389 8.94 -2.30 -63.02
N LEU B 390 9.55 -3.46 -63.25
CA LEU B 390 10.86 -3.51 -63.90
C LEU B 390 10.74 -3.24 -65.41
N SER B 391 10.29 -4.24 -66.15
CA SER B 391 10.07 -4.07 -67.59
C SER B 391 8.59 -3.83 -67.86
N GLY B 392 8.20 -2.56 -67.90
CA GLY B 392 6.80 -2.15 -67.96
C GLY B 392 5.87 -2.88 -68.90
N THR B 393 5.82 -4.20 -68.77
CA THR B 393 4.95 -5.06 -69.57
C THR B 393 4.50 -6.26 -68.75
N HIS B 394 3.53 -6.99 -69.27
CA HIS B 394 3.16 -8.29 -68.72
C HIS B 394 3.28 -9.36 -69.79
N THR B 395 4.15 -10.34 -69.56
CA THR B 395 4.39 -11.38 -70.55
C THR B 395 3.29 -12.44 -70.51
N ALA B 396 2.77 -12.79 -71.67
CA ALA B 396 1.75 -13.84 -71.78
C ALA B 396 2.31 -15.15 -71.22
N PRO B 397 1.52 -15.83 -70.37
CA PRO B 397 1.95 -17.05 -69.67
C PRO B 397 2.41 -18.16 -70.63
N SER B 398 1.98 -18.08 -71.88
CA SER B 398 2.39 -19.06 -72.88
C SER B 398 3.83 -18.81 -73.32
N VAL B 399 4.23 -17.55 -73.34
CA VAL B 399 5.56 -17.18 -73.78
C VAL B 399 6.59 -17.38 -72.66
N VAL B 400 6.14 -17.23 -71.42
CA VAL B 400 7.00 -17.52 -70.28
C VAL B 400 7.19 -19.04 -70.18
N ALA B 401 6.26 -19.77 -70.80
CA ALA B 401 6.35 -21.23 -70.87
C ALA B 401 7.27 -21.62 -72.02
N GLN B 402 7.41 -20.71 -72.98
CA GLN B 402 8.34 -20.89 -74.08
C GLN B 402 9.77 -20.61 -73.64
N LYS B 403 9.95 -19.51 -72.93
CA LYS B 403 11.27 -19.05 -72.53
C LYS B 403 11.95 -20.03 -71.56
N ILE B 404 11.16 -20.81 -70.85
CA ILE B 404 11.72 -21.73 -69.86
C ILE B 404 12.18 -23.05 -70.47
N ASP B 405 11.33 -23.70 -71.27
CA ASP B 405 11.69 -25.00 -71.83
C ASP B 405 12.52 -24.85 -73.11
N SER B 406 12.90 -23.61 -73.41
CA SER B 406 13.86 -23.36 -74.49
C SER B 406 15.27 -23.35 -73.89
N VAL B 407 15.40 -23.95 -72.72
CA VAL B 407 16.69 -24.09 -72.05
C VAL B 407 17.24 -25.49 -72.29
N THR B 408 18.46 -25.55 -72.82
CA THR B 408 19.08 -26.82 -73.18
C THR B 408 19.53 -27.60 -71.96
N SER B 409 19.96 -28.84 -72.18
CA SER B 409 20.53 -29.65 -71.10
C SER B 409 21.93 -29.13 -70.79
N ALA B 410 22.59 -28.60 -71.81
CA ALA B 410 23.93 -28.03 -71.65
C ALA B 410 23.89 -26.77 -70.80
N ASP B 411 22.83 -25.97 -70.97
CA ASP B 411 22.63 -24.77 -70.18
C ASP B 411 22.58 -25.09 -68.69
N VAL B 412 22.01 -26.24 -68.36
CA VAL B 412 21.90 -26.67 -66.97
C VAL B 412 23.25 -27.09 -66.41
N VAL B 413 23.97 -27.92 -67.17
CA VAL B 413 25.29 -28.38 -66.76
C VAL B 413 26.27 -27.20 -66.72
N ASN B 414 26.01 -26.18 -67.54
CA ASN B 414 26.80 -24.96 -67.53
C ASN B 414 26.59 -24.18 -66.23
N ALA B 415 25.34 -24.09 -65.78
CA ALA B 415 25.01 -23.39 -64.56
C ALA B 415 25.66 -24.07 -63.36
N ALA B 416 25.73 -25.40 -63.41
CA ALA B 416 26.39 -26.17 -62.37
C ALA B 416 27.89 -25.93 -62.39
N LYS B 417 28.44 -25.76 -63.59
CA LYS B 417 29.86 -25.47 -63.75
C LYS B 417 30.24 -24.16 -63.08
N LYS B 418 29.34 -23.17 -63.15
CA LYS B 418 29.61 -21.85 -62.61
C LYS B 418 29.69 -21.89 -61.08
N PHE B 419 28.96 -22.83 -60.47
CA PHE B 419 28.97 -22.96 -59.02
C PHE B 419 30.30 -23.51 -58.52
N VAL B 420 30.75 -24.61 -59.12
CA VAL B 420 31.97 -25.26 -58.70
C VAL B 420 33.20 -24.39 -58.98
N SER B 421 33.06 -23.49 -59.96
CA SER B 421 34.18 -22.63 -60.36
C SER B 421 34.22 -21.34 -59.55
N GLY B 422 33.09 -20.65 -59.47
CA GLY B 422 33.00 -19.35 -58.83
C GLY B 422 33.37 -19.34 -57.37
N LYS B 423 33.69 -18.15 -56.85
CA LYS B 423 34.05 -18.00 -55.44
C LYS B 423 32.81 -18.15 -54.56
N LYS B 424 32.91 -19.04 -53.59
CA LYS B 424 31.77 -19.38 -52.74
C LYS B 424 31.70 -18.51 -51.49
N SER B 425 30.47 -18.28 -51.01
CA SER B 425 30.24 -17.60 -49.74
C SER B 425 29.28 -18.43 -48.90
N MET B 426 29.63 -18.64 -47.64
CA MET B 426 28.87 -19.55 -46.79
C MET B 426 28.37 -18.90 -45.50
N ALA B 427 27.12 -19.17 -45.15
CA ALA B 427 26.55 -18.74 -43.88
C ALA B 427 25.94 -19.92 -43.15
N ALA B 428 26.35 -20.11 -41.90
CA ALA B 428 25.88 -21.25 -41.12
C ALA B 428 25.73 -20.89 -39.64
N SER B 429 24.57 -21.20 -39.07
CA SER B 429 24.31 -20.96 -37.66
C SER B 429 23.79 -22.22 -36.98
N GLY B 430 24.38 -22.56 -35.84
CA GLY B 430 24.02 -23.75 -35.11
C GLY B 430 25.16 -24.15 -34.19
N ASP B 431 25.18 -25.42 -33.78
CA ASP B 431 26.32 -25.95 -33.05
C ASP B 431 27.36 -26.42 -34.07
N LEU B 432 28.22 -25.49 -34.50
CA LEU B 432 29.12 -25.73 -35.61
C LEU B 432 30.38 -26.49 -35.22
N GLY B 433 30.25 -27.38 -34.23
CA GLY B 433 31.37 -28.17 -33.77
C GLY B 433 31.87 -29.15 -34.83
N SER B 434 30.99 -29.53 -35.75
CA SER B 434 31.37 -30.45 -36.82
C SER B 434 30.99 -29.90 -38.19
N THR B 435 30.73 -28.60 -38.26
CA THR B 435 30.39 -27.94 -39.51
C THR B 435 31.65 -27.45 -40.23
N PRO B 436 31.89 -27.96 -41.44
CA PRO B 436 33.12 -27.69 -42.20
C PRO B 436 33.25 -26.23 -42.63
N PHE B 437 34.49 -25.74 -42.67
CA PHE B 437 34.76 -24.39 -43.17
C PHE B 437 34.69 -24.40 -44.70
N LEU B 438 34.70 -23.21 -45.29
CA LEU B 438 34.49 -23.09 -46.73
C LEU B 438 35.69 -23.55 -47.54
N ASP B 439 36.88 -23.49 -46.95
CA ASP B 439 38.08 -23.96 -47.63
C ASP B 439 38.28 -25.46 -47.43
N GLU B 440 37.18 -26.16 -47.12
CA GLU B 440 37.24 -27.61 -46.92
C GLU B 440 36.26 -28.31 -47.85
N LEU B 441 35.82 -27.60 -48.88
CA LEU B 441 34.87 -28.15 -49.84
C LEU B 441 35.42 -28.10 -51.26
N ALA C 2 -4.92 1.23 -15.01
CA ALA C 2 -5.43 -0.09 -14.65
C ALA C 2 -6.83 -0.27 -15.24
N PRO C 3 -7.09 -1.45 -15.84
CA PRO C 3 -8.35 -1.72 -16.54
C PRO C 3 -9.60 -1.41 -15.71
N ASN C 4 -9.95 -2.30 -14.79
CA ASN C 4 -11.14 -2.11 -13.97
C ASN C 4 -10.94 -1.05 -12.88
N ILE C 5 -12.03 -0.68 -12.23
CA ILE C 5 -11.97 0.32 -11.17
C ILE C 5 -12.15 -0.35 -9.82
N ARG C 6 -11.77 -1.63 -9.76
CA ARG C 6 -11.77 -2.36 -8.50
C ARG C 6 -10.34 -2.48 -7.99
N LYS C 7 -9.40 -2.55 -8.93
CA LYS C 7 -7.98 -2.60 -8.59
C LYS C 7 -7.40 -1.19 -8.52
N SER C 8 -8.16 -0.22 -9.01
CA SER C 8 -7.68 1.17 -9.08
C SER C 8 -8.11 2.00 -7.88
N HIS C 9 -9.42 2.14 -7.74
CA HIS C 9 -10.04 2.93 -6.67
C HIS C 9 -9.42 2.68 -5.31
N PRO C 10 -8.65 3.65 -4.78
CA PRO C 10 -7.91 3.53 -3.53
C PRO C 10 -8.78 3.18 -2.31
N LEU C 11 -10.10 3.33 -2.45
CA LEU C 11 -11.02 2.90 -1.42
C LEU C 11 -11.46 1.46 -1.67
N LEU C 12 -11.83 1.17 -2.91
CA LEU C 12 -12.29 -0.15 -3.30
C LEU C 12 -11.12 -1.14 -3.41
N LYS C 13 -9.91 -0.61 -3.35
CA LYS C 13 -8.70 -1.40 -3.52
C LYS C 13 -8.40 -2.27 -2.30
N MET C 14 -8.46 -1.66 -1.12
CA MET C 14 -8.21 -2.38 0.12
C MET C 14 -9.48 -3.08 0.57
N ILE C 15 -10.59 -2.74 -0.08
CA ILE C 15 -11.81 -3.51 0.04
C ILE C 15 -11.64 -4.79 -0.79
N ASN C 16 -10.97 -4.64 -1.93
CA ASN C 16 -10.70 -5.75 -2.82
C ASN C 16 -9.60 -6.67 -2.29
N ASN C 17 -8.52 -6.07 -1.80
CA ASN C 17 -7.36 -6.81 -1.34
C ASN C 17 -7.52 -7.38 0.08
N SER C 18 -8.72 -7.34 0.61
CA SER C 18 -8.97 -7.86 1.95
C SER C 18 -10.17 -8.79 2.00
N LEU C 19 -11.13 -8.58 1.09
CA LEU C 19 -12.37 -9.34 1.13
C LEU C 19 -12.82 -9.88 -0.22
N ILE C 20 -11.98 -9.72 -1.25
CA ILE C 20 -12.36 -10.16 -2.60
C ILE C 20 -11.24 -10.98 -3.28
N ASP C 21 -10.14 -10.32 -3.63
CA ASP C 21 -9.05 -10.97 -4.36
C ASP C 21 -7.95 -11.49 -3.44
N LEU C 22 -8.14 -11.34 -2.14
CA LEU C 22 -7.13 -11.74 -1.16
C LEU C 22 -6.86 -13.24 -1.17
N PRO C 23 -5.60 -13.62 -1.46
CA PRO C 23 -5.17 -15.02 -1.47
C PRO C 23 -5.27 -15.68 -0.10
N ALA C 24 -6.00 -16.79 0.00
CA ALA C 24 -6.14 -17.54 1.25
C ALA C 24 -5.81 -19.01 1.03
N PRO C 25 -5.30 -19.70 2.07
CA PRO C 25 -5.03 -21.13 1.95
C PRO C 25 -6.28 -21.91 1.63
N SER C 26 -6.16 -22.96 0.82
CA SER C 26 -7.32 -23.70 0.36
C SER C 26 -7.91 -24.61 1.44
N ASN C 27 -7.15 -24.85 2.50
CA ASN C 27 -7.53 -25.87 3.46
C ASN C 27 -7.76 -25.41 4.90
N ILE C 28 -7.89 -24.10 5.12
CA ILE C 28 -8.16 -23.64 6.48
C ILE C 28 -9.57 -24.06 6.87
N SER C 29 -9.73 -24.42 8.14
CA SER C 29 -10.96 -25.03 8.62
C SER C 29 -11.94 -24.03 9.21
N ALA C 30 -12.87 -24.54 10.01
CA ALA C 30 -13.86 -23.71 10.67
C ALA C 30 -13.24 -22.96 11.84
N TRP C 31 -12.06 -23.39 12.26
CA TRP C 31 -11.34 -22.71 13.33
C TRP C 31 -10.80 -21.37 12.86
N TRP C 32 -10.87 -21.14 11.55
CA TRP C 32 -10.46 -19.86 10.96
C TRP C 32 -11.65 -18.94 10.74
N ASN C 33 -12.84 -19.39 11.12
CA ASN C 33 -14.06 -18.60 10.98
C ASN C 33 -14.21 -17.54 12.06
N PHE C 34 -13.67 -17.81 13.24
CA PHE C 34 -13.92 -16.98 14.41
C PHE C 34 -13.24 -15.62 14.33
N GLY C 35 -12.37 -15.45 13.34
CA GLY C 35 -11.78 -14.16 13.07
C GLY C 35 -12.84 -13.19 12.59
N SER C 36 -13.56 -13.61 11.54
CA SER C 36 -14.61 -12.76 10.95
C SER C 36 -15.81 -12.66 11.88
N LEU C 37 -15.95 -13.64 12.77
CA LEU C 37 -17.02 -13.61 13.77
C LEU C 37 -16.77 -12.49 14.77
N LEU C 38 -15.55 -12.42 15.28
CA LEU C 38 -15.14 -11.36 16.20
C LEU C 38 -15.34 -9.99 15.58
N ALA C 39 -15.07 -9.91 14.28
CA ALA C 39 -15.21 -8.65 13.54
C ALA C 39 -16.67 -8.21 13.51
N VAL C 40 -17.56 -9.11 13.11
CA VAL C 40 -18.98 -8.82 13.06
C VAL C 40 -19.54 -8.60 14.46
N CYS C 41 -19.07 -9.40 15.41
CA CYS C 41 -19.51 -9.29 16.80
C CYS C 41 -19.14 -7.92 17.38
N LEU C 42 -18.01 -7.38 16.95
CA LEU C 42 -17.56 -6.07 17.39
C LEU C 42 -18.48 -4.98 16.86
N MET C 43 -18.82 -5.08 15.57
CA MET C 43 -19.72 -4.12 14.94
C MET C 43 -21.14 -4.25 15.48
N THR C 44 -21.48 -5.45 15.94
CA THR C 44 -22.79 -5.71 16.55
C THR C 44 -22.87 -5.10 17.95
N GLN C 45 -21.83 -5.30 18.74
CA GLN C 45 -21.77 -4.76 20.10
C GLN C 45 -21.78 -3.24 20.11
N ILE C 46 -21.06 -2.64 19.17
CA ILE C 46 -21.00 -1.19 19.04
C ILE C 46 -22.35 -0.60 18.69
N LEU C 47 -23.07 -1.27 17.79
CA LEU C 47 -24.40 -0.80 17.37
C LEU C 47 -25.43 -0.95 18.48
N THR C 48 -25.48 -2.13 19.09
CA THR C 48 -26.41 -2.38 20.19
C THR C 48 -26.07 -1.51 21.39
N GLY C 49 -24.79 -1.21 21.55
CA GLY C 49 -24.33 -0.37 22.63
C GLY C 49 -24.73 1.08 22.43
N LEU C 50 -24.63 1.56 21.19
CA LEU C 50 -25.02 2.91 20.86
C LEU C 50 -26.52 3.12 21.12
N LEU C 51 -27.32 2.14 20.70
CA LEU C 51 -28.76 2.20 20.91
C LEU C 51 -29.13 2.22 22.39
N LEU C 52 -28.37 1.49 23.19
CA LEU C 52 -28.59 1.48 24.63
C LEU C 52 -28.13 2.79 25.27
N ALA C 53 -27.02 3.32 24.79
CA ALA C 53 -26.43 4.54 25.35
C ALA C 53 -27.32 5.76 25.12
N MET C 54 -28.17 5.69 24.10
CA MET C 54 -29.08 6.79 23.79
C MET C 54 -30.25 6.86 24.77
N HIS C 55 -30.28 5.94 25.73
CA HIS C 55 -31.33 5.91 26.72
C HIS C 55 -30.76 5.76 28.14
N TYR C 56 -29.43 5.70 28.22
CA TYR C 56 -28.76 5.49 29.50
C TYR C 56 -28.44 6.81 30.20
N THR C 57 -28.49 6.79 31.53
CA THR C 57 -28.14 7.95 32.33
C THR C 57 -27.05 7.59 33.33
N ALA C 58 -25.86 8.18 33.15
CA ALA C 58 -24.71 7.87 34.00
C ALA C 58 -24.76 8.62 35.33
N ASP C 59 -25.54 8.10 36.26
CA ASP C 59 -25.64 8.67 37.60
C ASP C 59 -26.14 7.60 38.58
N THR C 60 -25.52 7.54 39.75
CA THR C 60 -25.83 6.50 40.73
C THR C 60 -27.28 6.52 41.20
N SER C 61 -27.96 7.64 40.98
CA SER C 61 -29.36 7.77 41.38
C SER C 61 -30.30 7.50 40.22
N LEU C 62 -29.74 7.28 39.03
CA LEU C 62 -30.55 7.10 37.84
C LEU C 62 -30.06 5.96 36.93
N ALA C 63 -28.87 5.43 37.20
CA ALA C 63 -28.29 4.38 36.38
C ALA C 63 -29.18 3.14 36.28
N PHE C 64 -29.42 2.52 37.43
CA PHE C 64 -30.26 1.33 37.51
C PHE C 64 -31.64 1.58 36.90
N SER C 65 -32.21 2.74 37.23
CA SER C 65 -33.55 3.09 36.78
C SER C 65 -33.62 3.32 35.27
N SER C 66 -32.58 3.94 34.72
CA SER C 66 -32.53 4.23 33.28
C SER C 66 -32.45 2.94 32.46
N VAL C 67 -31.67 1.98 32.96
CA VAL C 67 -31.55 0.69 32.29
C VAL C 67 -32.87 -0.06 32.36
N ALA C 68 -33.51 0.00 33.52
CA ALA C 68 -34.82 -0.63 33.71
C ALA C 68 -35.86 0.04 32.82
N HIS C 69 -35.78 1.36 32.71
CA HIS C 69 -36.70 2.11 31.86
C HIS C 69 -36.51 1.74 30.39
N THR C 70 -35.27 1.46 30.03
CA THR C 70 -34.95 1.05 28.66
C THR C 70 -35.63 -0.27 28.32
N CYS C 71 -35.57 -1.21 29.26
CA CYS C 71 -36.17 -2.53 29.04
C CYS C 71 -37.69 -2.49 29.06
N ARG C 72 -38.25 -1.54 29.82
CA ARG C 72 -39.69 -1.50 30.04
C ARG C 72 -40.43 -0.53 29.13
N ASN C 73 -39.77 0.54 28.70
CA ASN C 73 -40.46 1.59 27.96
C ASN C 73 -39.99 1.77 26.52
N VAL C 74 -38.69 1.61 26.28
CA VAL C 74 -38.14 1.76 24.95
C VAL C 74 -38.57 0.61 24.04
N GLN C 75 -39.03 0.95 22.83
CA GLN C 75 -39.48 -0.06 21.87
C GLN C 75 -38.35 -1.03 21.54
N TYR C 76 -38.57 -2.30 21.88
CA TYR C 76 -37.57 -3.35 21.71
C TYR C 76 -36.28 -3.04 22.49
N GLY C 77 -36.40 -2.19 23.51
CA GLY C 77 -35.28 -1.87 24.37
C GLY C 77 -34.89 -3.07 25.20
N TRP C 78 -35.88 -3.90 25.52
CA TRP C 78 -35.64 -5.14 26.25
C TRP C 78 -34.77 -6.07 25.42
N LEU C 79 -34.91 -5.98 24.10
CA LEU C 79 -34.17 -6.85 23.20
C LEU C 79 -32.75 -6.33 22.97
N ILE C 80 -32.62 -5.02 22.82
CA ILE C 80 -31.31 -4.42 22.57
C ILE C 80 -30.40 -4.59 23.78
N ARG C 81 -30.98 -4.48 24.96
CA ARG C 81 -30.26 -4.77 26.19
C ARG C 81 -29.93 -6.26 26.24
N ASN C 82 -30.86 -7.08 25.78
CA ASN C 82 -30.68 -8.53 25.74
C ASN C 82 -29.55 -8.93 24.81
N LEU C 83 -29.54 -8.35 23.61
CA LEU C 83 -28.53 -8.67 22.60
C LEU C 83 -27.15 -8.17 23.00
N HIS C 84 -27.09 -6.97 23.57
CA HIS C 84 -25.82 -6.36 23.94
C HIS C 84 -25.17 -7.11 25.10
N ALA C 85 -25.98 -7.54 26.06
CA ALA C 85 -25.48 -8.25 27.23
C ALA C 85 -24.97 -9.64 26.86
N ASN C 86 -25.77 -10.38 26.11
CA ASN C 86 -25.39 -11.72 25.67
C ASN C 86 -24.38 -11.70 24.54
N GLY C 87 -24.38 -10.60 23.78
CA GLY C 87 -23.43 -10.43 22.71
C GLY C 87 -22.01 -10.27 23.23
N ALA C 88 -21.90 -9.74 24.44
CA ALA C 88 -20.61 -9.61 25.11
C ALA C 88 -20.04 -10.98 25.42
N SER C 89 -20.93 -11.95 25.61
CA SER C 89 -20.54 -13.32 25.90
C SER C 89 -20.16 -14.04 24.61
N PHE C 90 -20.85 -13.70 23.53
CA PHE C 90 -20.55 -14.25 22.21
C PHE C 90 -19.17 -13.79 21.77
N PHE C 91 -18.81 -12.58 22.21
CA PHE C 91 -17.50 -12.01 21.92
C PHE C 91 -16.39 -12.84 22.57
N PHE C 92 -16.58 -13.18 23.84
CA PHE C 92 -15.57 -13.92 24.57
C PHE C 92 -15.50 -15.39 24.15
N ILE C 93 -16.64 -15.96 23.77
CA ILE C 93 -16.66 -17.33 23.28
C ILE C 93 -15.84 -17.43 22.01
N CYS C 94 -16.10 -16.51 21.09
CA CYS C 94 -15.38 -16.46 19.82
C CYS C 94 -13.90 -16.13 20.01
N ILE C 95 -13.59 -15.29 21.00
CA ILE C 95 -12.20 -14.87 21.20
C ILE C 95 -11.38 -15.95 21.91
N PHE C 96 -12.05 -16.82 22.65
CA PHE C 96 -11.35 -17.91 23.34
C PHE C 96 -11.04 -19.03 22.35
N LEU C 97 -11.92 -19.21 21.38
CA LEU C 97 -11.71 -20.19 20.32
C LEU C 97 -10.71 -19.64 19.30
N HIS C 98 -10.75 -18.34 19.10
CA HIS C 98 -9.82 -17.65 18.21
C HIS C 98 -8.39 -17.80 18.72
N ILE C 99 -8.24 -17.63 20.04
CA ILE C 99 -6.95 -17.77 20.69
C ILE C 99 -6.51 -19.23 20.69
N GLY C 100 -7.42 -20.11 21.09
CA GLY C 100 -7.13 -21.53 21.17
C GLY C 100 -6.70 -22.12 19.83
N ARG C 101 -7.25 -21.58 18.76
CA ARG C 101 -6.88 -21.97 17.40
C ARG C 101 -5.40 -21.68 17.17
N GLY C 102 -5.02 -20.43 17.43
CA GLY C 102 -3.65 -19.98 17.19
C GLY C 102 -2.63 -20.74 18.00
N LEU C 103 -2.98 -21.07 19.24
CA LEU C 103 -2.10 -21.81 20.11
C LEU C 103 -1.90 -23.25 19.61
N TYR C 104 -2.94 -23.78 18.98
CA TYR C 104 -2.90 -25.16 18.49
C TYR C 104 -2.22 -25.24 17.13
N TYR C 105 -2.46 -24.26 16.27
CA TYR C 105 -1.93 -24.28 14.91
C TYR C 105 -0.73 -23.37 14.73
N GLY C 106 -0.08 -23.02 15.82
CA GLY C 106 1.15 -22.25 15.79
C GLY C 106 1.05 -20.91 15.07
N SER C 107 -0.12 -20.28 15.15
CA SER C 107 -0.35 -19.00 14.48
C SER C 107 0.36 -17.86 15.19
N TYR C 108 0.83 -18.12 16.41
CA TYR C 108 1.51 -17.11 17.21
C TYR C 108 2.87 -16.73 16.63
N LEU C 109 3.35 -17.50 15.66
CA LEU C 109 4.62 -17.20 15.01
C LEU C 109 4.50 -15.97 14.13
N TYR C 110 3.27 -15.56 13.83
CA TYR C 110 3.00 -14.24 13.29
C TYR C 110 3.01 -13.25 14.47
N LYS C 111 4.21 -12.99 15.00
CA LYS C 111 4.36 -12.28 16.26
C LYS C 111 3.68 -10.92 16.32
N GLU C 112 3.79 -10.14 15.26
CA GLU C 112 3.14 -8.83 15.22
C GLU C 112 1.62 -8.99 15.23
N THR C 113 1.13 -9.95 14.46
CA THR C 113 -0.29 -10.28 14.44
C THR C 113 -0.74 -10.79 15.80
N TRP C 114 0.07 -11.67 16.40
CA TRP C 114 -0.25 -12.27 17.69
C TRP C 114 -0.26 -11.26 18.82
N ASN C 115 0.75 -10.38 18.84
CA ASN C 115 0.88 -9.39 19.90
C ASN C 115 -0.25 -8.36 19.88
N THR C 116 -0.64 -7.93 18.68
CA THR C 116 -1.79 -7.03 18.53
C THR C 116 -3.06 -7.75 18.95
N GLY C 117 -3.04 -9.08 18.84
CA GLY C 117 -4.15 -9.89 19.28
C GLY C 117 -4.33 -9.84 20.78
N VAL C 118 -3.24 -10.07 21.51
CA VAL C 118 -3.27 -10.02 22.98
C VAL C 118 -3.78 -8.67 23.47
N ILE C 119 -3.29 -7.60 22.85
CA ILE C 119 -3.73 -6.26 23.18
C ILE C 119 -5.23 -6.09 22.94
N LEU C 120 -5.72 -6.67 21.85
CA LEU C 120 -7.14 -6.67 21.55
C LEU C 120 -7.94 -7.38 22.63
N LEU C 121 -7.39 -8.48 23.14
CA LEU C 121 -8.01 -9.22 24.23
C LEU C 121 -8.06 -8.40 25.50
N LEU C 122 -6.93 -7.77 25.83
CA LEU C 122 -6.83 -6.96 27.04
C LEU C 122 -7.78 -5.77 27.02
N THR C 123 -7.96 -5.17 25.85
CA THR C 123 -8.88 -4.05 25.70
C THR C 123 -10.32 -4.52 25.82
N LEU C 124 -10.58 -5.72 25.31
CA LEU C 124 -11.91 -6.33 25.39
C LEU C 124 -12.29 -6.62 26.84
N MET C 125 -11.34 -7.14 27.60
CA MET C 125 -11.59 -7.45 29.01
C MET C 125 -11.89 -6.18 29.79
N ALA C 126 -11.13 -5.12 29.49
CA ALA C 126 -11.33 -3.83 30.13
C ALA C 126 -12.67 -3.22 29.72
N THR C 127 -13.05 -3.45 28.47
CA THR C 127 -14.30 -2.93 27.93
C THR C 127 -15.50 -3.58 28.61
N ALA C 128 -15.47 -4.90 28.74
CA ALA C 128 -16.56 -5.64 29.38
C ALA C 128 -16.58 -5.40 30.89
N PHE C 129 -15.43 -5.06 31.45
CA PHE C 129 -15.31 -4.80 32.88
C PHE C 129 -16.04 -3.53 33.28
N VAL C 130 -15.84 -2.47 32.50
CA VAL C 130 -16.41 -1.16 32.81
C VAL C 130 -17.88 -1.10 32.39
N GLY C 131 -18.26 -1.93 31.42
CA GLY C 131 -19.63 -1.97 30.97
C GLY C 131 -20.53 -2.65 31.99
N TYR C 132 -19.95 -3.55 32.78
CA TYR C 132 -20.68 -4.31 33.78
C TYR C 132 -21.13 -3.42 34.93
N VAL C 133 -20.41 -2.31 35.13
CA VAL C 133 -20.68 -1.39 36.21
C VAL C 133 -21.86 -0.47 35.88
N LEU C 134 -22.10 -0.29 34.58
CA LEU C 134 -23.10 0.66 34.09
C LEU C 134 -24.53 0.47 34.63
N PRO C 135 -25.03 -0.78 34.66
CA PRO C 135 -26.38 -0.90 35.22
C PRO C 135 -26.43 -0.61 36.73
N TRP C 136 -25.26 -0.61 37.36
CA TRP C 136 -25.12 -0.24 38.77
C TRP C 136 -25.98 -1.10 39.69
N GLY C 137 -25.90 -2.41 39.49
CA GLY C 137 -26.55 -3.35 40.38
C GLY C 137 -25.60 -3.71 41.51
N GLN C 138 -25.98 -4.68 42.33
CA GLN C 138 -25.12 -5.11 43.44
C GLN C 138 -23.81 -5.71 42.94
N MET C 139 -23.91 -6.64 41.99
CA MET C 139 -22.71 -7.31 41.49
C MET C 139 -21.86 -6.33 40.66
N SER C 140 -22.50 -5.29 40.14
CA SER C 140 -21.79 -4.25 39.40
C SER C 140 -20.87 -3.47 40.33
N PHE C 141 -21.43 -2.97 41.42
CA PHE C 141 -20.69 -2.17 42.38
C PHE C 141 -19.59 -2.97 43.09
N TRP C 142 -19.95 -4.14 43.60
CA TRP C 142 -19.04 -4.93 44.41
C TRP C 142 -18.00 -5.65 43.55
N GLY C 143 -18.34 -5.89 42.29
CA GLY C 143 -17.36 -6.40 41.35
C GLY C 143 -16.32 -5.33 41.09
N ALA C 144 -16.79 -4.10 40.92
CA ALA C 144 -15.90 -2.97 40.70
C ALA C 144 -15.10 -2.66 41.95
N THR C 145 -15.72 -2.85 43.11
CA THR C 145 -15.06 -2.59 44.38
C THR C 145 -13.92 -3.57 44.63
N VAL C 146 -14.22 -4.86 44.60
CA VAL C 146 -13.24 -5.90 44.87
C VAL C 146 -12.02 -5.84 43.94
N ILE C 147 -12.28 -5.64 42.65
CA ILE C 147 -11.20 -5.66 41.66
C ILE C 147 -10.28 -4.43 41.74
N THR C 148 -10.88 -3.23 41.77
CA THR C 148 -10.11 -2.00 41.81
C THR C 148 -9.38 -1.81 43.14
N ASN C 149 -9.93 -2.36 44.21
CA ASN C 149 -9.33 -2.25 45.54
C ASN C 149 -8.04 -3.07 45.63
N LEU C 150 -7.77 -3.87 44.61
CA LEU C 150 -6.55 -4.67 44.55
C LEU C 150 -5.32 -3.80 44.30
N PHE C 151 -5.50 -2.70 43.57
CA PHE C 151 -4.40 -1.85 43.17
C PHE C 151 -3.71 -1.20 44.38
N SER C 152 -4.40 -1.21 45.51
CA SER C 152 -3.88 -0.63 46.74
C SER C 152 -2.81 -1.53 47.38
N ALA C 153 -2.66 -2.72 46.83
CA ALA C 153 -1.64 -3.65 47.31
C ALA C 153 -0.26 -3.24 46.81
N ILE C 154 -0.23 -2.43 45.74
CA ILE C 154 1.02 -1.87 45.25
C ILE C 154 1.64 -0.96 46.31
N PRO C 155 2.92 -1.17 46.64
CA PRO C 155 3.60 -0.38 47.67
C PRO C 155 3.73 1.11 47.30
N TYR C 156 3.64 1.98 48.29
CA TYR C 156 3.82 3.42 48.13
C TYR C 156 2.80 4.04 47.18
N ILE C 157 3.02 3.86 45.89
CA ILE C 157 2.20 4.47 44.85
C ILE C 157 0.76 3.93 44.86
N GLY C 158 0.59 2.70 45.32
CA GLY C 158 -0.68 2.01 45.28
C GLY C 158 -1.95 2.69 45.78
N HIS C 159 -1.96 3.09 47.05
CA HIS C 159 -3.18 3.62 47.67
C HIS C 159 -3.62 4.95 47.05
N THR C 160 -2.68 5.65 46.42
CA THR C 160 -3.00 6.86 45.69
C THR C 160 -3.54 6.50 44.31
N LEU C 161 -2.96 5.45 43.71
CA LEU C 161 -3.35 4.96 42.40
C LEU C 161 -4.83 4.59 42.35
N VAL C 162 -5.33 4.06 43.47
CA VAL C 162 -6.73 3.65 43.56
C VAL C 162 -7.69 4.84 43.66
N GLU C 163 -7.44 5.70 44.64
CA GLU C 163 -8.31 6.84 44.90
C GLU C 163 -8.36 7.81 43.73
N TRP C 164 -7.35 7.76 42.87
CA TRP C 164 -7.35 8.55 41.65
C TRP C 164 -8.31 7.96 40.63
N ALA C 165 -8.21 6.64 40.45
CA ALA C 165 -9.08 5.94 39.51
C ALA C 165 -10.54 6.02 39.94
N TRP C 166 -10.76 6.02 41.24
CA TRP C 166 -12.10 6.13 41.81
C TRP C 166 -12.65 7.54 41.64
N GLY C 167 -11.77 8.53 41.78
CA GLY C 167 -12.20 9.92 41.79
C GLY C 167 -12.79 10.27 43.13
N GLY C 168 -12.45 9.44 44.12
CA GLY C 168 -12.94 9.64 45.48
C GLY C 168 -12.31 8.65 46.45
N PHE C 169 -13.11 8.19 47.41
CA PHE C 169 -12.63 7.30 48.46
C PHE C 169 -13.29 5.93 48.34
N SER C 170 -14.28 5.84 47.46
CA SER C 170 -14.93 4.58 47.16
C SER C 170 -15.55 4.66 45.77
N VAL C 171 -16.04 3.54 45.27
CA VAL C 171 -16.74 3.53 44.00
C VAL C 171 -18.03 4.31 44.16
N ASP C 172 -18.20 5.37 43.37
CA ASP C 172 -19.38 6.21 43.47
C ASP C 172 -19.67 6.87 42.12
N ASN C 173 -20.45 7.94 42.14
CA ASN C 173 -20.80 8.68 40.93
C ASN C 173 -19.60 9.21 40.11
N PRO C 174 -18.53 9.69 40.79
CA PRO C 174 -17.37 10.06 39.97
C PRO C 174 -16.74 8.89 39.25
N THR C 175 -17.01 7.66 39.72
CA THR C 175 -16.46 6.47 39.10
C THR C 175 -17.36 5.97 37.96
N LEU C 176 -18.67 6.08 38.16
CA LEU C 176 -19.63 5.62 37.17
C LEU C 176 -19.57 6.42 35.87
N THR C 177 -19.47 7.74 36.02
CA THR C 177 -19.44 8.64 34.87
C THR C 177 -18.20 8.43 34.01
N ARG C 178 -17.08 8.12 34.65
CA ARG C 178 -15.83 7.93 33.93
C ARG C 178 -15.75 6.52 33.35
N PHE C 179 -16.45 5.57 33.97
CA PHE C 179 -16.51 4.21 33.44
C PHE C 179 -17.39 4.15 32.21
N PHE C 180 -18.46 4.96 32.20
CA PHE C 180 -19.33 5.04 31.04
C PHE C 180 -18.60 5.68 29.87
N ALA C 181 -17.83 6.72 30.16
CA ALA C 181 -17.02 7.37 29.14
C ALA C 181 -15.97 6.41 28.62
N LEU C 182 -15.41 5.60 29.51
CA LEU C 182 -14.40 4.61 29.15
C LEU C 182 -15.03 3.48 28.34
N HIS C 183 -16.24 3.06 28.72
CA HIS C 183 -16.94 1.99 28.03
C HIS C 183 -17.40 2.42 26.65
N PHE C 184 -17.64 3.71 26.49
CA PHE C 184 -18.06 4.26 25.21
C PHE C 184 -16.85 4.33 24.28
N LEU C 185 -15.70 4.69 24.86
CA LEU C 185 -14.48 4.94 24.09
C LEU C 185 -13.79 3.66 23.60
N LEU C 186 -13.51 2.74 24.51
CA LEU C 186 -12.68 1.57 24.23
C LEU C 186 -13.04 0.73 23.00
N PRO C 187 -14.33 0.47 22.73
CA PRO C 187 -14.64 -0.34 21.54
C PRO C 187 -14.12 0.24 20.23
N PHE C 188 -13.97 1.56 20.17
CA PHE C 188 -13.45 2.21 18.97
C PHE C 188 -11.93 1.99 18.86
N ALA C 189 -11.29 1.80 20.00
CA ALA C 189 -9.88 1.42 20.03
C ALA C 189 -9.73 -0.02 19.54
N ILE C 190 -10.66 -0.87 19.96
CA ILE C 190 -10.71 -2.26 19.51
C ILE C 190 -10.89 -2.32 18.01
N ALA C 191 -11.71 -1.42 17.48
CA ALA C 191 -11.94 -1.33 16.05
C ALA C 191 -10.67 -0.94 15.32
N GLY C 192 -9.96 0.04 15.87
CA GLY C 192 -8.73 0.54 15.27
C GLY C 192 -7.61 -0.48 15.28
N ILE C 193 -7.36 -1.08 16.44
CA ILE C 193 -6.30 -2.08 16.59
C ILE C 193 -6.60 -3.31 15.73
N THR C 194 -7.88 -3.61 15.53
CA THR C 194 -8.30 -4.68 14.63
C THR C 194 -7.75 -4.46 13.22
N ILE C 195 -7.82 -3.21 12.76
CA ILE C 195 -7.32 -2.87 11.44
C ILE C 195 -5.81 -3.06 11.37
N ILE C 196 -5.14 -2.78 12.48
CA ILE C 196 -3.71 -3.05 12.59
C ILE C 196 -3.46 -4.55 12.70
N HIS C 197 -4.32 -5.23 13.46
CA HIS C 197 -4.27 -6.67 13.62
C HIS C 197 -4.34 -7.38 12.27
N LEU C 198 -5.25 -6.91 11.41
CA LEU C 198 -5.42 -7.49 10.09
C LEU C 198 -4.31 -7.09 9.12
N THR C 199 -3.77 -5.89 9.32
CA THR C 199 -2.68 -5.39 8.48
C THR C 199 -1.44 -6.25 8.63
N PHE C 200 -1.07 -6.57 9.86
CA PHE C 200 0.09 -7.43 10.12
C PHE C 200 -0.14 -8.84 9.58
N LEU C 201 -1.40 -9.26 9.57
CA LEU C 201 -1.77 -10.57 9.07
C LEU C 201 -1.58 -10.68 7.56
N HIS C 202 -2.01 -9.65 6.85
CA HIS C 202 -1.96 -9.64 5.39
C HIS C 202 -0.53 -9.58 4.87
N GLU C 203 0.42 -9.38 5.77
CA GLU C 203 1.84 -9.44 5.43
C GLU C 203 2.23 -10.84 5.00
N SER C 204 1.80 -11.83 5.78
CA SER C 204 2.17 -13.22 5.52
C SER C 204 0.98 -14.04 5.03
N GLY C 205 -0.22 -13.49 5.16
CA GLY C 205 -1.42 -14.22 4.82
C GLY C 205 -1.78 -15.19 5.91
N SER C 206 -2.81 -15.99 5.70
CA SER C 206 -3.27 -16.92 6.73
C SER C 206 -2.43 -18.19 6.80
N ASN C 207 -2.34 -18.75 7.99
CA ASN C 207 -1.73 -20.06 8.21
C ASN C 207 -2.76 -21.14 7.88
N ASN C 208 -2.34 -22.40 7.87
CA ASN C 208 -3.25 -23.50 7.59
C ASN C 208 -3.01 -24.66 8.56
N PRO C 209 -4.03 -25.51 8.76
CA PRO C 209 -3.97 -26.65 9.69
C PRO C 209 -2.72 -27.52 9.56
N LEU C 210 -2.19 -27.68 8.36
CA LEU C 210 -1.01 -28.53 8.16
C LEU C 210 0.28 -27.82 8.57
N GLY C 211 0.28 -26.49 8.50
CA GLY C 211 1.41 -25.70 8.94
C GLY C 211 2.52 -25.64 7.92
N ILE C 212 2.21 -26.01 6.68
CA ILE C 212 3.19 -25.97 5.61
C ILE C 212 2.82 -24.89 4.59
N SER C 213 3.79 -24.54 3.74
CA SER C 213 3.60 -23.49 2.74
C SER C 213 2.39 -23.75 1.85
N SER C 214 1.41 -22.85 1.91
CA SER C 214 0.17 -23.01 1.15
C SER C 214 0.17 -22.20 -0.14
N ASP C 215 1.35 -21.75 -0.55
CA ASP C 215 1.49 -21.00 -1.80
C ASP C 215 1.18 -21.88 -3.00
N SER C 216 1.30 -23.19 -2.82
CA SER C 216 1.04 -24.15 -3.89
C SER C 216 -0.45 -24.29 -4.18
N ASP C 217 -1.28 -23.78 -3.28
CA ASP C 217 -2.73 -23.91 -3.43
C ASP C 217 -3.47 -22.80 -2.70
N LYS C 218 -3.52 -21.62 -3.31
CA LYS C 218 -4.24 -20.49 -2.76
C LYS C 218 -5.54 -20.25 -3.52
N ILE C 219 -6.58 -19.86 -2.81
CA ILE C 219 -7.86 -19.55 -3.43
C ILE C 219 -8.30 -18.13 -3.03
N PRO C 220 -9.05 -17.47 -3.92
CA PRO C 220 -9.56 -16.13 -3.58
C PRO C 220 -10.50 -16.17 -2.39
N PHE C 221 -10.43 -15.16 -1.53
CA PHE C 221 -11.29 -15.08 -0.35
C PHE C 221 -12.76 -15.20 -0.74
N HIS C 222 -13.16 -14.39 -1.72
CA HIS C 222 -14.47 -14.50 -2.31
C HIS C 222 -14.39 -15.43 -3.53
N PRO C 223 -15.32 -16.37 -3.65
CA PRO C 223 -16.47 -16.59 -2.77
C PRO C 223 -16.26 -17.66 -1.70
N TYR C 224 -15.10 -18.31 -1.69
CA TYR C 224 -14.90 -19.49 -0.85
C TYR C 224 -15.03 -19.22 0.64
N TYR C 225 -14.37 -18.17 1.13
CA TYR C 225 -14.41 -17.88 2.55
C TYR C 225 -15.38 -16.75 2.88
N SER C 226 -15.84 -16.05 1.85
CA SER C 226 -16.92 -15.09 2.05
C SER C 226 -18.20 -15.87 2.37
N PHE C 227 -18.37 -16.99 1.69
CA PHE C 227 -19.53 -17.86 1.94
C PHE C 227 -19.34 -18.70 3.19
N LYS C 228 -18.12 -19.19 3.41
CA LYS C 228 -17.82 -20.05 4.55
C LYS C 228 -18.02 -19.31 5.87
N ASP C 229 -17.61 -18.04 5.91
CA ASP C 229 -17.75 -17.22 7.11
C ASP C 229 -19.22 -16.96 7.45
N ILE C 230 -20.01 -16.61 6.44
CA ILE C 230 -21.43 -16.33 6.63
C ILE C 230 -22.15 -17.57 7.16
N LEU C 231 -21.76 -18.74 6.65
CA LEU C 231 -22.29 -20.00 7.15
C LEU C 231 -21.92 -20.16 8.61
N GLY C 232 -20.64 -19.96 8.92
CA GLY C 232 -20.16 -20.04 10.30
C GLY C 232 -20.80 -18.99 11.20
N LEU C 233 -21.26 -17.90 10.60
CA LEU C 233 -21.95 -16.86 11.35
C LEU C 233 -23.31 -17.36 11.83
N THR C 234 -24.17 -17.75 10.88
CA THR C 234 -25.52 -18.20 11.18
C THR C 234 -25.51 -19.49 11.99
N LEU C 235 -24.44 -20.27 11.85
CA LEU C 235 -24.28 -21.48 12.64
C LEU C 235 -24.04 -21.16 14.11
N MET C 236 -23.24 -20.13 14.36
CA MET C 236 -22.92 -19.70 15.71
C MET C 236 -23.97 -18.76 16.28
N LEU C 237 -24.70 -18.07 15.40
CA LEU C 237 -25.63 -17.05 15.85
C LEU C 237 -26.95 -17.65 16.31
N THR C 238 -27.22 -18.89 15.89
CA THR C 238 -28.45 -19.57 16.29
C THR C 238 -28.46 -19.97 17.78
N PRO C 239 -27.37 -20.58 18.30
CA PRO C 239 -27.42 -20.93 19.73
C PRO C 239 -27.55 -19.72 20.66
N PHE C 240 -26.98 -18.58 20.26
CA PHE C 240 -26.98 -17.41 21.14
C PHE C 240 -28.29 -16.63 21.06
N LEU C 241 -28.91 -16.61 19.88
CA LEU C 241 -30.24 -16.04 19.76
C LEU C 241 -31.21 -16.93 20.52
N THR C 242 -30.96 -18.24 20.50
CA THR C 242 -31.71 -19.19 21.30
C THR C 242 -31.44 -18.91 22.79
N LEU C 243 -30.19 -18.64 23.11
CA LEU C 243 -29.82 -18.28 24.49
C LEU C 243 -30.49 -16.98 24.91
N ALA C 244 -30.50 -15.99 24.03
CA ALA C 244 -30.97 -14.65 24.38
C ALA C 244 -32.49 -14.53 24.33
N LEU C 245 -33.16 -15.40 23.59
CA LEU C 245 -34.61 -15.28 23.44
C LEU C 245 -35.38 -16.40 24.12
N PHE C 246 -34.70 -17.24 24.88
CA PHE C 246 -35.37 -18.29 25.63
C PHE C 246 -34.90 -18.34 27.08
N SER C 247 -33.59 -18.20 27.29
CA SER C 247 -33.05 -18.11 28.64
C SER C 247 -32.12 -16.91 28.78
N PRO C 248 -32.68 -15.69 28.72
CA PRO C 248 -31.90 -14.46 28.72
C PRO C 248 -31.11 -14.25 30.00
N ASN C 249 -31.69 -14.67 31.13
CA ASN C 249 -31.07 -14.45 32.44
C ASN C 249 -30.32 -15.68 32.94
N LEU C 250 -29.88 -16.53 32.00
CA LEU C 250 -29.20 -17.77 32.36
C LEU C 250 -27.76 -17.54 32.82
N LEU C 251 -27.06 -16.64 32.16
CA LEU C 251 -25.63 -16.45 32.39
C LEU C 251 -25.31 -15.55 33.58
N GLY C 252 -26.16 -14.56 33.83
CA GLY C 252 -25.86 -13.52 34.80
C GLY C 252 -26.33 -13.76 36.22
N ASP C 253 -25.63 -13.10 37.16
CA ASP C 253 -25.98 -13.13 38.57
C ASP C 253 -27.31 -12.42 38.79
N PRO C 254 -28.24 -13.05 39.53
CA PRO C 254 -29.50 -12.38 39.88
C PRO C 254 -29.29 -11.23 40.85
N GLU C 255 -28.09 -11.18 41.44
CA GLU C 255 -27.74 -10.15 42.39
C GLU C 255 -27.73 -8.77 41.73
N ASN C 256 -27.58 -8.77 40.41
CA ASN C 256 -27.55 -7.53 39.64
C ASN C 256 -28.94 -6.97 39.37
N PHE C 257 -29.96 -7.60 39.96
CA PHE C 257 -31.31 -7.06 39.92
C PHE C 257 -31.60 -6.29 41.19
N THR C 258 -30.73 -6.45 42.18
CA THR C 258 -30.78 -5.65 43.39
C THR C 258 -29.89 -4.43 43.23
N PRO C 259 -30.49 -3.23 43.25
CA PRO C 259 -29.74 -1.97 43.09
C PRO C 259 -28.55 -1.88 44.04
N ALA C 260 -27.47 -1.27 43.57
CA ALA C 260 -26.22 -1.19 44.32
C ALA C 260 -26.41 -0.59 45.70
N ASN C 261 -25.94 -1.34 46.70
CA ASN C 261 -26.03 -0.91 48.09
C ASN C 261 -24.70 -1.13 48.82
N PRO C 262 -23.93 -0.05 49.01
CA PRO C 262 -22.59 -0.09 49.61
C PRO C 262 -22.58 -0.58 51.06
N LEU C 263 -23.75 -0.84 51.63
CA LEU C 263 -23.83 -1.31 53.02
C LEU C 263 -24.29 -2.75 53.13
N VAL C 264 -24.31 -3.47 52.01
CA VAL C 264 -24.61 -4.89 52.00
C VAL C 264 -23.71 -5.61 51.01
N THR C 265 -22.82 -6.45 51.53
CA THR C 265 -21.94 -7.25 50.67
C THR C 265 -22.65 -8.53 50.25
N PRO C 266 -22.75 -8.77 48.93
CA PRO C 266 -23.28 -10.03 48.42
C PRO C 266 -22.49 -11.22 48.97
N PRO C 267 -23.18 -12.34 49.27
CA PRO C 267 -22.53 -13.51 49.89
C PRO C 267 -21.40 -14.08 49.05
N HIS C 268 -21.60 -14.14 47.73
CA HIS C 268 -20.60 -14.72 46.84
C HIS C 268 -20.38 -13.80 45.64
N ILE C 269 -19.32 -13.00 45.71
CA ILE C 269 -19.01 -12.05 44.66
C ILE C 269 -18.19 -12.71 43.54
N LYS C 270 -18.89 -13.27 42.56
CA LYS C 270 -18.23 -13.90 41.43
C LYS C 270 -18.44 -13.08 40.18
N PRO C 271 -17.49 -13.15 39.23
CA PRO C 271 -17.61 -12.44 37.96
C PRO C 271 -18.47 -13.19 36.95
N GLU C 272 -18.63 -12.64 35.75
CA GLU C 272 -19.24 -13.37 34.65
C GLU C 272 -18.33 -14.52 34.27
N TRP C 273 -18.86 -15.46 33.49
CA TRP C 273 -18.15 -16.73 33.23
C TRP C 273 -16.78 -16.55 32.57
N TYR C 274 -16.63 -15.53 31.73
CA TYR C 274 -15.40 -15.36 30.96
C TYR C 274 -14.26 -14.75 31.78
N PHE C 275 -14.57 -14.36 33.02
CA PHE C 275 -13.54 -13.86 33.94
C PHE C 275 -13.25 -14.87 35.04
N LEU C 276 -14.08 -15.92 35.10
CA LEU C 276 -14.01 -16.91 36.18
C LEU C 276 -12.65 -17.59 36.29
N PHE C 277 -12.05 -17.94 35.17
CA PHE C 277 -10.74 -18.60 35.18
C PHE C 277 -9.68 -17.67 35.77
N ALA C 278 -9.78 -16.39 35.45
CA ALA C 278 -8.82 -15.40 35.93
C ALA C 278 -9.09 -15.07 37.39
N TYR C 279 -10.35 -15.11 37.77
CA TYR C 279 -10.76 -14.87 39.15
C TYR C 279 -10.23 -15.96 40.06
N ALA C 280 -10.24 -17.19 39.56
CA ALA C 280 -9.76 -18.34 40.32
C ALA C 280 -8.25 -18.25 40.55
N ILE C 281 -7.54 -17.82 39.53
CA ILE C 281 -6.09 -17.65 39.63
C ILE C 281 -5.75 -16.51 40.58
N LEU C 282 -6.59 -15.48 40.57
CA LEU C 282 -6.43 -14.34 41.49
C LEU C 282 -6.50 -14.77 42.94
N ARG C 283 -7.41 -15.71 43.23
CA ARG C 283 -7.66 -16.12 44.61
C ARG C 283 -6.80 -17.31 45.02
N SER C 284 -5.98 -17.81 44.10
CA SER C 284 -5.05 -18.88 44.40
C SER C 284 -3.98 -18.38 45.39
N ILE C 285 -3.42 -17.22 45.10
CA ILE C 285 -2.47 -16.59 46.01
C ILE C 285 -3.21 -15.79 47.08
N PRO C 286 -3.06 -16.20 48.34
CA PRO C 286 -3.73 -15.53 49.47
C PRO C 286 -3.22 -14.11 49.67
N ASN C 287 -1.95 -13.89 49.35
CA ASN C 287 -1.37 -12.56 49.39
C ASN C 287 -2.02 -11.66 48.36
N LYS C 288 -2.38 -10.44 48.78
CA LYS C 288 -3.13 -9.54 47.94
C LYS C 288 -2.31 -9.05 46.73
N LEU C 289 -1.03 -8.77 46.96
CA LEU C 289 -0.17 -8.28 45.89
C LEU C 289 0.20 -9.41 44.93
N GLY C 290 0.49 -10.58 45.47
CA GLY C 290 0.81 -11.74 44.66
C GLY C 290 -0.36 -12.16 43.80
N GLY C 291 -1.57 -12.02 44.36
CA GLY C 291 -2.78 -12.34 43.65
C GLY C 291 -2.99 -11.46 42.42
N VAL C 292 -2.66 -10.19 42.57
CA VAL C 292 -2.77 -9.23 41.47
C VAL C 292 -1.82 -9.60 40.35
N LEU C 293 -0.58 -9.90 40.71
CA LEU C 293 0.44 -10.30 39.76
C LEU C 293 0.05 -11.59 39.05
N ALA C 294 -0.40 -12.58 39.82
CA ALA C 294 -0.85 -13.86 39.28
C ALA C 294 -2.02 -13.67 38.32
N LEU C 295 -2.88 -12.69 38.63
CA LEU C 295 -3.99 -12.35 37.77
C LEU C 295 -3.49 -11.75 36.46
N ALA C 296 -2.59 -10.78 36.57
CA ALA C 296 -2.02 -10.12 35.40
C ALA C 296 -1.22 -11.11 34.57
N ALA C 297 -0.49 -11.99 35.23
CA ALA C 297 0.35 -12.97 34.56
C ALA C 297 -0.47 -13.98 33.77
N SER C 298 -1.68 -14.26 34.25
CA SER C 298 -2.54 -15.27 33.63
C SER C 298 -2.92 -14.91 32.20
N VAL C 299 -2.96 -13.61 31.90
CA VAL C 299 -3.32 -13.15 30.57
C VAL C 299 -2.09 -12.64 29.81
N LEU C 300 -1.17 -11.99 30.53
CA LEU C 300 0.04 -11.45 29.93
C LEU C 300 1.00 -12.56 29.49
N ILE C 301 0.72 -13.78 29.91
CA ILE C 301 1.57 -14.93 29.58
C ILE C 301 1.48 -15.25 28.09
N LEU C 302 0.46 -14.73 27.43
CA LEU C 302 0.28 -14.96 25.99
C LEU C 302 1.38 -14.30 25.18
N PHE C 303 1.99 -13.26 25.76
CA PHE C 303 3.11 -12.60 25.11
C PHE C 303 4.34 -13.49 25.04
N LEU C 304 4.40 -14.50 25.92
CA LEU C 304 5.55 -15.38 26.00
C LEU C 304 5.40 -16.65 25.16
N ILE C 305 4.22 -16.84 24.57
CA ILE C 305 3.96 -18.01 23.74
C ILE C 305 4.91 -18.14 22.52
N PRO C 306 5.12 -17.05 21.75
CA PRO C 306 6.00 -17.22 20.58
C PRO C 306 7.45 -17.56 20.91
N PHE C 307 7.91 -17.15 22.10
CA PHE C 307 9.29 -17.40 22.49
C PHE C 307 9.44 -18.77 23.17
N LEU C 308 8.33 -19.47 23.33
CA LEU C 308 8.35 -20.79 23.94
C LEU C 308 8.01 -21.88 22.92
N HIS C 309 8.23 -21.57 21.64
CA HIS C 309 8.05 -22.56 20.57
C HIS C 309 9.37 -23.22 20.27
N LYS C 310 9.45 -24.53 20.47
CA LYS C 310 10.70 -25.27 20.28
C LYS C 310 10.57 -26.38 19.25
N SER C 311 9.36 -26.59 18.75
CA SER C 311 9.11 -27.67 17.80
C SER C 311 9.53 -27.31 16.38
N LYS C 312 10.06 -28.29 15.66
CA LYS C 312 10.52 -28.09 14.29
C LYS C 312 9.36 -27.94 13.31
N GLN C 313 8.18 -28.35 13.74
CA GLN C 313 6.98 -28.18 12.92
C GLN C 313 6.08 -27.13 13.54
N ARG C 314 5.35 -26.41 12.69
CA ARG C 314 4.58 -25.25 13.16
C ARG C 314 3.36 -25.61 14.00
N THR C 315 2.51 -26.51 13.50
CA THR C 315 1.25 -26.83 14.17
C THR C 315 1.39 -27.99 15.15
N MET C 316 0.25 -28.50 15.62
CA MET C 316 0.22 -29.65 16.52
C MET C 316 -0.45 -30.84 15.84
N THR C 317 -0.76 -30.68 14.56
CA THR C 317 -1.47 -31.71 13.80
C THR C 317 -0.70 -33.02 13.76
N PHE C 318 0.61 -32.93 13.58
CA PHE C 318 1.45 -34.11 13.52
C PHE C 318 2.23 -34.28 14.82
N ARG C 319 1.71 -33.69 15.90
CA ARG C 319 2.35 -33.76 17.20
C ARG C 319 1.37 -34.27 18.26
N PRO C 320 1.28 -35.61 18.41
CA PRO C 320 0.32 -36.25 19.31
C PRO C 320 0.58 -35.94 20.79
N LEU C 321 1.84 -35.78 21.16
CA LEU C 321 2.19 -35.46 22.53
C LEU C 321 1.75 -34.05 22.92
N SER C 322 2.01 -33.10 22.03
CA SER C 322 1.60 -31.72 22.25
C SER C 322 0.08 -31.57 22.17
N GLN C 323 -0.56 -32.50 21.47
CA GLN C 323 -2.01 -32.49 21.31
C GLN C 323 -2.73 -32.73 22.64
N THR C 324 -2.41 -33.83 23.30
CA THR C 324 -3.03 -34.17 24.58
C THR C 324 -2.64 -33.16 25.65
N LEU C 325 -1.43 -32.63 25.56
CA LEU C 325 -0.97 -31.62 26.49
C LEU C 325 -1.76 -30.33 26.28
N PHE C 326 -2.15 -30.09 25.04
CA PHE C 326 -2.99 -28.93 24.71
C PHE C 326 -4.36 -29.09 25.34
N TRP C 327 -4.95 -30.27 25.19
CA TRP C 327 -6.29 -30.54 25.72
C TRP C 327 -6.29 -30.61 27.24
N LEU C 328 -5.13 -30.92 27.82
CA LEU C 328 -4.98 -30.85 29.26
C LEU C 328 -5.17 -29.40 29.71
N LEU C 329 -4.55 -28.49 28.98
CA LEU C 329 -4.62 -27.07 29.26
C LEU C 329 -6.04 -26.52 29.09
N VAL C 330 -6.74 -27.03 28.07
CA VAL C 330 -8.11 -26.62 27.83
C VAL C 330 -9.01 -27.10 28.96
N ALA C 331 -8.80 -28.34 29.37
CA ALA C 331 -9.53 -28.89 30.51
C ALA C 331 -9.12 -28.18 31.80
N ASN C 332 -7.85 -27.79 31.86
CA ASN C 332 -7.32 -27.04 32.99
C ASN C 332 -8.08 -25.72 33.17
N LEU C 333 -8.36 -25.06 32.05
CA LEU C 333 -9.07 -23.79 32.06
C LEU C 333 -10.52 -23.96 32.48
N LEU C 334 -11.10 -25.12 32.16
CA LEU C 334 -12.46 -25.42 32.60
C LEU C 334 -12.52 -25.56 34.11
N ILE C 335 -11.57 -26.32 34.66
CA ILE C 335 -11.48 -26.54 36.09
C ILE C 335 -11.27 -25.21 36.82
N LEU C 336 -10.53 -24.30 36.19
CA LEU C 336 -10.33 -22.97 36.74
C LEU C 336 -11.63 -22.16 36.72
N THR C 337 -12.36 -22.27 35.61
CA THR C 337 -13.64 -21.59 35.47
C THR C 337 -14.61 -22.08 36.54
N TRP C 338 -14.56 -23.37 36.83
CA TRP C 338 -15.40 -23.98 37.85
C TRP C 338 -15.03 -23.51 39.25
N ILE C 339 -13.73 -23.52 39.55
CA ILE C 339 -13.23 -23.12 40.86
C ILE C 339 -13.59 -21.66 41.17
N GLY C 340 -13.51 -20.81 40.16
CA GLY C 340 -13.80 -19.39 40.33
C GLY C 340 -15.24 -19.10 40.70
N SER C 341 -16.15 -20.00 40.35
CA SER C 341 -17.56 -19.82 40.63
C SER C 341 -17.94 -20.34 42.02
N GLN C 342 -16.97 -20.90 42.72
CA GLN C 342 -17.23 -21.55 44.01
C GLN C 342 -16.58 -20.78 45.16
N PRO C 343 -17.15 -20.89 46.37
CA PRO C 343 -16.63 -20.19 47.55
C PRO C 343 -15.20 -20.61 47.90
N VAL C 344 -14.51 -19.75 48.65
CA VAL C 344 -13.12 -20.03 49.02
C VAL C 344 -13.05 -20.94 50.24
N GLU C 345 -13.39 -22.22 50.02
CA GLU C 345 -13.35 -23.23 51.08
C GLU C 345 -12.78 -24.54 50.57
N HIS C 346 -12.45 -25.44 51.48
CA HIS C 346 -12.00 -26.78 51.11
C HIS C 346 -13.17 -27.53 50.48
N PRO C 347 -12.92 -28.31 49.42
CA PRO C 347 -11.62 -28.55 48.78
C PRO C 347 -11.30 -27.60 47.64
N PHE C 348 -12.20 -26.64 47.37
CA PHE C 348 -12.05 -25.74 46.24
C PHE C 348 -10.76 -24.94 46.27
N ILE C 349 -10.27 -24.65 47.47
CA ILE C 349 -9.05 -23.86 47.65
C ILE C 349 -7.81 -24.57 47.09
N ILE C 350 -7.59 -25.81 47.51
CA ILE C 350 -6.40 -26.55 47.08
C ILE C 350 -6.50 -26.96 45.61
N ILE C 351 -7.73 -27.26 45.15
CA ILE C 351 -7.96 -27.59 43.75
C ILE C 351 -7.61 -26.40 42.87
N GLY C 352 -7.99 -25.21 43.31
CA GLY C 352 -7.72 -24.00 42.57
C GLY C 352 -6.24 -23.68 42.50
N GLN C 353 -5.54 -23.91 43.61
CA GLN C 353 -4.11 -23.66 43.70
C GLN C 353 -3.31 -24.58 42.77
N MET C 354 -3.80 -25.80 42.61
CA MET C 354 -3.14 -26.79 41.76
C MET C 354 -3.45 -26.55 40.29
N ALA C 355 -4.70 -26.21 40.00
CA ALA C 355 -5.12 -25.98 38.63
C ALA C 355 -4.43 -24.75 38.07
N SER C 356 -4.32 -23.72 38.89
CA SER C 356 -3.65 -22.49 38.49
C SER C 356 -2.13 -22.69 38.42
N LEU C 357 -1.61 -23.61 39.22
CA LEU C 357 -0.19 -23.93 39.18
C LEU C 357 0.17 -24.67 37.90
N SER C 358 -0.68 -25.62 37.52
CA SER C 358 -0.46 -26.41 36.32
C SER C 358 -0.63 -25.55 35.07
N TYR C 359 -1.50 -24.55 35.17
CA TYR C 359 -1.77 -23.65 34.05
C TYR C 359 -0.50 -22.98 33.53
N PHE C 360 0.29 -22.44 34.46
CA PHE C 360 1.55 -21.80 34.10
C PHE C 360 2.62 -22.84 33.79
N THR C 361 2.54 -24.00 34.45
CA THR C 361 3.52 -25.06 34.26
C THR C 361 3.46 -25.63 32.86
N ILE C 362 2.25 -25.85 32.36
CA ILE C 362 2.05 -26.38 31.02
C ILE C 362 2.58 -25.40 29.97
N LEU C 363 2.26 -24.13 30.14
CA LEU C 363 2.63 -23.10 29.17
C LEU C 363 4.12 -22.76 29.20
N LEU C 364 4.69 -22.67 30.41
CA LEU C 364 6.08 -22.24 30.58
C LEU C 364 7.09 -23.38 30.48
N ILE C 365 6.72 -24.56 30.95
CA ILE C 365 7.68 -25.64 31.08
C ILE C 365 7.41 -26.83 30.17
N LEU C 366 6.22 -27.41 30.27
CA LEU C 366 5.93 -28.67 29.57
C LEU C 366 5.80 -28.51 28.06
N PHE C 367 5.16 -27.42 27.62
CA PHE C 367 4.98 -27.18 26.19
C PHE C 367 6.31 -27.01 25.43
N PRO C 368 7.26 -26.22 25.96
CA PRO C 368 8.53 -26.19 25.23
C PRO C 368 9.36 -27.46 25.42
N THR C 369 9.14 -28.17 26.53
CA THR C 369 9.87 -29.41 26.79
C THR C 369 9.38 -30.56 25.91
N ILE C 370 8.07 -30.80 25.94
CA ILE C 370 7.46 -31.86 25.14
C ILE C 370 7.74 -31.63 23.67
N GLY C 371 7.68 -30.37 23.25
CA GLY C 371 8.01 -30.00 21.88
C GLY C 371 9.42 -30.42 21.50
N THR C 372 10.37 -30.19 22.40
CA THR C 372 11.74 -30.63 22.20
C THR C 372 11.83 -32.16 22.15
N LEU C 373 11.17 -32.80 23.10
CA LEU C 373 11.16 -34.26 23.21
C LEU C 373 10.58 -34.89 21.95
N GLU C 374 9.64 -34.20 21.32
CA GLU C 374 9.05 -34.65 20.06
C GLU C 374 10.05 -34.59 18.90
N ASN C 375 10.84 -33.52 18.87
CA ASN C 375 11.82 -33.31 17.80
C ASN C 375 12.87 -34.42 17.74
N LYS C 376 13.24 -34.94 18.90
CA LYS C 376 14.25 -36.00 18.96
C LYS C 376 13.64 -37.36 18.63
N MET C 377 12.32 -37.45 18.72
CA MET C 377 11.60 -38.65 18.31
C MET C 377 11.36 -38.60 16.81
N LEU C 378 11.49 -37.41 16.23
CA LEU C 378 11.44 -37.23 14.78
C LEU C 378 12.83 -37.39 14.19
N ASN C 379 13.80 -37.73 15.04
CA ASN C 379 15.20 -37.83 14.67
C ASN C 379 15.74 -36.50 14.15
N TYR C 380 15.74 -35.49 15.01
CA TYR C 380 16.32 -34.19 14.70
C TYR C 380 17.31 -33.77 15.78
N GLY D 1 -25.37 -22.67 60.76
CA GLY D 1 -25.70 -23.58 59.68
C GLY D 1 -25.22 -23.06 58.33
N GLU D 2 -24.57 -23.93 57.56
CA GLU D 2 -24.10 -23.57 56.23
C GLU D 2 -24.85 -24.40 55.18
N LEU D 3 -25.98 -24.93 55.60
CA LEU D 3 -26.81 -25.80 54.76
C LEU D 3 -27.92 -24.98 54.13
N GLU D 4 -28.49 -25.46 53.03
CA GLU D 4 -29.53 -24.73 52.35
C GLU D 4 -30.53 -25.65 51.64
N LEU D 5 -31.81 -25.34 51.79
CA LEU D 5 -32.87 -26.11 51.15
C LEU D 5 -33.31 -25.44 49.85
N HIS D 6 -33.06 -26.12 48.74
CA HIS D 6 -33.40 -25.60 47.43
C HIS D 6 -34.81 -26.04 47.02
N PRO D 7 -35.60 -25.12 46.45
CA PRO D 7 -36.98 -25.40 46.05
C PRO D 7 -37.06 -26.36 44.88
N PRO D 8 -38.14 -27.17 44.83
CA PRO D 8 -38.37 -28.05 43.68
C PRO D 8 -38.79 -27.27 42.45
N ALA D 9 -38.84 -27.93 41.29
CA ALA D 9 -39.21 -27.25 40.06
C ALA D 9 -40.67 -27.49 39.70
N PHE D 10 -41.53 -26.56 40.10
CA PHE D 10 -42.96 -26.65 39.81
C PHE D 10 -43.20 -26.46 38.32
N PRO D 11 -44.11 -27.26 37.74
CA PRO D 11 -44.44 -27.18 36.31
C PRO D 11 -45.31 -25.97 35.99
N TRP D 12 -44.69 -24.81 35.90
CA TRP D 12 -45.42 -23.57 35.63
C TRP D 12 -46.05 -23.59 34.24
N SER D 13 -47.14 -22.84 34.10
CA SER D 13 -47.86 -22.77 32.83
C SER D 13 -47.11 -21.96 31.78
N HIS D 14 -45.99 -21.35 32.19
CA HIS D 14 -45.19 -20.51 31.30
C HIS D 14 -43.74 -20.97 31.25
N GLY D 15 -43.51 -22.23 31.61
CA GLY D 15 -42.16 -22.77 31.65
C GLY D 15 -41.57 -23.09 30.29
N GLY D 16 -42.39 -23.62 29.39
CA GLY D 16 -41.94 -24.00 28.07
C GLY D 16 -41.43 -22.82 27.26
N PRO D 17 -40.47 -23.08 26.36
CA PRO D 17 -39.86 -22.05 25.52
C PRO D 17 -40.87 -21.37 24.60
N LEU D 18 -41.98 -22.06 24.31
CA LEU D 18 -43.04 -21.50 23.50
C LEU D 18 -44.28 -21.26 24.34
N SER D 19 -44.18 -21.52 25.64
CA SER D 19 -45.28 -21.33 26.56
C SER D 19 -45.40 -19.89 27.00
N ALA D 20 -46.57 -19.29 26.78
CA ALA D 20 -46.82 -17.93 27.21
C ALA D 20 -47.31 -17.90 28.65
N LEU D 21 -47.67 -16.71 29.12
CA LEU D 21 -48.20 -16.55 30.48
C LEU D 21 -49.70 -16.79 30.51
N ASP D 22 -50.17 -17.39 31.60
CA ASP D 22 -51.59 -17.53 31.83
C ASP D 22 -52.14 -16.20 32.34
N HIS D 23 -52.56 -15.35 31.41
CA HIS D 23 -53.01 -13.99 31.74
C HIS D 23 -54.19 -13.97 32.72
N SER D 24 -54.94 -15.07 32.75
CA SER D 24 -55.98 -15.23 33.77
C SER D 24 -55.35 -15.36 35.15
N SER D 25 -54.31 -16.17 35.24
CA SER D 25 -53.61 -16.40 36.50
C SER D 25 -52.83 -15.15 36.92
N VAL D 26 -52.41 -14.35 35.94
CA VAL D 26 -51.71 -13.11 36.21
C VAL D 26 -52.68 -12.06 36.77
N ARG D 27 -53.90 -12.06 36.26
CA ARG D 27 -54.92 -11.12 36.71
C ARG D 27 -55.26 -11.37 38.17
N ARG D 28 -55.40 -12.64 38.54
CA ARG D 28 -55.66 -13.01 39.93
C ARG D 28 -54.46 -12.69 40.81
N GLY D 29 -53.26 -12.90 40.27
CA GLY D 29 -52.05 -12.61 40.98
C GLY D 29 -51.90 -11.15 41.32
N PHE D 30 -52.37 -10.29 40.43
CA PHE D 30 -52.37 -8.85 40.67
C PHE D 30 -53.31 -8.51 41.81
N GLN D 31 -54.47 -9.17 41.84
CA GLN D 31 -55.43 -8.98 42.92
C GLN D 31 -54.80 -9.36 44.25
N VAL D 32 -53.96 -10.37 44.23
CA VAL D 32 -53.25 -10.78 45.44
C VAL D 32 -52.27 -9.71 45.89
N TYR D 33 -51.51 -9.15 44.95
CA TYR D 33 -50.56 -8.10 45.29
C TYR D 33 -51.25 -6.86 45.83
N LYS D 34 -52.31 -6.43 45.15
CA LYS D 34 -53.02 -5.22 45.50
C LYS D 34 -53.65 -5.31 46.89
N GLN D 35 -54.13 -6.49 47.25
CA GLN D 35 -54.91 -6.64 48.48
C GLN D 35 -54.13 -7.30 49.62
N VAL D 36 -52.94 -7.81 49.32
CA VAL D 36 -52.11 -8.42 50.36
C VAL D 36 -50.70 -7.86 50.38
N CYS D 37 -49.99 -7.98 49.26
CA CYS D 37 -48.57 -7.64 49.20
C CYS D 37 -48.32 -6.13 49.19
N SER D 38 -49.20 -5.36 48.57
CA SER D 38 -48.98 -3.93 48.43
C SER D 38 -49.08 -3.20 49.77
N ALA D 39 -49.37 -3.95 50.83
CA ALA D 39 -49.46 -3.38 52.16
C ALA D 39 -48.08 -2.95 52.68
N CYS D 40 -47.05 -3.65 52.24
CA CYS D 40 -45.68 -3.33 52.64
C CYS D 40 -44.66 -3.64 51.55
N HIS D 41 -45.13 -4.01 50.37
CA HIS D 41 -44.22 -4.25 49.24
C HIS D 41 -44.49 -3.27 48.10
N SER D 42 -43.43 -2.67 47.59
CA SER D 42 -43.55 -1.73 46.48
C SER D 42 -43.27 -2.41 45.14
N MET D 43 -43.93 -1.91 44.10
CA MET D 43 -43.65 -2.32 42.72
C MET D 43 -43.48 -1.07 41.87
N ASP D 44 -42.37 -0.38 42.07
CA ASP D 44 -42.13 0.94 41.52
C ASP D 44 -42.11 1.03 39.99
N TYR D 45 -41.76 -0.08 39.32
CA TYR D 45 -41.55 -0.03 37.89
C TYR D 45 -42.77 -0.41 37.07
N VAL D 46 -43.83 -0.87 37.74
CA VAL D 46 -45.06 -1.23 37.04
C VAL D 46 -46.12 -0.15 37.24
N ALA D 47 -46.74 0.27 36.13
CA ALA D 47 -47.77 1.30 36.17
C ALA D 47 -49.15 0.72 35.88
N PHE D 48 -50.19 1.47 36.20
CA PHE D 48 -51.57 1.01 36.01
C PHE D 48 -51.90 0.85 34.53
N ARG D 49 -51.14 1.51 33.67
CA ARG D 49 -51.32 1.41 32.23
C ARG D 49 -50.80 0.08 31.70
N ASN D 50 -49.85 -0.51 32.41
CA ASN D 50 -49.24 -1.76 32.00
C ASN D 50 -50.19 -2.94 32.12
N LEU D 51 -51.26 -2.75 32.90
CA LEU D 51 -52.25 -3.80 33.09
C LEU D 51 -53.17 -3.92 31.89
N ILE D 52 -53.30 -2.81 31.15
CA ILE D 52 -54.16 -2.77 29.97
C ILE D 52 -53.66 -3.71 28.87
N GLY D 53 -54.56 -4.47 28.28
CA GLY D 53 -54.22 -5.38 27.21
C GLY D 53 -53.45 -6.60 27.70
N VAL D 54 -53.33 -6.72 29.02
CA VAL D 54 -52.61 -7.82 29.62
C VAL D 54 -53.50 -8.61 30.58
N THR D 55 -54.08 -7.90 31.53
CA THR D 55 -54.93 -8.52 32.54
C THR D 55 -56.22 -7.74 32.78
N HIS D 56 -56.27 -6.51 32.28
CA HIS D 56 -57.44 -5.66 32.48
C HIS D 56 -57.77 -4.86 31.22
N THR D 57 -59.00 -4.37 31.15
CA THR D 57 -59.38 -3.41 30.12
C THR D 57 -58.89 -2.03 30.54
N GLU D 58 -58.98 -1.06 29.64
CA GLU D 58 -58.55 0.29 29.96
C GLU D 58 -59.49 0.91 31.00
N ALA D 59 -60.76 0.55 30.93
CA ALA D 59 -61.76 1.04 31.86
C ALA D 59 -61.48 0.53 33.27
N GLU D 60 -61.14 -0.75 33.37
CA GLU D 60 -60.78 -1.37 34.65
C GLU D 60 -59.50 -0.76 35.22
N ALA D 61 -58.54 -0.47 34.36
CA ALA D 61 -57.27 0.10 34.79
C ALA D 61 -57.43 1.53 35.26
N LYS D 62 -58.27 2.29 34.56
CA LYS D 62 -58.53 3.68 34.93
C LYS D 62 -59.19 3.75 36.29
N ALA D 63 -60.12 2.84 36.54
CA ALA D 63 -60.80 2.78 37.83
C ALA D 63 -59.83 2.32 38.92
N LEU D 64 -58.95 1.40 38.58
CA LEU D 64 -57.98 0.86 39.52
C LEU D 64 -56.99 1.92 40.00
N ALA D 65 -56.67 2.86 39.13
CA ALA D 65 -55.71 3.91 39.47
C ALA D 65 -56.35 5.03 40.28
N GLU D 66 -57.63 5.28 40.03
CA GLU D 66 -58.33 6.35 40.73
C GLU D 66 -58.63 5.99 42.18
N GLU D 67 -58.45 4.72 42.53
CA GLU D 67 -58.64 4.29 43.92
C GLU D 67 -57.62 4.93 44.83
N VAL D 68 -56.47 5.29 44.27
CA VAL D 68 -55.36 5.83 45.04
C VAL D 68 -55.21 7.34 44.86
N GLU D 69 -55.01 8.04 45.97
CA GLU D 69 -54.64 9.45 45.90
C GLU D 69 -53.13 9.57 45.75
N VAL D 70 -52.70 10.45 44.86
CA VAL D 70 -51.29 10.58 44.52
C VAL D 70 -50.76 11.98 44.84
N GLN D 71 -49.57 12.04 45.44
CA GLN D 71 -48.92 13.31 45.72
C GLN D 71 -48.52 14.00 44.42
N ASP D 72 -48.89 15.26 44.29
CA ASP D 72 -48.57 16.04 43.10
C ASP D 72 -48.31 17.50 43.48
N GLY D 73 -47.79 18.27 42.53
CA GLY D 73 -47.54 19.68 42.77
C GLY D 73 -46.16 20.13 42.33
N PRO D 74 -45.75 21.34 42.75
CA PRO D 74 -46.54 22.23 43.62
C PRO D 74 -47.60 23.01 42.87
N ASP D 75 -48.46 23.71 43.58
CA ASP D 75 -49.47 24.55 42.95
C ASP D 75 -49.01 26.00 42.85
N GLU D 76 -49.96 26.89 42.59
CA GLU D 76 -49.67 28.31 42.39
C GLU D 76 -49.14 28.98 43.66
N ASN D 77 -49.40 28.35 44.81
CA ASN D 77 -48.92 28.86 46.09
C ASN D 77 -47.65 28.18 46.53
N GLY D 78 -47.34 27.04 45.93
CA GLY D 78 -46.08 26.36 46.17
C GLY D 78 -46.15 25.11 47.02
N GLU D 79 -47.34 24.75 47.46
CA GLU D 79 -47.49 23.56 48.31
C GLU D 79 -48.01 22.35 47.52
N LEU D 80 -47.78 21.17 48.08
CA LEU D 80 -48.14 19.93 47.42
C LEU D 80 -49.54 19.47 47.81
N PHE D 81 -50.33 19.08 46.81
CA PHE D 81 -51.68 18.58 47.04
C PHE D 81 -51.80 17.10 46.71
N MET D 82 -52.95 16.52 47.02
CA MET D 82 -53.26 15.14 46.65
C MET D 82 -54.26 15.12 45.50
N ARG D 83 -54.26 14.04 44.74
CA ARG D 83 -55.15 13.93 43.59
C ARG D 83 -55.47 12.46 43.29
N PRO D 84 -56.64 12.20 42.69
CA PRO D 84 -56.94 10.82 42.26
C PRO D 84 -55.94 10.35 41.20
N GLY D 85 -55.50 9.11 41.31
CA GLY D 85 -54.48 8.59 40.42
C GLY D 85 -54.99 8.28 39.02
N LYS D 86 -54.08 8.36 38.05
CA LYS D 86 -54.39 8.00 36.67
C LYS D 86 -53.49 6.83 36.23
N ILE D 87 -53.81 6.24 35.09
CA ILE D 87 -53.10 5.05 34.63
C ILE D 87 -51.63 5.32 34.30
N SER D 88 -51.27 6.59 34.18
CA SER D 88 -49.89 6.98 33.92
C SER D 88 -49.05 6.88 35.19
N ASP D 89 -49.72 6.81 36.34
CA ASP D 89 -49.03 6.69 37.61
C ASP D 89 -48.56 5.26 37.86
N TYR D 90 -47.57 5.12 38.74
CA TYR D 90 -47.02 3.81 39.08
C TYR D 90 -47.61 3.30 40.38
N PHE D 91 -47.40 2.01 40.67
CA PHE D 91 -47.97 1.39 41.85
C PHE D 91 -47.44 2.03 43.13
N PRO D 92 -48.36 2.47 44.01
CA PRO D 92 -48.09 3.27 45.20
C PRO D 92 -47.20 2.60 46.23
N LYS D 93 -46.23 3.34 46.76
CA LYS D 93 -45.38 2.87 47.84
C LYS D 93 -46.12 2.91 49.16
N PRO D 94 -46.00 1.82 49.95
CA PRO D 94 -46.59 1.79 51.30
C PRO D 94 -45.94 2.81 52.23
N TYR D 95 -44.63 2.99 52.09
CA TYR D 95 -43.87 3.87 52.97
C TYR D 95 -43.22 5.03 52.22
N PRO D 96 -42.99 6.16 52.91
CA PRO D 96 -42.30 7.31 52.31
C PRO D 96 -40.83 7.03 51.99
N ASN D 97 -40.18 6.25 52.83
CA ASN D 97 -38.76 5.95 52.69
C ASN D 97 -38.38 4.64 53.39
N PRO D 98 -37.28 3.99 52.95
CA PRO D 98 -36.87 2.70 53.50
C PRO D 98 -36.69 2.69 55.01
N GLU D 99 -36.33 3.83 55.59
CA GLU D 99 -36.18 3.93 57.04
C GLU D 99 -37.53 3.79 57.74
N ALA D 100 -38.56 4.39 57.14
CA ALA D 100 -39.91 4.29 57.69
C ALA D 100 -40.44 2.87 57.53
N ALA D 101 -39.99 2.21 56.47
CA ALA D 101 -40.40 0.83 56.19
C ALA D 101 -39.88 -0.12 57.25
N ARG D 102 -38.62 0.05 57.63
CA ARG D 102 -38.00 -0.79 58.65
C ARG D 102 -38.68 -0.59 60.00
N ALA D 103 -39.14 0.63 60.24
CA ALA D 103 -39.82 0.96 61.50
C ALA D 103 -41.12 0.18 61.66
N ALA D 104 -41.90 0.11 60.57
CA ALA D 104 -43.20 -0.54 60.62
C ALA D 104 -43.10 -2.02 60.25
N ASN D 105 -41.89 -2.57 60.32
CA ASN D 105 -41.68 -3.99 60.03
C ASN D 105 -40.62 -4.61 60.93
N ASN D 106 -40.41 -4.02 62.10
CA ASN D 106 -39.43 -4.49 63.08
C ASN D 106 -38.01 -4.63 62.51
N GLY D 107 -37.50 -3.55 61.94
CA GLY D 107 -36.15 -3.53 61.43
C GLY D 107 -36.01 -4.05 60.00
N ALA D 108 -36.88 -4.99 59.63
CA ALA D 108 -36.79 -5.61 58.31
C ALA D 108 -37.26 -4.67 57.21
N LEU D 109 -36.59 -4.72 56.07
CA LEU D 109 -36.96 -3.92 54.91
C LEU D 109 -37.53 -4.80 53.81
N PRO D 110 -38.86 -4.83 53.68
CA PRO D 110 -39.53 -5.59 52.62
C PRO D 110 -39.17 -5.05 51.23
N PRO D 111 -38.44 -5.85 50.44
CA PRO D 111 -37.89 -5.42 49.15
C PRO D 111 -38.96 -5.10 48.11
N ASP D 112 -38.62 -4.21 47.19
CA ASP D 112 -39.47 -3.91 46.04
C ASP D 112 -39.60 -5.17 45.18
N LEU D 113 -40.81 -5.44 44.71
CA LEU D 113 -41.09 -6.72 44.04
C LEU D 113 -41.13 -6.63 42.52
N SER D 114 -40.62 -5.54 41.95
CA SER D 114 -40.66 -5.36 40.50
C SER D 114 -39.82 -6.41 39.77
N TYR D 115 -38.63 -6.69 40.30
CA TYR D 115 -37.73 -7.66 39.68
C TYR D 115 -37.38 -8.81 40.62
N ILE D 116 -38.29 -9.13 41.53
CA ILE D 116 -37.98 -10.04 42.63
C ILE D 116 -37.71 -11.49 42.17
N VAL D 117 -38.43 -11.97 41.17
CA VAL D 117 -38.26 -13.35 40.74
C VAL D 117 -36.98 -13.53 39.92
N ASN D 118 -36.45 -12.42 39.42
CA ASN D 118 -35.16 -12.45 38.73
C ASN D 118 -34.03 -12.01 39.66
N ALA D 119 -34.39 -11.68 40.90
CA ALA D 119 -33.42 -11.24 41.89
C ALA D 119 -33.15 -12.32 42.93
N ARG D 120 -33.83 -13.46 42.78
CA ARG D 120 -33.64 -14.59 43.69
C ARG D 120 -33.38 -15.89 42.94
N HIS D 121 -32.41 -16.65 43.42
CA HIS D 121 -32.12 -17.96 42.83
C HIS D 121 -33.30 -18.91 43.03
N GLY D 122 -33.88 -19.34 41.92
CA GLY D 122 -35.06 -20.19 41.97
C GLY D 122 -36.25 -19.57 41.26
N GLY D 123 -36.28 -18.24 41.24
CA GLY D 123 -37.36 -17.52 40.59
C GLY D 123 -38.70 -17.72 41.26
N GLU D 124 -39.74 -17.95 40.45
CA GLU D 124 -41.07 -18.20 40.98
C GLU D 124 -41.13 -19.51 41.75
N ASP D 125 -40.22 -20.43 41.45
CA ASP D 125 -40.12 -21.68 42.18
C ASP D 125 -39.68 -21.43 43.62
N TYR D 126 -38.81 -20.45 43.82
CA TYR D 126 -38.36 -20.08 45.15
C TYR D 126 -39.44 -19.33 45.93
N VAL D 127 -39.98 -18.28 45.31
CA VAL D 127 -40.99 -17.44 45.95
C VAL D 127 -42.21 -18.25 46.34
N PHE D 128 -42.64 -19.15 45.46
CA PHE D 128 -43.79 -20.02 45.75
C PHE D 128 -43.50 -20.92 46.93
N SER D 129 -42.32 -21.53 46.93
CA SER D 129 -41.92 -22.44 48.00
C SER D 129 -41.80 -21.71 49.33
N LEU D 130 -41.32 -20.47 49.28
CA LEU D 130 -41.16 -19.65 50.47
C LEU D 130 -42.50 -19.35 51.14
N LEU D 131 -43.48 -18.91 50.34
CA LEU D 131 -44.80 -18.55 50.85
C LEU D 131 -45.50 -19.76 51.46
N THR D 132 -45.51 -20.86 50.72
CA THR D 132 -46.13 -22.10 51.20
C THR D 132 -45.09 -23.04 51.79
N GLY D 133 -44.30 -22.53 52.74
CA GLY D 133 -43.24 -23.34 53.33
C GLY D 133 -42.92 -23.05 54.78
N TYR D 134 -43.66 -22.16 55.42
CA TYR D 134 -43.42 -21.84 56.83
C TYR D 134 -43.69 -23.06 57.72
N CYS D 135 -42.85 -23.23 58.73
CA CYS D 135 -43.02 -24.33 59.69
C CYS D 135 -42.24 -24.06 60.96
N ASP D 136 -42.47 -24.91 61.97
CA ASP D 136 -41.77 -24.78 63.24
C ASP D 136 -40.30 -25.15 63.09
N PRO D 137 -39.41 -24.47 63.85
CA PRO D 137 -37.99 -24.80 63.82
C PRO D 137 -37.72 -26.20 64.36
N PRO D 138 -36.81 -26.95 63.72
CA PRO D 138 -36.45 -28.29 64.18
C PRO D 138 -35.68 -28.24 65.50
N ALA D 139 -35.37 -29.38 66.08
CA ALA D 139 -34.73 -29.43 67.39
C ALA D 139 -33.36 -28.77 67.37
N GLY D 140 -33.12 -27.91 68.35
CA GLY D 140 -31.84 -27.24 68.48
C GLY D 140 -31.75 -25.91 67.76
N VAL D 141 -32.85 -25.51 67.11
CA VAL D 141 -32.86 -24.27 66.34
C VAL D 141 -33.70 -23.20 67.02
N VAL D 142 -33.03 -22.30 67.73
CA VAL D 142 -33.69 -21.16 68.35
C VAL D 142 -33.88 -20.04 67.34
N VAL D 143 -35.10 -19.56 67.22
CA VAL D 143 -35.42 -18.48 66.31
C VAL D 143 -35.57 -17.17 67.08
N ARG D 144 -34.81 -16.15 66.66
CA ARG D 144 -34.85 -14.84 67.32
C ARG D 144 -36.25 -14.26 67.32
N GLU D 145 -36.62 -13.62 68.44
CA GLU D 145 -37.93 -13.03 68.60
C GLU D 145 -38.24 -12.04 67.48
N GLY D 146 -39.44 -12.15 66.91
CA GLY D 146 -39.83 -11.29 65.81
C GLY D 146 -39.62 -11.95 64.46
N LEU D 147 -38.78 -12.98 64.43
CA LEU D 147 -38.50 -13.71 63.20
C LEU D 147 -39.31 -14.99 63.13
N HIS D 148 -39.62 -15.43 61.91
CA HIS D 148 -40.40 -16.64 61.69
C HIS D 148 -39.58 -17.67 60.94
N TYR D 149 -39.66 -18.92 61.36
CA TYR D 149 -38.85 -19.97 60.75
C TYR D 149 -39.37 -20.31 59.35
N ASN D 150 -38.47 -20.27 58.37
CA ASN D 150 -38.77 -20.67 57.01
C ASN D 150 -37.55 -21.34 56.39
N PRO D 151 -37.63 -22.67 56.20
CA PRO D 151 -36.51 -23.50 55.75
C PRO D 151 -35.98 -23.10 54.37
N TYR D 152 -36.83 -22.50 53.53
CA TYR D 152 -36.40 -22.09 52.21
C TYR D 152 -35.64 -20.77 52.22
N PHE D 153 -35.84 -19.99 53.28
CA PHE D 153 -35.14 -18.72 53.43
C PHE D 153 -33.78 -18.95 54.07
N PRO D 154 -32.74 -18.26 53.55
CA PRO D 154 -31.38 -18.39 54.08
C PRO D 154 -31.27 -17.97 55.54
N GLY D 155 -30.71 -18.83 56.38
CA GLY D 155 -30.64 -18.58 57.80
C GLY D 155 -31.89 -19.07 58.50
N GLN D 156 -32.91 -19.38 57.68
CA GLN D 156 -34.18 -19.95 58.12
C GLN D 156 -35.02 -19.00 58.98
N ALA D 157 -34.45 -17.87 59.37
CA ALA D 157 -35.18 -16.88 60.14
C ALA D 157 -35.49 -15.66 59.28
N ILE D 158 -36.77 -15.50 58.94
CA ILE D 158 -37.18 -14.39 58.08
C ILE D 158 -38.05 -13.39 58.84
N GLY D 159 -37.92 -12.12 58.49
CA GLY D 159 -38.65 -11.06 59.17
C GLY D 159 -40.06 -10.87 58.66
N MET D 160 -40.51 -11.75 57.79
CA MET D 160 -41.86 -11.66 57.24
C MET D 160 -42.74 -12.80 57.74
N ALA D 161 -43.78 -12.44 58.49
CA ALA D 161 -44.80 -13.39 58.90
C ALA D 161 -45.57 -13.87 57.68
N PRO D 162 -45.99 -15.15 57.66
CA PRO D 162 -46.72 -15.77 56.55
C PRO D 162 -47.80 -14.86 55.96
N PRO D 163 -47.55 -14.30 54.78
CA PRO D 163 -48.40 -13.29 54.15
C PRO D 163 -49.75 -13.81 53.65
N ILE D 164 -49.85 -15.10 53.39
CA ILE D 164 -51.10 -15.64 52.87
C ILE D 164 -51.59 -16.90 53.58
N TYR D 165 -52.91 -17.01 53.69
CA TYR D 165 -53.56 -18.21 54.16
C TYR D 165 -54.83 -18.42 53.35
N ASN D 166 -55.53 -19.51 53.60
CA ASN D 166 -56.74 -19.83 52.83
C ASN D 166 -57.83 -18.77 52.98
N GLU D 167 -58.40 -18.36 51.86
CA GLU D 167 -59.47 -17.37 51.83
C GLU D 167 -59.07 -16.05 52.52
N ILE D 168 -57.81 -15.67 52.37
CA ILE D 168 -57.36 -14.37 52.87
C ILE D 168 -57.94 -13.29 51.98
N LEU D 169 -58.29 -13.68 50.75
CA LEU D 169 -59.05 -12.83 49.86
C LEU D 169 -60.02 -13.69 49.06
N GLU D 170 -60.87 -13.04 48.27
CA GLU D 170 -61.78 -13.73 47.38
C GLU D 170 -61.58 -13.29 45.94
N TYR D 171 -61.25 -14.24 45.06
CA TYR D 171 -61.11 -13.97 43.64
C TYR D 171 -62.46 -13.60 43.02
N ASP D 172 -62.46 -12.62 42.12
CA ASP D 172 -63.68 -12.18 41.46
C ASP D 172 -63.97 -12.97 40.20
N ASP D 173 -63.32 -14.13 40.05
CA ASP D 173 -63.60 -15.02 38.93
C ASP D 173 -64.08 -16.37 39.46
N GLY D 174 -64.30 -16.45 40.77
CA GLY D 174 -64.80 -17.65 41.39
C GLY D 174 -63.80 -18.80 41.41
N THR D 175 -62.63 -18.55 42.00
CA THR D 175 -61.60 -19.57 42.12
C THR D 175 -61.32 -19.89 43.58
N PRO D 176 -61.34 -21.18 43.94
CA PRO D 176 -61.04 -21.66 45.29
C PRO D 176 -59.76 -21.04 45.85
N ALA D 177 -59.91 -19.91 46.53
CA ALA D 177 -58.76 -19.13 47.01
C ALA D 177 -58.04 -19.81 48.17
N THR D 178 -57.50 -20.99 47.91
CA THR D 178 -56.67 -21.69 48.89
C THR D 178 -55.30 -21.02 48.90
N MET D 179 -54.51 -21.30 49.93
CA MET D 179 -53.20 -20.66 50.06
C MET D 179 -52.30 -20.96 48.86
N SER D 180 -52.26 -22.23 48.47
CA SER D 180 -51.40 -22.65 47.36
C SER D 180 -51.87 -22.04 46.04
N GLN D 181 -53.18 -21.93 45.87
CA GLN D 181 -53.75 -21.30 44.69
C GLN D 181 -53.37 -19.82 44.62
N ILE D 182 -53.40 -19.17 45.77
CA ILE D 182 -53.03 -17.76 45.87
C ILE D 182 -51.56 -17.56 45.55
N ALA D 183 -50.71 -18.44 46.08
CA ALA D 183 -49.28 -18.36 45.87
C ALA D 183 -48.91 -18.60 44.41
N LYS D 184 -49.63 -19.51 43.76
CA LYS D 184 -49.40 -19.81 42.35
C LYS D 184 -49.72 -18.60 41.48
N ASP D 185 -50.82 -17.94 41.81
CA ASP D 185 -51.28 -16.78 41.04
C ASP D 185 -50.35 -15.59 41.23
N VAL D 186 -50.01 -15.29 42.48
CA VAL D 186 -49.20 -14.11 42.79
C VAL D 186 -47.79 -14.26 42.23
N CYS D 187 -47.31 -15.50 42.12
CA CYS D 187 -45.98 -15.74 41.56
C CYS D 187 -46.00 -15.56 40.04
N THR D 188 -47.08 -15.98 39.41
CA THR D 188 -47.25 -15.80 37.97
C THR D 188 -47.33 -14.32 37.65
N PHE D 189 -47.86 -13.55 38.59
CA PHE D 189 -47.93 -12.10 38.45
C PHE D 189 -46.55 -11.48 38.61
N LEU D 190 -45.80 -11.95 39.60
CA LEU D 190 -44.46 -11.47 39.85
C LEU D 190 -43.54 -11.75 38.66
N ARG D 191 -43.84 -12.81 37.91
CA ARG D 191 -43.11 -13.13 36.69
C ARG D 191 -43.35 -12.08 35.62
N TRP D 192 -44.61 -11.81 35.34
CA TRP D 192 -44.97 -10.79 34.37
C TRP D 192 -44.47 -9.41 34.78
N ALA D 193 -44.53 -9.15 36.08
CA ALA D 193 -44.07 -7.87 36.63
C ALA D 193 -42.58 -7.69 36.41
N ALA D 194 -41.84 -8.80 36.41
CA ALA D 194 -40.39 -8.77 36.25
C ALA D 194 -40.00 -8.59 34.78
N GLU D 195 -40.72 -9.25 33.89
CA GLU D 195 -40.46 -9.14 32.46
C GLU D 195 -41.73 -9.22 31.63
N PRO D 196 -42.41 -8.07 31.44
CA PRO D 196 -43.65 -8.02 30.65
C PRO D 196 -43.46 -8.46 29.20
N GLU D 197 -42.21 -8.46 28.73
CA GLU D 197 -41.91 -8.86 27.36
C GLU D 197 -41.88 -10.38 27.22
N HIS D 198 -42.23 -11.08 28.30
CA HIS D 198 -42.19 -12.54 28.36
C HIS D 198 -42.86 -13.22 27.17
N ASP D 199 -44.08 -12.80 26.87
CA ASP D 199 -44.86 -13.40 25.78
C ASP D 199 -44.27 -13.11 24.40
N GLN D 200 -43.93 -11.84 24.15
CA GLN D 200 -43.40 -11.45 22.86
C GLN D 200 -42.01 -12.02 22.62
N ARG D 201 -41.25 -12.19 23.71
CA ARG D 201 -39.88 -12.70 23.63
C ARG D 201 -39.86 -14.12 23.08
N LYS D 202 -40.78 -14.94 23.57
CA LYS D 202 -40.86 -16.33 23.14
C LYS D 202 -41.52 -16.43 21.77
N ARG D 203 -42.41 -15.49 21.47
CA ARG D 203 -43.04 -15.41 20.16
C ARG D 203 -41.97 -15.09 19.11
N MET D 204 -41.02 -14.25 19.48
CA MET D 204 -39.88 -13.94 18.63
C MET D 204 -38.96 -15.15 18.51
N GLY D 205 -38.79 -15.85 19.62
CA GLY D 205 -37.93 -17.03 19.65
C GLY D 205 -38.40 -18.10 18.69
N LEU D 206 -39.72 -18.16 18.49
CA LEU D 206 -40.29 -19.07 17.52
C LEU D 206 -39.95 -18.64 16.10
N LYS D 207 -40.23 -17.38 15.79
CA LYS D 207 -39.92 -16.80 14.48
C LYS D 207 -38.44 -16.90 14.16
N MET D 208 -37.62 -16.65 15.16
CA MET D 208 -36.17 -16.75 15.01
C MET D 208 -35.75 -18.16 14.62
N LEU D 209 -36.18 -19.14 15.40
CA LEU D 209 -35.77 -20.52 15.20
C LEU D 209 -36.20 -21.06 13.84
N LEU D 210 -37.39 -20.67 13.39
CA LEU D 210 -37.86 -21.09 12.07
C LEU D 210 -37.03 -20.46 10.96
N ILE D 211 -36.85 -19.15 11.03
CA ILE D 211 -36.03 -18.42 10.06
C ILE D 211 -34.59 -18.92 10.05
N SER D 212 -33.99 -19.01 11.24
CA SER D 212 -32.62 -19.47 11.40
C SER D 212 -32.41 -20.87 10.83
N ALA D 213 -33.38 -21.74 11.07
CA ALA D 213 -33.30 -23.11 10.55
C ALA D 213 -33.34 -23.10 9.03
N LEU D 214 -34.21 -22.26 8.47
CA LEU D 214 -34.34 -22.14 7.02
C LEU D 214 -33.06 -21.58 6.39
N LEU D 215 -32.53 -20.51 7.00
CA LEU D 215 -31.42 -19.78 6.40
C LEU D 215 -30.10 -20.54 6.53
N THR D 216 -29.90 -21.22 7.65
CA THR D 216 -28.71 -22.03 7.86
C THR D 216 -28.60 -23.14 6.83
N SER D 217 -29.74 -23.78 6.54
CA SER D 217 -29.78 -24.85 5.55
C SER D 217 -29.44 -24.33 4.15
N LEU D 218 -30.10 -23.24 3.76
CA LEU D 218 -29.90 -22.64 2.45
C LEU D 218 -28.45 -22.21 2.23
N LEU D 219 -27.88 -21.58 3.24
CA LEU D 219 -26.50 -21.09 3.16
C LEU D 219 -25.52 -22.25 3.14
N TYR D 220 -25.89 -23.38 3.74
CA TYR D 220 -25.02 -24.55 3.73
C TYR D 220 -24.91 -25.11 2.32
N TYR D 221 -26.04 -25.14 1.60
CA TYR D 221 -26.05 -25.61 0.22
C TYR D 221 -25.19 -24.71 -0.65
N MET D 222 -25.39 -23.40 -0.52
CA MET D 222 -24.67 -22.42 -1.32
C MET D 222 -23.17 -22.47 -1.07
N LYS D 223 -22.79 -22.80 0.16
CA LYS D 223 -21.38 -22.98 0.51
C LYS D 223 -20.85 -24.23 -0.16
N ARG D 224 -21.56 -25.35 0.04
CA ARG D 224 -21.18 -26.62 -0.55
C ARG D 224 -21.18 -26.57 -2.07
N HIS D 225 -22.13 -25.81 -2.63
CA HIS D 225 -22.24 -25.64 -4.07
C HIS D 225 -21.00 -24.98 -4.65
N LYS D 226 -20.58 -23.88 -4.02
CA LYS D 226 -19.39 -23.15 -4.46
C LYS D 226 -18.11 -23.96 -4.21
N TRP D 227 -18.05 -24.63 -3.08
CA TRP D 227 -16.87 -25.39 -2.70
C TRP D 227 -16.81 -26.74 -3.40
N SER D 228 -17.83 -27.06 -4.19
CA SER D 228 -17.88 -28.32 -4.92
C SER D 228 -16.75 -28.41 -5.95
N VAL D 229 -16.36 -27.24 -6.47
CA VAL D 229 -15.27 -27.16 -7.43
C VAL D 229 -13.97 -27.70 -6.83
N LEU D 230 -13.71 -27.35 -5.57
CA LEU D 230 -12.48 -27.77 -4.91
C LEU D 230 -12.61 -29.15 -4.27
N LYS D 231 -13.79 -29.46 -3.75
CA LYS D 231 -14.03 -30.71 -3.06
C LYS D 231 -13.94 -31.93 -3.98
N SER D 232 -14.26 -31.75 -5.26
CA SER D 232 -14.24 -32.86 -6.21
C SER D 232 -12.96 -32.86 -7.04
N ARG D 233 -12.24 -31.73 -7.03
CA ARG D 233 -11.05 -31.53 -7.85
C ARG D 233 -10.01 -32.64 -7.69
N LYS D 234 -9.51 -33.13 -8.82
CA LYS D 234 -8.42 -34.10 -8.83
C LYS D 234 -7.20 -33.51 -9.51
N MET D 235 -6.03 -33.96 -9.10
CA MET D 235 -4.78 -33.45 -9.65
C MET D 235 -3.74 -34.54 -9.89
N ALA D 236 -2.90 -34.34 -10.89
CA ALA D 236 -1.89 -35.32 -11.24
C ALA D 236 -0.50 -34.67 -11.37
N TYR D 237 0.52 -35.47 -11.14
CA TYR D 237 1.90 -35.02 -11.31
C TYR D 237 2.51 -35.69 -12.54
N ARG D 238 2.55 -34.96 -13.65
CA ARG D 238 3.04 -35.53 -14.91
C ARG D 238 4.20 -34.72 -15.49
N PRO D 239 5.42 -35.01 -15.05
CA PRO D 239 6.65 -34.41 -15.56
C PRO D 239 6.98 -34.95 -16.96
N PRO D 240 8.00 -34.37 -17.62
CA PRO D 240 8.54 -34.99 -18.84
C PRO D 240 9.49 -36.13 -18.50
N LYS D 241 9.35 -36.64 -17.27
CA LYS D 241 10.20 -37.66 -16.66
C LYS D 241 10.89 -38.61 -17.65
N VAL E 1 4.14 -37.07 -23.37
CA VAL E 1 3.52 -35.98 -24.11
C VAL E 1 2.20 -35.54 -23.45
N HIS E 2 1.40 -34.80 -24.19
CA HIS E 2 0.12 -34.30 -23.68
C HIS E 2 -1.03 -35.13 -24.21
N ASN E 3 -0.79 -35.85 -25.30
CA ASN E 3 -1.80 -36.75 -25.85
C ASN E 3 -2.07 -37.90 -24.89
N ASP E 4 -1.10 -38.17 -24.01
CA ASP E 4 -1.24 -39.23 -23.01
C ASP E 4 -1.99 -38.75 -21.78
N VAL E 5 -2.64 -37.59 -21.89
CA VAL E 5 -3.37 -37.01 -20.78
C VAL E 5 -4.87 -36.93 -21.04
N THR E 6 -5.65 -37.47 -20.11
CA THR E 6 -7.11 -37.41 -20.20
C THR E 6 -7.72 -36.98 -18.88
N VAL E 7 -8.98 -36.57 -18.92
CA VAL E 7 -9.70 -36.16 -17.72
C VAL E 7 -10.27 -37.36 -16.99
N PRO E 8 -10.01 -37.46 -15.68
CA PRO E 8 -10.53 -38.53 -14.83
C PRO E 8 -12.05 -38.62 -14.84
N ASP E 9 -12.60 -39.74 -14.39
CA ASP E 9 -14.04 -39.95 -14.40
C ASP E 9 -14.69 -39.29 -13.19
N PHE E 10 -15.63 -38.38 -13.46
CA PHE E 10 -16.29 -37.63 -12.40
C PHE E 10 -17.72 -38.10 -12.13
N SER E 11 -18.04 -39.31 -12.56
CA SER E 11 -19.39 -39.85 -12.40
C SER E 11 -19.75 -40.02 -10.92
N ALA E 12 -18.72 -40.06 -10.07
CA ALA E 12 -18.91 -40.19 -8.64
C ALA E 12 -19.45 -38.88 -8.04
N TYR E 13 -19.30 -37.79 -8.77
CA TYR E 13 -19.69 -36.48 -8.26
C TYR E 13 -20.72 -35.79 -9.15
N ARG E 14 -20.89 -36.28 -10.37
CA ARG E 14 -21.80 -35.66 -11.34
C ARG E 14 -23.25 -35.71 -10.87
N ARG E 15 -24.06 -34.77 -11.34
CA ARG E 15 -25.49 -34.78 -11.07
C ARG E 15 -26.16 -35.87 -11.89
N GLU E 16 -27.45 -36.06 -11.66
CA GLU E 16 -28.19 -37.14 -12.29
C GLU E 16 -28.28 -37.00 -13.81
N ASP E 17 -28.54 -35.79 -14.28
CA ASP E 17 -28.86 -35.56 -15.68
C ASP E 17 -27.64 -35.40 -16.57
N VAL E 18 -26.46 -35.27 -15.97
CA VAL E 18 -25.23 -35.16 -16.74
C VAL E 18 -24.36 -36.40 -16.56
N MET E 19 -24.95 -37.44 -15.98
CA MET E 19 -24.27 -38.69 -15.71
C MET E 19 -23.92 -39.44 -16.99
N ASP E 20 -24.85 -39.46 -17.94
CA ASP E 20 -24.65 -40.16 -19.20
C ASP E 20 -23.83 -39.32 -20.16
N ALA E 21 -22.80 -39.93 -20.75
CA ALA E 21 -21.84 -39.21 -21.59
C ALA E 21 -22.32 -39.08 -23.03
N THR E 22 -23.36 -39.81 -23.39
CA THR E 22 -23.91 -39.74 -24.75
C THR E 22 -25.19 -38.92 -24.77
N THR E 23 -25.47 -38.26 -23.65
CA THR E 23 -26.66 -37.44 -23.51
C THR E 23 -26.28 -35.95 -23.49
N SER E 24 -27.10 -35.13 -24.13
CA SER E 24 -26.89 -33.69 -24.15
C SER E 24 -26.94 -33.11 -22.74
N SER E 25 -25.92 -32.32 -22.39
CA SER E 25 -25.83 -31.71 -21.07
C SER E 25 -26.66 -30.43 -20.98
N GLN E 26 -27.06 -29.91 -22.13
CA GLN E 26 -27.71 -28.60 -22.20
C GLN E 26 -29.21 -28.63 -21.96
N THR E 27 -29.86 -29.74 -22.29
CA THR E 27 -31.30 -29.87 -22.12
C THR E 27 -31.69 -29.79 -20.64
N SER E 28 -30.76 -30.14 -19.77
CA SER E 28 -31.01 -30.13 -18.34
C SER E 28 -30.24 -29.01 -17.64
N SER E 29 -29.77 -28.04 -18.41
CA SER E 29 -28.98 -26.94 -17.85
C SER E 29 -29.81 -25.99 -17.01
N GLU E 30 -30.91 -25.49 -17.60
CA GLU E 30 -31.82 -24.59 -16.90
C GLU E 30 -32.42 -25.26 -15.67
N ASP E 31 -32.53 -26.59 -15.73
CA ASP E 31 -33.07 -27.36 -14.62
C ASP E 31 -32.09 -27.39 -13.45
N ARG E 32 -30.81 -27.58 -13.76
CA ARG E 32 -29.76 -27.65 -12.75
C ARG E 32 -29.45 -26.28 -12.15
N LYS E 33 -29.35 -25.26 -13.00
CA LYS E 33 -29.07 -23.91 -12.54
C LYS E 33 -30.28 -23.30 -11.83
N GLY E 34 -31.47 -23.68 -12.27
CA GLY E 34 -32.69 -23.15 -11.70
C GLY E 34 -32.89 -23.57 -10.26
N PHE E 35 -32.38 -24.74 -9.91
CA PHE E 35 -32.49 -25.24 -8.54
C PHE E 35 -31.55 -24.51 -7.59
N SER E 36 -30.28 -24.44 -7.95
CA SER E 36 -29.27 -23.79 -7.12
C SER E 36 -29.56 -22.31 -6.95
N TYR E 37 -30.07 -21.67 -8.00
CA TYR E 37 -30.42 -20.26 -7.94
C TYR E 37 -31.69 -20.05 -7.12
N LEU E 38 -32.54 -21.07 -7.08
CA LEU E 38 -33.74 -21.03 -6.24
C LEU E 38 -33.36 -21.03 -4.77
N VAL E 39 -32.38 -21.86 -4.43
CA VAL E 39 -31.85 -21.92 -3.08
C VAL E 39 -31.27 -20.57 -2.67
N THR E 40 -30.53 -19.96 -3.59
CA THR E 40 -29.95 -18.64 -3.35
C THR E 40 -31.03 -17.58 -3.20
N ALA E 41 -31.98 -17.58 -4.13
CA ALA E 41 -33.06 -16.59 -4.13
C ALA E 41 -33.91 -16.67 -2.86
N THR E 42 -34.07 -17.89 -2.35
CA THR E 42 -34.82 -18.10 -1.11
C THR E 42 -34.03 -17.56 0.09
N ALA E 43 -32.73 -17.83 0.10
CA ALA E 43 -31.87 -17.35 1.18
C ALA E 43 -31.84 -15.83 1.23
N CYS E 44 -31.96 -15.21 0.06
CA CYS E 44 -32.06 -13.76 -0.04
C CYS E 44 -33.35 -13.26 0.58
N VAL E 45 -34.44 -13.99 0.32
CA VAL E 45 -35.75 -13.65 0.87
C VAL E 45 -35.75 -13.77 2.38
N ALA E 46 -35.20 -14.86 2.89
CA ALA E 46 -35.10 -15.09 4.33
C ALA E 46 -34.24 -14.02 4.99
N THR E 47 -33.19 -13.59 4.30
CA THR E 47 -32.31 -12.54 4.80
C THR E 47 -33.03 -11.20 4.81
N ALA E 48 -33.73 -10.92 3.72
CA ALA E 48 -34.49 -9.68 3.57
C ALA E 48 -35.54 -9.55 4.67
N TYR E 49 -36.16 -10.66 5.02
CA TYR E 49 -37.15 -10.67 6.10
C TYR E 49 -36.49 -10.38 7.44
N ALA E 50 -35.37 -11.06 7.69
CA ALA E 50 -34.63 -10.90 8.93
C ALA E 50 -34.07 -9.49 9.04
N ALA E 51 -33.57 -8.97 7.93
CA ALA E 51 -32.99 -7.64 7.89
C ALA E 51 -34.06 -6.57 8.11
N LYS E 52 -35.17 -6.69 7.39
CA LYS E 52 -36.27 -5.74 7.48
C LYS E 52 -36.78 -5.62 8.91
N ASN E 53 -36.94 -6.76 9.58
CA ASN E 53 -37.46 -6.77 10.95
C ASN E 53 -36.48 -6.18 11.96
N VAL E 54 -35.25 -6.71 11.97
CA VAL E 54 -34.22 -6.24 12.90
C VAL E 54 -33.99 -4.73 12.76
N VAL E 55 -33.93 -4.26 11.53
CA VAL E 55 -33.82 -2.82 11.26
C VAL E 55 -35.04 -2.09 11.80
N THR E 56 -36.23 -2.59 11.46
CA THR E 56 -37.48 -2.00 11.93
C THR E 56 -37.51 -1.85 13.44
N GLN E 57 -37.11 -2.92 14.14
CA GLN E 57 -37.09 -2.93 15.60
C GLN E 57 -36.14 -1.89 16.17
N PHE E 58 -34.95 -1.79 15.58
CA PHE E 58 -33.93 -0.88 16.07
C PHE E 58 -34.30 0.58 15.80
N ILE E 59 -34.90 0.84 14.64
CA ILE E 59 -35.34 2.19 14.30
C ILE E 59 -36.45 2.63 15.25
N SER E 60 -37.27 1.67 15.67
CA SER E 60 -38.37 1.95 16.59
C SER E 60 -37.88 2.37 17.98
N SER E 61 -36.67 1.97 18.32
CA SER E 61 -36.12 2.24 19.64
C SER E 61 -35.79 3.72 19.87
N LEU E 62 -35.85 4.51 18.80
CA LEU E 62 -35.54 5.92 18.90
C LEU E 62 -36.79 6.79 18.94
N SER E 63 -37.92 6.22 18.56
CA SER E 63 -39.20 6.93 18.63
C SER E 63 -39.71 6.93 20.06
N ALA E 64 -40.78 7.68 20.31
CA ALA E 64 -41.32 7.91 21.66
C ALA E 64 -41.53 6.61 22.46
N SER E 65 -41.06 6.60 23.70
CA SER E 65 -41.18 5.44 24.57
C SER E 65 -42.58 5.34 25.16
N ALA E 66 -42.85 4.24 25.87
CA ALA E 66 -44.16 3.98 26.44
C ALA E 66 -44.61 5.07 27.40
N ASP E 67 -43.69 5.50 28.27
CA ASP E 67 -43.99 6.53 29.26
C ASP E 67 -44.24 7.89 28.60
N VAL E 68 -43.53 8.15 27.51
CA VAL E 68 -43.70 9.40 26.77
C VAL E 68 -45.07 9.42 26.08
N LEU E 69 -45.44 8.27 25.49
CA LEU E 69 -46.72 8.12 24.83
C LEU E 69 -47.89 8.23 25.82
N ALA E 70 -47.62 7.86 27.08
CA ALA E 70 -48.66 7.84 28.11
C ALA E 70 -49.15 9.24 28.44
N LEU E 71 -48.33 10.25 28.14
CA LEU E 71 -48.67 11.63 28.47
C LEU E 71 -49.00 12.44 27.23
N SER E 72 -49.37 11.73 26.17
CA SER E 72 -49.78 12.37 24.91
C SER E 72 -51.27 12.65 24.92
N LYS E 73 -52.02 11.80 25.61
CA LYS E 73 -53.47 11.89 25.64
C LYS E 73 -53.98 12.45 26.96
N ILE E 74 -54.89 13.41 26.86
CA ILE E 74 -55.59 13.92 28.03
C ILE E 74 -57.08 14.02 27.72
N GLU E 75 -57.91 13.71 28.71
CA GLU E 75 -59.35 13.84 28.55
C GLU E 75 -59.93 14.77 29.61
N ILE E 76 -60.90 15.58 29.18
CA ILE E 76 -61.47 16.61 30.04
C ILE E 76 -62.96 16.40 30.25
N LYS E 77 -63.32 16.08 31.49
CA LYS E 77 -64.72 15.90 31.84
C LYS E 77 -65.45 17.24 31.75
N LEU E 78 -66.34 17.35 30.78
CA LEU E 78 -67.08 18.58 30.55
C LEU E 78 -68.07 18.85 31.69
N SER E 79 -68.33 17.83 32.50
CA SER E 79 -69.24 17.94 33.62
C SER E 79 -68.51 18.36 34.89
N ASP E 80 -67.42 19.10 34.72
CA ASP E 80 -66.63 19.56 35.86
C ASP E 80 -66.11 20.98 35.61
N ILE E 81 -66.71 21.64 34.62
CA ILE E 81 -66.34 23.00 34.27
C ILE E 81 -67.57 23.90 34.17
N PRO E 82 -67.80 24.72 35.19
CA PRO E 82 -68.96 25.61 35.28
C PRO E 82 -68.77 26.94 34.54
N GLU E 83 -69.83 27.74 34.50
CA GLU E 83 -69.76 29.06 33.87
C GLU E 83 -69.56 30.14 34.93
N GLY E 84 -68.34 30.69 34.98
CA GLY E 84 -67.98 31.68 35.98
C GLY E 84 -66.54 31.48 36.39
N LYS E 85 -66.06 30.26 36.22
CA LYS E 85 -64.65 29.94 36.47
C LYS E 85 -64.04 29.27 35.25
N ASN E 86 -62.76 29.55 35.02
CA ASN E 86 -62.06 28.99 33.86
C ASN E 86 -61.08 27.90 34.28
N VAL E 87 -61.37 26.67 33.88
CA VAL E 87 -60.55 25.53 34.27
C VAL E 87 -59.51 25.17 33.21
N ALA E 88 -58.25 25.15 33.62
CA ALA E 88 -57.16 24.82 32.71
C ALA E 88 -56.30 23.69 33.27
N PHE E 89 -55.96 22.73 32.42
CA PHE E 89 -55.21 21.56 32.85
C PHE E 89 -53.79 21.56 32.30
N LYS E 90 -53.08 20.47 32.55
CA LYS E 90 -51.74 20.29 32.00
C LYS E 90 -51.74 19.23 30.90
N TRP E 91 -51.06 19.53 29.80
CA TRP E 91 -50.97 18.58 28.68
C TRP E 91 -49.67 18.79 27.90
N ARG E 92 -48.88 17.73 27.81
CA ARG E 92 -47.56 17.76 27.19
C ARG E 92 -46.66 18.81 27.83
N GLY E 93 -46.81 18.97 29.14
CA GLY E 93 -45.94 19.84 29.93
C GLY E 93 -46.37 21.29 29.99
N LYS E 94 -47.27 21.69 29.10
CA LYS E 94 -47.70 23.09 29.02
C LYS E 94 -49.21 23.23 29.19
N PRO E 95 -49.64 24.34 29.82
CA PRO E 95 -51.05 24.61 30.15
C PRO E 95 -52.03 24.41 28.98
N LEU E 96 -53.21 23.89 29.30
CA LEU E 96 -54.26 23.64 28.32
C LEU E 96 -55.56 24.29 28.76
N PHE E 97 -55.91 25.41 28.12
CA PHE E 97 -57.11 26.17 28.49
C PHE E 97 -58.40 25.48 28.04
N VAL E 98 -59.30 25.22 28.98
CA VAL E 98 -60.62 24.70 28.65
C VAL E 98 -61.69 25.61 29.25
N ARG E 99 -62.16 26.56 28.45
CA ARG E 99 -62.99 27.65 28.97
C ARG E 99 -64.49 27.41 28.79
N HIS E 100 -65.26 27.75 29.81
CA HIS E 100 -66.71 27.71 29.74
C HIS E 100 -67.26 29.12 29.94
N ARG E 101 -67.98 29.61 28.93
CA ARG E 101 -68.42 31.01 28.93
C ARG E 101 -69.93 31.14 29.02
N THR E 102 -70.38 32.28 29.54
CA THR E 102 -71.79 32.63 29.50
C THR E 102 -72.14 33.06 28.07
N GLN E 103 -73.41 33.33 27.83
CA GLN E 103 -73.89 33.62 26.48
C GLN E 103 -73.38 34.97 25.96
N ALA E 104 -72.76 35.75 26.83
CA ALA E 104 -72.27 37.07 26.46
C ALA E 104 -70.94 37.00 25.70
N GLU E 105 -70.41 35.80 25.54
CA GLU E 105 -69.18 35.60 24.76
C GLU E 105 -69.45 34.74 23.54
N ILE E 106 -70.34 33.76 23.68
CA ILE E 106 -70.71 32.89 22.57
C ILE E 106 -71.36 33.69 21.44
N ASN E 107 -72.07 34.75 21.83
CA ASN E 107 -72.76 35.59 20.87
C ASN E 107 -71.96 36.84 20.50
N GLN E 108 -71.61 37.62 21.50
CA GLN E 108 -70.98 38.92 21.29
C GLN E 108 -69.57 38.81 20.73
N GLU E 109 -68.89 37.69 21.01
CA GLU E 109 -67.55 37.48 20.50
C GLU E 109 -67.56 36.58 19.26
N ALA E 110 -68.75 36.21 18.82
CA ALA E 110 -68.91 35.56 17.52
C ALA E 110 -68.87 36.64 16.45
N GLU E 111 -69.06 37.88 16.89
CA GLU E 111 -68.94 39.05 16.02
C GLU E 111 -67.47 39.37 15.80
N VAL E 112 -66.87 38.74 14.80
CA VAL E 112 -65.45 38.87 14.55
C VAL E 112 -65.12 40.03 13.60
N ASP E 113 -64.30 40.96 14.08
CA ASP E 113 -63.96 42.16 13.33
C ASP E 113 -62.53 42.09 12.81
N VAL E 114 -61.88 43.27 12.79
CA VAL E 114 -60.51 43.43 12.32
C VAL E 114 -60.32 42.86 10.91
N SER E 115 -60.38 43.76 9.92
CA SER E 115 -60.32 43.42 8.50
C SER E 115 -59.37 42.26 8.17
N LYS E 116 -58.08 42.53 8.27
CA LYS E 116 -57.07 41.49 8.07
C LYS E 116 -56.51 41.06 9.41
N LEU E 117 -56.99 39.93 9.92
CA LEU E 117 -56.57 39.42 11.22
C LEU E 117 -55.07 39.12 11.21
N ARG E 118 -54.46 39.19 12.38
CA ARG E 118 -53.01 39.06 12.53
C ARG E 118 -52.55 37.63 12.33
N ASP E 119 -53.49 36.71 12.20
CA ASP E 119 -53.19 35.29 11.99
C ASP E 119 -54.44 34.57 11.47
N PRO E 120 -54.26 33.71 10.45
CA PRO E 120 -55.36 33.02 9.78
C PRO E 120 -56.22 32.19 10.73
N GLN E 121 -57.16 32.84 11.42
CA GLN E 121 -58.08 32.14 12.31
C GLN E 121 -59.51 32.31 11.85
N HIS E 122 -60.08 31.23 11.32
CA HIS E 122 -61.44 31.21 10.81
C HIS E 122 -62.23 30.15 11.58
N ASP E 123 -63.37 30.55 12.16
CA ASP E 123 -64.09 29.70 13.10
C ASP E 123 -64.74 28.48 12.47
N LEU E 124 -64.56 28.32 11.16
CA LEU E 124 -65.05 27.13 10.48
C LEU E 124 -63.90 26.13 10.33
N ASP E 125 -62.78 26.43 10.97
CA ASP E 125 -61.60 25.57 10.88
C ASP E 125 -61.48 24.64 12.09
N ARG E 126 -60.82 25.12 13.15
CA ARG E 126 -60.43 24.25 14.25
C ARG E 126 -61.32 24.38 15.49
N VAL E 127 -62.45 25.06 15.36
CA VAL E 127 -63.40 25.18 16.47
C VAL E 127 -64.64 24.34 16.20
N LYS E 128 -64.90 23.37 17.08
CA LYS E 128 -65.98 22.42 16.87
C LYS E 128 -67.26 22.82 17.62
N LYS E 129 -67.16 22.88 18.95
CA LYS E 129 -68.33 23.20 19.77
C LYS E 129 -68.46 24.71 20.01
N PRO E 130 -69.71 25.21 20.04
CA PRO E 130 -70.00 26.62 20.27
C PRO E 130 -69.88 27.02 21.73
N GLU E 131 -70.19 26.10 22.64
CA GLU E 131 -70.14 26.39 24.07
C GLU E 131 -68.82 25.97 24.68
N TRP E 132 -67.97 25.33 23.88
CA TRP E 132 -66.65 24.91 24.36
C TRP E 132 -65.52 25.54 23.56
N VAL E 133 -64.37 25.70 24.21
CA VAL E 133 -63.18 26.23 23.57
C VAL E 133 -61.92 25.73 24.27
N ILE E 134 -61.04 25.09 23.52
CA ILE E 134 -59.79 24.59 24.07
C ILE E 134 -58.57 25.21 23.39
N LEU E 135 -57.63 25.67 24.20
CA LEU E 135 -56.47 26.41 23.70
C LEU E 135 -55.16 25.93 24.32
N VAL E 136 -54.06 26.28 23.67
CA VAL E 136 -52.73 26.05 24.25
C VAL E 136 -52.34 27.28 25.05
N GLY E 137 -52.29 27.15 26.37
CA GLY E 137 -52.03 28.27 27.25
C GLY E 137 -50.62 28.83 27.14
N VAL E 138 -50.22 29.18 25.93
CA VAL E 138 -48.88 29.71 25.68
C VAL E 138 -48.92 30.87 24.68
N CYS E 139 -48.44 32.03 25.11
CA CYS E 139 -48.32 33.20 24.24
C CYS E 139 -47.41 32.88 23.06
N THR E 140 -47.67 33.47 21.91
CA THR E 140 -46.86 33.20 20.72
C THR E 140 -45.75 34.23 20.53
N HIS E 141 -45.56 35.07 21.54
CA HIS E 141 -44.51 36.08 21.49
C HIS E 141 -43.22 35.52 22.08
N LEU E 142 -43.14 35.45 23.41
CA LEU E 142 -42.00 34.82 24.07
C LEU E 142 -42.41 33.58 24.85
N GLY E 143 -43.52 32.97 24.41
CA GLY E 143 -43.93 31.67 24.91
C GLY E 143 -44.30 31.55 26.37
N CYS E 144 -44.92 32.59 26.94
CA CYS E 144 -45.33 32.52 28.34
C CYS E 144 -46.84 32.27 28.48
N VAL E 145 -47.28 32.04 29.71
CA VAL E 145 -48.64 31.63 29.98
C VAL E 145 -49.53 32.81 30.40
N PRO E 146 -50.64 33.01 29.67
CA PRO E 146 -51.62 34.07 29.95
C PRO E 146 -52.56 33.72 31.09
N ILE E 147 -52.89 34.71 31.92
CA ILE E 147 -53.84 34.52 33.02
C ILE E 147 -55.26 34.77 32.52
N ALA E 148 -56.22 34.03 33.07
CA ALA E 148 -57.58 34.03 32.54
C ALA E 148 -58.59 34.83 33.36
N ASN E 149 -58.13 35.88 34.02
CA ASN E 149 -59.04 36.73 34.79
C ASN E 149 -59.82 37.68 33.89
N SER E 150 -59.69 38.98 34.14
CA SER E 150 -60.39 39.98 33.35
C SER E 150 -59.57 40.40 32.14
N GLY E 151 -58.57 41.23 32.38
CA GLY E 151 -57.73 41.74 31.30
C GLY E 151 -58.43 42.86 30.55
N ASP E 152 -58.35 42.80 29.22
CA ASP E 152 -58.97 43.82 28.38
C ASP E 152 -60.17 43.26 27.62
N PHE E 153 -59.89 42.41 26.63
CA PHE E 153 -60.96 41.87 25.78
C PHE E 153 -61.68 40.69 26.43
N GLY E 154 -61.77 40.72 27.75
CA GLY E 154 -62.50 39.70 28.50
C GLY E 154 -61.81 38.36 28.62
N GLY E 155 -61.18 37.92 27.53
CA GLY E 155 -60.55 36.62 27.49
C GLY E 155 -59.29 36.50 28.34
N TYR E 156 -58.13 36.59 27.69
CA TYR E 156 -56.86 36.34 28.37
C TYR E 156 -55.88 37.51 28.22
N TYR E 157 -55.07 37.72 29.26
CA TYR E 157 -54.04 38.75 29.23
C TYR E 157 -52.70 38.17 29.69
N CYS E 158 -51.65 38.39 28.89
CA CYS E 158 -50.32 37.89 29.20
C CYS E 158 -49.52 38.93 29.97
N PRO E 159 -49.18 38.62 31.24
CA PRO E 159 -48.52 39.60 32.12
C PRO E 159 -47.05 39.85 31.80
N CYS E 160 -46.61 39.53 30.59
CA CYS E 160 -45.21 39.70 30.23
C CYS E 160 -44.96 40.93 29.35
N HIS E 161 -45.56 40.94 28.17
CA HIS E 161 -45.36 42.05 27.24
C HIS E 161 -46.69 42.63 26.75
N GLY E 162 -47.77 42.26 27.41
CA GLY E 162 -49.09 42.73 27.04
C GLY E 162 -49.93 41.62 26.42
N SER E 163 -50.21 41.75 25.13
CA SER E 163 -50.96 40.73 24.37
C SER E 163 -52.30 40.37 25.02
N HIS E 164 -53.33 41.13 24.67
CA HIS E 164 -54.68 40.85 25.17
C HIS E 164 -55.43 39.93 24.21
N TYR E 165 -55.87 38.78 24.70
CA TYR E 165 -56.62 37.83 23.89
C TYR E 165 -58.11 37.88 24.24
N ASP E 166 -58.96 37.81 23.23
CA ASP E 166 -60.40 37.84 23.44
C ASP E 166 -60.93 36.49 23.88
N ALA E 167 -62.25 36.30 23.77
CA ALA E 167 -62.89 35.06 24.18
C ALA E 167 -62.54 33.90 23.24
N SER E 168 -62.28 34.23 21.98
CA SER E 168 -61.98 33.21 20.98
C SER E 168 -60.50 32.83 20.97
N GLY E 169 -59.70 33.54 21.75
CA GLY E 169 -58.27 33.31 21.77
C GLY E 169 -57.58 33.89 20.56
N ARG E 170 -58.11 35.00 20.06
CA ARG E 170 -57.50 35.71 18.94
C ARG E 170 -56.60 36.82 19.49
N ILE E 171 -55.55 37.16 18.73
CA ILE E 171 -54.60 38.17 19.19
C ILE E 171 -55.12 39.59 18.90
N ARG E 172 -55.21 40.38 19.96
CA ARG E 172 -55.63 41.77 19.84
C ARG E 172 -54.47 42.70 20.17
N LYS E 173 -54.71 43.65 21.06
CA LYS E 173 -53.68 44.61 21.46
C LYS E 173 -52.51 43.91 22.14
N GLY E 174 -51.35 43.96 21.50
CA GLY E 174 -50.16 43.30 22.01
C GLY E 174 -49.13 43.04 20.93
N PRO E 175 -47.93 42.58 21.33
CA PRO E 175 -46.83 42.33 20.40
C PRO E 175 -46.78 40.92 19.82
N ALA E 176 -47.68 40.03 20.23
CA ALA E 176 -47.67 38.65 19.78
C ALA E 176 -47.87 38.56 18.27
N PRO E 177 -46.93 37.89 17.57
CA PRO E 177 -46.90 37.80 16.10
C PRO E 177 -48.00 36.92 15.51
N TYR E 178 -48.57 36.05 16.33
CA TYR E 178 -49.64 35.15 15.88
C TYR E 178 -50.80 35.16 16.86
N ASN E 179 -51.83 34.37 16.57
CA ASN E 179 -52.93 34.16 17.51
C ASN E 179 -52.48 33.28 18.67
N LEU E 180 -53.43 32.60 19.29
CA LEU E 180 -53.10 31.54 20.25
C LEU E 180 -52.91 30.24 19.49
N GLU E 181 -53.06 29.11 20.19
CA GLU E 181 -52.89 27.82 19.53
C GLU E 181 -53.97 26.83 19.96
N VAL E 182 -54.56 26.16 18.99
CA VAL E 182 -55.54 25.11 19.23
C VAL E 182 -55.01 23.77 18.75
N PRO E 183 -54.94 22.79 19.66
CA PRO E 183 -54.39 21.46 19.35
C PRO E 183 -55.28 20.64 18.42
N THR E 184 -54.76 19.51 17.94
CA THR E 184 -55.54 18.58 17.15
C THR E 184 -56.19 17.53 18.05
N TYR E 185 -57.46 17.75 18.36
CA TYR E 185 -58.17 16.90 19.33
C TYR E 185 -59.35 16.19 18.72
N GLN E 186 -59.86 15.19 19.44
CA GLN E 186 -61.07 14.50 19.04
C GLN E 186 -62.19 14.77 20.05
N PHE E 187 -63.42 14.83 19.56
CA PHE E 187 -64.56 15.18 20.42
C PHE E 187 -65.72 14.21 20.22
N VAL E 188 -65.40 13.00 19.78
CA VAL E 188 -66.43 11.99 19.53
C VAL E 188 -66.90 11.36 20.84
N GLY E 189 -66.28 11.78 21.95
CA GLY E 189 -66.65 11.29 23.26
C GLY E 189 -67.90 11.95 23.80
N ASP E 190 -68.20 13.15 23.29
CA ASP E 190 -69.42 13.90 23.60
C ASP E 190 -69.49 14.39 25.04
N ASP E 191 -69.48 13.47 26.01
CA ASP E 191 -69.55 13.86 27.42
C ASP E 191 -68.20 14.34 27.93
N LEU E 192 -67.14 13.95 27.22
CA LEU E 192 -65.79 14.39 27.53
C LEU E 192 -65.05 14.71 26.25
N VAL E 193 -63.97 15.47 26.34
CA VAL E 193 -63.15 15.76 25.18
C VAL E 193 -61.73 15.22 25.37
N VAL E 194 -61.25 14.48 24.38
CA VAL E 194 -59.89 13.95 24.41
C VAL E 194 -58.99 14.78 23.50
N VAL E 195 -57.90 15.28 24.07
CA VAL E 195 -56.91 16.04 23.31
C VAL E 195 -55.73 15.14 22.97
N GLY E 196 -55.97 14.16 22.10
CA GLY E 196 -54.94 13.21 21.71
C GLY E 196 -53.97 13.78 20.70
N GLY F 10 20.11 -53.26 22.13
CA GLY F 10 18.96 -52.59 22.69
C GLY F 10 18.20 -51.81 21.62
N ARG F 11 17.27 -52.49 20.96
CA ARG F 11 16.55 -51.89 19.85
C ARG F 11 15.37 -51.04 20.32
N LEU F 12 15.56 -50.29 21.40
CA LEU F 12 14.49 -49.48 21.98
C LEU F 12 14.29 -48.16 21.25
N MET F 13 15.38 -47.47 20.95
CA MET F 13 15.30 -46.17 20.29
C MET F 13 14.58 -46.26 18.94
N ASP F 14 14.83 -47.34 18.20
CA ASP F 14 14.18 -47.55 16.92
C ASP F 14 12.70 -47.87 17.11
N ARG F 15 12.39 -48.51 18.23
CA ARG F 15 11.00 -48.79 18.57
C ARG F 15 10.24 -47.48 18.82
N ILE F 16 10.88 -46.55 19.53
CA ILE F 16 10.20 -45.32 19.91
C ILE F 16 10.02 -44.39 18.72
N ARG F 17 11.06 -44.26 17.90
CA ARG F 17 10.99 -43.40 16.72
C ARG F 17 9.91 -43.87 15.74
N LYS F 18 9.89 -45.18 15.48
CA LYS F 18 8.93 -45.76 14.55
C LYS F 18 7.51 -45.59 15.07
N TRP F 19 7.35 -45.62 16.40
CA TRP F 19 6.06 -45.41 17.01
C TRP F 19 5.58 -43.97 16.83
N TYR F 20 6.47 -43.01 17.09
CA TYR F 20 6.12 -41.60 16.97
C TYR F 20 5.80 -41.24 15.53
N TYR F 21 6.54 -41.84 14.60
CA TYR F 21 6.34 -41.57 13.18
C TYR F 21 4.93 -41.95 12.76
N ASN F 22 4.43 -43.07 13.27
CA ASN F 22 3.08 -43.52 12.96
C ASN F 22 2.04 -42.74 13.76
N ALA F 23 2.38 -42.37 14.99
CA ALA F 23 1.48 -41.59 15.83
C ALA F 23 1.31 -40.17 15.30
N ALA F 24 2.37 -39.66 14.66
CA ALA F 24 2.34 -38.34 14.05
C ALA F 24 1.32 -38.32 12.91
N GLY F 25 1.47 -39.26 11.98
CA GLY F 25 0.47 -39.48 10.95
C GLY F 25 0.49 -38.52 9.78
N PHE F 26 1.65 -37.94 9.48
CA PHE F 26 1.78 -37.12 8.28
C PHE F 26 2.01 -38.02 7.07
N ASN F 27 2.34 -39.28 7.34
CA ASN F 27 2.50 -40.27 6.29
C ASN F 27 1.16 -40.64 5.68
N LYS F 28 0.09 -40.38 6.42
CA LYS F 28 -1.26 -40.58 5.93
C LYS F 28 -1.58 -39.59 4.81
N TYR F 29 -0.89 -38.45 4.82
CA TYR F 29 -1.07 -37.44 3.79
C TYR F 29 -0.10 -37.65 2.63
N GLY F 30 0.76 -38.64 2.76
CA GLY F 30 1.79 -38.90 1.76
C GLY F 30 2.90 -37.87 1.85
N LEU F 31 3.20 -37.44 3.07
CA LEU F 31 4.23 -36.44 3.30
C LEU F 31 5.48 -37.06 3.91
N MET F 32 6.64 -36.62 3.44
CA MET F 32 7.91 -36.99 4.07
C MET F 32 8.07 -36.19 5.36
N ARG F 33 9.03 -36.60 6.19
CA ARG F 33 9.27 -35.92 7.46
C ARG F 33 9.71 -34.48 7.22
N ASP F 34 10.53 -34.27 6.19
CA ASP F 34 11.08 -32.96 5.87
C ASP F 34 10.08 -32.08 5.12
N ASP F 35 8.94 -32.67 4.75
CA ASP F 35 7.86 -31.88 4.14
C ASP F 35 7.16 -31.07 5.21
N THR F 36 7.08 -31.63 6.42
CA THR F 36 6.37 -30.99 7.52
C THR F 36 7.24 -29.99 8.26
N LEU F 37 8.48 -29.83 7.81
CA LEU F 37 9.40 -28.88 8.44
C LEU F 37 8.90 -27.46 8.29
N TYR F 38 8.84 -26.74 9.41
CA TYR F 38 8.46 -25.34 9.39
C TYR F 38 9.57 -24.53 8.74
N GLU F 39 9.21 -23.70 7.76
CA GLU F 39 10.19 -22.98 6.96
C GLU F 39 10.66 -21.70 7.62
N ASP F 40 11.64 -21.83 8.52
CA ASP F 40 12.30 -20.64 9.07
C ASP F 40 13.38 -20.17 8.08
N ASP F 41 14.25 -19.29 8.53
CA ASP F 41 15.29 -18.74 7.66
C ASP F 41 16.24 -19.81 7.13
N ASP F 42 16.53 -20.81 7.97
CA ASP F 42 17.44 -21.88 7.56
C ASP F 42 16.81 -22.82 6.54
N VAL F 43 15.60 -23.29 6.85
CA VAL F 43 14.88 -24.21 5.97
C VAL F 43 14.61 -23.57 4.61
N LYS F 44 14.26 -22.29 4.61
CA LYS F 44 14.04 -21.55 3.37
C LYS F 44 15.28 -21.60 2.47
N GLU F 45 16.44 -21.36 3.06
CA GLU F 45 17.68 -21.36 2.32
C GLU F 45 18.03 -22.76 1.80
N ALA F 46 17.86 -23.76 2.66
CA ALA F 46 18.15 -25.14 2.29
C ALA F 46 17.26 -25.61 1.15
N LEU F 47 16.02 -25.14 1.14
CA LEU F 47 15.06 -25.48 0.09
C LEU F 47 15.50 -24.95 -1.26
N LYS F 48 16.11 -23.78 -1.28
CA LYS F 48 16.55 -23.15 -2.52
C LYS F 48 17.75 -23.89 -3.12
N ARG F 49 18.41 -24.70 -2.30
CA ARG F 49 19.56 -25.46 -2.75
C ARG F 49 19.15 -26.82 -3.31
N LEU F 50 17.89 -27.18 -3.11
CA LEU F 50 17.37 -28.47 -3.57
C LEU F 50 17.39 -28.58 -5.08
N PRO F 51 17.75 -29.77 -5.60
CA PRO F 51 17.69 -30.04 -7.03
C PRO F 51 16.26 -29.91 -7.57
N GLU F 52 16.13 -29.57 -8.85
CA GLU F 52 14.83 -29.31 -9.48
C GLU F 52 13.84 -30.45 -9.26
N ASP F 53 14.27 -31.68 -9.52
CA ASP F 53 13.40 -32.84 -9.42
C ASP F 53 12.86 -33.03 -8.01
N LEU F 54 13.73 -32.96 -7.01
CA LEU F 54 13.32 -33.12 -5.63
C LEU F 54 12.39 -31.98 -5.19
N TYR F 55 12.65 -30.79 -5.71
CA TYR F 55 11.84 -29.61 -5.36
C TYR F 55 10.45 -29.70 -5.96
N ASN F 56 10.37 -30.06 -7.24
CA ASN F 56 9.09 -30.21 -7.92
C ASN F 56 8.27 -31.36 -7.35
N GLU F 57 8.96 -32.36 -6.82
CA GLU F 57 8.29 -33.49 -6.18
C GLU F 57 7.74 -33.08 -4.81
N ARG F 58 8.55 -32.35 -4.05
CA ARG F 58 8.13 -31.82 -2.76
C ARG F 58 6.91 -30.94 -2.91
N MET F 59 6.91 -30.14 -3.97
CA MET F 59 5.83 -29.21 -4.24
C MET F 59 4.49 -29.92 -4.45
N PHE F 60 4.54 -31.04 -5.17
CA PHE F 60 3.33 -31.82 -5.43
C PHE F 60 2.81 -32.49 -4.17
N ARG F 61 3.72 -33.09 -3.39
CA ARG F 61 3.35 -33.77 -2.15
C ARG F 61 2.65 -32.83 -1.18
N ILE F 62 3.15 -31.59 -1.12
CA ILE F 62 2.56 -30.57 -0.25
C ILE F 62 1.20 -30.13 -0.77
N LYS F 63 1.12 -29.84 -2.07
CA LYS F 63 -0.13 -29.43 -2.69
C LYS F 63 -1.17 -30.56 -2.59
N ARG F 64 -0.69 -31.81 -2.60
CA ARG F 64 -1.59 -32.95 -2.45
C ARG F 64 -2.12 -33.03 -1.02
N ALA F 65 -1.23 -32.78 -0.06
CA ALA F 65 -1.61 -32.80 1.35
C ALA F 65 -2.59 -31.67 1.65
N LEU F 66 -2.36 -30.52 1.02
CA LEU F 66 -3.26 -29.38 1.15
C LEU F 66 -4.63 -29.70 0.59
N ASP F 67 -4.66 -30.30 -0.59
CA ASP F 67 -5.92 -30.68 -1.22
C ASP F 67 -6.66 -31.73 -0.39
N LEU F 68 -5.90 -32.67 0.18
CA LEU F 68 -6.48 -33.68 1.06
C LEU F 68 -7.09 -33.05 2.31
N SER F 69 -6.37 -32.07 2.86
CA SER F 69 -6.77 -31.42 4.10
C SER F 69 -8.07 -30.64 3.96
N LEU F 70 -8.31 -30.07 2.79
CA LEU F 70 -9.52 -29.32 2.54
C LEU F 70 -10.68 -30.26 2.23
N LYS F 71 -10.34 -31.50 1.91
CA LYS F 71 -11.33 -32.53 1.66
C LYS F 71 -11.65 -33.30 2.94
N HIS F 72 -10.84 -33.08 3.96
CA HIS F 72 -10.91 -33.82 5.23
C HIS F 72 -10.76 -35.32 4.98
N ARG F 73 -10.03 -35.65 3.93
CA ARG F 73 -9.73 -37.03 3.59
C ARG F 73 -8.24 -37.28 3.72
N ILE F 74 -7.84 -38.55 3.65
CA ILE F 74 -6.42 -38.90 3.60
C ILE F 74 -6.19 -39.89 2.47
N LEU F 75 -4.94 -40.31 2.30
CA LEU F 75 -4.60 -41.30 1.30
C LEU F 75 -5.01 -42.69 1.78
N PRO F 76 -5.29 -43.60 0.83
CA PRO F 76 -5.51 -45.00 1.19
C PRO F 76 -4.31 -45.57 1.94
N LYS F 77 -4.55 -46.52 2.83
CA LYS F 77 -3.50 -47.11 3.65
C LYS F 77 -2.32 -47.60 2.82
N GLU F 78 -2.60 -48.01 1.59
CA GLU F 78 -1.58 -48.50 0.68
C GLU F 78 -0.57 -47.41 0.30
N GLN F 79 -1.05 -46.17 0.23
CA GLN F 79 -0.21 -45.06 -0.23
C GLN F 79 0.45 -44.29 0.90
N TRP F 80 0.41 -44.83 2.11
CA TRP F 80 1.06 -44.19 3.25
C TRP F 80 2.56 -44.41 3.20
N VAL F 81 3.32 -43.36 3.47
CA VAL F 81 4.77 -43.45 3.51
C VAL F 81 5.22 -44.32 4.68
N LYS F 82 5.94 -45.39 4.38
CA LYS F 82 6.47 -46.25 5.43
C LYS F 82 7.57 -45.52 6.18
N TYR F 83 7.74 -45.87 7.46
CA TYR F 83 8.78 -45.27 8.28
C TYR F 83 10.17 -45.51 7.70
N GLU F 84 10.40 -46.73 7.24
CA GLU F 84 11.69 -47.11 6.68
C GLU F 84 11.87 -46.61 5.25
N GLU F 85 10.79 -46.13 4.65
CA GLU F 85 10.84 -45.66 3.28
C GLU F 85 10.80 -44.13 3.18
N ASP F 86 10.94 -43.47 4.33
CA ASP F 86 10.91 -42.02 4.37
C ASP F 86 12.26 -41.44 3.97
N LYS F 87 12.27 -40.59 2.95
CA LYS F 87 13.53 -40.00 2.51
C LYS F 87 13.79 -38.64 3.17
N PRO F 88 14.87 -38.56 3.96
CA PRO F 88 15.32 -37.31 4.57
C PRO F 88 16.04 -36.45 3.53
N TYR F 89 15.31 -36.00 2.51
CA TYR F 89 15.90 -35.36 1.34
C TYR F 89 16.46 -33.97 1.60
N LEU F 90 15.93 -33.29 2.62
CA LEU F 90 16.32 -31.91 2.88
C LEU F 90 17.31 -31.79 4.03
N GLU F 91 17.35 -32.80 4.90
CA GLU F 91 18.17 -32.75 6.11
C GLU F 91 19.67 -32.57 5.87
N PRO F 92 20.25 -33.26 4.86
CA PRO F 92 21.67 -33.01 4.61
C PRO F 92 21.95 -31.57 4.20
N TYR F 93 21.07 -31.00 3.39
CA TYR F 93 21.17 -29.61 2.97
C TYR F 93 21.03 -28.66 4.16
N LEU F 94 20.05 -28.95 5.01
CA LEU F 94 19.73 -28.08 6.15
C LEU F 94 20.88 -28.03 7.15
N LYS F 95 21.59 -29.14 7.31
CA LYS F 95 22.70 -29.19 8.26
C LYS F 95 23.87 -28.33 7.83
N GLU F 96 24.13 -28.28 6.53
CA GLU F 96 25.22 -27.45 6.01
C GLU F 96 24.85 -25.97 6.11
N VAL F 97 23.59 -25.65 5.83
CA VAL F 97 23.09 -24.29 5.95
C VAL F 97 23.28 -23.77 7.37
N ILE F 98 23.00 -24.63 8.34
CA ILE F 98 23.17 -24.29 9.75
C ILE F 98 24.66 -24.21 10.11
N ARG F 99 25.45 -25.17 9.64
CA ARG F 99 26.89 -25.18 9.90
C ARG F 99 27.56 -23.92 9.35
N GLU F 100 27.20 -23.53 8.13
CA GLU F 100 27.74 -22.34 7.52
C GLU F 100 27.40 -21.09 8.33
N ARG F 101 26.15 -21.02 8.79
CA ARG F 101 25.68 -19.86 9.54
C ARG F 101 26.37 -19.73 10.89
N LEU F 102 26.53 -20.86 11.57
CA LEU F 102 27.20 -20.88 12.88
C LEU F 102 28.64 -20.42 12.76
N GLU F 103 29.26 -20.70 11.62
CA GLU F 103 30.61 -20.25 11.33
C GLU F 103 30.66 -18.72 11.27
N ARG F 104 29.76 -18.14 10.49
CA ARG F 104 29.69 -16.68 10.34
C ARG F 104 29.42 -16.00 11.66
N GLU F 105 28.48 -16.55 12.43
CA GLU F 105 28.13 -16.00 13.74
C GLU F 105 29.32 -16.05 14.70
N ALA F 106 30.14 -17.09 14.57
CA ALA F 106 31.32 -17.22 15.40
C ALA F 106 32.45 -16.33 14.89
N TRP F 107 32.55 -16.21 13.57
CA TRP F 107 33.61 -15.43 12.95
C TRP F 107 33.38 -13.93 13.10
N ASN F 108 32.14 -13.55 13.38
CA ASN F 108 31.77 -12.15 13.53
C ASN F 108 31.90 -11.66 14.97
N LYS F 109 32.09 -12.59 15.89
CA LYS F 109 32.32 -12.25 17.29
C LYS F 109 33.81 -12.02 17.54
N LYS F 110 34.63 -12.96 17.05
CA LYS F 110 36.07 -12.92 17.26
C LYS F 110 36.70 -11.68 16.65
N ILE G 2 0.36 -6.84 -5.85
CA ILE G 2 0.44 -8.19 -6.39
C ILE G 2 0.60 -9.23 -5.29
N HIS G 3 -0.40 -10.09 -5.14
CA HIS G 3 -0.29 -11.21 -4.22
C HIS G 3 -0.56 -12.53 -4.92
N PHE G 4 -1.22 -12.45 -6.07
CA PHE G 4 -1.39 -13.61 -6.94
C PHE G 4 -0.46 -13.52 -8.13
N GLY G 5 0.44 -14.48 -8.27
CA GLY G 5 1.39 -14.50 -9.36
C GLY G 5 2.82 -14.69 -8.89
N ASN G 6 3.15 -14.05 -7.77
CA ASN G 6 4.51 -14.13 -7.22
C ASN G 6 4.58 -15.03 -5.99
N LEU G 7 3.71 -16.02 -5.94
CA LEU G 7 3.61 -16.88 -4.76
C LEU G 7 4.65 -18.00 -4.75
N ALA G 8 4.55 -18.92 -5.71
CA ALA G 8 5.45 -20.08 -5.72
C ALA G 8 5.77 -20.54 -7.14
N ARG G 9 6.92 -21.20 -7.26
CA ARG G 9 7.34 -21.81 -8.53
C ARG G 9 6.89 -23.27 -8.57
N VAL G 10 5.89 -23.55 -9.39
CA VAL G 10 5.32 -24.89 -9.47
C VAL G 10 5.36 -25.43 -10.90
N ARG G 11 5.80 -26.69 -11.06
CA ARG G 11 5.87 -27.31 -12.37
C ARG G 11 5.21 -28.69 -12.40
N HIS G 12 4.73 -29.07 -13.58
CA HIS G 12 4.24 -30.42 -13.86
C HIS G 12 3.06 -30.86 -12.99
N ILE G 13 2.13 -29.95 -12.73
CA ILE G 13 0.94 -30.30 -11.98
C ILE G 13 -0.34 -29.96 -12.74
N ILE G 14 -1.07 -31.01 -13.13
CA ILE G 14 -2.34 -30.86 -13.83
C ILE G 14 -3.50 -31.07 -12.86
N THR G 15 -4.48 -30.16 -12.89
CA THR G 15 -5.66 -30.28 -12.04
C THR G 15 -6.93 -30.28 -12.88
N TYR G 16 -7.90 -31.09 -12.47
CA TYR G 16 -9.18 -31.18 -13.17
C TYR G 16 -10.31 -30.82 -12.22
N SER G 17 -11.29 -30.07 -12.71
CA SER G 17 -12.43 -29.67 -11.90
C SER G 17 -13.68 -29.44 -12.75
N LEU G 18 -14.86 -29.61 -12.14
CA LEU G 18 -16.12 -29.39 -12.84
C LEU G 18 -16.81 -28.14 -12.32
N SER G 19 -17.70 -27.57 -13.13
CA SER G 19 -18.58 -26.50 -12.69
C SER G 19 -19.45 -27.01 -11.55
N PRO G 20 -19.81 -26.12 -10.62
CA PRO G 20 -20.70 -26.50 -9.51
C PRO G 20 -22.07 -26.99 -10.00
N PHE G 21 -22.47 -26.54 -11.19
CA PHE G 21 -23.78 -26.88 -11.74
C PHE G 21 -23.75 -28.21 -12.48
N GLU G 22 -22.56 -28.77 -12.66
CA GLU G 22 -22.41 -30.05 -13.34
C GLU G 22 -22.23 -31.18 -12.32
N GLN G 23 -22.15 -30.84 -11.05
CA GLN G 23 -21.92 -31.82 -10.00
C GLN G 23 -22.78 -31.59 -8.76
N ARG G 24 -22.85 -32.60 -7.92
CA ARG G 24 -23.64 -32.55 -6.68
C ARG G 24 -22.93 -31.73 -5.61
N ALA G 25 -23.71 -31.06 -4.79
CA ALA G 25 -23.15 -30.24 -3.70
C ALA G 25 -22.76 -31.11 -2.50
N ILE G 26 -23.67 -31.98 -2.09
CA ILE G 26 -23.42 -32.91 -0.99
C ILE G 26 -23.52 -34.35 -1.48
N PRO G 27 -22.43 -34.86 -2.08
CA PRO G 27 -22.42 -36.18 -2.70
C PRO G 27 -21.94 -37.30 -1.78
N ASN G 28 -22.44 -38.52 -2.01
CA ASN G 28 -21.94 -39.71 -1.33
C ASN G 28 -21.94 -39.59 0.19
N ILE G 29 -23.09 -39.24 0.76
CA ILE G 29 -23.20 -39.03 2.20
C ILE G 29 -22.91 -40.31 2.99
N PHE G 30 -23.37 -41.44 2.48
CA PHE G 30 -23.23 -42.70 3.19
C PHE G 30 -22.06 -43.55 2.71
N SER G 31 -21.59 -43.29 1.50
CA SER G 31 -20.52 -44.11 0.91
C SER G 31 -19.13 -43.54 1.18
N ASP G 32 -19.04 -42.24 1.42
CA ASP G 32 -17.75 -41.60 1.59
C ASP G 32 -17.72 -40.60 2.74
N ALA G 33 -18.76 -39.77 2.83
CA ALA G 33 -18.80 -38.69 3.80
C ALA G 33 -18.84 -39.20 5.25
N LEU G 34 -19.93 -39.87 5.59
CA LEU G 34 -20.11 -40.40 6.95
C LEU G 34 -19.06 -41.41 7.42
N PRO G 35 -18.61 -42.32 6.54
CA PRO G 35 -17.52 -43.22 7.00
C PRO G 35 -16.28 -42.47 7.48
N ASN G 36 -16.00 -41.32 6.87
CA ASN G 36 -14.87 -40.50 7.30
C ASN G 36 -15.18 -39.74 8.58
N VAL G 37 -16.43 -39.30 8.72
CA VAL G 37 -16.87 -38.60 9.92
C VAL G 37 -16.59 -39.43 11.16
N TRP G 38 -16.79 -40.74 11.02
CA TRP G 38 -16.46 -41.69 12.08
C TRP G 38 -14.94 -41.80 12.24
N ARG G 39 -14.23 -41.87 11.12
CA ARG G 39 -12.78 -42.00 11.12
C ARG G 39 -12.13 -40.83 11.84
N ARG G 40 -12.63 -39.63 11.56
CA ARG G 40 -12.09 -38.42 12.17
C ARG G 40 -12.41 -38.37 13.67
N PHE G 41 -13.60 -38.87 14.04
CA PHE G 41 -13.97 -38.96 15.44
C PHE G 41 -13.13 -40.03 16.14
N SER G 42 -12.88 -41.12 15.42
CA SER G 42 -12.14 -42.25 15.99
C SER G 42 -10.69 -41.90 16.30
N SER G 43 -10.06 -41.15 15.40
CA SER G 43 -8.64 -40.83 15.53
C SER G 43 -8.34 -39.88 16.69
N GLN G 44 -9.27 -38.96 16.96
CA GLN G 44 -9.00 -37.87 17.89
C GLN G 44 -9.59 -38.07 19.29
N VAL G 45 -10.60 -38.92 19.41
CA VAL G 45 -11.35 -39.05 20.66
C VAL G 45 -10.50 -39.61 21.79
N PHE G 46 -9.37 -40.25 21.45
CA PHE G 46 -8.50 -40.80 22.48
C PHE G 46 -7.44 -39.78 22.90
N LYS G 47 -7.50 -38.60 22.31
CA LYS G 47 -6.62 -37.51 22.68
C LYS G 47 -7.42 -36.40 23.36
N VAL G 48 -8.61 -36.15 22.83
CA VAL G 48 -9.47 -35.08 23.31
C VAL G 48 -10.22 -35.44 24.58
N ALA G 49 -10.90 -36.57 24.55
CA ALA G 49 -11.77 -36.98 25.66
C ALA G 49 -11.07 -37.27 27.00
N PRO G 50 -9.93 -38.01 27.01
CA PRO G 50 -9.34 -38.38 28.30
C PRO G 50 -9.07 -37.24 29.30
N PRO G 51 -8.50 -36.10 28.86
CA PRO G 51 -8.33 -35.05 29.88
C PRO G 51 -9.65 -34.43 30.32
N PHE G 52 -10.63 -34.36 29.41
CA PHE G 52 -11.95 -33.84 29.75
C PHE G 52 -12.69 -34.81 30.66
N LEU G 53 -12.53 -36.10 30.41
CA LEU G 53 -13.14 -37.13 31.25
C LEU G 53 -12.53 -37.07 32.64
N GLY G 54 -11.20 -36.91 32.70
CA GLY G 54 -10.49 -36.83 33.96
C GLY G 54 -10.79 -35.55 34.71
N ALA G 55 -11.09 -34.49 33.96
CA ALA G 55 -11.46 -33.22 34.54
C ALA G 55 -12.82 -33.31 35.23
N TYR G 56 -13.75 -34.00 34.58
CA TYR G 56 -15.09 -34.20 35.14
C TYR G 56 -15.04 -34.98 36.45
N LEU G 57 -14.13 -35.94 36.51
CA LEU G 57 -13.95 -36.76 37.70
C LEU G 57 -13.53 -35.90 38.89
N LEU G 58 -12.59 -34.98 38.65
CA LEU G 58 -12.16 -34.04 39.67
C LEU G 58 -13.31 -33.15 40.11
N TYR G 59 -14.14 -32.74 39.15
CA TYR G 59 -15.31 -31.94 39.45
C TYR G 59 -16.31 -32.72 40.28
N SER G 60 -16.54 -33.97 39.91
CA SER G 60 -17.50 -34.83 40.59
C SER G 60 -17.09 -35.08 42.04
N TRP G 61 -15.80 -35.33 42.25
CA TRP G 61 -15.29 -35.54 43.59
C TRP G 61 -15.31 -34.24 44.39
N GLY G 62 -14.82 -33.16 43.79
CA GLY G 62 -14.73 -31.87 44.44
C GLY G 62 -16.07 -31.38 44.95
N THR G 63 -17.12 -31.60 44.17
CA THR G 63 -18.46 -31.20 44.55
C THR G 63 -19.00 -32.07 45.68
N GLN G 64 -18.90 -33.38 45.52
CA GLN G 64 -19.38 -34.33 46.52
C GLN G 64 -18.67 -34.17 47.86
N GLU G 65 -17.35 -34.03 47.81
CA GLU G 65 -16.55 -33.86 49.03
C GLU G 65 -16.93 -32.58 49.76
N PHE G 66 -17.19 -31.53 49.00
CA PHE G 66 -17.61 -30.26 49.56
C PHE G 66 -18.98 -30.38 50.22
N GLU G 67 -19.86 -31.18 49.62
CA GLU G 67 -21.19 -31.42 50.17
C GLU G 67 -21.12 -32.32 51.39
N ARG G 68 -20.23 -33.30 51.35
CA ARG G 68 -20.07 -34.24 52.47
C ARG G 68 -19.55 -33.52 53.71
N LEU G 69 -18.76 -32.47 53.50
CA LEU G 69 -18.20 -31.69 54.60
C LEU G 69 -19.24 -30.75 55.20
N LYS G 70 -20.44 -30.74 54.64
CA LYS G 70 -21.54 -29.97 55.20
C LYS G 70 -22.35 -30.81 56.19
N ARG G 71 -22.48 -32.10 55.87
CA ARG G 71 -23.20 -33.03 56.73
C ARG G 71 -22.50 -33.13 58.08
N LYS G 72 -23.25 -33.52 59.12
CA LYS G 72 -22.68 -33.61 60.46
C LYS G 72 -22.17 -35.01 60.76
N ASN G 73 -21.09 -35.08 61.52
CA ASN G 73 -20.53 -36.35 61.98
C ASN G 73 -21.16 -36.76 63.30
N PRO G 74 -22.04 -37.78 63.27
CA PRO G 74 -22.82 -38.18 64.45
C PRO G 74 -21.96 -38.64 65.62
N ALA G 75 -20.69 -38.94 65.36
CA ALA G 75 -19.78 -39.38 66.41
C ALA G 75 -19.33 -38.19 67.28
N ASP G 76 -19.68 -36.98 66.85
CA ASP G 76 -19.33 -35.79 67.61
C ASP G 76 -20.17 -35.71 68.88
N TYR G 77 -21.43 -36.08 68.75
CA TYR G 77 -22.43 -35.94 69.82
C TYR G 77 -22.76 -37.26 70.51
N GLU G 78 -22.14 -38.35 70.07
CA GLU G 78 -22.51 -39.70 70.52
C GLU G 78 -22.50 -39.86 72.04
N ASN G 79 -21.76 -39.00 72.73
CA ASN G 79 -21.72 -39.01 74.19
C ASN G 79 -22.28 -37.73 74.80
N ASP G 80 -22.71 -36.80 73.94
CA ASP G 80 -23.34 -35.57 74.39
C ASP G 80 -24.71 -35.87 75.00
N GLN G 81 -24.99 -35.29 76.15
CA GLN G 81 -26.23 -35.57 76.86
C GLN G 81 -26.96 -34.29 77.26
N GLU H 10 -64.59 -28.00 57.08
CA GLU H 10 -63.67 -28.34 56.02
C GLU H 10 -64.39 -28.65 54.71
N GLU H 11 -65.19 -27.71 54.23
CA GLU H 11 -65.82 -27.85 52.92
C GLU H 11 -64.88 -27.35 51.84
N LEU H 12 -63.88 -26.58 52.27
CA LEU H 12 -62.82 -26.12 51.39
C LEU H 12 -61.49 -26.68 51.86
N VAL H 13 -60.81 -27.41 50.98
CA VAL H 13 -59.51 -27.97 51.31
C VAL H 13 -58.43 -27.30 50.47
N ASP H 14 -57.25 -27.14 51.05
CA ASP H 14 -56.09 -26.70 50.29
C ASP H 14 -55.47 -27.94 49.67
N PRO H 15 -55.51 -28.03 48.33
CA PRO H 15 -54.98 -29.20 47.60
C PRO H 15 -53.53 -29.51 47.98
N LEU H 16 -52.82 -28.48 48.43
CA LEU H 16 -51.45 -28.64 48.89
C LEU H 16 -51.35 -29.56 50.11
N THR H 17 -52.26 -29.37 51.06
CA THR H 17 -52.27 -30.18 52.27
C THR H 17 -52.67 -31.63 51.98
N THR H 18 -53.56 -31.82 51.02
CA THR H 18 -53.98 -33.15 50.60
C THR H 18 -52.79 -33.96 50.07
N ILE H 19 -51.96 -33.30 49.29
CA ILE H 19 -50.88 -33.96 48.58
C ILE H 19 -49.67 -34.22 49.48
N ARG H 20 -49.38 -33.30 50.40
CA ARG H 20 -48.31 -33.51 51.37
C ARG H 20 -48.60 -34.74 52.21
N GLU H 21 -49.87 -34.92 52.56
CA GLU H 21 -50.32 -36.09 53.31
C GLU H 21 -50.07 -37.35 52.50
N HIS H 22 -50.29 -37.27 51.19
CA HIS H 22 -50.07 -38.40 50.30
C HIS H 22 -48.58 -38.67 50.12
N CYS H 23 -47.84 -37.62 49.75
CA CYS H 23 -46.40 -37.75 49.49
C CYS H 23 -45.64 -38.17 50.74
N GLU H 24 -46.26 -37.98 51.90
CA GLU H 24 -45.67 -38.36 53.19
C GLU H 24 -45.37 -39.85 53.22
N GLN H 25 -46.20 -40.64 52.54
CA GLN H 25 -46.07 -42.09 52.57
C GLN H 25 -45.25 -42.64 51.41
N THR H 26 -44.61 -41.74 50.66
CA THR H 26 -43.67 -42.15 49.63
C THR H 26 -42.45 -42.77 50.31
N GLU H 27 -41.95 -43.85 49.75
CA GLU H 27 -40.81 -44.58 50.31
C GLU H 27 -39.63 -43.69 50.64
N LYS H 28 -39.39 -42.69 49.79
CA LYS H 28 -38.29 -41.77 49.98
C LYS H 28 -38.56 -40.83 51.15
N CYS H 29 -39.81 -40.37 51.27
CA CYS H 29 -40.19 -39.46 52.34
C CYS H 29 -40.28 -40.19 53.68
N VAL H 30 -40.74 -41.45 53.63
CA VAL H 30 -40.88 -42.26 54.84
C VAL H 30 -39.53 -42.49 55.52
N LYS H 31 -38.54 -42.94 54.74
CA LYS H 31 -37.20 -43.15 55.27
C LYS H 31 -36.58 -41.84 55.75
N ALA H 32 -36.92 -40.75 55.08
CA ALA H 32 -36.43 -39.44 55.47
C ALA H 32 -37.12 -38.97 56.75
N ARG H 33 -38.43 -39.16 56.81
CA ARG H 33 -39.21 -38.85 58.01
C ARG H 33 -38.69 -39.64 59.21
N GLU H 34 -38.28 -40.88 58.94
CA GLU H 34 -37.79 -41.77 59.99
C GLU H 34 -36.52 -41.24 60.63
N ARG H 35 -35.59 -40.76 59.81
CA ARG H 35 -34.35 -40.19 60.32
C ARG H 35 -34.60 -38.85 61.02
N LEU H 36 -35.64 -38.15 60.59
CA LEU H 36 -35.99 -36.86 61.19
C LEU H 36 -36.57 -37.06 62.59
N GLU H 37 -37.52 -37.99 62.70
CA GLU H 37 -38.11 -38.33 64.00
C GLU H 37 -37.04 -38.84 64.95
N LEU H 38 -36.11 -39.63 64.43
CA LEU H 38 -35.01 -40.15 65.23
C LEU H 38 -34.13 -39.04 65.77
N CYS H 39 -33.75 -38.11 64.90
CA CYS H 39 -32.84 -37.04 65.27
C CYS H 39 -33.52 -36.04 66.19
N ASP H 40 -34.80 -35.77 65.94
CA ASP H 40 -35.55 -34.80 66.72
C ASP H 40 -35.71 -35.26 68.16
N ALA H 41 -36.01 -36.55 68.34
CA ALA H 41 -36.20 -37.13 69.66
C ALA H 41 -34.90 -37.11 70.47
N ARG H 42 -33.79 -37.34 69.79
CA ARG H 42 -32.48 -37.39 70.44
C ARG H 42 -32.06 -36.01 70.96
N VAL H 43 -32.15 -35.00 70.11
CA VAL H 43 -31.74 -33.65 70.47
C VAL H 43 -32.65 -33.06 71.55
N SER H 44 -33.95 -33.33 71.45
CA SER H 44 -34.93 -32.81 72.39
C SER H 44 -34.70 -33.38 73.79
N SER H 45 -34.17 -34.59 73.86
CA SER H 45 -33.94 -35.25 75.14
C SER H 45 -32.59 -34.88 75.74
N ARG H 46 -31.95 -33.86 75.16
CA ARG H 46 -30.62 -33.48 75.59
C ARG H 46 -30.49 -31.99 75.89
N SER H 47 -29.67 -31.68 76.90
CA SER H 47 -29.41 -30.32 77.30
C SER H 47 -28.13 -29.80 76.66
N HIS H 48 -27.03 -30.52 76.87
CA HIS H 48 -25.70 -30.06 76.48
C HIS H 48 -25.24 -30.64 75.14
N THR H 49 -26.11 -30.64 74.14
CA THR H 49 -25.72 -31.14 72.83
C THR H 49 -25.64 -29.99 71.83
N GLU H 50 -24.74 -30.12 70.85
CA GLU H 50 -24.54 -29.10 69.84
C GLU H 50 -25.37 -29.41 68.60
N GLU H 51 -25.99 -30.58 68.62
CA GLU H 51 -26.65 -31.14 67.45
C GLU H 51 -27.93 -30.38 67.06
N GLN H 52 -28.10 -30.17 65.76
CA GLN H 52 -29.32 -29.60 65.21
C GLN H 52 -29.93 -30.57 64.19
N CYS H 53 -31.24 -30.47 63.98
CA CYS H 53 -31.94 -31.38 63.08
C CYS H 53 -32.24 -30.73 61.73
N THR H 54 -31.48 -29.70 61.38
CA THR H 54 -31.69 -28.99 60.13
C THR H 54 -31.38 -29.91 58.94
N GLU H 55 -30.28 -30.65 59.05
CA GLU H 55 -29.88 -31.59 58.01
C GLU H 55 -30.95 -32.65 57.76
N GLU H 56 -31.46 -33.23 58.84
CA GLU H 56 -32.48 -34.26 58.75
C GLU H 56 -33.80 -33.70 58.24
N LEU H 57 -34.12 -32.47 58.64
CA LEU H 57 -35.35 -31.82 58.20
C LEU H 57 -35.28 -31.48 56.71
N PHE H 58 -34.13 -30.99 56.26
CA PHE H 58 -33.97 -30.61 54.86
C PHE H 58 -34.06 -31.80 53.92
N ASP H 59 -33.59 -32.95 54.39
CA ASP H 59 -33.68 -34.18 53.61
C ASP H 59 -35.13 -34.55 53.34
N PHE H 60 -35.94 -34.55 54.39
CA PHE H 60 -37.35 -34.89 54.28
C PHE H 60 -38.11 -33.85 53.45
N LEU H 61 -37.88 -32.58 53.75
CA LEU H 61 -38.59 -31.50 53.07
C LEU H 61 -38.34 -31.52 51.57
N HIS H 62 -37.09 -31.75 51.18
CA HIS H 62 -36.74 -31.84 49.77
C HIS H 62 -37.44 -33.01 49.10
N ALA H 63 -37.45 -34.16 49.77
CA ALA H 63 -38.11 -35.35 49.23
C ALA H 63 -39.62 -35.13 49.10
N ARG H 64 -40.22 -34.55 50.13
CA ARG H 64 -41.66 -34.32 50.15
C ARG H 64 -42.08 -33.27 49.11
N ASP H 65 -41.38 -32.14 49.09
CA ASP H 65 -41.74 -31.03 48.22
C ASP H 65 -41.45 -31.32 46.75
N HIS H 66 -40.41 -32.11 46.48
CA HIS H 66 -40.10 -32.51 45.11
C HIS H 66 -41.21 -33.37 44.54
N CYS H 67 -41.83 -34.17 45.40
CA CYS H 67 -42.93 -35.03 45.00
C CYS H 67 -44.21 -34.21 44.86
N VAL H 68 -44.40 -33.26 45.76
CA VAL H 68 -45.58 -32.39 45.72
C VAL H 68 -45.62 -31.56 44.45
N ALA H 69 -44.47 -31.06 44.03
CA ALA H 69 -44.36 -30.20 42.86
C ALA H 69 -44.94 -30.86 41.60
N HIS H 70 -44.69 -32.15 41.43
CA HIS H 70 -45.18 -32.89 40.26
C HIS H 70 -46.71 -32.88 40.17
N LYS H 71 -47.38 -33.00 41.29
CA LYS H 71 -48.82 -33.23 41.30
C LYS H 71 -49.66 -31.97 41.58
N LEU H 72 -49.14 -31.07 42.40
CA LEU H 72 -49.90 -29.93 42.92
C LEU H 72 -50.61 -29.10 41.85
N PHE H 73 -49.89 -28.75 40.79
CA PHE H 73 -50.41 -27.83 39.78
C PHE H 73 -51.57 -28.43 38.97
N ASN H 74 -51.81 -29.73 39.14
CA ASN H 74 -52.98 -30.36 38.55
C ASN H 74 -54.26 -29.86 39.20
N LYS H 75 -54.22 -29.67 40.51
CA LYS H 75 -55.40 -29.29 41.28
C LYS H 75 -55.42 -27.80 41.57
N LEU H 76 -54.93 -27.00 40.63
CA LEU H 76 -54.95 -25.55 40.74
C LEU H 76 -55.30 -24.93 39.39
N LYS H 77 -56.14 -23.91 39.41
CA LYS H 77 -56.51 -23.19 38.19
C LYS H 77 -55.45 -22.15 37.81
N UNK I 29 -6.98 -10.18 -43.04
CA UNK I 29 -8.19 -10.92 -42.75
C UNK I 29 -7.89 -12.38 -42.44
N UNK I 30 -6.69 -12.81 -42.79
CA UNK I 30 -6.26 -14.17 -42.55
C UNK I 30 -4.80 -14.20 -42.09
N UNK I 31 -4.31 -15.38 -41.73
CA UNK I 31 -2.95 -15.51 -41.25
C UNK I 31 -2.88 -15.65 -39.74
N UNK I 32 -2.02 -16.54 -39.27
CA UNK I 32 -1.93 -16.84 -37.85
C UNK I 32 -0.94 -15.98 -37.11
N UNK I 33 -1.31 -15.58 -35.89
CA UNK I 33 -0.50 -14.69 -35.08
C UNK I 33 0.55 -15.40 -34.26
N UNK I 34 1.47 -14.61 -33.69
CA UNK I 34 2.54 -15.15 -32.87
C UNK I 34 3.02 -14.12 -31.85
N UNK I 35 4.00 -14.51 -31.05
CA UNK I 35 4.58 -13.61 -30.06
C UNK I 35 5.65 -14.27 -29.22
N UNK I 36 6.77 -13.57 -29.04
CA UNK I 36 7.87 -14.07 -28.26
C UNK I 36 8.38 -13.06 -27.25
N UNK I 37 9.22 -13.51 -26.33
CA UNK I 37 9.80 -12.64 -25.32
C UNK I 37 11.10 -12.02 -25.83
N UNK I 38 11.25 -10.72 -25.60
CA UNK I 38 12.41 -9.99 -26.10
C UNK I 38 13.56 -9.90 -25.12
N UNK I 39 14.59 -9.17 -25.50
CA UNK I 39 15.79 -9.04 -24.68
C UNK I 39 16.79 -10.13 -25.00
N UNK I 40 16.28 -11.28 -25.42
CA UNK I 40 17.11 -12.41 -25.76
C UNK I 40 16.51 -13.21 -26.91
N UNK I 41 15.27 -12.88 -27.26
CA UNK I 41 14.58 -13.53 -28.35
C UNK I 41 13.78 -14.73 -27.90
N UNK I 42 12.66 -14.97 -28.57
CA UNK I 42 11.81 -16.11 -28.26
N PRO I 46 9.29 -25.57 -33.35
CA PRO I 46 8.60 -26.63 -34.07
C PRO I 46 9.37 -27.10 -35.30
N LEU I 47 10.62 -27.54 -35.12
CA LEU I 47 11.48 -27.81 -36.26
C LEU I 47 12.46 -28.95 -36.05
N LEU I 48 12.00 -30.06 -35.49
CA LEU I 48 12.88 -31.21 -35.31
C LEU I 48 12.21 -32.51 -35.74
N CYS I 49 12.17 -32.71 -37.05
CA CYS I 49 11.71 -33.97 -37.64
C CYS I 49 12.49 -34.22 -38.91
N ARG I 50 11.82 -34.83 -39.89
CA ARG I 50 12.33 -34.92 -41.24
C ARG I 50 11.24 -34.43 -42.18
N GLU I 51 10.04 -34.29 -41.62
CA GLU I 51 8.86 -34.00 -42.42
C GLU I 51 8.04 -32.85 -41.82
N SER I 52 7.93 -32.82 -40.50
CA SER I 52 7.25 -31.72 -39.82
C SER I 52 8.22 -30.56 -39.62
N MET I 53 9.45 -30.76 -40.07
CA MET I 53 10.43 -29.69 -40.12
C MET I 53 10.69 -29.35 -41.57
N SER I 54 10.24 -30.23 -42.46
CA SER I 54 10.48 -30.08 -43.89
C SER I 54 9.44 -29.17 -44.53
N GLY I 55 9.79 -28.67 -45.71
CA GLY I 55 8.98 -27.69 -46.43
C GLY I 55 9.56 -26.32 -46.21
N ARG I 56 10.61 -26.27 -45.38
CA ARG I 56 11.29 -25.03 -45.04
C ARG I 56 12.78 -25.20 -45.17
N SER I 57 13.36 -24.67 -46.25
CA SER I 57 14.80 -24.76 -46.46
C SER I 57 15.28 -23.71 -47.45
N ALA I 58 14.54 -22.60 -47.50
CA ALA I 58 14.85 -21.46 -48.37
C ALA I 58 14.78 -21.81 -49.85
N ARG I 59 13.66 -21.47 -50.48
CA ARG I 59 13.50 -21.65 -51.93
C ARG I 59 13.80 -20.33 -52.64
N ARG I 60 13.19 -19.25 -52.14
CA ARG I 60 13.50 -17.90 -52.62
C ARG I 60 14.63 -17.36 -51.77
N ASP I 61 14.50 -16.11 -51.32
CA ASP I 61 15.47 -15.55 -50.40
C ASP I 61 14.86 -15.24 -49.05
N LEU I 62 14.09 -14.15 -48.98
CA LEU I 62 13.62 -13.62 -47.71
C LEU I 62 12.71 -12.41 -47.91
N VAL I 63 11.40 -12.67 -47.93
CA VAL I 63 10.44 -11.58 -47.97
C VAL I 63 10.08 -11.20 -46.54
N ALA I 64 9.64 -9.96 -46.34
CA ALA I 64 9.28 -9.49 -45.01
C ALA I 64 7.96 -8.70 -45.06
N GLY I 65 6.94 -9.24 -44.42
CA GLY I 65 5.63 -8.62 -44.41
C GLY I 65 5.24 -8.03 -43.07
N ILE I 66 4.38 -7.02 -43.11
CA ILE I 66 3.82 -6.41 -41.91
C ILE I 66 2.48 -5.79 -42.30
N SER I 67 1.51 -5.82 -41.39
CA SER I 67 0.14 -5.45 -41.75
C SER I 67 -0.53 -4.56 -40.73
N LEU I 68 -1.62 -3.91 -41.15
CA LEU I 68 -2.43 -3.08 -40.27
C LEU I 68 -3.27 -3.97 -39.35
N ASN I 69 -3.97 -4.94 -39.93
CA ASN I 69 -4.65 -5.95 -39.12
C ASN I 69 -4.46 -7.36 -39.69
N ALA I 70 -3.24 -7.85 -39.56
CA ALA I 70 -2.87 -9.23 -39.89
C ALA I 70 -1.45 -9.46 -39.39
N PRO I 71 -1.17 -10.67 -38.89
CA PRO I 71 0.12 -11.01 -38.29
C PRO I 71 1.30 -10.81 -39.26
N ALA I 72 2.43 -10.36 -38.73
CA ALA I 72 3.63 -10.18 -39.53
C ALA I 72 4.13 -11.52 -40.05
N SER I 73 4.61 -11.53 -41.30
CA SER I 73 5.04 -12.77 -41.92
C SER I 73 6.47 -12.65 -42.44
N VAL I 74 7.04 -13.79 -42.83
CA VAL I 74 8.40 -13.83 -43.32
C VAL I 74 8.59 -15.06 -44.21
N ARG I 75 9.43 -14.92 -45.23
CA ARG I 75 9.71 -16.01 -46.15
C ARG I 75 11.20 -16.20 -46.34
N ALA J 1 -42.16 -28.03 -16.55
CA ALA J 1 -41.03 -27.95 -15.63
C ALA J 1 -41.02 -26.61 -14.88
N LEU J 2 -41.18 -26.67 -13.56
CA LEU J 2 -41.17 -25.47 -12.74
C LEU J 2 -39.73 -24.96 -12.61
N LEU J 3 -38.80 -25.86 -12.30
CA LEU J 3 -37.39 -25.51 -12.16
C LEU J 3 -36.83 -24.79 -13.38
N ARG J 4 -37.07 -25.36 -14.57
CA ARG J 4 -36.56 -24.77 -15.80
C ARG J 4 -37.16 -23.38 -16.04
N GLN J 5 -38.46 -23.25 -15.81
CA GLN J 5 -39.15 -21.99 -16.07
C GLN J 5 -38.84 -20.95 -15.00
N ALA J 6 -38.69 -21.38 -13.75
CA ALA J 6 -38.34 -20.47 -12.67
C ALA J 6 -36.97 -19.84 -12.93
N TYR J 7 -36.09 -20.61 -13.56
CA TYR J 7 -34.78 -20.13 -13.95
C TYR J 7 -34.86 -19.06 -15.03
N SER J 8 -35.40 -19.44 -16.19
CA SER J 8 -35.41 -18.58 -17.36
C SER J 8 -36.25 -17.32 -17.17
N ALA J 9 -37.30 -17.41 -16.36
CA ALA J 9 -38.21 -16.29 -16.17
C ALA J 9 -37.78 -15.37 -15.03
N LEU J 10 -37.19 -15.95 -13.99
CA LEU J 10 -36.86 -15.19 -12.79
C LEU J 10 -35.37 -15.11 -12.50
N PHE J 11 -34.72 -16.26 -12.42
CA PHE J 11 -33.35 -16.35 -11.90
C PHE J 11 -32.27 -16.01 -12.92
N ARG J 12 -32.63 -15.99 -14.20
CA ARG J 12 -31.63 -15.80 -15.25
C ARG J 12 -31.11 -14.36 -15.28
N ARG J 13 -31.97 -13.41 -15.66
CA ARG J 13 -31.59 -12.01 -15.66
C ARG J 13 -31.43 -11.48 -14.24
N THR J 14 -30.36 -10.73 -14.01
CA THR J 14 -30.05 -10.20 -12.69
C THR J 14 -31.13 -9.24 -12.20
N SER J 15 -31.77 -8.55 -13.15
CA SER J 15 -32.84 -7.61 -12.83
C SER J 15 -34.08 -8.35 -12.36
N THR J 16 -34.48 -9.38 -13.11
CA THR J 16 -35.65 -10.17 -12.77
C THR J 16 -35.42 -10.98 -11.49
N PHE J 17 -34.16 -11.29 -11.22
CA PHE J 17 -33.79 -12.03 -10.02
C PHE J 17 -34.07 -11.19 -8.77
N ALA J 18 -33.54 -9.98 -8.78
CA ALA J 18 -33.71 -9.05 -7.66
C ALA J 18 -35.17 -8.73 -7.41
N LEU J 19 -35.96 -8.62 -8.48
CA LEU J 19 -37.38 -8.32 -8.34
C LEU J 19 -38.11 -9.48 -7.69
N THR J 20 -37.66 -10.70 -8.00
CA THR J 20 -38.22 -11.90 -7.39
C THR J 20 -37.96 -11.90 -5.89
N VAL J 21 -36.75 -11.54 -5.49
CA VAL J 21 -36.36 -11.47 -4.09
C VAL J 21 -37.26 -10.51 -3.31
N VAL J 22 -37.45 -9.31 -3.85
CA VAL J 22 -38.35 -8.33 -3.25
C VAL J 22 -39.78 -8.86 -3.19
N LEU J 23 -40.31 -9.22 -4.35
CA LEU J 23 -41.69 -9.72 -4.45
C LEU J 23 -41.89 -10.97 -3.60
N GLY J 24 -40.88 -11.83 -3.56
CA GLY J 24 -40.95 -13.05 -2.78
C GLY J 24 -40.89 -12.78 -1.29
N ALA J 25 -40.16 -11.75 -0.89
CA ALA J 25 -40.03 -11.40 0.53
C ALA J 25 -41.31 -10.79 1.08
N VAL J 26 -41.95 -9.95 0.27
CA VAL J 26 -43.21 -9.33 0.64
C VAL J 26 -44.28 -10.39 0.89
N LEU J 27 -44.31 -11.39 0.02
CA LEU J 27 -45.25 -12.50 0.17
C LEU J 27 -44.85 -13.42 1.31
N PHE J 28 -43.54 -13.63 1.49
CA PHE J 28 -43.05 -14.49 2.57
C PHE J 28 -43.38 -13.91 3.93
N GLU J 29 -43.17 -12.60 4.10
CA GLU J 29 -43.46 -11.93 5.36
C GLU J 29 -44.93 -12.06 5.73
N ARG J 30 -45.80 -11.73 4.78
CA ARG J 30 -47.25 -11.80 4.98
C ARG J 30 -47.68 -13.20 5.40
N ALA J 31 -46.97 -14.21 4.90
CA ALA J 31 -47.31 -15.60 5.17
C ALA J 31 -46.66 -16.12 6.44
N PHE J 32 -45.36 -15.86 6.58
CA PHE J 32 -44.59 -16.37 7.72
C PHE J 32 -45.10 -15.83 9.05
N ASP J 33 -45.46 -14.55 9.06
CA ASP J 33 -45.97 -13.91 10.27
C ASP J 33 -47.27 -14.58 10.71
N GLN J 34 -48.28 -14.52 9.85
CA GLN J 34 -49.60 -15.06 10.14
C GLN J 34 -49.51 -16.54 10.55
N GLY J 35 -48.59 -17.27 9.95
CA GLY J 35 -48.38 -18.66 10.29
C GLY J 35 -47.76 -18.81 11.68
N ALA J 36 -46.72 -18.02 11.93
CA ALA J 36 -46.01 -18.07 13.21
C ALA J 36 -46.91 -17.64 14.36
N ASP J 37 -47.66 -16.55 14.15
CA ASP J 37 -48.58 -16.07 15.17
C ASP J 37 -49.67 -17.09 15.44
N ALA J 38 -50.05 -17.85 14.42
CA ALA J 38 -51.08 -18.87 14.57
C ALA J 38 -50.54 -20.05 15.37
N ILE J 39 -49.33 -20.49 15.03
CA ILE J 39 -48.70 -21.62 15.71
C ILE J 39 -48.48 -21.30 17.18
N PHE J 40 -48.16 -20.04 17.47
CA PHE J 40 -47.89 -19.61 18.84
C PHE J 40 -49.17 -19.48 19.65
N GLU J 41 -50.23 -18.97 19.03
CA GLU J 41 -51.49 -18.72 19.74
C GLU J 41 -52.21 -20.02 20.09
N HIS J 42 -52.12 -21.01 19.20
CA HIS J 42 -52.72 -22.31 19.46
C HIS J 42 -51.99 -23.04 20.58
N LEU J 43 -50.67 -22.87 20.64
CA LEU J 43 -49.86 -23.51 21.67
C LEU J 43 -50.15 -22.92 23.05
N ASN J 44 -50.83 -21.77 23.06
CA ASN J 44 -51.23 -21.13 24.30
C ASN J 44 -52.73 -20.79 24.29
N GLU J 45 -53.57 -21.82 24.14
CA GLU J 45 -55.01 -21.62 24.06
C GLU J 45 -55.62 -21.18 25.39
N GLY J 46 -56.37 -20.08 25.34
CA GLY J 46 -57.07 -19.58 26.52
C GLY J 46 -56.16 -18.85 27.49
N LYS J 47 -54.88 -18.77 27.17
CA LYS J 47 -53.90 -18.16 28.06
C LYS J 47 -53.70 -16.67 27.78
N LEU J 48 -53.78 -16.29 26.50
CA LEU J 48 -53.51 -14.91 26.10
C LEU J 48 -54.64 -13.96 26.47
N TRP J 49 -54.37 -12.66 26.44
CA TRP J 49 -55.36 -11.65 26.77
C TRP J 49 -56.49 -11.60 25.73
N LYS J 50 -56.14 -11.86 24.47
CA LYS J 50 -57.13 -11.86 23.39
C LYS J 50 -58.17 -12.95 23.58
N HIS J 51 -57.83 -13.95 24.40
CA HIS J 51 -58.71 -15.08 24.67
C HIS J 51 -59.66 -14.79 25.83
N ILE J 52 -59.13 -14.18 26.89
CA ILE J 52 -59.91 -13.88 28.08
C ILE J 52 -60.52 -12.49 28.01
N LYS J 53 -60.38 -11.86 26.85
CA LYS J 53 -60.84 -10.49 26.64
C LYS J 53 -62.36 -10.33 26.72
N HIS J 54 -63.09 -11.37 26.33
CA HIS J 54 -64.54 -11.29 26.22
C HIS J 54 -65.26 -11.20 27.56
N LYS J 55 -64.55 -11.46 28.65
CA LYS J 55 -65.17 -11.48 29.97
C LYS J 55 -65.35 -10.07 30.56
N TYR J 56 -64.54 -9.13 30.09
CA TYR J 56 -64.47 -7.82 30.73
C TYR J 56 -64.79 -6.66 29.80
N GLU J 57 -65.15 -6.98 28.55
CA GLU J 57 -65.51 -5.94 27.59
C GLU J 57 -66.25 -6.51 26.38
N ALA J 58 -66.68 -5.61 25.50
CA ALA J 58 -67.31 -5.96 24.23
C ALA J 58 -68.52 -6.87 24.37
N SER J 59 -69.09 -6.90 25.57
CA SER J 59 -70.28 -7.70 25.86
C SER J 59 -70.84 -7.30 27.22
N GLU J 60 -69.95 -7.11 28.19
CA GLU J 60 -70.33 -6.65 29.52
C GLU J 60 -69.20 -5.84 30.12
N GLU J 61 -69.53 -4.98 31.07
CA GLU J 61 -68.54 -4.16 31.73
C GLU J 61 -68.95 -3.82 33.16
N THR K 3 61.95 -12.77 7.91
CA THR K 3 60.75 -12.34 8.62
C THR K 3 60.44 -10.88 8.31
N TYR K 4 59.14 -10.56 8.30
CA TYR K 4 58.67 -9.23 7.92
C TYR K 4 59.28 -8.11 8.75
N ALA K 5 59.35 -8.32 10.06
CA ALA K 5 59.84 -7.31 11.00
C ALA K 5 61.28 -6.90 10.70
N GLN K 6 62.02 -7.79 10.06
CA GLN K 6 63.43 -7.54 9.76
C GLN K 6 63.61 -6.93 8.38
N THR K 7 62.76 -7.34 7.44
CA THR K 7 62.86 -6.85 6.07
C THR K 7 62.48 -5.37 5.98
N LEU K 8 61.72 -4.88 6.94
CA LEU K 8 61.43 -3.45 7.04
C LEU K 8 62.66 -2.69 7.52
N GLN K 9 63.32 -3.25 8.53
CA GLN K 9 64.53 -2.66 9.08
C GLN K 9 65.68 -2.62 8.07
N ASN K 10 65.64 -3.53 7.11
CA ASN K 10 66.77 -3.70 6.20
C ASN K 10 66.58 -3.07 4.81
N ILE K 11 65.67 -2.11 4.72
CA ILE K 11 65.48 -1.37 3.48
C ILE K 11 66.50 -0.24 3.41
N PRO K 12 67.24 -0.17 2.28
CA PRO K 12 68.23 0.89 2.08
C PRO K 12 67.66 2.28 2.27
N GLU K 13 68.20 3.03 3.23
CA GLU K 13 67.71 4.36 3.56
C GLU K 13 67.83 5.32 2.38
N THR K 14 66.92 6.28 2.31
CA THR K 14 66.90 7.25 1.23
C THR K 14 67.85 8.41 1.52
N ASN K 15 68.80 8.64 0.63
CA ASN K 15 69.79 9.69 0.82
C ASN K 15 69.29 11.04 0.34
N VAL K 16 69.58 12.09 1.12
CA VAL K 16 69.17 13.45 0.76
C VAL K 16 70.31 14.45 0.87
N THR K 17 70.52 15.20 -0.20
CA THR K 17 71.51 16.29 -0.22
C THR K 17 70.90 17.51 -0.91
N THR K 18 71.29 18.70 -0.46
CA THR K 18 70.74 19.93 -1.03
C THR K 18 71.82 20.74 -1.74
N LEU K 19 71.45 21.40 -2.83
CA LEU K 19 72.41 22.16 -3.62
C LEU K 19 72.53 23.60 -3.15
N ASP K 20 73.28 24.40 -3.89
CA ASP K 20 73.46 25.81 -3.57
C ASP K 20 72.16 26.59 -3.75
N ASN K 21 71.43 26.26 -4.80
CA ASN K 21 70.21 27.00 -5.15
C ASN K 21 68.98 26.49 -4.41
N GLY K 22 69.16 25.45 -3.60
CA GLY K 22 68.09 24.95 -2.75
C GLY K 22 67.40 23.69 -3.25
N LEU K 23 67.80 23.23 -4.44
CA LEU K 23 67.21 22.02 -5.00
C LEU K 23 67.67 20.79 -4.22
N ARG K 24 66.71 19.95 -3.85
CA ARG K 24 66.99 18.73 -3.11
C ARG K 24 67.13 17.53 -4.05
N VAL K 25 68.07 16.66 -3.72
CA VAL K 25 68.28 15.44 -4.49
C VAL K 25 68.15 14.22 -3.59
N ALA K 26 67.23 13.32 -3.93
CA ALA K 26 67.00 12.13 -3.13
C ALA K 26 67.00 10.87 -3.99
N SER K 27 67.48 9.77 -3.42
CA SER K 27 67.60 8.54 -4.17
C SER K 27 67.38 7.29 -3.31
N GLU K 28 66.79 6.27 -3.92
CA GLU K 28 66.70 4.95 -3.31
C GLU K 28 67.45 3.96 -4.20
N GLU K 29 68.65 3.59 -3.78
CA GLU K 29 69.50 2.74 -4.59
C GLU K 29 69.20 1.26 -4.40
N SER K 30 68.97 0.57 -5.50
CA SER K 30 68.81 -0.87 -5.50
C SER K 30 69.77 -1.47 -6.52
N SER K 31 69.57 -2.75 -6.85
CA SER K 31 70.41 -3.40 -7.85
C SER K 31 69.63 -3.55 -9.16
N GLN K 32 68.82 -2.54 -9.47
CA GLN K 32 67.98 -2.56 -10.67
C GLN K 32 68.72 -2.09 -11.91
N PRO K 33 68.68 -2.90 -12.98
CA PRO K 33 69.25 -2.51 -14.27
C PRO K 33 68.49 -1.33 -14.88
N THR K 34 67.23 -1.19 -14.50
CA THR K 34 66.41 -0.05 -14.90
C THR K 34 66.25 0.91 -13.73
N CYS K 35 65.64 2.07 -13.99
CA CYS K 35 65.46 3.06 -12.95
C CYS K 35 64.42 4.11 -13.34
N THR K 36 63.95 4.86 -12.36
CA THR K 36 63.07 5.99 -12.60
C THR K 36 63.61 7.22 -11.88
N VAL K 37 63.77 8.30 -12.63
CA VAL K 37 64.31 9.54 -12.08
C VAL K 37 63.64 10.74 -12.72
N GLY K 38 63.14 11.64 -11.88
CA GLY K 38 62.46 12.84 -12.36
C GLY K 38 62.45 13.96 -11.34
N VAL K 39 61.73 15.03 -11.66
CA VAL K 39 61.64 16.18 -10.76
C VAL K 39 60.20 16.44 -10.33
N TRP K 40 59.98 16.43 -9.01
CA TRP K 40 58.66 16.69 -8.45
C TRP K 40 58.58 18.14 -7.97
N ILE K 41 57.78 18.94 -8.65
CA ILE K 41 57.68 20.37 -8.36
C ILE K 41 56.48 20.70 -7.49
N GLY K 42 56.65 21.62 -6.56
CA GLY K 42 55.57 22.09 -5.71
C GLY K 42 54.74 23.14 -6.43
N ALA K 43 54.10 22.74 -7.51
CA ALA K 43 53.30 23.64 -8.32
C ALA K 43 52.04 22.96 -8.84
N GLY K 44 50.93 23.70 -8.88
CA GLY K 44 49.67 23.16 -9.34
C GLY K 44 48.66 24.24 -9.64
N SER K 45 47.38 23.87 -9.61
CA SER K 45 46.30 24.79 -9.93
C SER K 45 45.96 25.70 -8.75
N ARG K 46 46.43 25.33 -7.56
CA ARG K 46 46.22 26.17 -6.39
C ARG K 46 47.15 27.37 -6.45
N TYR K 47 48.32 27.18 -7.06
CA TYR K 47 49.29 28.27 -7.24
C TYR K 47 48.84 29.19 -8.37
N GLU K 48 47.91 28.72 -9.18
CA GLU K 48 47.33 29.53 -10.25
C GLU K 48 46.26 30.45 -9.70
N ASN K 49 45.67 31.27 -10.56
CA ASN K 49 44.53 32.09 -10.16
C ASN K 49 43.53 32.30 -11.30
N GLU K 50 42.80 33.41 -11.27
CA GLU K 50 41.69 33.62 -12.19
C GLU K 50 42.13 33.77 -13.65
N LYS K 51 43.32 34.32 -13.87
CA LYS K 51 43.78 34.58 -15.23
C LYS K 51 44.60 33.42 -15.80
N ASN K 52 45.44 32.81 -14.97
CA ASN K 52 46.35 31.77 -15.44
C ASN K 52 45.93 30.37 -14.99
N ASN K 53 44.64 30.16 -14.88
CA ASN K 53 44.12 28.84 -14.50
C ASN K 53 44.30 27.85 -15.63
N GLY K 54 44.93 26.72 -15.32
CA GLY K 54 45.20 25.69 -16.31
C GLY K 54 46.43 25.97 -17.13
N ALA K 55 47.23 26.95 -16.71
CA ALA K 55 48.47 27.27 -17.39
C ALA K 55 49.51 26.19 -17.13
N GLY K 56 49.56 25.70 -15.89
CA GLY K 56 50.47 24.63 -15.53
C GLY K 56 50.12 23.34 -16.24
N TYR K 57 48.87 23.21 -16.63
CA TYR K 57 48.42 22.06 -17.40
C TYR K 57 48.75 22.29 -18.87
N PHE K 58 48.60 23.52 -19.32
CA PHE K 58 48.99 23.92 -20.66
C PHE K 58 50.50 23.75 -20.83
N VAL K 59 51.23 24.01 -19.75
CA VAL K 59 52.67 23.80 -19.72
C VAL K 59 53.00 22.31 -19.83
N GLU K 60 52.24 21.49 -19.12
CA GLU K 60 52.46 20.05 -19.10
C GLU K 60 52.37 19.45 -20.50
N HIS K 61 51.53 20.07 -21.33
CA HIS K 61 51.39 19.66 -22.73
C HIS K 61 52.61 20.02 -23.56
N LEU K 62 53.31 21.08 -23.17
CA LEU K 62 54.42 21.60 -23.96
C LEU K 62 55.78 21.19 -23.39
N ALA K 63 55.77 20.42 -22.31
CA ALA K 63 57.01 19.97 -21.69
C ALA K 63 57.76 19.00 -22.60
N PHE K 64 57.03 18.06 -23.20
CA PHE K 64 57.65 17.02 -24.01
C PHE K 64 57.74 17.42 -25.49
N LYS K 65 57.24 18.60 -25.81
CA LYS K 65 57.18 19.05 -27.20
C LYS K 65 58.44 19.78 -27.66
N GLY K 66 59.57 19.49 -27.00
CA GLY K 66 60.84 20.05 -27.40
C GLY K 66 61.34 21.18 -26.51
N THR K 67 62.66 21.34 -26.48
CA THR K 67 63.29 22.37 -25.67
C THR K 67 64.12 23.32 -26.54
N LYS K 68 64.83 24.24 -25.89
CA LYS K 68 65.66 25.20 -26.62
C LYS K 68 66.85 24.51 -27.27
N LYS K 69 67.54 23.67 -26.51
CA LYS K 69 68.72 22.99 -27.02
C LYS K 69 68.38 21.98 -28.11
N ARG K 70 67.23 21.32 -27.97
CA ARG K 70 66.80 20.33 -28.94
C ARG K 70 65.29 20.42 -29.19
N PRO K 71 64.91 20.79 -30.41
CA PRO K 71 63.50 20.95 -30.80
C PRO K 71 62.71 19.64 -30.74
N CYS K 72 61.43 19.70 -31.06
CA CYS K 72 60.51 18.57 -30.92
C CYS K 72 61.01 17.30 -31.61
N ALA K 73 61.43 17.42 -32.87
CA ALA K 73 61.87 16.26 -33.65
C ALA K 73 63.06 15.56 -33.00
N ALA K 74 64.05 16.34 -32.58
CA ALA K 74 65.27 15.79 -32.00
C ALA K 74 65.01 15.22 -30.61
N PHE K 75 64.27 15.96 -29.78
CA PHE K 75 64.03 15.56 -28.40
C PHE K 75 63.27 14.24 -28.30
N GLU K 76 62.23 14.08 -29.11
CA GLU K 76 61.45 12.85 -29.11
C GLU K 76 62.29 11.70 -29.64
N LYS K 77 63.08 11.96 -30.67
CA LYS K 77 63.91 10.93 -31.27
C LYS K 77 65.01 10.46 -30.30
N GLU K 78 65.56 11.39 -29.52
CA GLU K 78 66.63 11.07 -28.58
C GLU K 78 66.11 10.24 -27.42
N VAL K 79 64.94 10.61 -26.90
CA VAL K 79 64.35 9.93 -25.75
C VAL K 79 63.90 8.51 -26.12
N GLU K 80 63.26 8.37 -27.29
CA GLU K 80 62.78 7.07 -27.75
C GLU K 80 63.92 6.08 -27.98
N SER K 81 65.04 6.58 -28.49
CA SER K 81 66.15 5.73 -28.91
C SER K 81 66.83 4.99 -27.77
N MET K 82 66.79 5.57 -26.57
CA MET K 82 67.43 4.95 -25.41
C MET K 82 66.44 4.07 -24.65
N GLY K 83 65.33 3.74 -25.29
CA GLY K 83 64.30 2.90 -24.70
C GLY K 83 63.69 3.52 -23.46
N ALA K 84 63.83 4.83 -23.34
CA ALA K 84 63.38 5.55 -22.15
C ALA K 84 61.95 6.07 -22.29
N HIS K 85 61.18 5.96 -21.22
CA HIS K 85 59.81 6.47 -21.21
C HIS K 85 59.74 7.80 -20.45
N PHE K 86 59.24 8.83 -21.14
CA PHE K 86 59.06 10.14 -20.51
C PHE K 86 57.59 10.37 -20.19
N ASN K 87 57.31 10.63 -18.92
CA ASN K 87 55.94 10.84 -18.46
C ASN K 87 55.88 11.89 -17.35
N GLY K 88 54.68 12.40 -17.10
CA GLY K 88 54.49 13.40 -16.06
C GLY K 88 53.03 13.73 -15.83
N TYR K 89 52.77 14.59 -14.85
CA TYR K 89 51.41 15.01 -14.53
C TYR K 89 51.39 16.36 -13.83
N THR K 90 50.19 16.84 -13.52
CA THR K 90 50.03 18.02 -12.68
C THR K 90 48.75 17.91 -11.87
N SER K 91 48.84 18.19 -10.58
CA SER K 91 47.67 18.13 -9.72
C SER K 91 47.23 19.52 -9.31
N ARG K 92 46.64 19.62 -8.14
CA ARG K 92 46.21 20.90 -7.59
C ARG K 92 47.35 21.55 -6.81
N GLU K 93 48.28 20.73 -6.34
CA GLU K 93 49.36 21.21 -5.50
C GLU K 93 50.71 20.61 -5.83
N GLN K 94 50.76 19.81 -6.91
CA GLN K 94 51.99 19.08 -7.22
C GLN K 94 52.12 18.73 -8.70
N THR K 95 53.21 19.18 -9.31
CA THR K 95 53.54 18.86 -10.68
C THR K 95 54.78 17.97 -10.71
N ALA K 96 54.84 17.03 -11.65
CA ALA K 96 55.97 16.12 -11.73
C ALA K 96 56.29 15.74 -13.18
N PHE K 97 57.58 15.65 -13.48
CA PHE K 97 58.06 15.15 -14.77
C PHE K 97 59.17 14.14 -14.53
N TYR K 98 58.98 12.91 -15.00
CA TYR K 98 59.93 11.84 -14.69
C TYR K 98 60.22 10.93 -15.89
N ILE K 99 61.31 10.16 -15.78
CA ILE K 99 61.76 9.31 -16.88
C ILE K 99 62.13 7.90 -16.40
N LYS K 100 61.62 6.89 -17.11
CA LYS K 100 62.02 5.51 -16.88
C LYS K 100 63.06 5.07 -17.90
N ALA K 101 64.24 4.69 -17.41
CA ALA K 101 65.30 4.27 -18.31
C ALA K 101 66.27 3.30 -17.64
N LEU K 102 67.27 2.87 -18.39
CA LEU K 102 68.33 2.04 -17.85
C LEU K 102 69.13 2.83 -16.83
N SER K 103 69.73 2.14 -15.87
CA SER K 103 70.50 2.79 -14.82
C SER K 103 71.78 3.44 -15.36
N LYS K 104 72.17 3.06 -16.57
CA LYS K 104 73.38 3.60 -17.18
C LYS K 104 73.15 4.99 -17.77
N ASP K 105 71.92 5.26 -18.19
CA ASP K 105 71.59 6.52 -18.84
C ASP K 105 71.22 7.61 -17.85
N MET K 106 71.36 7.30 -16.56
CA MET K 106 70.99 8.21 -15.48
C MET K 106 71.53 9.64 -15.62
N PRO K 107 72.84 9.80 -15.95
CA PRO K 107 73.29 11.19 -16.07
C PRO K 107 72.70 11.91 -17.28
N LYS K 108 72.58 11.21 -18.41
CA LYS K 108 71.96 11.79 -19.59
C LYS K 108 70.50 12.13 -19.32
N VAL K 109 69.82 11.27 -18.55
CA VAL K 109 68.44 11.49 -18.18
C VAL K 109 68.26 12.78 -17.38
N VAL K 110 69.12 12.95 -16.37
CA VAL K 110 69.08 14.15 -15.53
C VAL K 110 69.28 15.41 -16.37
N GLU K 111 70.15 15.31 -17.37
CA GLU K 111 70.35 16.40 -18.32
C GLU K 111 69.07 16.66 -19.11
N LEU K 112 68.41 15.59 -19.53
CA LEU K 112 67.16 15.69 -20.28
C LEU K 112 66.07 16.31 -19.43
N LEU K 113 66.01 15.92 -18.17
CA LEU K 113 65.05 16.47 -17.22
C LEU K 113 65.28 17.95 -16.99
N ALA K 114 66.54 18.30 -16.70
CA ALA K 114 66.92 19.67 -16.40
C ALA K 114 66.68 20.59 -17.59
N ASP K 115 66.66 20.01 -18.79
CA ASP K 115 66.48 20.79 -19.99
C ASP K 115 65.02 21.20 -20.17
N VAL K 116 64.11 20.30 -19.83
CA VAL K 116 62.68 20.53 -19.98
C VAL K 116 62.15 21.56 -18.99
N VAL K 117 62.52 21.40 -17.72
CA VAL K 117 62.03 22.28 -16.67
C VAL K 117 62.58 23.71 -16.82
N GLN K 118 63.72 23.83 -17.48
CA GLN K 118 64.38 25.13 -17.61
C GLN K 118 64.25 25.71 -19.02
N ASN K 119 64.87 25.04 -19.99
CA ASN K 119 64.95 25.57 -21.35
C ASN K 119 63.83 25.06 -22.26
N CYS K 120 62.60 25.08 -21.77
CA CYS K 120 61.45 24.68 -22.58
C CYS K 120 61.28 25.62 -23.77
N ALA K 121 60.92 25.07 -24.93
CA ALA K 121 60.84 25.83 -26.16
C ALA K 121 59.66 26.80 -26.18
N LEU K 122 58.46 26.28 -25.96
CA LEU K 122 57.22 27.07 -26.04
C LEU K 122 57.06 27.72 -27.41
N GLU K 123 57.16 26.92 -28.46
CA GLU K 123 57.01 27.42 -29.82
C GLU K 123 55.62 28.01 -30.03
N GLU K 124 55.56 29.21 -30.60
CA GLU K 124 54.30 29.92 -30.76
C GLU K 124 53.32 29.16 -31.63
N SER K 125 53.86 28.39 -32.57
CA SER K 125 53.05 27.57 -33.46
C SER K 125 52.57 26.29 -32.77
N GLN K 126 53.40 25.77 -31.87
CA GLN K 126 53.08 24.55 -31.14
C GLN K 126 51.97 24.77 -30.13
N ILE K 127 51.97 25.94 -29.50
CA ILE K 127 50.94 26.31 -28.53
C ILE K 127 49.55 26.27 -29.14
N GLU K 128 49.45 26.76 -30.38
CA GLU K 128 48.17 26.84 -31.08
C GLU K 128 47.60 25.46 -31.37
N LYS K 129 48.46 24.46 -31.49
CA LYS K 129 48.01 23.09 -31.70
C LYS K 129 47.40 22.52 -30.42
N GLU K 130 48.09 22.74 -29.30
CA GLU K 130 47.66 22.21 -28.02
C GLU K 130 46.42 22.94 -27.51
N ARG K 131 46.06 24.03 -28.17
CA ARG K 131 44.81 24.72 -27.90
C ARG K 131 43.65 23.76 -28.12
N GLY K 132 43.58 23.18 -29.32
CA GLY K 132 42.54 22.23 -29.65
C GLY K 132 42.72 20.90 -28.96
N VAL K 133 43.96 20.55 -28.66
CA VAL K 133 44.26 19.29 -27.98
C VAL K 133 43.67 19.26 -26.57
N ILE K 134 43.96 20.30 -25.80
CA ILE K 134 43.41 20.42 -24.44
C ILE K 134 41.90 20.54 -24.49
N LEU K 135 41.40 21.33 -25.44
CA LEU K 135 39.96 21.53 -25.60
C LEU K 135 39.23 20.23 -25.94
N GLN K 136 39.97 19.26 -26.47
CA GLN K 136 39.40 17.95 -26.75
C GLN K 136 39.49 17.07 -25.51
N GLU K 137 40.59 17.21 -24.77
CA GLU K 137 40.77 16.46 -23.54
C GLU K 137 39.76 16.91 -22.48
N LEU K 138 39.27 18.14 -22.62
CA LEU K 138 38.21 18.64 -21.75
C LEU K 138 36.89 17.98 -22.08
N LYS K 139 36.57 17.88 -23.37
CA LYS K 139 35.34 17.23 -23.80
C LYS K 139 35.35 15.75 -23.47
N GLU K 140 36.54 15.16 -23.45
CA GLU K 140 36.69 13.73 -23.19
C GLU K 140 36.61 13.42 -21.69
N MET K 141 37.19 14.30 -20.88
CA MET K 141 37.13 14.14 -19.42
C MET K 141 35.76 14.53 -18.87
N ASP K 142 34.98 15.24 -19.68
CA ASP K 142 33.65 15.69 -19.27
C ASP K 142 32.66 14.53 -19.25
N ASN K 143 33.02 13.44 -19.91
CA ASN K 143 32.20 12.24 -19.91
C ASN K 143 32.64 11.23 -18.85
N ASP K 144 33.69 11.58 -18.13
CA ASP K 144 34.10 10.80 -16.96
C ASP K 144 33.34 11.32 -15.74
N MET K 145 32.31 10.59 -15.34
CA MET K 145 31.41 11.02 -14.28
C MET K 145 32.12 11.11 -12.93
N THR K 146 33.08 10.21 -12.72
CA THR K 146 33.89 10.25 -11.51
C THR K 146 34.74 11.51 -11.48
N ASN K 147 35.28 11.88 -12.65
CA ASN K 147 36.09 13.08 -12.79
C ASN K 147 35.28 14.35 -12.53
N VAL K 148 34.11 14.43 -13.17
CA VAL K 148 33.25 15.60 -13.06
C VAL K 148 32.78 15.80 -11.62
N THR K 149 32.49 14.69 -10.94
CA THR K 149 32.03 14.73 -9.56
C THR K 149 33.10 15.27 -8.60
N PHE K 150 34.32 14.75 -8.70
CA PHE K 150 35.39 15.16 -7.81
C PHE K 150 35.81 16.61 -8.05
N ASP K 151 35.68 17.07 -9.28
CA ASP K 151 35.92 18.49 -9.58
C ASP K 151 34.84 19.34 -8.92
N TYR K 152 33.60 18.89 -9.04
CA TYR K 152 32.46 19.57 -8.42
C TYR K 152 32.59 19.57 -6.90
N LEU K 153 33.14 18.49 -6.35
CA LEU K 153 33.34 18.38 -4.91
C LEU K 153 34.26 19.49 -4.43
N HIS K 154 35.41 19.63 -5.09
CA HIS K 154 36.35 20.69 -4.77
C HIS K 154 35.73 22.07 -5.01
N ALA K 155 34.94 22.18 -6.06
CA ALA K 155 34.35 23.45 -6.45
C ALA K 155 33.38 24.00 -5.39
N THR K 156 32.83 23.11 -4.57
CA THR K 156 31.87 23.53 -3.56
C THR K 156 32.42 23.40 -2.13
N ALA K 157 33.31 22.44 -1.92
CA ALA K 157 33.91 22.25 -0.60
C ALA K 157 34.83 23.42 -0.28
N PHE K 158 35.69 23.77 -1.24
CA PHE K 158 36.58 24.90 -1.10
C PHE K 158 36.10 26.06 -1.95
N GLN K 159 34.78 26.24 -2.02
CA GLN K 159 34.18 27.28 -2.85
C GLN K 159 34.71 28.66 -2.49
N GLY K 160 35.08 29.43 -3.51
CA GLY K 160 35.57 30.78 -3.31
C GLY K 160 37.07 30.86 -3.07
N THR K 161 37.75 29.72 -3.15
CA THR K 161 39.19 29.69 -2.95
C THR K 161 39.92 29.11 -4.16
N ALA K 162 41.23 28.98 -4.05
CA ALA K 162 42.06 28.50 -5.14
C ALA K 162 41.90 27.01 -5.39
N LEU K 163 41.55 26.27 -4.33
CA LEU K 163 41.41 24.82 -4.43
C LEU K 163 40.11 24.42 -5.14
N ALA K 164 39.23 25.39 -5.35
CA ALA K 164 37.95 25.14 -6.01
C ALA K 164 38.10 25.05 -7.52
N ARG K 165 39.30 25.34 -8.02
CA ARG K 165 39.55 25.34 -9.45
C ARG K 165 40.01 23.99 -9.97
N THR K 166 39.61 23.68 -11.20
CA THR K 166 40.04 22.46 -11.86
C THR K 166 41.50 22.59 -12.28
N VAL K 167 42.18 21.46 -12.38
CA VAL K 167 43.60 21.43 -12.75
C VAL K 167 43.77 21.87 -14.20
N GLU K 168 42.81 21.51 -15.03
CA GLU K 168 42.91 21.77 -16.47
C GLU K 168 42.56 23.21 -16.81
N GLY K 169 41.70 23.82 -16.00
CA GLY K 169 41.35 25.23 -16.18
C GLY K 169 40.10 25.45 -17.01
N THR K 170 39.73 26.73 -17.14
CA THR K 170 38.52 27.10 -17.88
C THR K 170 38.72 26.93 -19.38
N THR K 171 37.62 26.94 -20.12
CA THR K 171 37.67 26.91 -21.58
C THR K 171 38.20 28.24 -22.10
N GLU K 172 37.75 29.32 -21.49
CA GLU K 172 38.19 30.67 -21.85
C GLU K 172 39.68 30.85 -21.63
N ASN K 173 40.18 30.31 -20.52
CA ASN K 173 41.60 30.41 -20.21
C ASN K 173 42.45 29.66 -21.22
N ILE K 174 42.05 28.42 -21.52
CA ILE K 174 42.77 27.62 -22.51
C ILE K 174 42.73 28.34 -23.86
N LYS K 175 41.57 28.90 -24.19
CA LYS K 175 41.40 29.67 -25.42
C LYS K 175 42.41 30.81 -25.55
N HIS K 176 42.60 31.55 -24.48
CA HIS K 176 43.27 32.85 -24.56
C HIS K 176 44.63 32.93 -23.88
N LEU K 177 45.09 31.83 -23.29
CA LEU K 177 46.41 31.81 -22.65
C LEU K 177 47.50 32.11 -23.67
N THR K 178 48.44 32.96 -23.29
CA THR K 178 49.49 33.39 -24.21
C THR K 178 50.81 32.72 -23.90
N ARG K 179 51.77 32.85 -24.82
CA ARG K 179 53.11 32.32 -24.59
C ARG K 179 53.76 33.03 -23.43
N ALA K 180 53.42 34.31 -23.26
CA ALA K 180 53.92 35.09 -22.15
C ALA K 180 53.37 34.55 -20.83
N ASP K 181 52.07 34.26 -20.81
CA ASP K 181 51.43 33.70 -19.62
C ASP K 181 52.05 32.35 -19.23
N LEU K 182 52.30 31.51 -20.23
CA LEU K 182 52.89 30.20 -19.98
C LEU K 182 54.31 30.33 -19.45
N ALA K 183 55.12 31.14 -20.15
CA ALA K 183 56.50 31.37 -19.73
C ALA K 183 56.56 31.99 -18.34
N SER K 184 55.56 32.79 -18.01
CA SER K 184 55.49 33.42 -16.69
C SER K 184 55.30 32.37 -15.60
N TYR K 185 54.38 31.43 -15.84
CA TYR K 185 54.12 30.34 -14.90
C TYR K 185 55.38 29.55 -14.61
N ILE K 186 56.08 29.17 -15.68
CA ILE K 186 57.29 28.36 -15.57
C ILE K 186 58.37 29.08 -14.75
N ASP K 187 58.58 30.36 -15.05
CA ASP K 187 59.59 31.14 -14.34
C ASP K 187 59.19 31.40 -12.89
N THR K 188 57.89 31.58 -12.66
CA THR K 188 57.38 31.91 -11.34
C THR K 188 57.39 30.72 -10.40
N HIS K 189 57.12 29.53 -10.94
CA HIS K 189 56.89 28.37 -10.10
C HIS K 189 57.99 27.31 -10.16
N PHE K 190 58.50 27.02 -11.35
CA PHE K 190 59.51 25.97 -11.51
C PHE K 190 60.86 26.46 -11.00
N LYS K 191 60.97 26.65 -9.70
CA LYS K 191 62.22 27.16 -9.11
C LYS K 191 62.86 26.13 -8.17
N ALA K 192 64.18 26.13 -8.17
CA ALA K 192 65.00 25.11 -7.51
C ALA K 192 64.58 24.69 -6.09
N PRO K 193 64.34 25.65 -5.18
CA PRO K 193 64.01 25.19 -3.82
C PRO K 193 62.66 24.47 -3.76
N ARG K 194 61.77 24.75 -4.71
CA ARG K 194 60.46 24.12 -4.75
C ARG K 194 60.45 22.89 -5.64
N MET K 195 61.64 22.42 -6.00
CA MET K 195 61.78 21.23 -6.82
C MET K 195 62.59 20.15 -6.12
N VAL K 196 62.26 18.90 -6.40
CA VAL K 196 62.98 17.76 -5.85
C VAL K 196 63.39 16.78 -6.95
N LEU K 197 64.69 16.60 -7.12
CA LEU K 197 65.19 15.61 -8.06
C LEU K 197 65.26 14.25 -7.38
N ALA K 198 64.28 13.40 -7.66
CA ALA K 198 64.23 12.08 -7.06
C ALA K 198 64.64 11.00 -8.06
N ALA K 199 65.20 9.91 -7.55
CA ALA K 199 65.61 8.79 -8.38
C ALA K 199 65.50 7.47 -7.61
N ALA K 200 65.33 6.38 -8.34
CA ALA K 200 65.22 5.06 -7.74
C ALA K 200 65.58 3.97 -8.74
N GLY K 201 66.49 3.08 -8.34
CA GLY K 201 66.92 1.99 -9.19
C GLY K 201 68.36 1.60 -8.90
N GLY K 202 69.11 1.27 -9.94
CA GLY K 202 70.53 0.96 -9.78
C GLY K 202 71.36 2.22 -9.93
N ILE K 203 71.11 3.20 -9.07
CA ILE K 203 71.75 4.50 -9.18
C ILE K 203 72.58 4.87 -7.96
N SER K 204 73.85 5.19 -8.18
CA SER K 204 74.69 5.73 -7.12
C SER K 204 74.25 7.15 -6.80
N HIS K 205 73.92 7.38 -5.52
CA HIS K 205 73.43 8.69 -5.09
C HIS K 205 74.44 9.78 -5.38
N LYS K 206 75.71 9.46 -5.17
CA LYS K 206 76.82 10.40 -5.35
C LYS K 206 76.89 10.88 -6.79
N GLU K 207 76.80 9.93 -7.73
CA GLU K 207 76.86 10.26 -9.14
C GLU K 207 75.58 10.93 -9.60
N LEU K 208 74.51 10.78 -8.80
CA LEU K 208 73.25 11.47 -9.10
C LEU K 208 73.36 12.95 -8.77
N VAL K 209 73.87 13.27 -7.59
CA VAL K 209 74.00 14.66 -7.17
C VAL K 209 75.08 15.38 -7.97
N ASP K 210 75.97 14.61 -8.58
CA ASP K 210 77.03 15.20 -9.41
C ASP K 210 76.46 15.66 -10.75
N ALA K 211 75.73 14.77 -11.41
CA ALA K 211 75.06 15.12 -12.66
C ALA K 211 73.99 16.18 -12.41
N ALA K 212 73.42 16.16 -11.20
CA ALA K 212 72.45 17.16 -10.80
C ALA K 212 73.13 18.51 -10.58
N ARG K 213 74.30 18.46 -9.95
CA ARG K 213 75.08 19.66 -9.65
C ARG K 213 75.50 20.36 -10.95
N GLN K 214 75.64 19.58 -12.02
CA GLN K 214 76.08 20.11 -13.31
C GLN K 214 74.96 20.78 -14.08
N HIS K 215 73.82 20.11 -14.19
CA HIS K 215 72.75 20.59 -15.06
C HIS K 215 71.69 21.42 -14.32
N PHE K 216 71.73 21.38 -12.99
CA PHE K 216 70.96 22.32 -12.18
C PHE K 216 71.93 23.31 -11.52
N SER K 217 72.24 24.38 -12.24
CA SER K 217 73.36 25.25 -11.90
C SER K 217 73.00 26.47 -11.05
N GLY K 218 72.63 27.56 -11.73
CA GLY K 218 72.47 28.88 -11.13
C GLY K 218 71.96 29.00 -9.71
N VAL K 219 72.79 29.59 -8.86
CA VAL K 219 72.40 29.88 -7.47
C VAL K 219 71.49 31.09 -7.44
N SER K 220 70.55 31.11 -6.49
CA SER K 220 69.72 32.29 -6.31
C SER K 220 70.51 33.36 -5.58
N PHE K 221 70.24 34.63 -5.90
CA PHE K 221 70.98 35.73 -5.32
C PHE K 221 70.34 36.28 -4.05
N THR K 222 69.07 36.66 -4.14
CA THR K 222 68.36 37.23 -3.00
C THR K 222 67.87 36.17 -2.03
N TYR K 223 67.32 36.61 -0.91
CA TYR K 223 66.72 35.71 0.06
C TYR K 223 65.32 35.32 -0.40
N LYS K 224 64.70 36.18 -1.20
CA LYS K 224 63.36 35.95 -1.73
C LYS K 224 63.30 34.70 -2.59
N GLU K 225 64.33 34.49 -3.40
CA GLU K 225 64.38 33.36 -4.32
C GLU K 225 64.76 32.08 -3.60
N ASP K 226 65.18 32.22 -2.35
CA ASP K 226 65.37 31.09 -1.47
C ASP K 226 64.09 30.83 -0.69
N ALA K 227 63.22 31.83 -0.61
CA ALA K 227 62.01 31.69 0.17
C ALA K 227 60.94 30.91 -0.58
N VAL K 228 60.34 29.95 0.10
CA VAL K 228 59.23 29.18 -0.43
C VAL K 228 57.92 29.80 0.04
N PRO K 229 57.01 30.09 -0.91
CA PRO K 229 55.77 30.83 -0.63
C PRO K 229 54.84 30.13 0.35
N ILE K 230 54.21 30.91 1.22
CA ILE K 230 53.20 30.40 2.13
C ILE K 230 51.81 30.67 1.58
N LEU K 231 51.21 29.67 0.96
CA LEU K 231 49.91 29.80 0.32
C LEU K 231 48.82 30.28 1.25
N PRO K 232 47.94 31.17 0.75
CA PRO K 232 46.77 31.62 1.52
C PRO K 232 45.82 30.46 1.80
N ARG K 233 45.22 30.46 2.98
CA ARG K 233 44.39 29.35 3.42
C ARG K 233 43.12 29.21 2.58
N CYS K 234 42.59 27.99 2.52
CA CYS K 234 41.35 27.71 1.81
C CYS K 234 40.22 27.39 2.77
N ARG K 235 39.09 28.07 2.57
CA ARG K 235 37.95 27.93 3.47
C ARG K 235 37.01 26.81 3.06
N PHE K 236 36.77 25.87 3.99
CA PHE K 236 35.80 24.82 3.75
C PHE K 236 34.39 25.37 3.90
N THR K 237 33.45 24.81 3.16
CA THR K 237 32.06 25.24 3.26
C THR K 237 31.11 24.05 3.29
N GLY K 238 30.42 23.88 4.40
CA GLY K 238 29.34 22.91 4.48
C GLY K 238 28.31 23.28 3.42
N SER K 239 28.39 22.61 2.28
CA SER K 239 27.56 22.99 1.15
C SER K 239 27.32 21.81 0.21
N GLU K 240 26.51 22.05 -0.83
CA GLU K 240 26.25 21.02 -1.82
C GLU K 240 26.17 21.61 -3.23
N ILE K 241 26.50 20.80 -4.22
CA ILE K 241 26.26 21.16 -5.61
C ILE K 241 25.62 19.97 -6.31
N ARG K 242 24.45 20.20 -6.89
CA ARG K 242 23.72 19.13 -7.54
C ARG K 242 23.53 19.41 -9.02
N ALA K 243 24.32 18.72 -9.84
CA ALA K 243 24.19 18.83 -11.30
C ALA K 243 23.34 17.68 -11.82
N ARG K 244 22.08 17.98 -12.10
CA ARG K 244 21.10 16.94 -12.44
C ARG K 244 20.98 16.68 -13.93
N ASP K 245 21.04 15.41 -14.30
CA ASP K 245 20.82 14.97 -15.67
C ASP K 245 20.21 13.57 -15.65
N ASP K 246 18.89 13.49 -15.82
CA ASP K 246 18.18 12.22 -15.72
C ASP K 246 18.45 11.31 -16.91
N ALA K 247 18.95 11.88 -18.01
CA ALA K 247 19.30 11.10 -19.19
C ALA K 247 20.59 10.33 -18.93
N LEU K 248 21.38 10.84 -17.99
CA LEU K 248 22.60 10.14 -17.56
C LEU K 248 22.23 8.77 -16.98
N PRO K 249 22.92 7.72 -17.43
CA PRO K 249 22.60 6.34 -17.04
C PRO K 249 22.62 6.11 -15.54
N VAL K 250 23.75 6.37 -14.90
CA VAL K 250 23.88 6.16 -13.46
C VAL K 250 24.34 7.45 -12.77
N ALA K 251 23.97 7.60 -11.50
CA ALA K 251 24.29 8.81 -10.76
C ALA K 251 25.58 8.67 -9.97
N HIS K 252 26.28 9.78 -9.79
CA HIS K 252 27.49 9.81 -8.98
C HIS K 252 27.31 10.73 -7.79
N VAL K 253 27.73 10.28 -6.61
CA VAL K 253 27.63 11.10 -5.40
C VAL K 253 28.92 11.06 -4.58
N ALA K 254 29.44 12.25 -4.27
CA ALA K 254 30.59 12.36 -3.39
C ALA K 254 30.27 13.22 -2.18
N LEU K 255 30.61 12.72 -0.99
CA LEU K 255 30.37 13.44 0.25
C LEU K 255 31.65 13.46 1.07
N ALA K 256 32.03 14.65 1.56
CA ALA K 256 33.30 14.78 2.28
C ALA K 256 33.28 15.84 3.37
N VAL K 257 34.12 15.63 4.38
CA VAL K 257 34.38 16.63 5.41
C VAL K 257 35.81 17.13 5.24
N GLU K 258 36.18 18.19 5.96
CA GLU K 258 37.51 18.77 5.81
C GLU K 258 38.59 17.92 6.47
N GLY K 259 39.69 17.72 5.75
CA GLY K 259 40.81 16.93 6.25
C GLY K 259 41.79 17.73 7.08
N PRO K 260 42.84 17.07 7.58
CA PRO K 260 43.82 17.69 8.49
C PRO K 260 45.04 18.30 7.79
N GLY K 261 45.47 17.72 6.68
CA GLY K 261 46.68 18.18 5.99
C GLY K 261 47.82 17.19 6.15
N TRP K 262 48.80 17.26 5.25
CA TRP K 262 49.91 16.31 5.23
C TRP K 262 50.64 16.16 6.56
N ALA K 263 50.80 17.27 7.28
CA ALA K 263 51.59 17.28 8.50
C ALA K 263 50.96 16.45 9.63
N ASP K 264 49.65 16.55 9.77
CA ASP K 264 48.94 15.93 10.90
C ASP K 264 49.11 14.41 10.98
N PRO K 265 49.50 13.92 12.17
CA PRO K 265 49.61 12.48 12.44
C PRO K 265 48.25 11.77 12.48
N ASP K 266 47.17 12.55 12.51
CA ASP K 266 45.82 12.00 12.49
C ASP K 266 45.48 11.43 11.12
N ASN K 267 46.23 11.85 10.10
CA ASN K 267 46.03 11.37 8.74
C ASN K 267 46.30 9.88 8.62
N VAL K 268 47.09 9.35 9.56
CA VAL K 268 47.35 7.92 9.60
C VAL K 268 46.11 7.17 10.09
N VAL K 269 45.49 7.69 11.14
CA VAL K 269 44.31 7.08 11.72
C VAL K 269 43.12 7.14 10.75
N LEU K 270 43.02 8.25 10.03
CA LEU K 270 41.96 8.45 9.06
C LEU K 270 42.10 7.47 7.89
N HIS K 271 43.32 7.02 7.64
CA HIS K 271 43.57 6.01 6.63
C HIS K 271 43.24 4.62 7.16
N VAL K 272 43.44 4.41 8.46
CA VAL K 272 43.06 3.15 9.10
C VAL K 272 41.54 3.03 9.11
N ALA K 273 40.88 4.13 9.42
CA ALA K 273 39.42 4.19 9.44
C ALA K 273 38.84 3.96 8.05
N ASN K 274 39.45 4.60 7.05
CA ASN K 274 39.04 4.44 5.66
C ASN K 274 39.25 3.02 5.16
N ALA K 275 40.21 2.33 5.76
CA ALA K 275 40.49 0.95 5.40
C ALA K 275 39.39 0.02 5.89
N ILE K 276 38.77 0.40 7.02
CA ILE K 276 37.68 -0.39 7.59
C ILE K 276 36.50 -0.46 6.63
N ILE K 277 36.06 0.69 6.15
CA ILE K 277 34.95 0.76 5.21
C ILE K 277 35.37 0.25 3.84
N GLY K 278 36.58 0.61 3.43
CA GLY K 278 37.16 0.08 2.20
C GLY K 278 36.46 0.54 0.93
N ARG K 279 36.35 -0.37 -0.03
CA ARG K 279 35.79 -0.05 -1.34
C ARG K 279 35.20 -1.28 -2.01
N TYR K 280 34.45 -1.07 -3.08
CA TYR K 280 33.77 -2.15 -3.78
C TYR K 280 33.34 -1.76 -5.19
N ASP K 281 33.32 -2.74 -6.09
CA ASP K 281 32.61 -2.63 -7.35
C ASP K 281 32.16 -4.02 -7.75
N ARG K 282 31.11 -4.11 -8.56
CA ARG K 282 30.40 -5.37 -8.80
C ARG K 282 31.26 -6.51 -9.38
N THR K 283 32.57 -6.30 -9.46
CA THR K 283 33.47 -7.35 -9.92
C THR K 283 34.26 -7.93 -8.75
N PHE K 284 34.06 -7.37 -7.56
CA PHE K 284 34.66 -7.92 -6.35
C PHE K 284 34.12 -9.33 -6.10
N GLY K 285 34.96 -10.33 -6.36
CA GLY K 285 34.54 -11.72 -6.27
C GLY K 285 34.12 -12.16 -4.88
N GLY K 286 34.61 -11.46 -3.87
CA GLY K 286 34.29 -11.76 -2.49
C GLY K 286 32.79 -11.75 -2.21
N GLY K 287 32.09 -10.82 -2.86
CA GLY K 287 30.65 -10.77 -2.78
C GLY K 287 30.08 -10.44 -1.41
N LYS K 288 29.06 -11.19 -1.01
CA LYS K 288 28.34 -10.94 0.24
C LYS K 288 29.18 -11.26 1.49
N HIS K 289 30.32 -11.91 1.28
CA HIS K 289 31.16 -12.37 2.38
C HIS K 289 32.31 -11.41 2.70
N LEU K 290 32.36 -10.29 1.97
CA LEU K 290 33.39 -9.28 2.20
C LEU K 290 33.33 -8.73 3.62
N SER K 291 34.49 -8.47 4.21
CA SER K 291 34.57 -8.01 5.59
C SER K 291 33.97 -6.61 5.76
N SER K 292 34.16 -5.77 4.75
CA SER K 292 33.62 -4.41 4.78
C SER K 292 32.10 -4.43 4.89
N ARG K 293 31.59 -3.85 5.98
CA ARG K 293 30.15 -3.83 6.25
C ARG K 293 29.37 -3.14 5.15
N LEU K 294 29.86 -1.97 4.72
CA LEU K 294 29.20 -1.21 3.66
C LEU K 294 29.18 -2.01 2.36
N ALA K 295 30.25 -2.75 2.11
CA ALA K 295 30.33 -3.59 0.91
C ALA K 295 29.34 -4.74 0.99
N ALA K 296 29.21 -5.33 2.19
CA ALA K 296 28.29 -6.42 2.40
C ALA K 296 26.84 -5.97 2.20
N LEU K 297 26.52 -4.80 2.72
CA LEU K 297 25.19 -4.23 2.58
C LEU K 297 24.94 -3.82 1.13
N ALA K 298 26.01 -3.40 0.46
CA ALA K 298 25.94 -3.00 -0.95
C ALA K 298 25.62 -4.20 -1.83
N VAL K 299 26.12 -5.37 -1.42
CA VAL K 299 25.88 -6.59 -2.17
C VAL K 299 24.50 -7.16 -1.85
N GLU K 300 24.19 -7.23 -0.57
CA GLU K 300 22.93 -7.81 -0.11
C GLU K 300 21.71 -7.08 -0.65
N HIS K 301 21.82 -5.76 -0.76
CA HIS K 301 20.68 -4.94 -1.17
C HIS K 301 20.85 -4.29 -2.54
N LYS K 302 21.94 -4.63 -3.22
CA LYS K 302 22.26 -4.05 -4.53
C LYS K 302 22.22 -2.52 -4.48
N LEU K 303 23.06 -1.95 -3.62
CA LEU K 303 23.00 -0.52 -3.34
C LEU K 303 23.72 0.34 -4.36
N CYS K 304 24.78 -0.19 -4.97
CA CYS K 304 25.60 0.60 -5.88
C CYS K 304 26.43 -0.24 -6.84
N HIS K 305 26.88 0.39 -7.92
CA HIS K 305 27.79 -0.26 -8.84
C HIS K 305 29.20 -0.25 -8.26
N SER K 306 29.53 0.83 -7.56
CA SER K 306 30.83 0.97 -6.92
C SER K 306 30.80 2.02 -5.82
N PHE K 307 31.67 1.87 -4.82
CA PHE K 307 31.88 2.92 -3.83
C PHE K 307 33.34 2.91 -3.37
N GLN K 308 33.88 4.10 -3.10
CA GLN K 308 35.25 4.23 -2.64
C GLN K 308 35.36 5.26 -1.52
N THR K 309 36.29 5.04 -0.60
CA THR K 309 36.57 6.01 0.44
C THR K 309 37.93 6.65 0.18
N PHE K 310 38.05 7.94 0.47
CA PHE K 310 39.28 8.66 0.19
C PHE K 310 39.66 9.64 1.29
N ASN K 311 40.96 9.80 1.50
CA ASN K 311 41.48 10.83 2.37
C ASN K 311 42.53 11.66 1.63
N THR K 312 42.05 12.45 0.67
CA THR K 312 42.93 13.30 -0.12
C THR K 312 43.47 14.44 0.73
N SER K 313 44.76 14.40 1.00
CA SER K 313 45.40 15.42 1.83
C SER K 313 46.08 16.49 0.99
N TYR K 314 46.02 17.72 1.46
CA TYR K 314 46.76 18.82 0.86
C TYR K 314 47.71 19.41 1.89
N SER K 315 48.34 20.53 1.55
CA SER K 315 49.33 21.14 2.43
C SER K 315 48.74 21.53 3.79
N ASP K 316 47.69 22.34 3.78
CA ASP K 316 47.10 22.83 5.02
C ASP K 316 45.70 22.29 5.27
N THR K 317 45.19 21.49 4.35
CA THR K 317 43.84 20.95 4.45
C THR K 317 43.72 19.59 3.79
N GLY K 318 42.49 19.12 3.63
CA GLY K 318 42.25 17.83 3.00
C GLY K 318 40.78 17.57 2.74
N LEU K 319 40.48 16.36 2.25
CA LEU K 319 39.11 15.95 2.00
C LEU K 319 38.85 14.51 2.38
N PHE K 320 38.38 14.31 3.61
CA PHE K 320 37.96 12.99 4.07
C PHE K 320 36.51 12.74 3.68
N GLY K 321 36.26 11.68 2.90
CA GLY K 321 34.91 11.37 2.49
C GLY K 321 34.77 10.07 1.72
N PHE K 322 33.69 9.98 0.95
CA PHE K 322 33.44 8.81 0.11
C PHE K 322 32.71 9.16 -1.18
N HIS K 323 32.81 8.27 -2.16
CA HIS K 323 32.15 8.45 -3.45
C HIS K 323 31.56 7.13 -3.93
N PHE K 324 30.33 7.18 -4.43
CA PHE K 324 29.70 5.97 -4.95
C PHE K 324 28.93 6.20 -6.24
N VAL K 325 28.81 5.13 -7.03
CA VAL K 325 28.05 5.14 -8.27
C VAL K 325 26.86 4.20 -8.13
N ALA K 326 25.66 4.69 -8.36
CA ALA K 326 24.47 3.87 -8.16
C ALA K 326 23.36 4.17 -9.17
N ASP K 327 22.41 3.25 -9.25
CA ASP K 327 21.22 3.41 -10.08
C ASP K 327 20.30 4.46 -9.47
N PRO K 328 19.49 5.14 -10.30
CA PRO K 328 18.61 6.22 -9.86
C PRO K 328 17.75 5.93 -8.62
N LEU K 329 17.43 4.66 -8.36
CA LEU K 329 16.51 4.33 -7.28
C LEU K 329 17.19 3.61 -6.10
N SER K 330 18.51 3.54 -6.13
CA SER K 330 19.26 2.90 -5.05
C SER K 330 20.15 3.89 -4.33
N ILE K 331 20.05 5.16 -4.71
CA ILE K 331 20.90 6.21 -4.16
C ILE K 331 20.67 6.45 -2.67
N ASP K 332 19.41 6.67 -2.31
CA ASP K 332 19.05 7.05 -0.94
C ASP K 332 19.42 5.97 0.06
N ASP K 333 19.17 4.72 -0.29
CA ASP K 333 19.50 3.60 0.57
C ASP K 333 21.00 3.44 0.70
N MET K 334 21.72 3.72 -0.39
CA MET K 334 23.18 3.64 -0.40
C MET K 334 23.77 4.73 0.49
N MET K 335 23.32 5.96 0.30
CA MET K 335 23.76 7.08 1.11
C MET K 335 23.43 6.84 2.59
N PHE K 336 22.29 6.23 2.83
CA PHE K 336 21.84 5.90 4.18
C PHE K 336 22.83 5.00 4.89
N CYS K 337 23.19 3.90 4.23
CA CYS K 337 24.10 2.91 4.79
C CYS K 337 25.51 3.47 4.93
N ALA K 338 25.91 4.29 3.96
CA ALA K 338 27.25 4.89 3.96
C ALA K 338 27.45 5.80 5.17
N GLN K 339 26.50 6.69 5.39
CA GLN K 339 26.55 7.59 6.53
C GLN K 339 26.42 6.83 7.84
N GLY K 340 25.75 5.68 7.79
CA GLY K 340 25.60 4.83 8.96
C GLY K 340 26.94 4.25 9.39
N GLU K 341 27.73 3.84 8.41
CA GLU K 341 29.05 3.28 8.69
C GLU K 341 30.03 4.34 9.15
N TRP K 342 29.77 5.58 8.76
CA TRP K 342 30.55 6.72 9.25
C TRP K 342 30.32 6.90 10.74
N MET K 343 29.06 6.83 11.14
CA MET K 343 28.70 6.92 12.55
C MET K 343 29.22 5.70 13.30
N ARG K 344 29.20 4.55 12.64
CA ARG K 344 29.74 3.32 13.20
C ARG K 344 31.22 3.46 13.50
N LEU K 345 31.91 4.27 12.71
CA LEU K 345 33.33 4.54 12.94
C LEU K 345 33.52 5.32 14.23
N CYS K 346 32.74 6.39 14.39
CA CYS K 346 32.87 7.28 15.53
C CYS K 346 32.35 6.64 16.82
N THR K 347 31.51 5.63 16.68
CA THR K 347 30.78 5.09 17.83
C THR K 347 31.16 3.66 18.22
N SER K 348 31.15 2.74 17.25
CA SER K 348 31.15 1.31 17.57
C SER K 348 32.41 0.55 17.17
N THR K 349 33.38 1.24 16.56
CA THR K 349 34.58 0.60 16.02
C THR K 349 35.26 -0.35 17.02
N THR K 350 35.37 -1.62 16.61
CA THR K 350 35.95 -2.64 17.48
C THR K 350 37.42 -2.86 17.18
N GLU K 351 38.14 -3.43 18.15
CA GLU K 351 39.55 -3.75 17.98
C GLU K 351 39.75 -4.78 16.86
N SER K 352 38.78 -5.68 16.74
CA SER K 352 38.81 -6.72 15.72
C SER K 352 38.79 -6.10 14.32
N GLU K 353 38.04 -5.02 14.18
CA GLU K 353 37.92 -4.35 12.89
C GLU K 353 39.24 -3.68 12.48
N VAL K 354 39.86 -2.98 13.41
CA VAL K 354 41.07 -2.24 13.10
C VAL K 354 42.30 -3.14 13.02
N LYS K 355 42.22 -4.32 13.63
CA LYS K 355 43.29 -5.29 13.53
C LYS K 355 43.40 -5.77 12.09
N ARG K 356 42.26 -5.81 11.41
CA ARG K 356 42.22 -6.11 9.98
C ARG K 356 42.63 -4.91 9.15
N ALA K 357 42.06 -3.76 9.47
CA ALA K 357 42.30 -2.52 8.74
C ALA K 357 43.78 -2.14 8.71
N LYS K 358 44.46 -2.35 9.84
CA LYS K 358 45.88 -2.08 9.93
C LYS K 358 46.67 -3.00 9.02
N ASN K 359 46.29 -4.28 9.01
CA ASN K 359 46.94 -5.25 8.13
C ASN K 359 46.74 -4.91 6.65
N HIS K 360 45.59 -4.34 6.31
CA HIS K 360 45.32 -3.93 4.95
C HIS K 360 46.15 -2.70 4.58
N LEU K 361 46.25 -1.76 5.50
CA LEU K 361 46.98 -0.52 5.26
C LEU K 361 48.49 -0.81 5.18
N ARG K 362 48.95 -1.78 5.96
CA ARG K 362 50.33 -2.22 5.88
C ARG K 362 50.64 -2.77 4.50
N SER K 363 49.77 -3.68 4.03
CA SER K 363 49.93 -4.28 2.72
C SER K 363 49.74 -3.25 1.61
N ALA K 364 49.02 -2.18 1.91
CA ALA K 364 48.75 -1.13 0.94
C ALA K 364 49.98 -0.27 0.67
N MET K 365 50.59 0.22 1.75
CA MET K 365 51.75 1.10 1.64
C MET K 365 52.95 0.38 1.03
N VAL K 366 53.01 -0.94 1.23
CA VAL K 366 54.08 -1.75 0.66
C VAL K 366 53.84 -1.96 -0.83
N ALA K 367 52.58 -2.18 -1.18
CA ALA K 367 52.18 -2.33 -2.58
C ALA K 367 52.37 -1.01 -3.32
N GLN K 368 52.34 0.09 -2.57
CA GLN K 368 52.56 1.41 -3.14
C GLN K 368 53.96 1.58 -3.69
N LEU K 369 54.89 0.75 -3.23
CA LEU K 369 56.28 0.87 -3.63
C LEU K 369 56.74 -0.33 -4.46
N ASP K 370 55.89 -0.75 -5.39
CA ASP K 370 56.21 -1.87 -6.27
C ASP K 370 56.76 -1.37 -7.60
N GLY K 371 58.07 -1.16 -7.65
CA GLY K 371 58.72 -0.64 -8.85
C GLY K 371 59.60 0.55 -8.54
N THR K 372 60.21 1.12 -9.58
CA THR K 372 61.08 2.28 -9.41
C THR K 372 60.29 3.58 -9.45
N THR K 373 59.35 3.68 -10.38
CA THR K 373 58.49 4.85 -10.49
C THR K 373 57.63 5.10 -9.25
N PRO K 374 57.00 4.05 -8.68
CA PRO K 374 56.19 4.35 -7.49
C PRO K 374 57.04 4.67 -6.27
N VAL K 375 58.29 4.22 -6.24
CA VAL K 375 59.21 4.59 -5.18
C VAL K 375 59.66 6.03 -5.38
N CYS K 376 59.95 6.38 -6.62
CA CYS K 376 60.37 7.73 -6.97
C CYS K 376 59.23 8.73 -6.71
N GLU K 377 58.01 8.30 -6.97
CA GLU K 377 56.82 9.12 -6.73
C GLU K 377 56.64 9.40 -5.24
N THR K 378 56.85 8.37 -4.42
CA THR K 378 56.78 8.52 -2.97
C THR K 378 57.87 9.46 -2.48
N ILE K 379 59.09 9.24 -2.96
CA ILE K 379 60.24 10.05 -2.55
C ILE K 379 60.08 11.51 -2.96
N GLY K 380 59.68 11.73 -4.21
CA GLY K 380 59.47 13.07 -4.72
C GLY K 380 58.35 13.81 -4.01
N SER K 381 57.44 13.05 -3.41
CA SER K 381 56.31 13.63 -2.70
C SER K 381 56.59 13.74 -1.20
N HIS K 382 57.29 12.76 -0.64
CA HIS K 382 57.61 12.77 0.78
C HIS K 382 58.42 13.99 1.18
N LEU K 383 59.45 14.31 0.40
CA LEU K 383 60.23 15.51 0.62
C LEU K 383 59.40 16.77 0.43
N LEU K 384 58.57 16.76 -0.60
CA LEU K 384 57.80 17.93 -0.98
C LEU K 384 56.67 18.24 0.02
N ASN K 385 56.29 17.23 0.81
CA ASN K 385 55.16 17.40 1.72
C ASN K 385 55.54 17.21 3.19
N TYR K 386 56.43 16.27 3.46
CA TYR K 386 56.85 15.98 4.83
C TYR K 386 58.20 16.63 5.15
N GLY K 387 58.97 16.92 4.11
CA GLY K 387 60.29 17.49 4.27
C GLY K 387 61.36 16.43 4.43
N ARG K 388 60.93 15.17 4.37
CA ARG K 388 61.83 14.04 4.57
C ARG K 388 61.21 12.75 4.02
N ARG K 389 62.00 11.68 4.02
CA ARG K 389 61.48 10.39 3.61
C ARG K 389 61.00 9.60 4.83
N ILE K 390 59.79 9.08 4.74
CA ILE K 390 59.26 8.22 5.79
C ILE K 390 59.35 6.76 5.36
N SER K 391 60.31 6.04 5.93
CA SER K 391 60.50 4.63 5.61
C SER K 391 59.26 3.82 5.98
N LEU K 392 59.09 2.69 5.30
CA LEU K 392 58.00 1.77 5.61
C LEU K 392 58.07 1.30 7.05
N GLU K 393 59.29 1.26 7.57
CA GLU K 393 59.53 0.92 8.97
C GLU K 393 58.86 1.92 9.90
N GLU K 394 58.93 3.20 9.55
CA GLU K 394 58.34 4.24 10.37
C GLU K 394 56.82 4.26 10.23
N TRP K 395 56.33 4.10 9.00
CA TRP K 395 54.90 4.01 8.75
C TRP K 395 54.26 2.91 9.59
N ASP K 396 54.93 1.77 9.64
CA ASP K 396 54.44 0.61 10.38
C ASP K 396 54.33 0.93 11.86
N SER K 397 55.31 1.67 12.39
CA SER K 397 55.30 2.06 13.79
C SER K 397 54.12 2.96 14.13
N ARG K 398 53.83 3.91 13.25
CA ARG K 398 52.68 4.79 13.43
C ARG K 398 51.38 4.01 13.34
N ILE K 399 51.29 3.13 12.34
CA ILE K 399 50.09 2.34 12.09
C ILE K 399 49.83 1.33 13.20
N SER K 400 50.87 0.64 13.64
CA SER K 400 50.73 -0.42 14.64
C SER K 400 50.30 0.12 16.01
N ALA K 401 50.37 1.44 16.17
CA ALA K 401 49.97 2.07 17.43
C ALA K 401 48.50 2.47 17.41
N VAL K 402 47.85 2.26 16.27
CA VAL K 402 46.44 2.61 16.12
C VAL K 402 45.55 1.53 16.74
N ASP K 403 44.65 1.96 17.63
CA ASP K 403 43.67 1.05 18.21
C ASP K 403 42.27 1.60 18.03
N ALA K 404 41.28 0.80 18.41
CA ALA K 404 39.87 1.12 18.19
C ALA K 404 39.45 2.41 18.90
N ARG K 405 39.98 2.62 20.10
CA ARG K 405 39.66 3.81 20.89
C ARG K 405 40.15 5.06 20.19
N MET K 406 41.24 4.94 19.44
CA MET K 406 41.82 6.08 18.73
C MET K 406 41.03 6.39 17.46
N VAL K 407 40.65 5.34 16.74
CA VAL K 407 39.87 5.50 15.51
C VAL K 407 38.55 6.20 15.81
N ARG K 408 37.92 5.81 16.93
CA ARG K 408 36.68 6.44 17.35
C ARG K 408 36.86 7.94 17.61
N ASP K 409 37.94 8.28 18.31
CA ASP K 409 38.20 9.68 18.66
C ASP K 409 38.49 10.54 17.44
N VAL K 410 39.39 10.08 16.59
CA VAL K 410 39.80 10.83 15.40
C VAL K 410 38.62 11.03 14.45
N CYS K 411 37.81 9.99 14.28
CA CYS K 411 36.64 10.08 13.41
C CYS K 411 35.58 11.01 14.01
N SER K 412 35.37 10.91 15.33
CA SER K 412 34.41 11.77 16.01
C SER K 412 34.82 13.23 15.90
N LYS K 413 36.11 13.44 15.69
CA LYS K 413 36.69 14.78 15.60
C LYS K 413 36.48 15.42 14.24
N TYR K 414 36.58 14.63 13.18
CA TYR K 414 36.50 15.14 11.81
C TYR K 414 35.16 14.88 11.15
N ILE K 415 34.38 13.93 11.67
CA ILE K 415 33.14 13.54 11.03
C ILE K 415 31.89 13.94 11.80
N TYR K 416 31.84 13.61 13.09
CA TYR K 416 30.61 13.74 13.87
C TYR K 416 30.09 15.18 13.97
N ASP K 417 28.84 15.35 13.59
CA ASP K 417 28.13 16.64 13.64
C ASP K 417 28.88 17.74 12.88
N LYS K 418 29.51 17.35 11.78
CA LYS K 418 30.15 18.33 10.89
C LYS K 418 29.32 18.51 9.63
N CYS K 419 29.26 19.74 9.15
CA CYS K 419 28.56 20.06 7.91
C CYS K 419 29.40 19.62 6.72
N PRO K 420 28.98 18.54 6.04
CA PRO K 420 29.79 17.97 4.97
C PRO K 420 29.62 18.70 3.64
N ALA K 421 30.49 18.38 2.68
CA ALA K 421 30.38 18.91 1.33
C ALA K 421 29.83 17.84 0.40
N LEU K 422 28.85 18.20 -0.42
CA LEU K 422 28.16 17.22 -1.25
C LEU K 422 28.19 17.54 -2.74
N ALA K 423 28.69 16.60 -3.53
CA ALA K 423 28.65 16.70 -4.99
C ALA K 423 27.84 15.56 -5.57
N ALA K 424 26.80 15.90 -6.32
CA ALA K 424 25.90 14.90 -6.91
C ALA K 424 25.65 15.16 -8.38
N VAL K 425 25.97 14.18 -9.23
CA VAL K 425 25.81 14.33 -10.67
C VAL K 425 24.97 13.20 -11.27
N GLY K 426 24.03 13.56 -12.15
CA GLY K 426 23.22 12.57 -12.85
C GLY K 426 21.77 12.53 -12.43
N PRO K 427 21.12 11.36 -12.61
CA PRO K 427 19.74 11.14 -12.17
C PRO K 427 19.65 11.03 -10.65
N ILE K 428 19.45 12.16 -9.99
CA ILE K 428 19.66 12.26 -8.55
C ILE K 428 18.44 12.70 -7.75
N GLU K 429 17.27 12.14 -8.05
CA GLU K 429 16.05 12.53 -7.36
C GLU K 429 15.93 11.85 -5.99
N GLN K 430 16.21 10.55 -5.94
CA GLN K 430 16.06 9.77 -4.72
C GLN K 430 16.90 10.33 -3.57
N LEU K 431 18.08 10.87 -3.91
CA LEU K 431 18.90 11.58 -2.93
C LEU K 431 18.54 13.06 -2.95
N LEU K 432 18.08 13.57 -1.82
CA LEU K 432 17.59 14.95 -1.75
C LEU K 432 17.72 15.58 -0.37
N ASP K 433 17.71 16.92 -0.36
CA ASP K 433 17.76 17.74 0.86
C ASP K 433 19.06 17.60 1.62
N TYR K 434 19.80 18.71 1.71
CA TYR K 434 21.04 18.76 2.49
C TYR K 434 20.74 18.50 3.96
N ASN K 435 19.62 19.02 4.44
CA ASN K 435 19.23 18.88 5.84
C ASN K 435 19.12 17.42 6.27
N ARG K 436 18.61 16.57 5.39
CA ARG K 436 18.52 15.14 5.67
C ARG K 436 19.92 14.52 5.73
N ILE K 437 20.77 14.90 4.78
CA ILE K 437 22.15 14.46 4.75
C ILE K 437 22.89 14.97 5.99
N ARG K 438 22.60 16.21 6.36
CA ARG K 438 23.22 16.83 7.52
C ARG K 438 22.85 16.12 8.82
N SER K 439 21.61 15.65 8.89
CA SER K 439 21.14 14.96 10.09
C SER K 439 21.70 13.54 10.16
N GLY K 440 22.23 13.05 9.04
CA GLY K 440 22.85 11.75 9.00
C GLY K 440 24.28 11.79 9.52
N MET K 441 24.69 12.97 9.99
CA MET K 441 26.04 13.17 10.49
C MET K 441 26.15 12.94 11.99
N TYR K 442 25.02 12.69 12.66
CA TYR K 442 25.07 12.44 14.10
C TYR K 442 24.14 11.31 14.56
N TRP K 443 24.60 10.63 15.61
CA TRP K 443 23.91 9.51 16.26
C TRP K 443 23.71 8.31 15.34
N ILE K 444 24.44 7.24 15.64
CA ILE K 444 24.41 6.01 14.87
C ILE K 444 23.04 5.33 14.94
N CYS L 20 72.07 -10.02 8.24
CA CYS L 20 71.06 -9.16 7.66
C CYS L 20 71.14 -9.13 6.14
N PRO L 21 69.99 -9.36 5.46
CA PRO L 21 69.68 -9.59 4.04
C PRO L 21 70.79 -9.32 3.02
N GLY L 22 70.91 -10.20 2.04
CA GLY L 22 71.87 -10.08 0.97
C GLY L 22 71.34 -10.58 -0.36
N ALA L 23 72.24 -10.92 -1.28
CA ALA L 23 71.85 -11.34 -2.62
C ALA L 23 71.69 -12.85 -2.71
N GLU L 24 70.48 -13.29 -3.06
CA GLU L 24 70.16 -14.72 -3.08
C GLU L 24 69.84 -15.20 -4.50
N ASP L 25 69.98 -16.50 -4.74
CA ASP L 25 69.71 -17.08 -6.05
C ASP L 25 68.28 -17.60 -6.15
N LEU L 26 67.77 -17.69 -7.37
CA LEU L 26 66.49 -18.33 -7.59
C LEU L 26 66.70 -19.84 -7.73
N GLU L 27 65.84 -20.62 -7.08
CA GLU L 27 65.95 -22.07 -7.13
C GLU L 27 64.76 -22.70 -7.87
N ILE L 28 64.99 -23.87 -8.45
CA ILE L 28 63.95 -24.60 -9.18
C ILE L 28 64.04 -26.09 -8.90
N THR L 29 62.90 -26.70 -8.55
CA THR L 29 62.84 -28.13 -8.29
C THR L 29 61.71 -28.80 -9.05
N LYS L 30 61.98 -29.97 -9.62
CA LYS L 30 60.92 -30.74 -10.27
C LYS L 30 60.61 -32.02 -9.51
N LEU L 31 59.46 -32.04 -8.84
CA LEU L 31 58.99 -33.21 -8.12
C LEU L 31 58.75 -34.38 -9.08
N PRO L 32 58.66 -35.62 -8.54
CA PRO L 32 58.29 -36.77 -9.38
C PRO L 32 56.95 -36.57 -10.09
N ASN L 33 56.11 -35.73 -9.51
CA ASN L 33 54.81 -35.39 -10.10
C ASN L 33 54.97 -34.74 -11.48
N GLY L 34 56.09 -34.06 -11.68
CA GLY L 34 56.31 -33.28 -12.88
C GLY L 34 56.00 -31.83 -12.57
N LEU L 35 55.74 -31.58 -11.28
CA LEU L 35 55.43 -30.24 -10.80
C LEU L 35 56.69 -29.40 -10.65
N ILE L 36 56.61 -28.15 -11.09
CA ILE L 36 57.73 -27.23 -11.04
C ILE L 36 57.61 -26.29 -9.84
N ILE L 37 58.68 -26.16 -9.07
CA ILE L 37 58.70 -25.24 -7.94
C ILE L 37 59.79 -24.19 -8.12
N ALA L 38 59.41 -23.03 -8.64
CA ALA L 38 60.36 -21.95 -8.85
C ALA L 38 60.23 -20.88 -7.77
N SER L 39 61.21 -20.84 -6.86
CA SER L 39 61.18 -19.88 -5.77
C SER L 39 62.29 -18.84 -5.89
N LEU L 40 62.15 -17.75 -5.14
CA LEU L 40 63.14 -16.68 -5.11
C LEU L 40 62.94 -15.77 -3.91
N GLU L 41 63.95 -15.69 -3.06
CA GLU L 41 63.92 -14.80 -1.91
C GLU L 41 64.55 -13.46 -2.28
N ASN L 42 63.77 -12.39 -2.13
CA ASN L 42 64.27 -11.04 -2.41
C ASN L 42 64.23 -10.15 -1.19
N PHE L 43 63.82 -10.73 -0.07
CA PHE L 43 63.74 -10.03 1.22
C PHE L 43 62.83 -8.80 1.15
N SER L 44 61.87 -8.82 0.24
CA SER L 44 60.84 -7.80 0.18
C SER L 44 59.82 -8.06 1.28
N PRO L 45 59.31 -7.01 1.92
CA PRO L 45 58.33 -7.18 3.01
C PRO L 45 57.00 -7.75 2.53
N ALA L 46 56.84 -7.90 1.22
CA ALA L 46 55.61 -8.46 0.66
C ALA L 46 55.90 -9.73 -0.14
N SER L 47 55.28 -10.83 0.26
CA SER L 47 55.40 -12.06 -0.49
C SER L 47 54.33 -12.12 -1.58
N ARG L 48 54.61 -12.87 -2.64
CA ARG L 48 53.63 -13.05 -3.70
C ARG L 48 53.77 -14.43 -4.32
N ILE L 49 52.83 -15.31 -3.98
CA ILE L 49 52.86 -16.68 -4.47
C ILE L 49 51.79 -16.90 -5.54
N GLY L 50 52.16 -17.62 -6.59
CA GLY L 50 51.23 -17.92 -7.67
C GLY L 50 51.21 -19.39 -8.05
N VAL L 51 50.12 -19.80 -8.69
CA VAL L 51 50.01 -21.16 -9.23
C VAL L 51 49.75 -21.08 -10.73
N PHE L 52 50.81 -21.27 -11.51
CA PHE L 52 50.72 -21.20 -12.97
C PHE L 52 50.25 -22.53 -13.55
N ILE L 53 49.18 -22.49 -14.34
CA ILE L 53 48.57 -23.70 -14.88
C ILE L 53 48.33 -23.57 -16.37
N LYS L 54 48.57 -24.66 -17.11
CA LYS L 54 48.30 -24.69 -18.54
C LYS L 54 46.83 -25.00 -18.82
N ALA L 55 45.95 -24.09 -18.41
CA ALA L 55 44.52 -24.23 -18.68
C ALA L 55 44.07 -23.20 -19.72
N GLY L 56 42.81 -22.79 -19.66
CA GLY L 56 42.32 -21.76 -20.55
C GLY L 56 41.27 -22.24 -21.54
N SER L 57 40.72 -21.30 -22.30
CA SER L 57 39.66 -21.59 -23.27
C SER L 57 40.19 -22.34 -24.48
N ARG L 58 41.52 -22.48 -24.56
CA ARG L 58 42.15 -23.21 -25.66
C ARG L 58 41.77 -24.68 -25.63
N TYR L 59 41.40 -25.16 -24.45
CA TYR L 59 41.12 -26.57 -24.24
C TYR L 59 39.62 -26.84 -24.23
N GLU L 60 38.84 -25.78 -24.46
CA GLU L 60 37.39 -25.90 -24.58
C GLU L 60 37.02 -26.47 -25.93
N THR L 61 35.94 -27.23 -25.97
CA THR L 61 35.33 -27.62 -27.23
C THR L 61 33.94 -26.98 -27.30
N THR L 62 33.22 -27.24 -28.39
CA THR L 62 31.92 -26.62 -28.59
C THR L 62 30.90 -27.03 -27.53
N ALA L 63 31.20 -28.08 -26.79
CA ALA L 63 30.29 -28.60 -25.79
C ALA L 63 30.38 -27.84 -24.47
N ASN L 64 31.58 -27.35 -24.15
CA ASN L 64 31.80 -26.71 -22.85
C ASN L 64 32.39 -25.31 -22.95
N LEU L 65 31.96 -24.54 -23.95
CA LEU L 65 32.44 -23.17 -24.14
C LEU L 65 32.13 -22.29 -22.92
N GLY L 66 33.12 -21.54 -22.48
CA GLY L 66 32.94 -20.62 -21.38
C GLY L 66 33.25 -21.19 -20.00
N THR L 67 33.55 -22.48 -19.94
CA THR L 67 33.83 -23.14 -18.67
C THR L 67 35.17 -22.70 -18.09
N ALA L 68 36.02 -22.10 -18.94
CA ALA L 68 37.28 -21.57 -18.48
C ALA L 68 37.05 -20.19 -17.85
N HIS L 69 36.10 -19.44 -18.40
CA HIS L 69 35.76 -18.13 -17.89
C HIS L 69 35.09 -18.24 -16.52
N LEU L 70 34.05 -19.07 -16.44
CA LEU L 70 33.33 -19.29 -15.18
C LEU L 70 34.26 -19.84 -14.11
N LEU L 71 35.30 -20.55 -14.54
CA LEU L 71 36.23 -21.18 -13.62
C LEU L 71 37.03 -20.15 -12.80
N ARG L 72 37.46 -19.09 -13.46
CA ARG L 72 38.25 -18.07 -12.78
C ARG L 72 37.38 -17.14 -11.94
N LEU L 73 36.08 -17.14 -12.23
CA LEU L 73 35.12 -16.40 -11.42
C LEU L 73 34.72 -17.25 -10.21
N ALA L 74 35.06 -18.53 -10.27
CA ALA L 74 34.63 -19.49 -9.26
C ALA L 74 35.66 -19.65 -8.14
N SER L 75 36.68 -18.80 -8.16
CA SER L 75 37.73 -18.83 -7.15
C SER L 75 37.23 -18.64 -5.70
N PRO L 76 36.28 -17.71 -5.47
CA PRO L 76 35.89 -17.57 -4.06
C PRO L 76 34.83 -18.58 -3.60
N LEU L 77 34.41 -19.48 -4.47
CA LEU L 77 33.40 -20.48 -4.11
C LEU L 77 33.96 -21.48 -3.10
N THR L 78 33.07 -22.23 -2.45
CA THR L 78 33.45 -23.18 -1.41
C THR L 78 34.43 -24.24 -1.91
N THR L 79 35.35 -24.65 -1.04
CA THR L 79 36.30 -25.70 -1.35
C THR L 79 36.19 -26.82 -0.31
N LYS L 80 36.92 -27.90 -0.52
CA LYS L 80 36.84 -29.07 0.35
C LYS L 80 37.50 -28.84 1.70
N GLY L 81 38.10 -27.66 1.89
CA GLY L 81 38.79 -27.36 3.11
C GLY L 81 38.52 -25.96 3.64
N ALA L 82 37.83 -25.15 2.85
CA ALA L 82 37.52 -23.78 3.26
C ALA L 82 36.21 -23.30 2.67
N SER L 83 35.35 -22.72 3.50
CA SER L 83 34.07 -22.19 3.04
C SER L 83 34.28 -20.93 2.21
N SER L 84 33.31 -20.62 1.37
CA SER L 84 33.33 -19.42 0.54
C SER L 84 33.40 -18.18 1.43
N PHE L 85 32.90 -18.34 2.65
CA PHE L 85 32.95 -17.31 3.66
C PHE L 85 34.38 -17.16 4.22
N ARG L 86 34.96 -18.27 4.66
CA ARG L 86 36.27 -18.24 5.32
C ARG L 86 37.39 -17.86 4.35
N ILE L 87 37.21 -18.18 3.08
CA ILE L 87 38.19 -17.84 2.05
C ILE L 87 38.34 -16.32 1.95
N THR L 88 37.21 -15.62 1.82
CA THR L 88 37.23 -14.17 1.69
C THR L 88 37.55 -13.49 3.02
N ARG L 89 36.96 -13.99 4.10
CA ARG L 89 37.18 -13.40 5.43
C ARG L 89 38.58 -13.67 5.98
N GLY L 90 39.09 -14.87 5.72
CA GLY L 90 40.40 -15.25 6.22
C GLY L 90 41.54 -14.51 5.52
N ILE L 91 41.38 -14.32 4.21
CA ILE L 91 42.37 -13.61 3.41
C ILE L 91 42.39 -12.12 3.74
N GLU L 92 41.21 -11.52 3.85
CA GLU L 92 41.10 -10.10 4.18
C GLU L 92 41.52 -9.82 5.61
N ALA L 93 41.49 -10.86 6.45
CA ALA L 93 41.86 -10.71 7.86
C ALA L 93 43.33 -10.37 8.03
N VAL L 94 44.14 -10.67 7.02
CA VAL L 94 45.58 -10.42 7.09
C VAL L 94 46.05 -9.50 5.96
N GLY L 95 45.13 -8.67 5.46
CA GLY L 95 45.46 -7.68 4.45
C GLY L 95 45.78 -8.27 3.09
N GLY L 96 45.67 -9.59 2.98
CA GLY L 96 46.01 -10.28 1.75
C GLY L 96 45.00 -10.08 0.64
N SER L 97 45.32 -10.58 -0.55
CA SER L 97 44.41 -10.51 -1.69
C SER L 97 44.52 -11.75 -2.56
N LEU L 98 43.43 -12.10 -3.23
CA LEU L 98 43.40 -13.27 -4.11
C LEU L 98 42.88 -12.87 -5.49
N SER L 99 43.59 -13.26 -6.54
CA SER L 99 43.20 -12.91 -7.90
C SER L 99 43.57 -13.98 -8.90
N VAL L 100 42.82 -14.06 -10.00
CA VAL L 100 43.05 -15.05 -11.02
C VAL L 100 43.21 -14.42 -12.40
N TYR L 101 44.44 -14.42 -12.90
CA TYR L 101 44.73 -13.93 -14.24
C TYR L 101 44.84 -15.11 -15.19
N SER L 102 44.31 -14.95 -16.39
CA SER L 102 44.32 -16.03 -17.37
C SER L 102 44.19 -15.52 -18.80
N THR L 103 44.97 -16.11 -19.70
CA THR L 103 44.85 -15.85 -21.12
C THR L 103 44.10 -16.98 -21.80
N ARG L 104 44.30 -17.12 -23.11
CA ARG L 104 43.61 -18.14 -23.88
C ARG L 104 44.16 -19.53 -23.59
N GLU L 105 45.39 -19.61 -23.11
CA GLU L 105 46.02 -20.90 -22.85
C GLU L 105 46.91 -20.90 -21.60
N LYS L 106 46.61 -20.03 -20.64
CA LYS L 106 47.33 -19.99 -19.38
C LYS L 106 46.43 -19.55 -18.23
N MET L 107 46.72 -20.03 -17.03
CA MET L 107 45.93 -19.68 -15.86
C MET L 107 46.78 -19.53 -14.61
N THR L 108 46.82 -18.33 -14.06
CA THR L 108 47.61 -18.04 -12.87
C THR L 108 46.72 -17.67 -11.67
N TYR L 109 46.91 -18.36 -10.56
CA TYR L 109 46.19 -18.06 -9.32
C TYR L 109 47.15 -17.40 -8.33
N CYS L 110 46.97 -16.09 -8.13
CA CYS L 110 47.93 -15.32 -7.33
C CYS L 110 47.41 -14.93 -5.95
N VAL L 111 48.33 -14.87 -5.00
CA VAL L 111 48.04 -14.33 -3.67
C VAL L 111 49.16 -13.38 -3.23
N GLU L 112 48.75 -12.23 -2.69
CA GLU L 112 49.70 -11.28 -2.12
C GLU L 112 49.42 -11.07 -0.65
N CYS L 113 50.47 -10.92 0.14
CA CYS L 113 50.32 -10.66 1.58
C CYS L 113 51.65 -10.26 2.20
N LEU L 114 51.61 -9.94 3.48
CA LEU L 114 52.82 -9.68 4.25
C LEU L 114 53.62 -10.97 4.41
N ARG L 115 54.90 -10.85 4.72
CA ARG L 115 55.78 -12.01 4.84
C ARG L 115 55.31 -12.98 5.93
N ASP L 116 54.70 -12.43 6.96
CA ASP L 116 54.24 -13.22 8.10
C ASP L 116 53.13 -14.20 7.71
N HIS L 117 52.09 -13.68 7.08
CA HIS L 117 50.87 -14.43 6.84
C HIS L 117 50.88 -15.18 5.51
N VAL L 118 52.05 -15.63 5.09
CA VAL L 118 52.17 -16.44 3.88
C VAL L 118 51.41 -17.75 4.04
N ASP L 119 51.78 -18.51 5.06
CA ASP L 119 51.18 -19.82 5.35
C ASP L 119 49.66 -19.74 5.50
N THR L 120 49.18 -18.64 6.05
CA THR L 120 47.74 -18.42 6.21
C THR L 120 47.04 -18.32 4.87
N VAL L 121 47.51 -17.41 4.02
CA VAL L 121 46.92 -17.20 2.71
C VAL L 121 47.24 -18.36 1.78
N MET L 122 48.34 -19.05 2.06
CA MET L 122 48.76 -20.19 1.25
C MET L 122 47.74 -21.32 1.31
N GLU L 123 47.06 -21.44 2.44
CA GLU L 123 46.02 -22.46 2.62
C GLU L 123 44.89 -22.29 1.63
N TYR L 124 44.32 -21.09 1.60
CA TYR L 124 43.18 -20.79 0.74
C TYR L 124 43.55 -20.88 -0.73
N LEU L 125 44.77 -20.46 -1.06
CA LEU L 125 45.30 -20.59 -2.41
C LEU L 125 45.34 -22.06 -2.82
N LEU L 126 45.82 -22.90 -1.92
CA LEU L 126 45.95 -24.33 -2.18
C LEU L 126 44.58 -24.99 -2.26
N ASN L 127 43.66 -24.54 -1.41
CA ASN L 127 42.29 -25.07 -1.39
C ASN L 127 41.51 -24.77 -2.67
N VAL L 128 41.68 -23.55 -3.17
CA VAL L 128 40.97 -23.10 -4.37
C VAL L 128 41.37 -23.89 -5.62
N THR L 129 42.67 -24.04 -5.82
CA THR L 129 43.19 -24.64 -7.04
C THR L 129 43.16 -26.17 -7.04
N THR L 130 43.27 -26.78 -5.86
CA THR L 130 43.44 -28.23 -5.79
C THR L 130 42.23 -28.96 -5.20
N ALA L 131 41.28 -28.22 -4.65
CA ALA L 131 40.10 -28.87 -4.07
C ALA L 131 38.81 -28.04 -4.12
N PRO L 132 38.39 -27.62 -5.33
CA PRO L 132 37.10 -26.94 -5.38
C PRO L 132 35.95 -27.93 -5.29
N GLU L 133 34.78 -27.50 -4.84
CA GLU L 133 33.62 -28.37 -4.75
C GLU L 133 32.61 -28.05 -5.85
N PHE L 134 32.57 -26.78 -6.25
CA PHE L 134 31.66 -26.31 -7.29
C PHE L 134 30.22 -26.68 -6.96
N ARG L 135 29.79 -26.32 -5.75
CA ARG L 135 28.43 -26.61 -5.30
C ARG L 135 27.41 -26.02 -6.26
N PRO L 136 26.48 -26.87 -6.75
CA PRO L 136 25.51 -26.54 -7.80
C PRO L 136 24.78 -25.22 -7.59
N TRP L 137 24.41 -24.92 -6.35
CA TRP L 137 23.68 -23.68 -6.07
C TRP L 137 24.61 -22.47 -6.07
N GLU L 138 25.86 -22.66 -5.65
CA GLU L 138 26.85 -21.60 -5.71
C GLU L 138 27.23 -21.33 -7.16
N VAL L 139 27.37 -22.39 -7.94
CA VAL L 139 27.67 -22.27 -9.36
C VAL L 139 26.54 -21.54 -10.06
N THR L 140 25.30 -21.94 -9.76
CA THR L 140 24.12 -21.31 -10.36
C THR L 140 24.02 -19.83 -10.02
N ASP L 141 24.31 -19.48 -8.77
CA ASP L 141 24.27 -18.09 -8.34
C ASP L 141 25.40 -17.27 -8.96
N LEU L 142 26.47 -17.95 -9.37
CA LEU L 142 27.63 -17.28 -9.95
C LEU L 142 27.45 -17.02 -11.44
N GLN L 143 26.69 -17.88 -12.11
CA GLN L 143 26.46 -17.78 -13.55
C GLN L 143 26.14 -16.37 -14.07
N PRO L 144 25.22 -15.62 -13.42
CA PRO L 144 24.91 -14.31 -13.98
C PRO L 144 26.05 -13.28 -13.89
N GLN L 145 27.09 -13.59 -13.14
CA GLN L 145 28.25 -12.70 -13.05
C GLN L 145 29.01 -12.69 -14.38
N LEU L 146 28.82 -13.74 -15.18
CA LEU L 146 29.40 -13.81 -16.51
C LEU L 146 28.93 -12.63 -17.36
N LYS L 147 27.64 -12.33 -17.26
CA LYS L 147 27.07 -11.18 -17.94
C LYS L 147 27.74 -9.88 -17.53
N VAL L 148 27.96 -9.73 -16.23
CA VAL L 148 28.54 -8.51 -15.69
C VAL L 148 30.02 -8.37 -16.04
N ASP L 149 30.80 -9.40 -15.74
CA ASP L 149 32.24 -9.38 -15.99
C ASP L 149 32.56 -9.17 -17.46
N LYS L 150 31.75 -9.76 -18.33
CA LYS L 150 31.94 -9.59 -19.76
C LYS L 150 31.58 -8.18 -20.22
N ALA L 151 30.53 -7.63 -19.62
CA ALA L 151 30.02 -6.32 -20.01
C ALA L 151 30.99 -5.19 -19.69
N VAL L 152 31.73 -5.34 -18.61
CA VAL L 152 32.66 -4.29 -18.19
C VAL L 152 34.01 -4.42 -18.91
N ALA L 153 34.36 -5.65 -19.28
CA ALA L 153 35.59 -5.87 -20.04
C ALA L 153 35.40 -5.44 -21.48
N PHE L 154 34.19 -5.64 -21.99
CA PHE L 154 33.85 -5.29 -23.36
C PHE L 154 33.59 -3.80 -23.54
N GLN L 155 33.76 -3.03 -22.47
CA GLN L 155 33.63 -1.58 -22.54
C GLN L 155 34.77 -0.97 -23.36
N SER L 156 35.90 -1.67 -23.39
CA SER L 156 37.02 -1.27 -24.23
C SER L 156 36.91 -1.95 -25.59
N PRO L 157 36.75 -1.16 -26.66
CA PRO L 157 36.51 -1.67 -28.01
C PRO L 157 37.55 -2.68 -28.50
N GLN L 158 38.75 -2.67 -27.92
CA GLN L 158 39.84 -3.53 -28.37
C GLN L 158 39.56 -5.01 -28.11
N VAL L 159 39.04 -5.32 -26.93
CA VAL L 159 38.70 -6.70 -26.58
C VAL L 159 37.63 -7.24 -27.52
N GLY L 160 36.91 -6.34 -28.18
CA GLY L 160 35.91 -6.72 -29.15
C GLY L 160 36.56 -7.32 -30.38
N VAL L 161 37.46 -6.59 -31.01
CA VAL L 161 38.11 -7.05 -32.22
C VAL L 161 39.18 -8.09 -31.92
N LEU L 162 39.73 -8.06 -30.70
CA LEU L 162 40.79 -8.98 -30.33
C LEU L 162 40.22 -10.40 -30.16
N GLU L 163 38.99 -10.49 -29.69
CA GLU L 163 38.30 -11.77 -29.60
C GLU L 163 37.82 -12.21 -30.98
N ASN L 164 37.40 -11.25 -31.80
CA ASN L 164 36.99 -11.53 -33.17
C ASN L 164 38.17 -11.87 -34.06
N LEU L 165 39.36 -11.37 -33.69
CA LEU L 165 40.58 -11.66 -34.44
C LEU L 165 40.94 -13.14 -34.34
N HIS L 166 40.99 -13.64 -33.11
CA HIS L 166 41.29 -15.04 -32.86
C HIS L 166 40.25 -15.95 -33.50
N ALA L 167 39.01 -15.47 -33.56
CA ALA L 167 37.93 -16.22 -34.19
C ALA L 167 38.10 -16.26 -35.71
N ALA L 168 38.67 -15.20 -36.26
CA ALA L 168 38.86 -15.10 -37.70
C ALA L 168 40.23 -15.65 -38.12
N ALA L 169 41.13 -15.83 -37.14
CA ALA L 169 42.48 -16.28 -37.44
C ALA L 169 42.59 -17.81 -37.39
N TYR L 170 41.84 -18.43 -36.49
CA TYR L 170 41.95 -19.87 -36.29
C TYR L 170 40.64 -20.61 -36.55
N LYS L 171 40.64 -21.92 -36.28
CA LYS L 171 39.44 -22.73 -36.42
C LYS L 171 39.08 -23.43 -35.12
N THR L 172 40.06 -23.56 -34.23
CA THR L 172 39.85 -24.20 -32.94
C THR L 172 40.85 -23.71 -31.91
N ALA L 173 40.77 -24.25 -30.70
CA ALA L 173 41.71 -23.95 -29.63
C ALA L 173 41.84 -22.45 -29.36
N LEU L 174 42.70 -21.79 -30.13
CA LEU L 174 42.90 -20.36 -29.99
C LEU L 174 41.73 -19.58 -30.56
N ALA L 175 40.94 -20.24 -31.41
CA ALA L 175 39.76 -19.63 -31.99
C ALA L 175 38.69 -19.41 -30.93
N ASN L 176 38.76 -20.18 -29.85
CA ASN L 176 37.80 -20.06 -28.76
C ASN L 176 37.94 -18.73 -28.04
N PRO L 177 36.80 -18.09 -27.73
CA PRO L 177 36.78 -16.79 -27.05
C PRO L 177 37.29 -16.87 -25.62
N LEU L 178 37.93 -15.79 -25.17
CA LEU L 178 38.47 -15.72 -23.81
C LEU L 178 37.35 -15.48 -22.81
N TYR L 179 36.36 -14.68 -23.19
CA TYR L 179 35.19 -14.47 -22.36
C TYR L 179 34.04 -15.32 -22.86
N CYS L 180 33.26 -15.87 -21.93
CA CYS L 180 32.17 -16.80 -22.26
C CYS L 180 31.16 -16.20 -23.23
N PRO L 181 30.80 -16.97 -24.27
CA PRO L 181 29.77 -16.55 -25.22
C PRO L 181 28.42 -16.38 -24.54
N ASP L 182 27.61 -15.44 -25.03
CA ASP L 182 26.35 -15.10 -24.40
C ASP L 182 25.38 -16.28 -24.27
N TYR L 183 25.30 -17.10 -25.31
CA TYR L 183 24.30 -18.15 -25.37
C TYR L 183 24.54 -19.26 -24.34
N ARG L 184 25.74 -19.30 -23.77
CA ARG L 184 26.08 -20.33 -22.80
C ARG L 184 26.18 -19.81 -21.37
N ILE L 185 25.68 -18.59 -21.16
CA ILE L 185 25.64 -18.02 -19.81
C ILE L 185 24.49 -18.62 -19.01
N GLY L 186 24.82 -19.25 -17.89
CA GLY L 186 23.84 -19.91 -17.06
C GLY L 186 23.59 -21.35 -17.48
N LYS L 187 24.32 -21.77 -18.50
CA LYS L 187 24.14 -23.12 -19.04
C LYS L 187 25.41 -23.95 -18.88
N ILE L 188 26.33 -23.46 -18.06
CA ILE L 188 27.53 -24.22 -17.70
C ILE L 188 27.24 -25.05 -16.45
N THR L 189 27.33 -26.37 -16.58
CA THR L 189 27.02 -27.27 -15.47
C THR L 189 28.13 -27.28 -14.43
N SER L 190 27.76 -27.67 -13.20
CA SER L 190 28.73 -27.79 -12.12
C SER L 190 29.70 -28.93 -12.39
N GLU L 191 29.26 -29.88 -13.21
CA GLU L 191 30.08 -31.03 -13.56
C GLU L 191 31.14 -30.68 -14.60
N GLN L 192 30.85 -29.67 -15.41
CA GLN L 192 31.81 -29.22 -16.44
C GLN L 192 33.00 -28.52 -15.80
N LEU L 193 32.74 -27.81 -14.71
CA LEU L 193 33.80 -27.19 -13.94
C LEU L 193 34.68 -28.26 -13.30
N HIS L 194 34.05 -29.28 -12.72
CA HIS L 194 34.77 -30.38 -12.12
C HIS L 194 35.66 -31.10 -13.13
N HIS L 195 35.10 -31.37 -14.31
CA HIS L 195 35.82 -32.10 -15.35
C HIS L 195 36.99 -31.29 -15.88
N PHE L 196 36.82 -29.98 -16.00
CA PHE L 196 37.87 -29.13 -16.54
C PHE L 196 39.06 -29.05 -15.60
N VAL L 197 38.79 -28.97 -14.30
CA VAL L 197 39.84 -28.93 -13.29
C VAL L 197 40.53 -30.29 -13.19
N GLN L 198 39.75 -31.36 -13.32
CA GLN L 198 40.31 -32.71 -13.27
C GLN L 198 41.19 -33.02 -14.48
N ASN L 199 40.81 -32.49 -15.63
CA ASN L 199 41.51 -32.80 -16.88
C ASN L 199 42.72 -31.91 -17.17
N ASN L 200 42.76 -30.73 -16.57
CA ASN L 200 43.79 -29.76 -16.91
C ASN L 200 44.67 -29.33 -15.74
N PHE L 201 44.10 -29.28 -14.54
CA PHE L 201 44.86 -28.87 -13.37
C PHE L 201 45.67 -30.04 -12.81
N THR L 202 46.50 -30.64 -13.66
CA THR L 202 47.32 -31.78 -13.24
C THR L 202 48.76 -31.33 -12.97
N SER L 203 49.46 -32.12 -12.16
CA SER L 203 50.76 -31.74 -11.61
C SER L 203 51.82 -31.39 -12.67
N ALA L 204 51.83 -32.12 -13.77
CA ALA L 204 52.82 -31.89 -14.81
C ALA L 204 52.44 -30.73 -15.73
N ARG L 205 51.42 -29.98 -15.32
CA ARG L 205 50.96 -28.83 -16.07
C ARG L 205 50.95 -27.58 -15.20
N MET L 206 51.44 -27.72 -13.97
CA MET L 206 51.39 -26.61 -13.02
C MET L 206 52.77 -26.23 -12.50
N ALA L 207 52.82 -25.12 -11.76
CA ALA L 207 54.05 -24.63 -11.18
C ALA L 207 53.78 -23.75 -9.97
N LEU L 208 54.29 -24.15 -8.80
CA LEU L 208 54.17 -23.32 -7.61
C LEU L 208 55.30 -22.31 -7.55
N VAL L 209 55.00 -21.09 -8.00
CA VAL L 209 56.02 -20.05 -8.09
C VAL L 209 55.82 -18.99 -7.02
N GLY L 210 56.88 -18.72 -6.26
CA GLY L 210 56.79 -17.80 -5.14
C GLY L 210 57.88 -16.73 -5.13
N ILE L 211 57.61 -15.65 -4.42
CA ILE L 211 58.55 -14.55 -4.27
C ILE L 211 58.52 -14.04 -2.84
N GLY L 212 59.70 -13.83 -2.24
CA GLY L 212 59.77 -13.41 -0.85
C GLY L 212 59.54 -14.60 0.05
N VAL L 213 59.93 -15.77 -0.42
CA VAL L 213 59.79 -17.01 0.32
C VAL L 213 61.04 -17.86 0.17
N LYS L 214 61.42 -18.57 1.23
CA LYS L 214 62.53 -19.51 1.12
C LYS L 214 62.07 -20.74 0.35
N HIS L 215 62.95 -21.25 -0.50
CA HIS L 215 62.59 -22.36 -1.38
C HIS L 215 62.23 -23.63 -0.61
N SER L 216 62.87 -23.84 0.53
CA SER L 216 62.64 -25.05 1.33
C SER L 216 61.22 -25.08 1.88
N ASP L 217 60.61 -23.91 2.05
CA ASP L 217 59.23 -23.82 2.53
C ASP L 217 58.24 -24.01 1.40
N LEU L 218 58.50 -23.33 0.27
CA LEU L 218 57.62 -23.41 -0.89
C LEU L 218 57.62 -24.83 -1.46
N LYS L 219 58.74 -25.52 -1.30
CA LYS L 219 58.85 -26.91 -1.74
C LYS L 219 58.08 -27.82 -0.80
N GLN L 220 58.21 -27.57 0.50
CA GLN L 220 57.50 -28.35 1.52
C GLN L 220 56.00 -28.25 1.34
N VAL L 221 55.52 -27.06 0.99
CA VAL L 221 54.10 -26.84 0.79
C VAL L 221 53.58 -27.60 -0.43
N ALA L 222 54.34 -27.57 -1.51
CA ALA L 222 53.93 -28.19 -2.77
C ALA L 222 53.83 -29.71 -2.69
N GLU L 223 54.57 -30.33 -1.79
CA GLU L 223 54.54 -31.79 -1.70
C GLU L 223 53.71 -32.29 -0.52
N GLN L 224 53.97 -31.77 0.66
CA GLN L 224 53.25 -32.23 1.86
C GLN L 224 51.92 -31.50 2.05
N PHE L 225 51.25 -31.22 0.93
CA PHE L 225 49.94 -30.57 0.94
C PHE L 225 49.26 -30.65 -0.43
N LEU L 226 50.04 -30.43 -1.48
CA LEU L 226 49.49 -30.29 -2.83
C LEU L 226 49.69 -31.54 -3.67
N ASN L 227 48.59 -32.11 -4.17
CA ASN L 227 48.66 -33.34 -4.96
C ASN L 227 47.60 -33.44 -6.05
N ILE L 228 46.60 -34.30 -5.81
CA ILE L 228 45.51 -34.58 -6.75
C ILE L 228 46.08 -35.14 -8.07
N ARG L 229 45.24 -35.19 -9.10
CA ARG L 229 45.52 -35.93 -10.33
C ARG L 229 46.86 -35.58 -10.98
N SER L 230 47.68 -36.61 -11.20
CA SER L 230 48.97 -36.45 -11.83
C SER L 230 48.84 -36.58 -13.35
N GLY L 231 49.99 -36.68 -14.03
CA GLY L 231 49.98 -36.88 -15.48
C GLY L 231 49.81 -35.59 -16.27
N ALA L 232 49.41 -35.73 -17.53
CA ALA L 232 49.30 -34.59 -18.44
C ALA L 232 47.85 -34.28 -18.81
N GLY L 233 46.95 -35.22 -18.53
CA GLY L 233 45.53 -35.02 -18.71
C GLY L 233 45.10 -34.70 -20.13
N THR L 234 43.98 -33.99 -20.25
CA THR L 234 43.44 -33.61 -21.54
C THR L 234 44.40 -32.70 -22.31
N SER L 235 44.62 -33.03 -23.58
CA SER L 235 45.46 -32.22 -24.46
C SER L 235 44.59 -31.37 -25.39
N SER L 236 45.23 -30.49 -26.16
CA SER L 236 44.50 -29.59 -27.05
C SER L 236 44.80 -29.86 -28.52
N ALA L 237 43.76 -29.86 -29.34
CA ALA L 237 43.92 -29.96 -30.78
C ALA L 237 44.67 -28.73 -31.28
N LYS L 238 45.88 -28.95 -31.80
CA LYS L 238 46.75 -27.85 -32.19
C LYS L 238 46.12 -26.91 -33.21
N ALA L 239 46.35 -25.62 -33.01
CA ALA L 239 45.61 -24.55 -33.69
C ALA L 239 45.72 -24.60 -35.21
N THR L 240 44.63 -25.02 -35.85
CA THR L 240 44.50 -24.94 -37.30
C THR L 240 44.27 -23.50 -37.71
N TYR L 241 45.00 -23.04 -38.73
CA TYR L 241 44.84 -21.68 -39.21
C TYR L 241 43.63 -21.59 -40.16
N TRP L 242 42.99 -20.42 -40.16
CA TRP L 242 41.85 -20.20 -41.03
C TRP L 242 42.13 -19.07 -42.02
N GLY L 243 42.19 -17.84 -41.51
CA GLY L 243 42.33 -16.67 -42.35
C GLY L 243 40.97 -16.13 -42.73
N GLY L 244 40.26 -15.60 -41.73
CA GLY L 244 38.90 -15.11 -41.94
C GLY L 244 38.79 -13.61 -41.82
N GLU L 245 37.58 -13.10 -42.03
CA GLU L 245 37.35 -11.66 -42.03
C GLU L 245 36.06 -11.32 -41.27
N ILE L 246 36.19 -11.03 -39.99
CA ILE L 246 35.05 -10.69 -39.15
C ILE L 246 34.90 -9.17 -38.99
N ARG L 247 33.71 -8.68 -39.33
CA ARG L 247 33.46 -7.24 -39.34
C ARG L 247 32.20 -6.89 -38.55
N GLU L 248 32.33 -5.96 -37.61
CA GLU L 248 31.20 -5.54 -36.79
C GLU L 248 30.80 -4.08 -37.05
N GLN L 249 29.58 -3.90 -37.54
CA GLN L 249 29.04 -2.57 -37.80
C GLN L 249 28.21 -2.09 -36.61
N ASN L 250 28.75 -1.13 -35.86
CA ASN L 250 28.07 -0.62 -34.67
C ASN L 250 28.02 0.91 -34.60
N GLY L 251 28.35 1.57 -35.70
CA GLY L 251 28.16 3.01 -35.83
C GLY L 251 29.03 3.90 -34.96
N HIS L 252 29.93 3.31 -34.18
CA HIS L 252 30.88 4.08 -33.39
C HIS L 252 31.75 4.93 -34.31
N SER L 253 31.94 6.19 -33.92
CA SER L 253 32.69 7.15 -34.74
C SER L 253 34.13 6.70 -34.95
N LEU L 254 34.64 5.90 -34.03
CA LEU L 254 35.99 5.36 -34.16
C LEU L 254 35.97 3.91 -34.63
N VAL L 255 36.83 3.61 -35.59
CA VAL L 255 36.91 2.27 -36.15
C VAL L 255 38.20 1.57 -35.73
N HIS L 256 38.05 0.51 -34.95
CA HIS L 256 39.18 -0.34 -34.61
C HIS L 256 39.38 -1.38 -35.70
N ALA L 257 40.63 -1.74 -35.97
CA ALA L 257 40.93 -2.71 -37.02
C ALA L 257 42.26 -3.41 -36.77
N ALA L 258 42.27 -4.72 -36.95
CA ALA L 258 43.48 -5.52 -36.80
C ALA L 258 43.71 -6.40 -38.01
N VAL L 259 44.94 -6.43 -38.50
CA VAL L 259 45.31 -7.28 -39.63
C VAL L 259 46.55 -8.10 -39.28
N VAL L 260 46.38 -9.42 -39.22
CA VAL L 260 47.48 -10.30 -38.83
C VAL L 260 47.64 -11.52 -39.75
N THR L 261 48.83 -12.10 -39.75
CA THR L 261 49.07 -13.41 -40.33
C THR L 261 49.65 -14.27 -39.23
N GLU L 262 49.95 -15.53 -39.53
CA GLU L 262 50.55 -16.40 -38.52
C GLU L 262 51.95 -15.91 -38.17
N GLY L 263 52.18 -15.68 -36.87
CA GLY L 263 53.49 -15.25 -36.40
C GLY L 263 54.36 -16.42 -35.99
N ALA L 264 55.04 -16.27 -34.86
CA ALA L 264 55.91 -17.32 -34.34
C ALA L 264 55.45 -17.76 -32.96
N ALA L 265 55.67 -19.04 -32.64
CA ALA L 265 55.26 -19.58 -31.35
C ALA L 265 56.23 -19.16 -30.24
N VAL L 266 55.91 -19.55 -29.00
CA VAL L 266 56.78 -19.31 -27.87
C VAL L 266 58.02 -20.19 -27.95
N GLY L 267 59.19 -19.59 -27.74
CA GLY L 267 60.44 -20.33 -27.77
C GLY L 267 60.81 -20.72 -29.18
N SER L 268 60.30 -19.96 -30.15
CA SER L 268 60.61 -20.22 -31.55
C SER L 268 61.91 -19.55 -31.95
N ALA L 269 62.43 -19.92 -33.12
CA ALA L 269 63.63 -19.28 -33.65
C ALA L 269 63.27 -17.89 -34.17
N GLU L 270 62.16 -17.81 -34.89
CA GLU L 270 61.68 -16.55 -35.44
C GLU L 270 60.94 -15.70 -34.41
N ALA L 271 60.96 -16.15 -33.16
CA ALA L 271 60.26 -15.46 -32.08
C ALA L 271 60.85 -14.08 -31.82
N ASN L 272 62.17 -14.01 -31.65
CA ASN L 272 62.84 -12.76 -31.35
C ASN L 272 62.82 -11.79 -32.54
N ALA L 273 62.84 -12.36 -33.74
CA ALA L 273 62.88 -11.56 -34.97
C ALA L 273 61.61 -10.71 -35.13
N PHE L 274 60.48 -11.26 -34.73
CA PHE L 274 59.21 -10.54 -34.83
C PHE L 274 59.11 -9.43 -33.79
N SER L 275 59.62 -9.70 -32.59
CA SER L 275 59.59 -8.73 -31.50
C SER L 275 60.42 -7.50 -31.83
N VAL L 276 61.51 -7.71 -32.56
CA VAL L 276 62.36 -6.61 -33.00
C VAL L 276 61.68 -5.83 -34.12
N LEU L 277 61.05 -6.55 -35.05
CA LEU L 277 60.30 -5.93 -36.14
C LEU L 277 59.15 -5.10 -35.58
N GLN L 278 58.61 -5.54 -34.45
CA GLN L 278 57.52 -4.83 -33.77
C GLN L 278 57.97 -3.43 -33.36
N HIS L 279 59.14 -3.36 -32.74
CA HIS L 279 59.67 -2.07 -32.28
C HIS L 279 60.25 -1.25 -33.43
N VAL L 280 60.63 -1.92 -34.51
CA VAL L 280 61.04 -1.21 -35.72
C VAL L 280 59.85 -0.44 -36.29
N LEU L 281 58.74 -1.14 -36.45
CA LEU L 281 57.49 -0.51 -36.88
C LEU L 281 56.97 0.39 -35.77
N GLY L 282 57.22 0.00 -34.52
CA GLY L 282 56.82 0.81 -33.38
C GLY L 282 55.60 0.27 -32.67
N ALA L 283 55.69 0.18 -31.35
CA ALA L 283 54.60 -0.35 -30.54
C ALA L 283 54.28 0.55 -29.35
N GLY L 284 53.40 1.53 -29.56
CA GLY L 284 52.95 2.39 -28.49
C GLY L 284 53.98 3.45 -28.09
N PRO L 285 53.56 4.73 -28.11
CA PRO L 285 54.39 5.89 -27.76
C PRO L 285 55.12 5.73 -26.43
N LEU L 286 56.36 6.21 -26.37
CA LEU L 286 57.15 6.14 -25.15
C LEU L 286 57.15 7.48 -24.43
N ILE L 287 56.53 8.48 -25.04
CA ILE L 287 56.46 9.81 -24.47
C ILE L 287 55.02 10.28 -24.34
N LYS L 288 54.65 10.73 -23.15
CA LYS L 288 53.29 11.19 -22.88
C LYS L 288 52.87 12.31 -23.82
N ARG L 289 51.71 12.11 -24.46
CA ARG L 289 51.19 13.03 -25.47
C ARG L 289 52.18 13.30 -26.59
N GLY L 290 53.04 12.33 -26.87
CA GLY L 290 54.10 12.53 -27.83
C GLY L 290 53.91 11.78 -29.13
N SER L 291 54.38 12.38 -30.22
CA SER L 291 54.44 11.69 -31.50
C SER L 291 55.53 10.62 -31.43
N SER L 292 55.42 9.62 -32.30
CA SER L 292 56.41 8.54 -32.31
C SER L 292 57.32 8.67 -33.53
N VAL L 293 58.59 8.99 -33.27
CA VAL L 293 59.56 9.20 -34.34
C VAL L 293 60.17 7.88 -34.80
N THR L 294 60.58 7.06 -33.83
CA THR L 294 61.17 5.76 -34.13
C THR L 294 60.17 4.88 -34.88
N SER L 295 58.90 5.00 -34.52
CA SER L 295 57.85 4.23 -35.16
C SER L 295 57.67 4.61 -36.62
N LYS L 296 58.05 3.71 -37.51
CA LYS L 296 57.86 3.92 -38.95
C LYS L 296 56.39 3.73 -39.31
N LEU L 297 55.67 3.04 -38.45
CA LEU L 297 54.25 2.77 -38.66
C LEU L 297 53.41 3.98 -38.30
N TYR L 298 53.65 4.53 -37.11
CA TYR L 298 52.96 5.73 -36.65
C TYR L 298 53.21 6.89 -37.60
N GLN L 299 54.47 7.05 -38.01
CA GLN L 299 54.88 8.15 -38.87
C GLN L 299 54.36 7.97 -40.29
N GLY L 300 54.48 6.75 -40.81
CA GLY L 300 54.05 6.45 -42.16
C GLY L 300 52.57 6.70 -42.39
N VAL L 301 51.77 6.46 -41.35
CA VAL L 301 50.34 6.70 -41.42
C VAL L 301 50.04 8.20 -41.27
N ALA L 302 50.81 8.87 -40.41
CA ALA L 302 50.64 10.29 -40.16
C ALA L 302 50.75 11.12 -41.44
N LYS L 303 51.53 10.62 -42.39
CA LYS L 303 51.70 11.30 -43.67
C LYS L 303 50.46 11.12 -44.55
N ALA L 304 49.68 10.08 -44.26
CA ALA L 304 48.54 9.73 -45.10
C ALA L 304 47.23 10.34 -44.60
N THR L 305 47.09 10.45 -43.28
CA THR L 305 45.84 10.98 -42.72
C THR L 305 46.05 12.30 -42.00
N THR L 306 44.95 13.02 -41.78
CA THR L 306 45.01 14.35 -41.18
C THR L 306 44.72 14.30 -39.67
N GLN L 307 43.70 13.54 -39.32
CA GLN L 307 43.14 13.56 -37.96
C GLN L 307 43.85 12.62 -36.99
N PRO L 308 43.69 12.87 -35.68
CA PRO L 308 44.15 11.98 -34.61
C PRO L 308 43.84 10.50 -34.84
N PHE L 309 44.76 9.64 -34.41
CA PHE L 309 44.62 8.20 -34.60
C PHE L 309 45.59 7.44 -33.70
N ASP L 310 45.61 6.11 -33.86
CA ASP L 310 46.63 5.28 -33.24
C ASP L 310 46.87 4.03 -34.07
N ALA L 311 48.14 3.74 -34.34
CA ALA L 311 48.50 2.59 -35.15
C ALA L 311 49.77 1.94 -34.61
N SER L 312 49.61 0.77 -34.00
CA SER L 312 50.73 0.07 -33.37
C SER L 312 50.99 -1.29 -33.99
N ALA L 313 52.12 -1.89 -33.62
CA ALA L 313 52.47 -3.22 -34.09
C ALA L 313 51.94 -4.28 -33.14
N PHE L 314 51.28 -5.29 -33.71
CA PHE L 314 50.61 -6.32 -32.92
C PHE L 314 51.34 -7.65 -33.03
N ASN L 315 51.70 -8.23 -31.89
CA ASN L 315 52.46 -9.48 -31.89
C ASN L 315 52.15 -10.39 -30.70
N VAL L 316 51.59 -11.55 -30.99
CA VAL L 316 51.31 -12.55 -29.95
C VAL L 316 52.09 -13.82 -30.20
N ASN L 317 52.58 -14.42 -29.12
CA ASN L 317 53.29 -15.69 -29.23
C ASN L 317 52.65 -16.73 -28.32
N TYR L 318 52.00 -17.73 -28.93
CA TYR L 318 51.39 -18.81 -28.19
C TYR L 318 52.29 -20.04 -28.20
N SER L 319 51.80 -21.13 -27.62
CA SER L 319 52.60 -22.35 -27.48
C SER L 319 52.86 -23.03 -28.83
N ASP L 320 51.83 -23.10 -29.66
CA ASP L 320 51.93 -23.81 -30.94
C ASP L 320 51.67 -22.90 -32.13
N SER L 321 51.50 -21.61 -31.87
CA SER L 321 51.26 -20.64 -32.94
C SER L 321 51.50 -19.21 -32.47
N GLY L 322 51.06 -18.25 -33.28
CA GLY L 322 51.21 -16.86 -32.94
C GLY L 322 50.65 -15.94 -34.02
N LEU L 323 50.42 -14.68 -33.66
CA LEU L 323 49.89 -13.71 -34.60
C LEU L 323 50.78 -12.47 -34.66
N PHE L 324 50.92 -11.90 -35.86
CA PHE L 324 51.68 -10.67 -36.03
C PHE L 324 51.06 -9.76 -37.08
N GLY L 325 51.01 -8.47 -36.77
CA GLY L 325 50.45 -7.48 -37.68
C GLY L 325 50.32 -6.12 -37.03
N PHE L 326 49.31 -5.36 -37.45
CA PHE L 326 49.12 -4.01 -36.94
C PHE L 326 47.68 -3.78 -36.47
N TYR L 327 47.52 -2.85 -35.53
CA TYR L 327 46.21 -2.48 -35.01
C TYR L 327 46.03 -0.98 -35.15
N THR L 328 44.98 -0.58 -35.85
CA THR L 328 44.75 0.83 -36.12
C THR L 328 43.43 1.33 -35.54
N ILE L 329 43.53 2.22 -34.55
CA ILE L 329 42.37 2.98 -34.10
C ILE L 329 42.34 4.30 -34.85
N SER L 330 41.32 4.49 -35.68
CA SER L 330 41.23 5.68 -36.51
C SER L 330 39.80 6.21 -36.57
N GLN L 331 39.64 7.38 -37.18
CA GLN L 331 38.32 7.95 -37.39
C GLN L 331 37.61 7.15 -38.49
N ALA L 332 36.29 7.30 -38.56
CA ALA L 332 35.46 6.49 -39.44
C ALA L 332 35.86 6.58 -40.91
N ALA L 333 35.74 7.76 -41.49
CA ALA L 333 36.01 7.96 -42.91
C ALA L 333 37.50 7.89 -43.24
N HIS L 334 38.35 8.01 -42.22
CA HIS L 334 39.79 7.99 -42.44
C HIS L 334 40.38 6.64 -42.08
N ALA L 335 39.51 5.65 -41.87
CA ALA L 335 39.96 4.29 -41.59
C ALA L 335 40.68 3.70 -42.80
N GLY L 336 40.12 3.94 -43.98
CA GLY L 336 40.71 3.47 -45.21
C GLY L 336 42.12 4.01 -45.42
N GLU L 337 42.31 5.29 -45.15
CA GLU L 337 43.61 5.92 -45.31
C GLU L 337 44.64 5.32 -44.37
N VAL L 338 44.26 5.17 -43.10
CA VAL L 338 45.16 4.68 -42.07
C VAL L 338 45.54 3.21 -42.31
N ILE L 339 44.54 2.38 -42.59
CA ILE L 339 44.77 0.95 -42.79
C ILE L 339 45.67 0.66 -44.00
N ARG L 340 45.39 1.32 -45.12
CA ARG L 340 46.21 1.14 -46.32
C ARG L 340 47.64 1.61 -46.07
N ALA L 341 47.78 2.76 -45.40
CA ALA L 341 49.10 3.32 -45.10
C ALA L 341 49.88 2.40 -44.19
N ALA L 342 49.21 1.88 -43.16
CA ALA L 342 49.83 0.97 -42.21
C ALA L 342 50.27 -0.32 -42.91
N MET L 343 49.53 -0.71 -43.94
CA MET L 343 49.88 -1.88 -44.73
C MET L 343 51.16 -1.64 -45.53
N ASN L 344 51.24 -0.47 -46.17
CA ASN L 344 52.39 -0.11 -46.99
C ASN L 344 53.68 -0.08 -46.20
N GLN L 345 53.59 0.23 -44.90
CA GLN L 345 54.75 0.32 -44.05
C GLN L 345 55.39 -1.05 -43.84
N LEU L 346 54.57 -2.09 -43.86
CA LEU L 346 55.08 -3.46 -43.73
C LEU L 346 55.57 -3.98 -45.08
N LYS L 347 54.97 -3.48 -46.15
CA LYS L 347 55.44 -3.78 -47.50
C LYS L 347 56.82 -3.18 -47.71
N ALA L 348 56.97 -1.90 -47.37
CA ALA L 348 58.24 -1.21 -47.53
C ALA L 348 59.30 -1.76 -46.57
N ALA L 349 58.85 -2.31 -45.45
CA ALA L 349 59.76 -2.91 -44.48
C ALA L 349 60.27 -4.25 -44.99
N ALA L 350 59.45 -4.92 -45.79
CA ALA L 350 59.81 -6.22 -46.36
C ALA L 350 60.66 -6.04 -47.61
N GLN L 351 60.52 -4.88 -48.26
CA GLN L 351 61.26 -4.59 -49.48
C GLN L 351 62.68 -4.11 -49.18
N GLY L 352 63.05 -4.15 -47.89
CA GLY L 352 64.40 -3.83 -47.49
C GLY L 352 64.51 -2.60 -46.60
N GLY L 353 63.46 -1.78 -46.58
CA GLY L 353 63.47 -0.53 -45.84
C GLY L 353 63.70 -0.65 -44.35
N VAL L 354 64.84 -1.22 -43.97
CA VAL L 354 65.22 -1.36 -42.57
C VAL L 354 66.70 -1.06 -42.39
N THR L 355 67.01 0.06 -41.74
CA THR L 355 68.38 0.46 -41.49
C THR L 355 68.99 -0.45 -40.43
N GLU L 356 70.30 -0.68 -40.54
CA GLU L 356 71.02 -1.48 -39.55
C GLU L 356 70.95 -0.81 -38.17
N GLU L 357 70.79 0.51 -38.18
CA GLU L 357 70.63 1.26 -36.94
C GLU L 357 69.23 1.07 -36.38
N ASP L 358 68.24 1.00 -37.26
CA ASP L 358 66.85 0.79 -36.85
C ASP L 358 66.72 -0.49 -36.03
N VAL L 359 67.41 -1.54 -36.48
CA VAL L 359 67.43 -2.80 -35.76
C VAL L 359 68.03 -2.61 -34.37
N THR L 360 69.23 -2.04 -34.33
CA THR L 360 69.95 -1.81 -33.07
C THR L 360 69.18 -0.85 -32.17
N LYS L 361 68.42 0.05 -32.78
CA LYS L 361 67.60 0.99 -32.02
C LYS L 361 66.37 0.28 -31.47
N ALA L 362 65.85 -0.67 -32.24
CA ALA L 362 64.70 -1.46 -31.80
C ALA L 362 65.14 -2.53 -30.80
N LYS L 363 66.31 -3.12 -31.05
CA LYS L 363 66.88 -4.10 -30.13
C LYS L 363 67.19 -3.45 -28.79
N ASN L 364 67.44 -2.14 -28.81
CA ASN L 364 67.64 -1.38 -27.59
C ASN L 364 66.33 -1.09 -26.87
N GLN L 365 65.34 -0.65 -27.63
CA GLN L 365 64.01 -0.37 -27.08
C GLN L 365 63.40 -1.63 -26.48
N LEU L 366 63.71 -2.77 -27.08
CA LEU L 366 63.16 -4.04 -26.64
C LEU L 366 63.85 -4.54 -25.36
N LYS L 367 65.17 -4.44 -25.30
CA LYS L 367 65.91 -4.82 -24.10
C LYS L 367 65.51 -3.95 -22.92
N ALA L 368 65.14 -2.71 -23.21
CA ALA L 368 64.66 -1.81 -22.18
C ALA L 368 63.30 -2.27 -21.65
N THR L 369 62.32 -2.33 -22.56
CA THR L 369 60.95 -2.74 -22.24
C THR L 369 60.88 -4.00 -21.39
N TYR L 370 61.68 -5.00 -21.75
CA TYR L 370 61.77 -6.25 -21.00
C TYR L 370 62.19 -6.00 -19.56
N LEU L 371 63.26 -5.23 -19.39
CA LEU L 371 63.89 -5.04 -18.08
C LEU L 371 63.01 -4.31 -17.07
N MET L 372 62.39 -3.21 -17.48
CA MET L 372 61.54 -2.43 -16.57
C MET L 372 60.18 -3.10 -16.33
N SER L 373 59.86 -4.10 -17.15
CA SER L 373 58.62 -4.84 -16.96
C SER L 373 58.74 -5.78 -15.77
N VAL L 374 59.98 -6.15 -15.43
CA VAL L 374 60.25 -7.09 -14.35
C VAL L 374 60.55 -6.34 -13.05
N GLU L 375 60.37 -5.02 -13.07
CA GLU L 375 60.50 -4.23 -11.86
C GLU L 375 59.42 -4.62 -10.86
N THR L 376 58.19 -4.68 -11.35
CA THR L 376 57.02 -4.94 -10.51
C THR L 376 57.03 -6.35 -9.95
N ALA L 377 56.25 -6.56 -8.89
CA ALA L 377 56.08 -7.88 -8.29
C ALA L 377 55.32 -8.77 -9.25
N GLN L 378 54.30 -8.19 -9.90
CA GLN L 378 53.51 -8.90 -10.90
C GLN L 378 54.38 -9.36 -12.05
N GLY L 379 55.17 -8.44 -12.60
CA GLY L 379 56.02 -8.73 -13.74
C GLY L 379 57.09 -9.76 -13.44
N LEU L 380 57.65 -9.73 -12.24
CA LEU L 380 58.70 -10.67 -11.86
C LEU L 380 58.16 -12.08 -11.65
N LEU L 381 57.08 -12.20 -10.89
CA LEU L 381 56.48 -13.50 -10.61
C LEU L 381 55.98 -14.16 -11.89
N ASN L 382 55.40 -13.35 -12.77
CA ASN L 382 54.89 -13.84 -14.04
C ASN L 382 56.00 -14.32 -14.95
N GLU L 383 57.05 -13.49 -15.09
CA GLU L 383 58.16 -13.81 -15.97
C GLU L 383 58.88 -15.08 -15.53
N ILE L 384 59.02 -15.24 -14.21
CA ILE L 384 59.63 -16.45 -13.66
C ILE L 384 58.72 -17.66 -13.88
N GLY L 385 57.45 -17.52 -13.50
CA GLY L 385 56.51 -18.61 -13.58
C GLY L 385 56.13 -19.01 -14.99
N SER L 386 56.21 -18.06 -15.92
CA SER L 386 55.90 -18.33 -17.32
C SER L 386 56.87 -19.34 -17.91
N GLU L 387 58.16 -19.12 -17.65
CA GLU L 387 59.21 -19.99 -18.19
C GLU L 387 59.29 -21.29 -17.40
N ALA L 388 59.16 -21.19 -16.08
CA ALA L 388 59.21 -22.35 -15.21
C ALA L 388 58.09 -23.34 -15.52
N LEU L 389 57.00 -22.82 -16.07
CA LEU L 389 55.87 -23.64 -16.46
C LEU L 389 56.18 -24.40 -17.75
N LEU L 390 56.58 -23.66 -18.79
CA LEU L 390 56.85 -24.26 -20.08
C LEU L 390 58.17 -25.03 -20.09
N SER L 391 59.27 -24.31 -20.15
CA SER L 391 60.60 -24.92 -20.08
C SER L 391 61.17 -24.78 -18.69
N GLY L 392 60.92 -25.80 -17.85
CA GLY L 392 61.21 -25.75 -16.42
C GLY L 392 62.55 -25.19 -15.97
N THR L 393 62.84 -23.97 -16.41
CA THR L 393 64.06 -23.26 -16.05
C THR L 393 63.79 -21.77 -15.98
N HIS L 394 64.74 -21.03 -15.42
CA HIS L 394 64.74 -19.58 -15.59
C HIS L 394 66.02 -19.19 -16.30
N THR L 395 65.88 -18.36 -17.32
CA THR L 395 67.05 -17.91 -18.08
C THR L 395 67.60 -16.65 -17.45
N ALA L 396 68.93 -16.62 -17.27
CA ALA L 396 69.60 -15.45 -16.75
C ALA L 396 69.35 -14.25 -17.68
N PRO L 397 68.99 -13.10 -17.10
CA PRO L 397 68.61 -11.91 -17.85
C PRO L 397 69.69 -11.43 -18.82
N SER L 398 70.94 -11.84 -18.57
CA SER L 398 72.04 -11.50 -19.46
C SER L 398 71.98 -12.31 -20.74
N VAL L 399 71.51 -13.55 -20.64
CA VAL L 399 71.46 -14.45 -21.78
C VAL L 399 70.22 -14.15 -22.63
N VAL L 400 69.15 -13.68 -21.99
CA VAL L 400 67.97 -13.25 -22.74
C VAL L 400 68.30 -11.95 -23.47
N ALA L 401 69.32 -11.26 -22.99
CA ALA L 401 69.81 -10.04 -23.63
C ALA L 401 70.73 -10.42 -24.77
N GLN L 402 71.29 -11.62 -24.70
CA GLN L 402 72.12 -12.15 -25.76
C GLN L 402 71.25 -12.66 -26.91
N LYS L 403 70.22 -13.42 -26.55
CA LYS L 403 69.37 -14.06 -27.54
C LYS L 403 68.60 -13.06 -28.39
N ILE L 404 68.39 -11.85 -27.87
CA ILE L 404 67.61 -10.85 -28.59
C ILE L 404 68.46 -10.06 -29.60
N ASP L 405 69.61 -9.55 -29.18
CA ASP L 405 70.43 -8.73 -30.07
C ASP L 405 71.32 -9.59 -30.95
N SER L 406 71.13 -10.91 -30.88
CA SER L 406 71.78 -11.82 -31.81
C SER L 406 70.87 -12.03 -33.01
N VAL L 407 69.93 -11.11 -33.20
CA VAL L 407 69.03 -11.12 -34.34
C VAL L 407 69.52 -10.16 -35.41
N THR L 408 69.71 -10.67 -36.61
CA THR L 408 70.26 -9.89 -37.72
C THR L 408 69.26 -8.88 -38.26
N SER L 409 69.73 -8.02 -39.15
CA SER L 409 68.84 -7.07 -39.82
C SER L 409 68.02 -7.83 -40.86
N ALA L 410 68.63 -8.88 -41.41
CA ALA L 410 67.96 -9.73 -42.39
C ALA L 410 66.80 -10.49 -41.75
N ASP L 411 67.00 -10.94 -40.52
CA ASP L 411 65.95 -11.64 -39.77
C ASP L 411 64.70 -10.77 -39.64
N VAL L 412 64.89 -9.46 -39.51
CA VAL L 412 63.78 -8.53 -39.37
C VAL L 412 63.05 -8.35 -40.70
N VAL L 413 63.80 -8.13 -41.77
CA VAL L 413 63.22 -7.98 -43.09
C VAL L 413 62.57 -9.29 -43.54
N ASN L 414 63.08 -10.41 -43.03
CA ASN L 414 62.48 -11.71 -43.28
C ASN L 414 61.11 -11.84 -42.63
N ALA L 415 61.01 -11.37 -41.39
CA ALA L 415 59.75 -11.43 -40.64
C ALA L 415 58.69 -10.57 -41.33
N ALA L 416 59.13 -9.45 -41.91
CA ALA L 416 58.24 -8.58 -42.66
C ALA L 416 57.78 -9.26 -43.95
N LYS L 417 58.68 -10.03 -44.55
CA LYS L 417 58.37 -10.77 -45.76
C LYS L 417 57.26 -11.78 -45.51
N LYS L 418 57.26 -12.40 -44.34
CA LYS L 418 56.28 -13.43 -44.00
C LYS L 418 54.88 -12.84 -43.88
N PHE L 419 54.81 -11.57 -43.49
CA PHE L 419 53.51 -10.91 -43.33
C PHE L 419 52.87 -10.63 -44.69
N VAL L 420 53.63 -10.04 -45.60
CA VAL L 420 53.13 -9.68 -46.92
C VAL L 420 52.80 -10.93 -47.75
N SER L 421 53.46 -12.04 -47.42
CA SER L 421 53.25 -13.28 -48.17
C SER L 421 52.11 -14.11 -47.60
N GLY L 422 52.13 -14.35 -46.29
CA GLY L 422 51.17 -15.22 -45.65
C GLY L 422 49.72 -14.78 -45.78
N LYS L 423 48.81 -15.72 -45.54
CA LYS L 423 47.38 -15.43 -45.61
C LYS L 423 46.95 -14.59 -44.43
N LYS L 424 46.30 -13.46 -44.71
CA LYS L 424 45.93 -12.51 -43.68
C LYS L 424 44.55 -12.77 -43.10
N SER L 425 44.36 -12.42 -41.84
CA SER L 425 43.06 -12.46 -41.19
C SER L 425 42.79 -11.13 -40.51
N MET L 426 41.60 -10.56 -40.73
CA MET L 426 41.30 -9.22 -40.27
C MET L 426 40.06 -9.15 -39.39
N ALA L 427 40.16 -8.40 -38.29
CA ALA L 427 39.02 -8.12 -37.43
C ALA L 427 38.86 -6.62 -37.22
N ALA L 428 37.67 -6.11 -37.49
CA ALA L 428 37.42 -4.67 -37.39
C ALA L 428 36.00 -4.39 -36.90
N SER L 429 35.90 -3.54 -35.88
CA SER L 429 34.59 -3.14 -35.36
C SER L 429 34.50 -1.62 -35.26
N GLY L 430 33.40 -1.08 -35.79
CA GLY L 430 33.18 0.36 -35.80
C GLY L 430 32.17 0.70 -36.86
N ASP L 431 32.17 1.95 -37.30
CA ASP L 431 31.36 2.35 -38.45
C ASP L 431 32.16 2.06 -39.72
N LEU L 432 32.05 0.84 -40.20
CA LEU L 432 32.90 0.34 -41.28
C LEU L 432 32.43 0.77 -42.66
N GLY L 433 31.84 1.96 -42.75
CA GLY L 433 31.37 2.49 -44.01
C GLY L 433 32.49 2.79 -44.98
N SER L 434 33.69 3.04 -44.44
CA SER L 434 34.85 3.33 -45.29
C SER L 434 36.03 2.45 -44.92
N THR L 435 35.76 1.35 -44.20
CA THR L 435 36.80 0.41 -43.81
C THR L 435 36.98 -0.67 -44.88
N PRO L 436 38.18 -0.76 -45.47
CA PRO L 436 38.46 -1.66 -46.59
C PRO L 436 38.38 -3.13 -46.23
N PHE L 437 37.93 -3.96 -47.18
CA PHE L 437 37.93 -5.40 -46.99
C PHE L 437 39.33 -5.97 -47.15
N LEU L 438 39.51 -7.22 -46.77
CA LEU L 438 40.85 -7.81 -46.73
C LEU L 438 41.41 -8.08 -48.12
N ASP L 439 40.53 -8.27 -49.10
CA ASP L 439 40.98 -8.48 -50.48
C ASP L 439 41.22 -7.15 -51.20
N GLU L 440 41.43 -6.09 -50.42
CA GLU L 440 41.67 -4.77 -50.98
C GLU L 440 42.99 -4.20 -50.49
N LEU L 441 43.84 -5.08 -49.96
CA LEU L 441 45.14 -4.68 -49.42
C LEU L 441 46.27 -5.43 -50.12
N ALA M 2 15.33 -4.61 1.97
CA ALA M 2 15.09 -3.27 2.52
C ALA M 2 15.99 -3.01 3.72
N PRO M 3 17.03 -2.17 3.54
CA PRO M 3 18.07 -1.82 4.51
C PRO M 3 17.54 -1.43 5.89
N ASN M 4 17.03 -0.21 6.01
CA ASN M 4 16.53 0.27 7.30
C ASN M 4 15.17 -0.33 7.65
N ILE M 5 14.73 -0.10 8.88
CA ILE M 5 13.45 -0.61 9.34
C ILE M 5 12.44 0.52 9.44
N ARG M 6 12.67 1.56 8.63
CA ARG M 6 11.72 2.66 8.55
C ARG M 6 10.92 2.53 7.25
N LYS M 7 11.57 1.98 6.22
CA LYS M 7 10.91 1.72 4.95
C LYS M 7 10.28 0.32 4.94
N SER M 8 10.64 -0.49 5.92
CA SER M 8 10.18 -1.88 5.98
C SER M 8 8.94 -2.05 6.84
N HIS M 9 9.10 -1.74 8.13
CA HIS M 9 8.05 -1.88 9.13
C HIS M 9 6.71 -1.33 8.66
N PRO M 10 5.75 -2.23 8.39
CA PRO M 10 4.43 -1.89 7.83
C PRO M 10 3.64 -0.89 8.67
N LEU M 11 4.06 -0.69 9.91
CA LEU M 11 3.46 0.34 10.76
C LEU M 11 4.23 1.65 10.59
N LEU M 12 5.55 1.56 10.65
CA LEU M 12 6.41 2.74 10.54
C LEU M 12 6.50 3.24 9.10
N LYS M 13 5.96 2.50 8.14
CA LYS M 13 6.15 2.84 6.74
C LYS M 13 5.08 3.79 6.21
N MET M 14 3.88 3.75 6.79
CA MET M 14 2.87 4.74 6.45
C MET M 14 2.99 5.90 7.43
N ILE M 15 3.77 5.69 8.48
CA ILE M 15 4.20 6.78 9.35
C ILE M 15 5.29 7.55 8.62
N ASN M 16 6.12 6.81 7.90
CA ASN M 16 7.20 7.40 7.11
C ASN M 16 6.70 8.07 5.84
N ASN M 17 5.79 7.40 5.14
CA ASN M 17 5.29 7.89 3.85
C ASN M 17 4.19 8.93 3.99
N SER M 18 3.98 9.45 5.20
CA SER M 18 2.97 10.47 5.42
C SER M 18 3.51 11.67 6.19
N LEU M 19 4.53 11.43 7.02
CA LEU M 19 5.03 12.49 7.90
C LEU M 19 6.55 12.61 7.92
N ILE M 20 7.24 11.86 7.07
CA ILE M 20 8.70 11.87 7.06
C ILE M 20 9.28 12.01 5.64
N ASP M 21 9.14 10.97 4.83
CA ASP M 21 9.72 10.96 3.48
C ASP M 21 8.75 11.43 2.41
N LEU M 22 7.55 11.83 2.82
CA LEU M 22 6.50 12.24 1.88
C LEU M 22 6.89 13.47 1.08
N PRO M 23 6.94 13.33 -0.26
CA PRO M 23 7.26 14.43 -1.17
C PRO M 23 6.21 15.53 -1.11
N ALA M 24 6.66 16.74 -0.76
CA ALA M 24 5.78 17.89 -0.72
C ALA M 24 6.34 18.99 -1.61
N PRO M 25 5.46 19.82 -2.19
CA PRO M 25 5.93 20.95 -3.00
C PRO M 25 6.79 21.90 -2.18
N SER M 26 7.81 22.46 -2.81
CA SER M 26 8.77 23.30 -2.09
C SER M 26 8.21 24.67 -1.73
N ASN M 27 7.11 25.06 -2.37
CA ASN M 27 6.64 26.43 -2.26
C ASN M 27 5.24 26.64 -1.68
N ILE M 28 4.68 25.61 -1.05
CA ILE M 28 3.36 25.78 -0.43
C ILE M 28 3.50 26.73 0.76
N SER M 29 2.49 27.57 0.95
CA SER M 29 2.57 28.66 1.91
C SER M 29 1.98 28.29 3.27
N ALA M 30 1.66 29.32 4.05
CA ALA M 30 1.06 29.13 5.36
C ALA M 30 -0.40 28.74 5.24
N TRP M 31 -0.97 28.92 4.05
CA TRP M 31 -2.35 28.51 3.80
C TRP M 31 -2.46 26.99 3.75
N TRP M 32 -1.32 26.31 3.71
CA TRP M 32 -1.27 24.86 3.73
C TRP M 32 -1.03 24.31 5.14
N ASN M 33 -0.93 25.22 6.11
CA ASN M 33 -0.72 24.84 7.50
C ASN M 33 -1.98 24.35 8.18
N PHE M 34 -3.13 24.88 7.76
CA PHE M 34 -4.38 24.66 8.46
C PHE M 34 -4.89 23.23 8.34
N GLY M 35 -4.27 22.44 7.46
CA GLY M 35 -4.57 21.04 7.37
C GLY M 35 -4.14 20.32 8.63
N SER M 36 -2.87 20.50 9.00
CA SER M 36 -2.31 19.87 10.19
C SER M 36 -2.86 20.49 11.46
N LEU M 37 -3.34 21.72 11.35
CA LEU M 37 -3.99 22.39 12.47
C LEU M 37 -5.31 21.71 12.82
N LEU M 38 -6.12 21.48 11.79
CA LEU M 38 -7.39 20.77 11.95
C LEU M 38 -7.18 19.38 12.55
N ALA M 39 -6.10 18.74 12.15
CA ALA M 39 -5.75 17.42 12.64
C ALA M 39 -5.47 17.45 14.15
N VAL M 40 -4.60 18.37 14.56
CA VAL M 40 -4.26 18.52 15.97
C VAL M 40 -5.48 19.02 16.76
N CYS M 41 -6.23 19.94 16.16
CA CYS M 41 -7.41 20.48 16.81
C CYS M 41 -8.46 19.41 17.06
N LEU M 42 -8.51 18.42 16.17
CA LEU M 42 -9.43 17.31 16.32
C LEU M 42 -9.03 16.43 17.49
N MET M 43 -7.73 16.14 17.58
CA MET M 43 -7.20 15.32 18.67
C MET M 43 -7.29 16.07 20.00
N THR M 44 -7.25 17.40 19.94
CA THR M 44 -7.40 18.25 21.12
C THR M 44 -8.84 18.26 21.62
N GLN M 45 -9.78 18.42 20.70
CA GLN M 45 -11.20 18.45 21.03
C GLN M 45 -11.66 17.11 21.62
N ILE M 46 -11.17 16.03 21.05
CA ILE M 46 -11.51 14.68 21.51
C ILE M 46 -11.00 14.45 22.94
N LEU M 47 -9.78 14.92 23.22
CA LEU M 47 -9.19 14.74 24.54
C LEU M 47 -9.89 15.60 25.60
N THR M 48 -10.08 16.87 25.29
CA THR M 48 -10.77 17.78 26.20
C THR M 48 -12.22 17.37 26.38
N GLY M 49 -12.80 16.78 25.33
CA GLY M 49 -14.17 16.30 25.38
C GLY M 49 -14.32 15.09 26.28
N LEU M 50 -13.35 14.17 26.18
CA LEU M 50 -13.34 12.97 27.01
C LEU M 50 -13.25 13.34 28.49
N LEU M 51 -12.37 14.29 28.80
CA LEU M 51 -12.18 14.74 30.18
C LEU M 51 -13.45 15.40 30.73
N LEU M 52 -14.17 16.10 29.87
CA LEU M 52 -15.43 16.72 30.26
C LEU M 52 -16.52 15.67 30.43
N ALA M 53 -16.54 14.68 29.54
CA ALA M 53 -17.57 13.65 29.53
C ALA M 53 -17.51 12.77 30.77
N MET M 54 -16.33 12.70 31.39
CA MET M 54 -16.13 11.89 32.59
C MET M 54 -16.74 12.56 33.83
N HIS M 55 -17.32 13.73 33.63
CA HIS M 55 -17.96 14.45 34.74
C HIS M 55 -19.35 14.93 34.35
N TYR M 56 -19.77 14.62 33.13
CA TYR M 56 -21.05 15.07 32.62
C TYR M 56 -22.18 14.09 32.91
N THR M 57 -23.37 14.61 33.13
CA THR M 57 -24.55 13.79 33.36
C THR M 57 -25.65 14.16 32.36
N ALA M 58 -25.97 13.22 31.48
CA ALA M 58 -26.96 13.45 30.43
C ALA M 58 -28.39 13.31 30.94
N ASP M 59 -28.88 14.35 31.60
CA ASP M 59 -30.26 14.40 32.08
C ASP M 59 -30.70 15.85 32.27
N THR M 60 -31.92 16.16 31.86
CA THR M 60 -32.43 17.52 31.89
C THR M 60 -32.48 18.12 33.29
N SER M 61 -32.43 17.26 34.31
CA SER M 61 -32.47 17.71 35.69
C SER M 61 -31.07 17.80 36.29
N LEU M 62 -30.06 17.38 35.52
CA LEU M 62 -28.70 17.34 36.03
C LEU M 62 -27.66 17.84 35.04
N ALA M 63 -28.06 18.05 33.78
CA ALA M 63 -27.14 18.49 32.73
C ALA M 63 -26.45 19.80 33.07
N PHE M 64 -27.25 20.86 33.23
CA PHE M 64 -26.74 22.19 33.56
C PHE M 64 -25.90 22.15 34.83
N SER M 65 -26.40 21.43 35.83
CA SER M 65 -25.74 21.35 37.13
C SER M 65 -24.42 20.60 37.06
N SER M 66 -24.36 19.54 36.26
CA SER M 66 -23.15 18.75 36.13
C SER M 66 -22.03 19.53 35.45
N VAL M 67 -22.40 20.33 34.45
CA VAL M 67 -21.43 21.18 33.76
C VAL M 67 -20.91 22.26 34.70
N ALA M 68 -21.83 22.83 35.47
CA ALA M 68 -21.48 23.84 36.46
C ALA M 68 -20.60 23.24 37.54
N HIS M 69 -20.93 22.01 37.93
N HIS M 69 -20.92 22.01 37.94
CA HIS M 69 -20.15 21.27 38.93
CA HIS M 69 -20.13 21.29 38.95
C HIS M 69 -18.73 21.01 38.44
C HIS M 69 -18.71 21.04 38.42
N THR M 70 -18.61 20.77 37.13
CA THR M 70 -17.32 20.52 36.50
C THR M 70 -16.42 21.76 36.57
N CYS M 71 -17.01 22.93 36.31
CA CYS M 71 -16.26 24.17 36.33
C CYS M 71 -15.90 24.59 37.75
N ARG M 72 -16.73 24.22 38.71
CA ARG M 72 -16.56 24.71 40.08
C ARG M 72 -15.82 23.73 41.00
N ASN M 73 -15.92 22.43 40.73
CA ASN M 73 -15.37 21.44 41.65
C ASN M 73 -14.23 20.60 41.09
N VAL M 74 -14.32 20.27 39.80
CA VAL M 74 -13.28 19.47 39.17
C VAL M 74 -11.99 20.27 39.00
N GLN M 75 -10.88 19.66 39.37
CA GLN M 75 -9.57 20.31 39.27
C GLN M 75 -9.26 20.70 37.84
N TYR M 76 -9.14 22.00 37.60
CA TYR M 76 -8.94 22.56 36.26
C TYR M 76 -10.07 22.19 35.32
N GLY M 77 -11.23 21.87 35.89
CA GLY M 77 -12.41 21.57 35.09
C GLY M 77 -12.93 22.82 34.42
N TRP M 78 -12.71 23.96 35.06
CA TRP M 78 -13.06 25.25 34.48
C TRP M 78 -12.25 25.50 33.22
N LEU M 79 -11.03 24.97 33.19
CA LEU M 79 -10.13 25.16 32.06
C LEU M 79 -10.46 24.20 30.92
N ILE M 80 -10.75 22.95 31.26
CA ILE M 80 -11.05 21.93 30.26
C ILE M 80 -12.34 22.27 29.53
N ARG M 81 -13.31 22.80 30.28
CA ARG M 81 -14.54 23.29 29.67
C ARG M 81 -14.23 24.51 28.81
N ASN M 82 -13.30 25.34 29.31
CA ASN M 82 -12.89 26.54 28.59
C ASN M 82 -12.21 26.20 27.27
N LEU M 83 -11.28 25.24 27.31
CA LEU M 83 -10.54 24.85 26.13
C LEU M 83 -11.41 24.14 25.10
N HIS M 84 -12.31 23.28 25.58
CA HIS M 84 -13.17 22.50 24.70
C HIS M 84 -14.18 23.40 23.98
N ALA M 85 -14.71 24.39 24.71
CA ALA M 85 -15.70 25.29 24.14
C ALA M 85 -15.08 26.21 23.10
N ASN M 86 -13.96 26.83 23.44
CA ASN M 86 -13.26 27.72 22.54
C ASN M 86 -12.49 26.96 21.46
N GLY M 87 -12.13 25.72 21.76
CA GLY M 87 -11.44 24.87 20.80
C GLY M 87 -12.35 24.52 19.64
N ALA M 88 -13.65 24.47 19.91
CA ALA M 88 -14.63 24.22 18.87
C ALA M 88 -14.66 25.37 17.87
N SER M 89 -14.31 26.56 18.35
CA SER M 89 -14.25 27.75 17.52
C SER M 89 -12.96 27.78 16.72
N PHE M 90 -11.89 27.29 17.33
CA PHE M 90 -10.60 27.19 16.67
C PHE M 90 -10.71 26.20 15.51
N PHE M 91 -11.56 25.21 15.69
CA PHE M 91 -11.82 24.20 14.67
C PHE M 91 -12.44 24.82 13.44
N PHE M 92 -13.45 25.66 13.65
CA PHE M 92 -14.18 26.29 12.55
C PHE M 92 -13.37 27.39 11.88
N ILE M 93 -12.55 28.09 12.66
CA ILE M 93 -11.68 29.12 12.09
C ILE M 93 -10.71 28.47 11.12
N CYS M 94 -10.07 27.40 11.58
CA CYS M 94 -9.11 26.66 10.76
C CYS M 94 -9.77 26.00 9.56
N ILE M 95 -11.01 25.55 9.72
CA ILE M 95 -11.69 24.84 8.63
C ILE M 95 -12.23 25.80 7.58
N PHE M 96 -12.46 27.05 7.97
CA PHE M 96 -12.96 28.05 7.02
C PHE M 96 -11.81 28.57 6.18
N LEU M 97 -10.62 28.62 6.78
CA LEU M 97 -9.41 29.02 6.07
C LEU M 97 -8.91 27.86 5.22
N HIS M 98 -9.12 26.65 5.71
CA HIS M 98 -8.75 25.43 5.00
C HIS M 98 -9.54 25.33 3.70
N ILE M 99 -10.84 25.61 3.81
CA ILE M 99 -11.74 25.60 2.66
C ILE M 99 -11.42 26.76 1.71
N GLY M 100 -11.29 27.95 2.28
CA GLY M 100 -10.99 29.14 1.49
C GLY M 100 -9.71 29.02 0.69
N ARG M 101 -8.73 28.31 1.25
CA ARG M 101 -7.48 28.04 0.56
C ARG M 101 -7.75 27.25 -0.72
N GLY M 102 -8.46 26.13 -0.57
CA GLY M 102 -8.74 25.24 -1.68
C GLY M 102 -9.52 25.90 -2.79
N LEU M 103 -10.46 26.75 -2.41
CA LEU M 103 -11.27 27.48 -3.38
C LEU M 103 -10.43 28.49 -4.16
N TYR M 104 -9.43 29.04 -3.50
CA TYR M 104 -8.57 30.03 -4.12
C TYR M 104 -7.47 29.41 -4.97
N TYR M 105 -6.92 28.28 -4.50
CA TYR M 105 -5.81 27.64 -5.19
C TYR M 105 -6.23 26.41 -5.97
N GLY M 106 -7.52 26.32 -6.28
CA GLY M 106 -8.04 25.25 -7.13
C GLY M 106 -7.76 23.84 -6.63
N SER M 107 -7.71 23.68 -5.31
CA SER M 107 -7.42 22.38 -4.72
C SER M 107 -8.61 21.43 -4.83
N TYR M 108 -9.77 21.97 -5.20
CA TYR M 108 -10.98 21.18 -5.33
C TYR M 108 -10.93 20.22 -6.51
N LEU M 109 -9.93 20.39 -7.37
CA LEU M 109 -9.76 19.51 -8.52
C LEU M 109 -9.30 18.12 -8.07
N TYR M 110 -8.82 18.03 -6.84
CA TYR M 110 -8.65 16.73 -6.17
C TYR M 110 -10.03 16.31 -5.65
N LYS M 111 -10.91 15.92 -6.56
CA LYS M 111 -12.33 15.72 -6.27
C LYS M 111 -12.61 14.76 -5.12
N GLU M 112 -11.90 13.64 -5.07
CA GLU M 112 -12.08 12.68 -4.00
C GLU M 112 -11.65 13.29 -2.67
N THR M 113 -10.53 13.99 -2.68
CA THR M 113 -10.03 14.69 -1.50
C THR M 113 -11.00 15.79 -1.10
N TRP M 114 -11.49 16.53 -2.08
CA TRP M 114 -12.41 17.65 -1.83
C TRP M 114 -13.76 17.17 -1.29
N ASN M 115 -14.30 16.12 -1.88
CA ASN M 115 -15.60 15.61 -1.48
C ASN M 115 -15.60 15.03 -0.06
N THR M 116 -14.52 14.33 0.29
CA THR M 116 -14.35 13.83 1.65
C THR M 116 -14.19 14.99 2.61
N GLY M 117 -13.69 16.11 2.08
CA GLY M 117 -13.56 17.33 2.86
C GLY M 117 -14.91 17.90 3.25
N VAL M 118 -15.80 18.04 2.27
CA VAL M 118 -17.14 18.55 2.52
C VAL M 118 -17.87 17.72 3.56
N ILE M 119 -17.74 16.40 3.43
CA ILE M 119 -18.34 15.47 4.38
C ILE M 119 -17.77 15.68 5.78
N LEU M 120 -16.48 15.94 5.86
CA LEU M 120 -15.82 16.25 7.13
C LEU M 120 -16.38 17.53 7.75
N LEU M 121 -16.66 18.51 6.89
CA LEU M 121 -17.27 19.76 7.34
C LEU M 121 -18.67 19.51 7.88
N LEU M 122 -19.47 18.76 7.12
CA LEU M 122 -20.85 18.47 7.50
C LEU M 122 -20.93 17.71 8.82
N THR M 123 -19.99 16.80 9.05
CA THR M 123 -19.96 16.04 10.28
C THR M 123 -19.54 16.93 11.44
N LEU M 124 -18.64 17.87 11.16
CA LEU M 124 -18.18 18.82 12.16
C LEU M 124 -19.32 19.74 12.62
N MET M 125 -20.11 20.20 11.65
CA MET M 125 -21.25 21.07 11.96
C MET M 125 -22.26 20.33 12.82
N ALA M 126 -22.52 19.08 12.48
CA ALA M 126 -23.43 18.24 13.24
C ALA M 126 -22.90 17.95 14.64
N THR M 127 -21.58 17.80 14.72
CA THR M 127 -20.90 17.53 15.99
C THR M 127 -21.01 18.71 16.95
N ALA M 128 -20.74 19.91 16.43
CA ALA M 128 -20.81 21.11 17.25
C ALA M 128 -22.26 21.48 17.57
N PHE M 129 -23.19 21.04 16.72
CA PHE M 129 -24.60 21.33 16.91
C PHE M 129 -25.16 20.57 18.11
N VAL M 130 -24.83 19.29 18.21
CA VAL M 130 -25.35 18.45 19.28
C VAL M 130 -24.59 18.65 20.58
N GLY M 131 -23.37 19.15 20.48
CA GLY M 131 -22.56 19.43 21.66
C GLY M 131 -23.06 20.67 22.37
N TYR M 132 -23.67 21.58 21.61
CA TYR M 132 -24.15 22.84 22.14
C TYR M 132 -25.36 22.63 23.04
N VAL M 133 -26.06 21.52 22.83
CA VAL M 133 -27.27 21.20 23.59
C VAL M 133 -26.93 20.62 24.96
N LEU M 134 -25.74 20.04 25.05
CA LEU M 134 -25.31 19.33 26.26
C LEU M 134 -25.36 20.13 27.58
N PRO M 135 -24.88 21.39 27.58
CA PRO M 135 -25.00 22.12 28.85
C PRO M 135 -26.46 22.44 29.21
N TRP M 136 -27.35 22.32 28.23
CA TRP M 136 -28.78 22.47 28.44
C TRP M 136 -29.14 23.84 29.02
N GLY M 137 -28.58 24.89 28.44
CA GLY M 137 -28.96 26.24 28.81
C GLY M 137 -30.13 26.69 27.96
N GLN M 138 -30.49 27.97 28.06
CA GLN M 138 -31.59 28.51 27.27
C GLN M 138 -31.30 28.45 25.78
N MET M 139 -30.13 28.94 25.38
CA MET M 139 -29.78 28.97 23.96
C MET M 139 -29.54 27.56 23.44
N SER M 140 -29.22 26.64 24.34
CA SER M 140 -29.03 25.23 23.98
C SER M 140 -30.36 24.62 23.54
N PHE M 141 -31.37 24.75 24.40
CA PHE M 141 -32.69 24.20 24.16
C PHE M 141 -33.38 24.83 22.96
N TRP M 142 -33.40 26.16 22.92
CA TRP M 142 -34.14 26.88 21.90
C TRP M 142 -33.42 26.88 20.56
N GLY M 143 -32.10 26.72 20.60
CA GLY M 143 -31.34 26.52 19.37
C GLY M 143 -31.69 25.17 18.79
N ALA M 144 -31.79 24.17 19.66
CA ALA M 144 -32.17 22.83 19.24
C ALA M 144 -33.62 22.78 18.80
N THR M 145 -34.46 23.56 19.46
CA THR M 145 -35.87 23.62 19.13
C THR M 145 -36.11 24.22 17.75
N VAL M 146 -35.61 25.44 17.55
CA VAL M 146 -35.80 26.16 16.29
C VAL M 146 -35.30 25.39 15.07
N ILE M 147 -34.11 24.80 15.19
CA ILE M 147 -33.48 24.12 14.06
C ILE M 147 -34.16 22.80 13.69
N THR M 148 -34.40 21.95 14.69
CA THR M 148 -35.01 20.65 14.44
C THR M 148 -36.48 20.75 14.04
N ASN M 149 -37.14 21.81 14.50
CA ASN M 149 -38.55 22.03 14.17
C ASN M 149 -38.74 22.41 12.70
N LEU M 150 -37.62 22.63 12.00
CA LEU M 150 -37.66 22.94 10.58
C LEU M 150 -38.02 21.72 9.74
N PHE M 151 -37.62 20.54 10.22
CA PHE M 151 -37.81 19.30 9.46
C PHE M 151 -39.29 18.99 9.25
N SER M 152 -40.15 19.62 10.04
CA SER M 152 -41.58 19.42 9.94
C SER M 152 -42.18 20.12 8.73
N ALA M 153 -41.36 20.93 8.07
CA ALA M 153 -41.78 21.61 6.85
C ALA M 153 -41.79 20.65 5.67
N ILE M 154 -41.03 19.56 5.79
CA ILE M 154 -40.99 18.53 4.77
C ILE M 154 -42.38 17.92 4.60
N PRO M 155 -42.85 17.82 3.34
CA PRO M 155 -44.17 17.28 3.02
C PRO M 155 -44.39 15.86 3.55
N TYR M 156 -45.57 15.61 4.09
CA TYR M 156 -46.02 14.28 4.50
C TYR M 156 -45.16 13.67 5.61
N ILE M 157 -43.95 13.24 5.24
CA ILE M 157 -43.09 12.51 6.17
C ILE M 157 -42.48 13.41 7.24
N GLY M 158 -42.63 14.72 7.06
CA GLY M 158 -41.98 15.70 7.92
C GLY M 158 -42.30 15.65 9.40
N HIS M 159 -43.59 15.63 9.73
CA HIS M 159 -44.01 15.70 11.12
C HIS M 159 -43.59 14.46 11.91
N THR M 160 -43.51 13.32 11.22
CA THR M 160 -43.06 12.08 11.86
C THR M 160 -41.54 12.08 11.97
N LEU M 161 -40.87 12.67 10.98
CA LEU M 161 -39.42 12.73 10.95
C LEU M 161 -38.87 13.49 12.16
N VAL M 162 -39.61 14.51 12.58
CA VAL M 162 -39.20 15.34 13.72
C VAL M 162 -39.40 14.61 15.05
N GLU M 163 -40.62 14.16 15.29
CA GLU M 163 -40.99 13.51 16.56
C GLU M 163 -40.19 12.23 16.80
N TRP M 164 -39.65 11.66 15.73
CA TRP M 164 -38.77 10.50 15.85
C TRP M 164 -37.40 10.93 16.37
N ALA M 165 -36.86 11.98 15.76
CA ALA M 165 -35.56 12.52 16.15
C ALA M 165 -35.59 13.05 17.58
N TRP M 166 -36.73 13.60 17.97
CA TRP M 166 -36.93 14.11 19.32
C TRP M 166 -37.06 12.98 20.33
N GLY M 167 -37.71 11.90 19.91
CA GLY M 167 -38.02 10.81 20.83
C GLY M 167 -39.21 11.18 21.69
N GLY M 168 -39.95 12.19 21.22
CA GLY M 168 -41.12 12.68 21.92
C GLY M 168 -41.88 13.71 21.12
N PHE M 169 -42.41 14.70 21.81
CA PHE M 169 -43.24 15.74 21.19
C PHE M 169 -42.54 17.10 21.26
N SER M 170 -41.44 17.15 22.00
CA SER M 170 -40.62 18.34 22.09
C SER M 170 -39.20 17.93 22.49
N VAL M 171 -38.27 18.88 22.44
CA VAL M 171 -36.92 18.61 22.91
C VAL M 171 -36.96 18.38 24.42
N ASP M 172 -36.52 17.21 24.85
CA ASP M 172 -36.54 16.86 26.26
C ASP M 172 -35.43 15.87 26.58
N ASN M 173 -35.56 15.16 27.70
CA ASN M 173 -34.59 14.16 28.13
C ASN M 173 -34.32 13.04 27.12
N PRO M 174 -35.37 12.55 26.41
CA PRO M 174 -35.04 11.57 25.37
C PRO M 174 -34.19 12.14 24.24
N THR M 175 -34.18 13.47 24.10
CA THR M 175 -33.39 14.11 23.06
C THR M 175 -31.96 14.41 23.54
N LEU M 176 -31.83 14.77 24.81
CA LEU M 176 -30.53 15.10 25.38
C LEU M 176 -29.60 13.88 25.44
N THR M 177 -30.16 12.76 25.86
CA THR M 177 -29.39 11.53 26.02
C THR M 177 -28.86 11.01 24.67
N ARG M 178 -29.66 11.19 23.62
CA ARG M 178 -29.26 10.70 22.31
C ARG M 178 -28.32 11.70 21.62
N PHE M 179 -28.42 12.97 22.00
CA PHE M 179 -27.52 13.98 21.47
C PHE M 179 -26.14 13.85 22.07
N PHE M 180 -26.09 13.46 23.36
CA PHE M 180 -24.82 13.22 24.02
C PHE M 180 -24.13 12.00 23.43
N ALA M 181 -24.91 10.96 23.14
CA ALA M 181 -24.39 9.76 22.51
C ALA M 181 -23.90 10.09 21.10
N LEU M 182 -24.62 10.97 20.42
CA LEU M 182 -24.25 11.39 19.08
C LEU M 182 -23.00 12.28 19.11
N HIS M 183 -22.91 13.14 20.12
CA HIS M 183 -21.78 14.05 20.25
C HIS M 183 -20.52 13.29 20.66
N PHE M 184 -20.69 12.16 21.34
CA PHE M 184 -19.58 11.32 21.75
C PHE M 184 -19.07 10.55 20.53
N LEU M 185 -20.01 10.11 19.69
CA LEU M 185 -19.70 9.24 18.57
C LEU M 185 -19.05 9.96 17.37
N LEU M 186 -19.68 11.03 16.91
CA LEU M 186 -19.30 11.70 15.67
C LEU M 186 -17.81 12.09 15.49
N PRO M 187 -17.15 12.60 16.55
CA PRO M 187 -15.74 12.96 16.36
C PRO M 187 -14.85 11.80 15.92
N PHE M 188 -15.23 10.57 16.26
CA PHE M 188 -14.47 9.40 15.86
C PHE M 188 -14.69 9.10 14.39
N ALA M 189 -15.85 9.51 13.88
CA ALA M 189 -16.14 9.42 12.46
C ALA M 189 -15.30 10.44 11.72
N ILE M 190 -15.18 11.64 12.30
CA ILE M 190 -14.34 12.69 11.76
C ILE M 190 -12.88 12.24 11.69
N ALA M 191 -12.47 11.51 12.71
CA ALA M 191 -11.12 10.97 12.75
C ALA M 191 -10.91 9.95 11.62
N GLY M 192 -11.89 9.09 11.41
CA GLY M 192 -11.81 8.05 10.39
C GLY M 192 -11.81 8.61 8.99
N ILE M 193 -12.76 9.50 8.70
CA ILE M 193 -12.88 10.12 7.38
C ILE M 193 -11.64 10.96 7.07
N THR M 194 -11.02 11.52 8.10
CA THR M 194 -9.77 12.27 7.95
C THR M 194 -8.69 11.38 7.34
N ILE M 195 -8.62 10.14 7.81
CA ILE M 195 -7.66 9.18 7.29
C ILE M 195 -7.92 8.88 5.82
N ILE M 196 -9.21 8.84 5.46
CA ILE M 196 -9.61 8.68 4.07
C ILE M 196 -9.32 9.98 3.30
N HIS M 197 -9.59 11.11 3.94
CA HIS M 197 -9.31 12.42 3.37
C HIS M 197 -7.84 12.55 2.98
N LEU M 198 -6.96 12.10 3.87
CA LEU M 198 -5.52 12.16 3.63
C LEU M 198 -5.06 11.11 2.62
N THR M 199 -5.74 9.97 2.60
CA THR M 199 -5.41 8.90 1.68
C THR M 199 -5.61 9.33 0.23
N PHE M 200 -6.74 9.96 -0.05
CA PHE M 200 -7.02 10.45 -1.40
C PHE M 200 -6.06 11.56 -1.79
N LEU M 201 -5.57 12.30 -0.79
CA LEU M 201 -4.62 13.38 -1.02
C LEU M 201 -3.26 12.86 -1.45
N HIS M 202 -2.80 11.81 -0.76
CA HIS M 202 -1.48 11.24 -1.01
C HIS M 202 -1.40 10.56 -2.38
N GLU M 203 -2.55 10.43 -3.04
CA GLU M 203 -2.59 9.93 -4.42
C GLU M 203 -1.88 10.89 -5.35
N SER M 204 -2.17 12.18 -5.23
CA SER M 204 -1.63 13.19 -6.12
C SER M 204 -0.61 14.09 -5.42
N GLY M 205 -0.57 14.01 -4.09
CA GLY M 205 0.28 14.88 -3.31
C GLY M 205 -0.35 16.25 -3.18
N SER M 206 0.37 17.19 -2.57
CA SER M 206 -0.16 18.52 -2.35
C SER M 206 -0.07 19.41 -3.59
N ASN M 207 -1.03 20.32 -3.72
CA ASN M 207 -0.99 21.36 -4.73
C ASN M 207 -0.09 22.49 -4.24
N ASN M 208 0.19 23.47 -5.10
CA ASN M 208 1.02 24.60 -4.71
C ASN M 208 0.41 25.91 -5.24
N PRO M 209 0.76 27.05 -4.58
CA PRO M 209 0.23 28.37 -4.95
C PRO M 209 0.27 28.71 -6.44
N LEU M 210 1.29 28.23 -7.15
CA LEU M 210 1.41 28.55 -8.57
C LEU M 210 0.49 27.70 -9.43
N GLY M 211 0.15 26.51 -8.94
CA GLY M 211 -0.79 25.64 -9.62
C GLY M 211 -0.18 24.87 -10.76
N ILE M 212 1.15 24.82 -10.80
CA ILE M 212 1.87 24.08 -11.83
C ILE M 212 2.58 22.88 -11.23
N SER M 213 3.00 21.96 -12.09
CA SER M 213 3.65 20.72 -11.68
C SER M 213 4.87 20.97 -10.79
N SER M 214 4.79 20.50 -9.54
CA SER M 214 5.86 20.73 -8.57
C SER M 214 6.80 19.54 -8.46
N ASP M 215 6.73 18.63 -9.44
CA ASP M 215 7.60 17.47 -9.46
C ASP M 215 9.06 17.89 -9.66
N SER M 216 9.25 19.06 -10.24
CA SER M 216 10.58 19.58 -10.51
C SER M 216 11.29 20.04 -9.23
N ASP M 217 10.53 20.17 -8.15
CA ASP M 217 11.09 20.68 -6.91
C ASP M 217 10.29 20.22 -5.70
N LYS M 218 10.51 18.96 -5.31
CA LYS M 218 9.85 18.39 -4.14
C LYS M 218 10.82 18.29 -2.98
N ILE M 219 10.33 18.52 -1.77
CA ILE M 219 11.13 18.40 -0.56
C ILE M 219 10.47 17.44 0.42
N PRO M 220 11.27 16.75 1.24
CA PRO M 220 10.69 15.86 2.25
C PRO M 220 9.87 16.63 3.27
N PHE M 221 8.76 16.04 3.71
CA PHE M 221 7.87 16.67 4.68
C PHE M 221 8.66 17.06 5.93
N HIS M 222 9.41 16.11 6.46
CA HIS M 222 10.35 16.38 7.54
C HIS M 222 11.71 16.70 6.95
N PRO M 223 12.36 17.78 7.43
CA PRO M 223 11.91 18.64 8.53
C PRO M 223 11.20 19.92 8.08
N TYR M 224 11.08 20.14 6.78
CA TYR M 224 10.62 21.43 6.27
C TYR M 224 9.20 21.79 6.70
N TYR M 225 8.27 20.86 6.56
CA TYR M 225 6.89 21.14 6.90
C TYR M 225 6.50 20.58 8.25
N SER M 226 7.35 19.72 8.80
CA SER M 226 7.18 19.27 10.18
C SER M 226 7.45 20.45 11.10
N PHE M 227 8.45 21.25 10.75
CA PHE M 227 8.80 22.44 11.51
C PHE M 227 7.85 23.60 11.20
N LYS M 228 7.48 23.73 9.93
CA LYS M 228 6.60 24.82 9.49
C LYS M 228 5.23 24.73 10.14
N ASP M 229 4.70 23.52 10.25
CA ASP M 229 3.39 23.28 10.86
C ASP M 229 3.39 23.63 12.34
N ILE M 230 4.42 23.17 13.06
CA ILE M 230 4.53 23.43 14.48
C ILE M 230 4.60 24.93 14.75
N LEU M 231 5.33 25.65 13.90
CA LEU M 231 5.39 27.09 13.98
C LEU M 231 3.99 27.68 13.78
N GLY M 232 3.32 27.24 12.73
CA GLY M 232 1.96 27.67 12.46
C GLY M 232 0.99 27.29 13.56
N LEU M 233 1.33 26.24 14.30
CA LEU M 233 0.51 25.83 15.44
C LEU M 233 0.59 26.85 16.57
N THR M 234 1.79 27.09 17.07
CA THR M 234 2.00 28.00 18.18
C THR M 234 1.66 29.45 17.81
N LEU M 235 1.73 29.76 16.51
CA LEU M 235 1.34 31.06 16.02
C LEU M 235 -0.16 31.26 16.13
N MET M 236 -0.92 30.21 15.82
CA MET M 236 -2.38 30.24 15.88
C MET M 236 -2.91 29.94 17.27
N LEU M 237 -2.12 29.24 18.06
CA LEU M 237 -2.58 28.78 19.37
C LEU M 237 -2.48 29.89 20.42
N THR M 238 -1.66 30.89 20.15
CA THR M 238 -1.49 32.01 21.07
C THR M 238 -2.73 32.92 21.14
N PRO M 239 -3.31 33.32 19.99
CA PRO M 239 -4.50 34.18 20.11
C PRO M 239 -5.68 33.50 20.81
N PHE M 240 -5.81 32.18 20.67
CA PHE M 240 -6.96 31.47 21.21
C PHE M 240 -6.79 31.09 22.68
N LEU M 241 -5.55 30.90 23.10
CA LEU M 241 -5.26 30.76 24.52
C LEU M 241 -5.43 32.12 25.19
N THR M 242 -5.08 33.17 24.46
CA THR M 242 -5.34 34.54 24.90
C THR M 242 -6.84 34.77 24.98
N LEU M 243 -7.56 34.27 23.98
CA LEU M 243 -9.02 34.36 23.97
C LEU M 243 -9.63 33.59 25.13
N ALA M 244 -9.12 32.38 25.38
CA ALA M 244 -9.71 31.48 26.36
C ALA M 244 -9.31 31.82 27.80
N LEU M 245 -8.19 32.50 27.98
CA LEU M 245 -7.69 32.78 29.33
C LEU M 245 -7.78 34.25 29.72
N PHE M 246 -8.42 35.06 28.89
CA PHE M 246 -8.60 36.47 29.21
C PHE M 246 -10.04 36.91 28.97
N SER M 247 -10.62 36.48 27.86
CA SER M 247 -12.03 36.75 27.57
C SER M 247 -12.76 35.45 27.19
N PRO M 248 -12.93 34.55 28.17
CA PRO M 248 -13.50 33.22 27.90
C PRO M 248 -14.96 33.29 27.43
N ASN M 249 -15.70 34.24 27.97
CA ASN M 249 -17.13 34.35 27.67
C ASN M 249 -17.41 35.41 26.59
N LEU M 250 -16.43 35.67 25.74
CA LEU M 250 -16.55 36.68 24.71
C LEU M 250 -17.43 36.22 23.53
N LEU M 251 -17.28 34.97 23.14
CA LEU M 251 -17.92 34.46 21.93
C LEU M 251 -19.37 34.02 22.15
N GLY M 252 -19.67 33.50 23.33
CA GLY M 252 -20.95 32.86 23.58
C GLY M 252 -22.06 33.75 24.11
N ASP M 253 -23.30 33.31 23.85
CA ASP M 253 -24.49 33.97 24.37
C ASP M 253 -24.56 33.83 25.88
N PRO M 254 -24.80 34.94 26.60
CA PRO M 254 -24.99 34.86 28.05
C PRO M 254 -26.29 34.16 28.43
N GLU M 255 -27.16 33.98 27.45
CA GLU M 255 -28.44 33.31 27.62
C GLU M 255 -28.24 31.85 28.04
N ASN M 256 -27.08 31.31 27.72
CA ASN M 256 -26.74 29.92 28.06
C ASN M 256 -26.30 29.75 29.51
N PHE M 257 -26.39 30.84 30.28
CA PHE M 257 -26.15 30.75 31.71
C PHE M 257 -27.48 30.65 32.44
N THR M 258 -28.56 30.89 31.72
CA THR M 258 -29.90 30.66 32.25
C THR M 258 -30.35 29.26 31.86
N PRO M 259 -30.57 28.39 32.86
CA PRO M 259 -31.00 27.02 32.63
C PRO M 259 -32.21 26.93 31.70
N ALA M 260 -32.25 25.89 30.88
CA ALA M 260 -33.28 25.72 29.88
C ALA M 260 -34.69 25.79 30.46
N ASN M 261 -35.51 26.67 29.89
CA ASN M 261 -36.89 26.84 30.33
C ASN M 261 -37.82 26.90 29.13
N PRO M 262 -38.54 25.79 28.86
CA PRO M 262 -39.43 25.65 27.71
C PRO M 262 -40.61 26.62 27.72
N LEU M 263 -40.75 27.43 28.77
CA LEU M 263 -41.86 28.37 28.87
C LEU M 263 -41.41 29.82 28.76
N VAL M 264 -40.15 30.02 28.36
CA VAL M 264 -39.65 31.37 28.09
C VAL M 264 -38.75 31.35 26.86
N THR M 265 -39.21 32.01 25.80
CA THR M 265 -38.42 32.13 24.58
C THR M 265 -37.46 33.31 24.69
N PRO M 266 -36.16 33.05 24.50
CA PRO M 266 -35.17 34.13 24.45
C PRO M 266 -35.52 35.14 23.36
N PRO M 267 -35.27 36.44 23.60
CA PRO M 267 -35.66 37.50 22.67
C PRO M 267 -35.02 37.35 21.28
N HIS M 268 -33.74 36.98 21.27
CA HIS M 268 -33.02 36.83 20.01
C HIS M 268 -32.26 35.52 19.98
N ILE M 269 -32.84 34.53 19.32
CA ILE M 269 -32.23 33.20 19.24
C ILE M 269 -31.23 33.12 18.10
N LYS M 270 -29.98 33.45 18.39
CA LYS M 270 -28.91 33.39 17.42
C LYS M 270 -27.96 32.23 17.72
N PRO M 271 -27.34 31.67 16.67
CA PRO M 271 -26.35 30.61 16.87
C PRO M 271 -24.97 31.15 17.24
N GLU M 272 -24.00 30.27 17.41
CA GLU M 272 -22.60 30.68 17.55
C GLU M 272 -22.15 31.28 16.22
N TRP M 273 -21.02 31.97 16.24
CA TRP M 273 -20.59 32.77 15.09
C TRP M 273 -20.39 31.95 13.81
N TYR M 274 -19.97 30.69 13.94
CA TYR M 274 -19.65 29.89 12.76
C TYR M 274 -20.88 29.31 12.06
N PHE M 275 -22.05 29.54 12.66
CA PHE M 275 -23.32 29.13 12.04
C PHE M 275 -24.10 30.34 11.55
N LEU M 276 -23.62 31.53 11.92
CA LEU M 276 -24.33 32.77 11.64
C LEU M 276 -24.60 33.01 10.16
N PHE M 277 -23.61 32.72 9.32
CA PHE M 277 -23.77 32.90 7.87
C PHE M 277 -24.87 31.99 7.34
N ALA M 278 -24.94 30.78 7.86
CA ALA M 278 -25.92 29.80 7.42
C ALA M 278 -27.29 30.14 7.99
N TYR M 279 -27.30 30.69 9.19
CA TYR M 279 -28.52 31.13 9.85
C TYR M 279 -29.17 32.28 9.09
N ALA M 280 -28.33 33.16 8.56
CA ALA M 280 -28.82 34.32 7.81
C ALA M 280 -29.45 33.87 6.49
N ILE M 281 -28.83 32.88 5.84
CA ILE M 281 -29.36 32.34 4.59
C ILE M 281 -30.67 31.59 4.85
N LEU M 282 -30.74 30.94 6.00
CA LEU M 282 -31.96 30.24 6.41
C LEU M 282 -33.16 31.19 6.51
N ARG M 283 -32.90 32.38 7.04
CA ARG M 283 -33.96 33.34 7.31
C ARG M 283 -34.21 34.28 6.13
N SER M 284 -33.44 34.12 5.06
CA SER M 284 -33.64 34.90 3.85
C SER M 284 -34.96 34.52 3.21
N ILE M 285 -35.21 33.21 3.08
CA ILE M 285 -36.47 32.70 2.57
C ILE M 285 -37.51 32.63 3.70
N PRO M 286 -38.57 33.43 3.60
CA PRO M 286 -39.63 33.47 4.61
C PRO M 286 -40.38 32.14 4.70
N ASN M 287 -40.48 31.44 3.58
CA ASN M 287 -41.08 30.11 3.54
C ASN M 287 -40.24 29.14 4.35
N LYS M 288 -40.89 28.35 5.19
CA LYS M 288 -40.18 27.45 6.10
C LYS M 288 -39.46 26.34 5.36
N LEU M 289 -40.09 25.78 4.32
CA LEU M 289 -39.48 24.70 3.57
C LEU M 289 -38.35 25.20 2.67
N GLY M 290 -38.58 26.36 2.04
CA GLY M 290 -37.57 26.97 1.19
C GLY M 290 -36.35 27.37 1.99
N GLY M 291 -36.58 27.82 3.22
CA GLY M 291 -35.51 28.20 4.12
C GLY M 291 -34.60 27.03 4.46
N VAL M 292 -35.20 25.87 4.67
CA VAL M 292 -34.45 24.65 4.97
C VAL M 292 -33.56 24.26 3.80
N LEU M 293 -34.13 24.30 2.60
CA LEU M 293 -33.41 23.98 1.38
C LEU M 293 -32.27 24.96 1.15
N ALA M 294 -32.57 26.25 1.30
CA ALA M 294 -31.56 27.31 1.17
C ALA M 294 -30.43 27.13 2.17
N LEU M 295 -30.78 26.66 3.36
CA LEU M 295 -29.79 26.37 4.40
C LEU M 295 -28.92 25.20 3.97
N ALA M 296 -29.54 24.12 3.53
CA ALA M 296 -28.83 22.94 3.10
C ALA M 296 -27.97 23.24 1.87
N ALA M 297 -28.51 24.04 0.96
CA ALA M 297 -27.82 24.39 -0.27
C ALA M 297 -26.58 25.23 -0.01
N SER M 298 -26.61 26.03 1.06
CA SER M 298 -25.52 26.94 1.39
C SER M 298 -24.21 26.19 1.67
N VAL M 299 -24.32 24.96 2.15
CA VAL M 299 -23.14 24.16 2.46
C VAL M 299 -22.92 23.07 1.42
N LEU M 300 -24.02 22.49 0.93
CA LEU M 300 -23.95 21.43 -0.07
C LEU M 300 -23.47 21.94 -1.43
N ILE M 301 -23.42 23.26 -1.57
CA ILE M 301 -22.99 23.89 -2.81
C ILE M 301 -21.51 23.63 -3.08
N LEU M 302 -20.79 23.23 -2.04
CA LEU M 302 -19.36 22.96 -2.16
C LEU M 302 -19.11 21.74 -3.04
N PHE M 303 -20.09 20.86 -3.12
CA PHE M 303 -20.00 19.69 -3.99
C PHE M 303 -20.00 20.09 -5.47
N LEU M 304 -20.51 21.28 -5.77
CA LEU M 304 -20.62 21.74 -7.15
C LEU M 304 -19.44 22.58 -7.60
N ILE M 305 -18.53 22.88 -6.67
CA ILE M 305 -17.34 23.66 -7.00
C ILE M 305 -16.44 23.04 -8.08
N PRO M 306 -16.12 21.73 -7.97
CA PRO M 306 -15.22 21.18 -9.00
C PRO M 306 -15.81 21.18 -10.42
N PHE M 307 -17.14 21.13 -10.52
CA PHE M 307 -17.79 21.07 -11.82
C PHE M 307 -18.04 22.48 -12.38
N LEU M 308 -17.67 23.49 -11.60
CA LEU M 308 -17.84 24.87 -12.03
C LEU M 308 -16.50 25.55 -12.27
N HIS M 309 -15.48 24.74 -12.52
CA HIS M 309 -14.16 25.25 -12.88
C HIS M 309 -14.02 25.32 -14.40
N LYS M 310 -13.83 26.52 -14.93
CA LYS M 310 -13.77 26.72 -16.37
C LYS M 310 -12.45 27.34 -16.82
N SER M 311 -11.61 27.71 -15.86
CA SER M 311 -10.35 28.37 -16.17
C SER M 311 -9.28 27.39 -16.62
N LYS M 312 -8.46 27.82 -17.58
CA LYS M 312 -7.38 27.00 -18.12
C LYS M 312 -6.22 26.85 -17.13
N GLN M 313 -6.18 27.73 -16.14
CA GLN M 313 -5.17 27.63 -15.09
C GLN M 313 -5.81 27.21 -13.78
N ARG M 314 -5.07 26.48 -12.96
CA ARG M 314 -5.63 25.88 -11.76
C ARG M 314 -5.96 26.89 -10.66
N THR M 315 -5.00 27.73 -10.29
CA THR M 315 -5.20 28.65 -9.17
C THR M 315 -5.80 29.98 -9.59
N MET M 316 -5.77 30.94 -8.67
CA MET M 316 -6.24 32.30 -8.95
C MET M 316 -5.08 33.29 -8.88
N THR M 317 -3.87 32.77 -8.71
CA THR M 317 -2.68 33.60 -8.55
C THR M 317 -2.46 34.51 -9.75
N PHE M 318 -2.66 33.96 -10.94
CA PHE M 318 -2.47 34.72 -12.17
C PHE M 318 -3.82 35.12 -12.76
N ARG M 319 -4.84 35.16 -11.91
CA ARG M 319 -6.19 35.53 -12.34
C ARG M 319 -6.75 36.67 -11.49
N PRO M 320 -6.44 37.91 -11.88
CA PRO M 320 -6.84 39.11 -11.12
C PRO M 320 -8.35 39.31 -11.03
N LEU M 321 -9.07 38.92 -12.07
CA LEU M 321 -10.52 39.07 -12.08
C LEU M 321 -11.18 38.10 -11.10
N SER M 322 -10.71 36.86 -11.10
CA SER M 322 -11.22 35.84 -10.17
C SER M 322 -10.80 36.14 -8.74
N GLN M 323 -9.70 36.90 -8.60
CA GLN M 323 -9.18 37.27 -7.28
C GLN M 323 -10.13 38.18 -6.53
N THR M 324 -10.49 39.31 -7.14
CA THR M 324 -11.40 40.26 -6.52
C THR M 324 -12.79 39.67 -6.34
N LEU M 325 -13.18 38.81 -7.28
CA LEU M 325 -14.46 38.13 -7.19
C LEU M 325 -14.45 37.16 -6.00
N PHE M 326 -13.28 36.59 -5.73
CA PHE M 326 -13.11 35.72 -4.58
C PHE M 326 -13.27 36.50 -3.28
N TRP M 327 -12.63 37.66 -3.22
CA TRP M 327 -12.68 38.49 -2.02
C TRP M 327 -14.05 39.12 -1.82
N LEU M 328 -14.80 39.26 -2.92
CA LEU M 328 -16.18 39.70 -2.83
C LEU M 328 -16.97 38.66 -2.05
N LEU M 329 -16.74 37.39 -2.38
CA LEU M 329 -17.41 36.27 -1.75
C LEU M 329 -17.04 36.16 -0.27
N VAL M 330 -15.78 36.43 0.05
CA VAL M 330 -15.31 36.39 1.42
C VAL M 330 -15.96 37.51 2.23
N ALA M 331 -16.02 38.69 1.63
CA ALA M 331 -16.70 39.82 2.25
C ALA M 331 -18.21 39.56 2.31
N ASN M 332 -18.72 38.85 1.30
CA ASN M 332 -20.12 38.45 1.27
C ASN M 332 -20.48 37.60 2.47
N LEU M 333 -19.58 36.69 2.83
CA LEU M 333 -19.79 35.79 3.96
C LEU M 333 -19.74 36.52 5.29
N LEU M 334 -18.95 37.60 5.34
CA LEU M 334 -18.89 38.44 6.52
C LEU M 334 -20.22 39.15 6.73
N ILE M 335 -20.74 39.72 5.66
CA ILE M 335 -22.02 40.43 5.69
C ILE M 335 -23.14 39.48 6.11
N LEU M 336 -23.04 38.22 5.69
CA LEU M 336 -24.00 37.20 6.08
C LEU M 336 -23.87 36.87 7.57
N THR M 337 -22.63 36.77 8.04
CA THR M 337 -22.36 36.51 9.45
C THR M 337 -22.94 37.63 10.32
N TRP M 338 -22.83 38.86 9.81
CA TRP M 338 -23.36 40.03 10.51
C TRP M 338 -24.88 40.03 10.54
N ILE M 339 -25.49 39.76 9.38
CA ILE M 339 -26.95 39.74 9.26
C ILE M 339 -27.58 38.70 10.17
N GLY M 340 -26.94 37.54 10.28
CA GLY M 340 -27.44 36.46 11.11
C GLY M 340 -27.48 36.77 12.59
N SER M 341 -26.65 37.71 13.02
CA SER M 341 -26.59 38.08 14.44
C SER M 341 -27.59 39.16 14.79
N GLN M 342 -28.34 39.62 13.79
CA GLN M 342 -29.26 40.75 13.95
C GLN M 342 -30.71 40.32 13.81
N PRO M 343 -31.63 41.04 14.46
CA PRO M 343 -33.06 40.70 14.42
C PRO M 343 -33.64 40.77 13.00
N VAL M 344 -34.77 40.10 12.79
CA VAL M 344 -35.40 40.07 11.48
C VAL M 344 -36.24 41.31 11.24
N GLU M 345 -35.58 42.44 11.03
CA GLU M 345 -36.26 43.70 10.78
C GLU M 345 -35.54 44.49 9.68
N HIS M 346 -36.19 45.53 9.17
CA HIS M 346 -35.56 46.43 8.21
C HIS M 346 -34.45 47.21 8.92
N PRO M 347 -33.31 47.42 8.23
CA PRO M 347 -33.01 47.00 6.87
C PRO M 347 -32.32 45.64 6.77
N PHE M 348 -32.13 44.97 7.91
CA PHE M 348 -31.40 43.70 7.96
C PHE M 348 -32.02 42.63 7.07
N ILE M 349 -33.34 42.68 6.90
CA ILE M 349 -34.06 41.69 6.11
C ILE M 349 -33.65 41.73 4.64
N ILE M 350 -33.72 42.91 4.02
CA ILE M 350 -33.43 43.03 2.60
C ILE M 350 -31.92 42.88 2.33
N ILE M 351 -31.10 43.33 3.27
CA ILE M 351 -29.65 43.16 3.16
C ILE M 351 -29.28 41.69 3.16
N GLY M 352 -29.95 40.92 4.03
CA GLY M 352 -29.70 39.49 4.12
C GLY M 352 -30.13 38.76 2.88
N GLN M 353 -31.26 39.16 2.31
CA GLN M 353 -31.79 38.53 1.10
C GLN M 353 -30.89 38.75 -0.10
N MET M 354 -30.24 39.92 -0.14
CA MET M 354 -29.35 40.26 -1.23
C MET M 354 -27.98 39.61 -1.07
N ALA M 355 -27.48 39.59 0.16
CA ALA M 355 -26.18 38.98 0.44
C ALA M 355 -26.22 37.48 0.19
N SER M 356 -27.32 36.85 0.60
CA SER M 356 -27.49 35.42 0.38
C SER M 356 -27.78 35.11 -1.09
N LEU M 357 -28.37 36.06 -1.80
CA LEU M 357 -28.62 35.91 -3.23
C LEU M 357 -27.31 35.96 -4.00
N SER M 358 -26.46 36.92 -3.64
CA SER M 358 -25.18 37.09 -4.31
C SER M 358 -24.25 35.92 -4.01
N TYR M 359 -24.40 35.33 -2.83
CA TYR M 359 -23.57 34.21 -2.40
C TYR M 359 -23.65 33.05 -3.39
N PHE M 360 -24.87 32.67 -3.77
CA PHE M 360 -25.06 31.61 -4.74
C PHE M 360 -24.74 32.09 -6.16
N THR M 361 -24.98 33.37 -6.42
CA THR M 361 -24.75 33.94 -7.74
C THR M 361 -23.27 33.92 -8.10
N ILE M 362 -22.43 34.30 -7.15
CA ILE M 362 -20.99 34.31 -7.35
C ILE M 362 -20.46 32.91 -7.62
N LEU M 363 -20.92 31.95 -6.82
CA LEU M 363 -20.44 30.58 -6.92
C LEU M 363 -20.97 29.84 -8.15
N LEU M 364 -22.24 30.05 -8.47
CA LEU M 364 -22.89 29.32 -9.54
C LEU M 364 -22.73 29.96 -10.91
N ILE M 365 -22.72 31.29 -10.96
CA ILE M 365 -22.76 32.00 -12.23
C ILE M 365 -21.49 32.79 -12.56
N LEU M 366 -21.10 33.69 -11.67
CA LEU M 366 -20.01 34.62 -11.97
C LEU M 366 -18.63 33.95 -11.99
N PHE M 367 -18.38 33.02 -11.08
CA PHE M 367 -17.10 32.33 -11.02
C PHE M 367 -16.79 31.49 -12.28
N PRO M 368 -17.77 30.71 -12.78
CA PRO M 368 -17.45 30.03 -14.04
C PRO M 368 -17.46 30.97 -15.25
N THR M 369 -18.21 32.07 -15.16
CA THR M 369 -18.27 33.03 -16.25
C THR M 369 -16.99 33.87 -16.35
N ILE M 370 -16.60 34.48 -15.23
CA ILE M 370 -15.39 35.30 -15.19
C ILE M 370 -14.16 34.46 -15.57
N GLY M 371 -14.15 33.21 -15.10
CA GLY M 371 -13.09 32.28 -15.45
C GLY M 371 -12.99 32.07 -16.96
N THR M 372 -14.15 31.93 -17.62
CA THR M 372 -14.19 31.82 -19.07
C THR M 372 -13.71 33.12 -19.72
N LEU M 373 -14.21 34.24 -19.22
CA LEU M 373 -13.87 35.55 -19.75
C LEU M 373 -12.36 35.81 -19.64
N GLU M 374 -11.74 35.25 -18.61
CA GLU M 374 -10.30 35.35 -18.41
C GLU M 374 -9.53 34.56 -19.47
N ASN M 375 -10.03 33.38 -19.80
CA ASN M 375 -9.36 32.51 -20.76
C ASN M 375 -9.26 33.13 -22.15
N LYS M 376 -10.26 33.92 -22.53
CA LYS M 376 -10.27 34.57 -23.83
C LYS M 376 -9.40 35.81 -23.83
N MET M 377 -9.10 36.32 -22.64
CA MET M 377 -8.17 37.44 -22.50
C MET M 377 -6.74 36.91 -22.47
N LEU M 378 -6.62 35.60 -22.21
CA LEU M 378 -5.33 34.92 -22.31
C LEU M 378 -5.11 34.41 -23.73
N ASN M 379 -6.04 34.75 -24.62
CA ASN M 379 -6.04 34.27 -26.00
C ASN M 379 -6.10 32.74 -26.07
N TYR M 380 -7.20 32.19 -25.57
CA TYR M 380 -7.45 30.75 -25.67
C TYR M 380 -8.82 30.50 -26.26
N GLY N 1 -42.04 49.67 23.09
CA GLY N 1 -40.73 50.06 23.57
C GLY N 1 -39.67 49.99 22.49
N GLU N 2 -38.95 48.86 22.45
CA GLU N 2 -37.91 48.59 21.47
C GLU N 2 -36.71 49.55 21.58
N LEU N 3 -36.78 50.50 22.50
CA LEU N 3 -35.59 51.28 22.84
C LEU N 3 -34.96 50.64 24.08
N GLU N 4 -33.66 50.85 24.25
CA GLU N 4 -32.96 50.26 25.39
C GLU N 4 -31.78 51.10 25.85
N LEU N 5 -31.68 51.28 27.16
CA LEU N 5 -30.58 52.04 27.74
C LEU N 5 -29.47 51.11 28.21
N HIS N 6 -28.31 51.22 27.56
CA HIS N 6 -27.16 50.38 27.89
C HIS N 6 -26.28 51.04 28.95
N PRO N 7 -25.83 50.26 29.93
CA PRO N 7 -25.02 50.78 31.03
C PRO N 7 -23.63 51.22 30.58
N PRO N 8 -23.06 52.23 31.24
CA PRO N 8 -21.69 52.67 30.97
C PRO N 8 -20.68 51.64 31.46
N ALA N 9 -19.41 51.81 31.10
CA ALA N 9 -18.37 50.88 31.51
C ALA N 9 -17.58 51.40 32.70
N PHE N 10 -18.00 51.00 33.90
CA PHE N 10 -17.31 51.40 35.12
C PHE N 10 -15.94 50.75 35.20
N PRO N 11 -14.93 51.52 35.65
CA PRO N 11 -13.55 51.02 35.78
C PRO N 11 -13.39 50.11 36.99
N TRP N 12 -13.81 48.85 36.85
CA TRP N 12 -13.73 47.89 37.93
C TRP N 12 -12.29 47.58 38.29
N SER N 13 -12.07 47.20 39.55
CA SER N 13 -10.75 46.89 40.06
C SER N 13 -10.22 45.56 39.52
N HIS N 14 -11.07 44.84 38.79
CA HIS N 14 -10.71 43.54 38.25
C HIS N 14 -10.92 43.49 36.73
N GLY N 15 -10.93 44.65 36.09
CA GLY N 15 -11.18 44.74 34.67
C GLY N 15 -9.99 44.33 33.81
N GLY N 16 -8.79 44.72 34.24
CA GLY N 16 -7.59 44.43 33.49
C GLY N 16 -7.32 42.94 33.34
N PRO N 17 -6.67 42.55 32.24
CA PRO N 17 -6.37 41.14 31.94
C PRO N 17 -5.45 40.51 32.99
N LEU N 18 -4.69 41.35 33.70
CA LEU N 18 -3.83 40.88 34.76
C LEU N 18 -4.34 41.35 36.12
N SER N 19 -5.49 42.02 36.10
CA SER N 19 -6.10 42.53 37.33
C SER N 19 -6.90 41.46 38.04
N ALA N 20 -6.56 41.22 39.30
CA ALA N 20 -7.27 40.25 40.11
C ALA N 20 -8.48 40.90 40.77
N LEU N 21 -9.17 40.14 41.62
CA LEU N 21 -10.31 40.65 42.36
C LEU N 21 -9.88 41.33 43.65
N ASP N 22 -10.58 42.40 44.01
CA ASP N 22 -10.36 43.05 45.30
C ASP N 22 -11.08 42.23 46.37
N HIS N 23 -10.37 41.27 46.95
CA HIS N 23 -10.94 40.33 47.91
C HIS N 23 -11.53 41.03 49.14
N SER N 24 -11.05 42.23 49.42
CA SER N 24 -11.65 43.06 50.46
C SER N 24 -13.05 43.49 50.04
N SER N 25 -13.17 43.93 48.79
CA SER N 25 -14.44 44.37 48.25
C SER N 25 -15.41 43.20 48.07
N VAL N 26 -14.85 42.01 47.83
CA VAL N 26 -15.66 40.80 47.70
C VAL N 26 -16.21 40.38 49.06
N ARG N 27 -15.41 40.56 50.11
CA ARG N 27 -15.84 40.22 51.46
C ARG N 27 -17.03 41.07 51.90
N ARG N 28 -16.95 42.37 51.59
CA ARG N 28 -18.04 43.28 51.88
C ARG N 28 -19.26 42.97 51.05
N GLY N 29 -19.03 42.59 49.80
CA GLY N 29 -20.10 42.23 48.89
C GLY N 29 -20.87 41.01 49.35
N PHE N 30 -20.18 40.07 49.98
CA PHE N 30 -20.81 38.90 50.55
C PHE N 30 -21.71 39.30 51.71
N GLN N 31 -21.24 40.25 52.52
CA GLN N 31 -22.03 40.77 53.63
C GLN N 31 -23.32 41.40 53.12
N VAL N 32 -23.23 42.04 51.95
CA VAL N 32 -24.40 42.63 51.33
C VAL N 32 -25.40 41.55 50.90
N TYR N 33 -24.89 40.49 50.28
CA TYR N 33 -25.76 39.40 49.84
C TYR N 33 -26.44 38.73 51.04
N LYS N 34 -25.66 38.41 52.06
CA LYS N 34 -26.15 37.69 53.22
C LYS N 34 -27.23 38.47 53.97
N GLN N 35 -27.09 39.79 54.01
CA GLN N 35 -27.96 40.61 54.84
C GLN N 35 -29.03 41.37 54.05
N VAL N 36 -28.93 41.34 52.72
CA VAL N 36 -29.90 42.02 51.89
C VAL N 36 -30.47 41.11 50.80
N CYS N 37 -29.59 40.58 49.95
CA CYS N 37 -30.01 39.84 48.77
C CYS N 37 -30.52 38.43 49.09
N SER N 38 -29.93 37.79 50.11
CA SER N 38 -30.29 36.41 50.44
C SER N 38 -31.71 36.29 51.00
N ALA N 39 -32.39 37.42 51.13
CA ALA N 39 -33.76 37.45 51.62
C ALA N 39 -34.71 36.84 50.59
N CYS N 40 -34.38 36.99 49.31
CA CYS N 40 -35.21 36.43 48.25
C CYS N 40 -34.40 36.00 47.03
N HIS N 41 -33.08 36.03 47.14
CA HIS N 41 -32.21 35.55 46.07
C HIS N 41 -31.37 34.36 46.51
N SER N 42 -31.36 33.32 45.69
CA SER N 42 -30.59 32.11 46.00
C SER N 42 -29.23 32.13 45.30
N MET N 43 -28.25 31.50 45.93
CA MET N 43 -26.94 31.28 45.32
C MET N 43 -26.57 29.82 45.51
N ASP N 44 -27.25 28.96 44.78
CA ASP N 44 -27.19 27.50 44.99
C ASP N 44 -25.82 26.87 44.77
N TYR N 45 -24.99 27.49 43.95
CA TYR N 45 -23.73 26.85 43.56
C TYR N 45 -22.55 27.26 44.42
N VAL N 46 -22.74 28.23 45.30
CA VAL N 46 -21.67 28.66 46.20
C VAL N 46 -21.88 28.09 47.60
N ALA N 47 -20.82 27.52 48.16
CA ALA N 47 -20.89 26.93 49.50
C ALA N 47 -20.09 27.76 50.50
N PHE N 48 -20.32 27.52 51.79
CA PHE N 48 -19.64 28.28 52.84
C PHE N 48 -18.15 27.97 52.87
N ARG N 49 -17.76 26.84 52.30
CA ARG N 49 -16.35 26.46 52.22
C ARG N 49 -15.61 27.27 51.17
N ASN N 50 -16.36 27.77 50.18
CA ASN N 50 -15.77 28.53 49.09
C ASN N 50 -15.29 29.90 49.54
N LEU N 51 -15.76 30.35 50.70
CA LEU N 51 -15.38 31.64 51.25
C LEU N 51 -13.99 31.58 51.87
N ILE N 52 -13.59 30.37 52.29
CA ILE N 52 -12.30 30.17 52.92
C ILE N 52 -11.16 30.42 51.95
N GLY N 53 -10.15 31.16 52.41
CA GLY N 53 -8.99 31.46 51.60
C GLY N 53 -9.29 32.47 50.50
N VAL N 54 -10.50 33.03 50.54
CA VAL N 54 -10.91 34.00 49.55
C VAL N 54 -11.33 35.31 50.21
N THR N 55 -12.26 35.22 51.16
CA THR N 55 -12.78 36.40 51.84
C THR N 55 -12.87 36.19 53.35
N HIS N 56 -12.77 34.94 53.79
CA HIS N 56 -12.89 34.61 55.21
C HIS N 56 -11.88 33.55 55.62
N THR N 57 -11.63 33.46 56.93
CA THR N 57 -10.86 32.36 57.49
C THR N 57 -11.78 31.15 57.60
N GLU N 58 -11.22 29.99 57.92
CA GLU N 58 -12.03 28.79 58.09
C GLU N 58 -12.91 28.92 59.33
N ALA N 59 -12.39 29.60 60.34
CA ALA N 59 -13.13 29.81 61.58
C ALA N 59 -14.35 30.69 61.34
N GLU N 60 -14.15 31.75 60.56
CA GLU N 60 -15.25 32.65 60.19
C GLU N 60 -16.29 31.94 59.33
N ALA N 61 -15.84 31.08 58.42
CA ALA N 61 -16.74 30.36 57.54
C ALA N 61 -17.55 29.32 58.31
N LYS N 62 -16.91 28.63 59.25
CA LYS N 62 -17.58 27.64 60.06
C LYS N 62 -18.68 28.27 60.89
N ALA N 63 -18.39 29.45 61.44
CA ALA N 63 -19.39 30.19 62.23
C ALA N 63 -20.51 30.71 61.34
N LEU N 64 -20.15 31.12 60.13
CA LEU N 64 -21.12 31.64 59.16
C LEU N 64 -22.13 30.59 58.73
N ALA N 65 -21.69 29.34 58.66
CA ALA N 65 -22.57 28.25 58.22
C ALA N 65 -23.47 27.77 59.35
N GLU N 66 -22.98 27.83 60.58
CA GLU N 66 -23.74 27.36 61.74
C GLU N 66 -24.90 28.30 62.09
N GLU N 67 -24.89 29.50 61.50
CA GLU N 67 -25.98 30.45 61.70
C GLU N 67 -27.29 29.91 61.14
N VAL N 68 -27.18 29.04 60.15
CA VAL N 68 -28.34 28.52 59.45
C VAL N 68 -28.66 27.07 59.85
N GLU N 69 -29.94 26.80 60.09
CA GLU N 69 -30.38 25.44 60.26
C GLU N 69 -30.68 24.81 58.91
N VAL N 70 -30.24 23.57 58.72
CA VAL N 70 -30.34 22.91 57.43
C VAL N 70 -31.19 21.64 57.52
N GLN N 71 -32.07 21.45 56.54
CA GLN N 71 -32.87 20.24 56.46
C GLN N 71 -31.98 19.03 56.16
N ASP N 72 -32.15 17.98 56.96
CA ASP N 72 -31.36 16.76 56.79
C ASP N 72 -32.20 15.55 57.14
N GLY N 73 -31.70 14.36 56.82
CA GLY N 73 -32.40 13.14 57.16
C GLY N 73 -32.49 12.16 56.00
N PRO N 74 -33.35 11.14 56.14
CA PRO N 74 -34.20 10.91 57.32
C PRO N 74 -33.45 10.26 58.48
N ASP N 75 -34.09 10.17 59.64
CA ASP N 75 -33.48 9.51 60.79
C ASP N 75 -33.94 8.06 60.88
N GLU N 76 -33.70 7.45 62.04
CA GLU N 76 -34.03 6.04 62.25
C GLU N 76 -35.53 5.80 62.09
N ASN N 77 -36.32 6.81 62.41
CA ASN N 77 -37.77 6.69 62.36
C ASN N 77 -38.33 7.08 61.00
N GLY N 78 -37.50 7.77 60.20
CA GLY N 78 -37.86 8.07 58.82
C GLY N 78 -38.26 9.50 58.55
N GLU N 79 -38.23 10.35 59.56
CA GLU N 79 -38.62 11.75 59.37
C GLU N 79 -37.42 12.69 59.28
N LEU N 80 -37.65 13.86 58.70
CA LEU N 80 -36.58 14.82 58.48
C LEU N 80 -36.43 15.79 59.65
N PHE N 81 -35.19 16.00 60.08
CA PHE N 81 -34.89 16.92 61.16
C PHE N 81 -34.13 18.14 60.66
N MET N 82 -33.93 19.11 61.55
CA MET N 82 -33.11 20.28 61.25
C MET N 82 -31.79 20.17 62.00
N ARG N 83 -30.76 20.84 61.48
CA ARG N 83 -29.43 20.80 62.09
C ARG N 83 -28.65 22.07 61.78
N PRO N 84 -27.71 22.44 62.67
CA PRO N 84 -26.84 23.58 62.36
C PRO N 84 -25.99 23.29 61.12
N GLY N 85 -25.85 24.29 60.26
CA GLY N 85 -25.13 24.12 59.01
C GLY N 85 -23.63 24.03 59.15
N LYS N 86 -23.00 23.33 58.22
CA LYS N 86 -21.54 23.24 58.15
C LYS N 86 -21.05 23.82 56.83
N ILE N 87 -19.74 24.03 56.73
CA ILE N 87 -19.15 24.68 55.57
C ILE N 87 -19.32 23.87 54.27
N SER N 88 -19.69 22.60 54.41
CA SER N 88 -19.93 21.75 53.24
C SER N 88 -21.29 22.05 52.63
N ASP N 89 -22.14 22.75 53.38
CA ASP N 89 -23.46 23.10 52.89
C ASP N 89 -23.39 24.31 51.95
N TYR N 90 -24.42 24.46 51.12
CA TYR N 90 -24.48 25.57 50.18
C TYR N 90 -25.38 26.68 50.72
N PHE N 91 -25.33 27.84 50.08
CA PHE N 91 -26.08 29.01 50.55
C PHE N 91 -27.59 28.76 50.49
N PRO N 92 -28.26 28.98 51.63
CA PRO N 92 -29.67 28.63 51.86
C PRO N 92 -30.66 29.33 50.93
N LYS N 93 -31.62 28.57 50.41
CA LYS N 93 -32.69 29.13 49.60
C LYS N 93 -33.73 29.81 50.48
N PRO N 94 -34.17 31.01 50.08
CA PRO N 94 -35.24 31.71 50.81
C PRO N 94 -36.57 30.96 50.73
N TYR N 95 -36.85 30.35 49.58
CA TYR N 95 -38.11 29.69 49.34
C TYR N 95 -37.93 28.19 49.06
N PRO N 96 -38.96 27.38 49.38
CA PRO N 96 -38.93 25.94 49.10
C PRO N 96 -38.94 25.63 47.60
N ASN N 97 -39.66 26.43 46.83
CA ASN N 97 -39.82 26.20 45.40
C ASN N 97 -40.18 27.49 44.67
N PRO N 98 -39.87 27.58 43.36
CA PRO N 98 -40.11 28.80 42.57
C PRO N 98 -41.55 29.30 42.62
N GLU N 99 -42.51 28.40 42.80
CA GLU N 99 -43.91 28.80 42.92
C GLU N 99 -44.14 29.58 44.21
N ALA N 100 -43.50 29.15 45.29
CA ALA N 100 -43.61 29.85 46.56
C ALA N 100 -42.90 31.20 46.49
N ALA N 101 -41.86 31.26 45.66
CA ALA N 101 -41.10 32.49 45.50
C ALA N 101 -41.93 33.56 44.81
N ARG N 102 -42.66 33.17 43.78
CA ARG N 102 -43.51 34.09 43.05
C ARG N 102 -44.64 34.62 43.94
N ALA N 103 -45.10 33.78 44.86
CA ALA N 103 -46.16 34.16 45.77
C ALA N 103 -45.73 35.28 46.71
N ALA N 104 -44.52 35.18 47.23
CA ALA N 104 -44.01 36.18 48.18
C ALA N 104 -43.27 37.32 47.48
N ASN N 105 -43.49 37.46 46.19
CA ASN N 105 -42.87 38.54 45.41
C ASN N 105 -43.80 39.09 44.33
N ASN N 106 -45.10 38.92 44.53
CA ASN N 106 -46.12 39.42 43.60
C ASN N 106 -45.93 38.90 42.18
N GLY N 107 -45.87 37.58 42.04
CA GLY N 107 -45.76 36.96 40.72
C GLY N 107 -44.34 36.86 40.19
N ALA N 108 -43.49 37.80 40.58
CA ALA N 108 -42.12 37.84 40.09
C ALA N 108 -41.26 36.75 40.71
N LEU N 109 -40.37 36.18 39.90
CA LEU N 109 -39.45 35.16 40.37
C LEU N 109 -38.02 35.70 40.40
N PRO N 110 -37.54 36.08 41.59
CA PRO N 110 -36.17 36.55 41.77
C PRO N 110 -35.16 35.46 41.44
N PRO N 111 -34.38 35.65 40.36
CA PRO N 111 -33.48 34.63 39.83
C PRO N 111 -32.33 34.29 40.77
N ASP N 112 -31.83 33.06 40.66
CA ASP N 112 -30.64 32.63 41.38
C ASP N 112 -29.44 33.47 40.91
N LEU N 113 -28.61 33.90 41.84
CA LEU N 113 -27.55 34.86 41.51
C LEU N 113 -26.16 34.23 41.36
N SER N 114 -26.09 32.91 41.23
CA SER N 114 -24.80 32.23 41.12
C SER N 114 -24.05 32.63 39.85
N TYR N 115 -24.77 32.71 38.73
CA TYR N 115 -24.16 33.07 37.45
C TYR N 115 -24.77 34.32 36.84
N ILE N 116 -25.28 35.22 37.69
CA ILE N 116 -26.09 36.33 37.22
C ILE N 116 -25.34 37.35 36.36
N VAL N 117 -24.07 37.62 36.70
CA VAL N 117 -23.31 38.62 35.96
C VAL N 117 -22.86 38.09 34.61
N ASN N 118 -22.87 36.77 34.46
CA ASN N 118 -22.57 36.15 33.17
C ASN N 118 -23.84 35.77 32.43
N ALA N 119 -24.98 36.03 33.07
CA ALA N 119 -26.28 35.71 32.48
C ALA N 119 -26.99 36.97 31.98
N ARG N 120 -26.34 38.13 32.16
CA ARG N 120 -26.90 39.39 31.70
C ARG N 120 -25.90 40.18 30.87
N HIS N 121 -26.37 40.75 29.75
CA HIS N 121 -25.53 41.58 28.90
C HIS N 121 -25.11 42.85 29.66
N GLY N 122 -23.81 43.01 29.87
CA GLY N 122 -23.29 44.13 30.64
C GLY N 122 -22.51 43.67 31.86
N GLY N 123 -22.88 42.50 32.39
CA GLY N 123 -22.20 41.96 33.55
C GLY N 123 -22.40 42.78 34.80
N GLU N 124 -21.33 43.00 35.55
CA GLU N 124 -21.37 43.82 36.75
C GLU N 124 -21.68 45.28 36.42
N ASP N 125 -21.38 45.70 35.19
CA ASP N 125 -21.72 47.05 34.74
C ASP N 125 -23.22 47.22 34.65
N TYR N 126 -23.92 46.17 34.25
CA TYR N 126 -25.37 46.19 34.17
C TYR N 126 -26.02 46.14 35.55
N VAL N 127 -25.61 45.16 36.34
CA VAL N 127 -26.18 44.96 37.67
C VAL N 127 -25.97 46.19 38.55
N PHE N 128 -24.79 46.79 38.48
CA PHE N 128 -24.50 48.00 39.24
C PHE N 128 -25.39 49.15 38.81
N SER N 129 -25.53 49.31 37.50
CA SER N 129 -26.34 50.40 36.95
C SER N 129 -27.81 50.21 37.31
N LEU N 130 -28.26 48.96 37.33
CA LEU N 130 -29.63 48.62 37.67
C LEU N 130 -29.99 49.00 39.11
N LEU N 131 -29.12 48.63 40.04
CA LEU N 131 -29.33 48.89 41.46
C LEU N 131 -29.36 50.39 41.74
N THR N 132 -28.35 51.10 41.23
CA THR N 132 -28.26 52.54 41.40
C THR N 132 -28.81 53.27 40.18
N GLY N 133 -30.04 52.94 39.78
CA GLY N 133 -30.63 53.55 38.60
C GLY N 133 -32.13 53.73 38.60
N TYR N 134 -32.79 53.39 39.72
CA TYR N 134 -34.23 53.58 39.83
C TYR N 134 -34.61 55.05 39.76
N CYS N 135 -35.72 55.33 39.08
CA CYS N 135 -36.23 56.69 38.95
C CYS N 135 -37.70 56.69 38.52
N ASP N 136 -38.31 57.87 38.56
CA ASP N 136 -39.71 58.01 38.15
C ASP N 136 -39.85 57.84 36.64
N PRO N 137 -40.97 57.26 36.19
CA PRO N 137 -41.23 57.11 34.76
C PRO N 137 -41.38 58.45 34.07
N PRO N 138 -40.82 58.59 32.86
CA PRO N 138 -40.95 59.83 32.10
C PRO N 138 -42.38 60.04 31.61
N ALA N 139 -42.66 61.18 30.98
CA ALA N 139 -44.01 61.51 30.56
C ALA N 139 -44.57 60.50 29.55
N GLY N 140 -45.78 60.02 29.81
CA GLY N 140 -46.44 59.10 28.90
C GLY N 140 -46.18 57.63 29.22
N VAL N 141 -45.40 57.39 30.27
CA VAL N 141 -45.06 56.01 30.64
C VAL N 141 -45.78 55.57 31.91
N VAL N 142 -46.88 54.85 31.73
CA VAL N 142 -47.60 54.27 32.86
C VAL N 142 -46.96 52.97 33.30
N VAL N 143 -46.65 52.88 34.59
CA VAL N 143 -46.06 51.68 35.16
C VAL N 143 -47.11 50.86 35.89
N ARG N 144 -47.23 49.58 35.52
CA ARG N 144 -48.20 48.69 36.14
C ARG N 144 -47.99 48.60 37.64
N GLU N 145 -49.10 48.56 38.38
CA GLU N 145 -49.08 48.49 39.84
C GLU N 145 -48.27 47.30 40.33
N GLY N 146 -47.39 47.55 41.30
CA GLY N 146 -46.53 46.52 41.82
C GLY N 146 -45.15 46.55 41.18
N LEU N 147 -45.05 47.18 40.02
CA LEU N 147 -43.78 47.27 39.31
C LEU N 147 -43.11 48.63 39.57
N HIS N 148 -41.79 48.65 39.49
CA HIS N 148 -41.03 49.87 39.74
C HIS N 148 -40.25 50.26 38.48
N TYR N 149 -40.26 51.54 38.14
CA TYR N 149 -39.60 51.99 36.92
C TYR N 149 -38.08 51.93 37.06
N ASN N 150 -37.43 51.26 36.11
CA ASN N 150 -35.98 51.20 36.04
C ASN N 150 -35.55 51.20 34.59
N PRO N 151 -34.94 52.32 34.13
CA PRO N 151 -34.59 52.54 32.73
C PRO N 151 -33.59 51.52 32.19
N TYR N 152 -32.78 50.94 33.07
CA TYR N 152 -31.78 49.96 32.64
C TYR N 152 -32.38 48.57 32.44
N PHE N 153 -33.53 48.34 33.07
CA PHE N 153 -34.24 47.07 32.93
C PHE N 153 -35.11 47.09 31.69
N PRO N 154 -35.12 45.98 30.93
CA PRO N 154 -35.93 45.88 29.71
C PRO N 154 -37.42 46.01 29.98
N GLY N 155 -38.09 46.90 29.26
CA GLY N 155 -39.49 47.19 29.50
C GLY N 155 -39.64 48.26 30.57
N GLN N 156 -38.53 48.54 31.26
CA GLN N 156 -38.44 49.60 32.27
C GLN N 156 -39.28 49.34 33.52
N ALA N 157 -40.12 48.30 33.48
CA ALA N 157 -40.93 47.94 34.63
C ALA N 157 -40.42 46.65 35.25
N ILE N 158 -39.81 46.75 36.44
CA ILE N 158 -39.22 45.60 37.10
C ILE N 158 -39.99 45.27 38.38
N GLY N 159 -40.07 43.97 38.70
CA GLY N 159 -40.82 43.52 39.85
C GLY N 159 -40.03 43.58 41.16
N MET N 160 -38.84 44.17 41.10
CA MET N 160 -38.00 44.30 42.28
C MET N 160 -37.90 45.75 42.75
N ALA N 161 -38.42 46.03 43.93
CA ALA N 161 -38.25 47.33 44.58
C ALA N 161 -36.77 47.53 44.92
N PRO N 162 -36.28 48.77 44.82
CA PRO N 162 -34.89 49.13 45.09
C PRO N 162 -34.32 48.45 46.34
N PRO N 163 -33.46 47.43 46.14
CA PRO N 163 -32.97 46.57 47.22
C PRO N 163 -31.99 47.24 48.18
N ILE N 164 -31.33 48.32 47.76
CA ILE N 164 -30.37 48.99 48.62
C ILE N 164 -30.52 50.50 48.69
N TYR N 165 -30.24 51.04 49.87
CA TYR N 165 -30.15 52.47 50.08
C TYR N 165 -28.99 52.73 51.05
N ASN N 166 -28.72 54.00 51.32
CA ASN N 166 -27.60 54.36 52.19
C ASN N 166 -27.77 53.82 53.61
N GLU N 167 -26.71 53.21 54.13
CA GLU N 167 -26.68 52.65 55.48
C GLU N 167 -27.79 51.63 55.70
N ILE N 168 -28.12 50.86 54.67
CA ILE N 168 -29.07 49.77 54.82
C ILE N 168 -28.42 48.65 55.63
N LEU N 169 -27.09 48.65 55.63
CA LEU N 169 -26.30 47.80 56.52
C LEU N 169 -25.06 48.59 56.94
N GLU N 170 -24.25 48.03 57.83
CA GLU N 170 -23.02 48.71 58.21
C GLU N 170 -21.83 47.75 58.22
N TYR N 171 -20.93 47.96 57.27
CA TYR N 171 -19.73 47.15 57.08
C TYR N 171 -18.90 47.01 58.35
N ASP N 172 -18.36 45.80 58.58
CA ASP N 172 -17.56 45.54 59.76
C ASP N 172 -16.09 45.86 59.55
N ASP N 173 -15.79 46.63 58.51
CA ASP N 173 -14.43 47.09 58.27
C ASP N 173 -14.39 48.62 58.27
N GLY N 174 -15.51 49.23 58.63
CA GLY N 174 -15.60 50.67 58.73
C GLY N 174 -15.55 51.39 57.39
N THR N 175 -16.47 51.03 56.50
CA THR N 175 -16.55 51.65 55.18
C THR N 175 -17.88 52.39 55.02
N PRO N 176 -17.82 53.67 54.61
CA PRO N 176 -19.00 54.49 54.34
C PRO N 176 -20.04 53.77 53.48
N ALA N 177 -20.96 53.07 54.14
CA ALA N 177 -21.92 52.21 53.46
C ALA N 177 -22.97 53.02 52.71
N THR N 178 -22.54 53.80 51.74
CA THR N 178 -23.45 54.51 50.86
C THR N 178 -24.03 53.52 49.86
N MET N 179 -25.11 53.90 49.18
CA MET N 179 -25.77 53.00 48.24
C MET N 179 -24.82 52.55 47.13
N SER N 180 -24.09 53.50 46.56
CA SER N 180 -23.17 53.21 45.46
C SER N 180 -22.02 52.32 45.92
N GLN N 181 -21.54 52.57 47.13
CA GLN N 181 -20.48 51.74 47.72
C GLN N 181 -20.96 50.31 47.91
N ILE N 182 -22.21 50.16 48.35
CA ILE N 182 -22.80 48.84 48.56
C ILE N 182 -22.97 48.11 47.24
N ALA N 183 -23.42 48.82 46.22
CA ALA N 183 -23.63 48.25 44.90
C ALA N 183 -22.31 47.80 44.27
N LYS N 184 -21.27 48.58 44.49
CA LYS N 184 -19.94 48.26 43.97
C LYS N 184 -19.41 46.97 44.58
N ASP N 185 -19.61 46.85 45.89
CA ASP N 185 -19.13 45.68 46.63
C ASP N 185 -19.90 44.42 46.25
N VAL N 186 -21.22 44.52 46.25
CA VAL N 186 -22.07 43.36 45.98
C VAL N 186 -21.89 42.85 44.55
N CYS N 187 -21.55 43.75 43.63
CA CYS N 187 -21.31 43.36 42.24
C CYS N 187 -19.98 42.64 42.11
N THR N 188 -18.98 43.10 42.85
CA THR N 188 -17.67 42.48 42.86
C THR N 188 -17.78 41.07 43.45
N PHE N 189 -18.72 40.91 44.36
CA PHE N 189 -19.01 39.60 44.95
C PHE N 189 -19.71 38.69 43.94
N LEU N 190 -20.67 39.25 43.22
CA LEU N 190 -21.40 38.51 42.20
C LEU N 190 -20.48 38.04 41.09
N ARG N 191 -19.39 38.79 40.87
CA ARG N 191 -18.38 38.41 39.89
C ARG N 191 -17.64 37.17 40.35
N TRP N 192 -17.13 37.20 41.57
CA TRP N 192 -16.44 36.05 42.15
C TRP N 192 -17.35 34.84 42.25
N ALA N 193 -18.61 35.10 42.59
CA ALA N 193 -19.60 34.04 42.74
C ALA N 193 -19.85 33.35 41.40
N ALA N 194 -19.73 34.11 40.32
CA ALA N 194 -19.97 33.58 38.98
C ALA N 194 -18.79 32.76 38.48
N GLU N 195 -17.57 33.24 38.76
CA GLU N 195 -16.37 32.53 38.35
C GLU N 195 -15.25 32.68 39.37
N PRO N 196 -15.22 31.81 40.39
CA PRO N 196 -14.19 31.84 41.43
C PRO N 196 -12.78 31.63 40.88
N GLU N 197 -12.68 31.09 39.67
CA GLU N 197 -11.39 30.85 39.04
C GLU N 197 -10.81 32.12 38.42
N HIS N 198 -11.50 33.24 38.64
CA HIS N 198 -11.14 34.54 38.06
C HIS N 198 -9.67 34.90 38.25
N ASP N 199 -9.19 34.78 39.48
CA ASP N 199 -7.82 35.15 39.81
C ASP N 199 -6.80 34.21 39.19
N GLN N 200 -7.03 32.91 39.31
CA GLN N 200 -6.08 31.92 38.78
C GLN N 200 -6.08 31.91 37.26
N ARG N 201 -7.23 32.23 36.66
CA ARG N 201 -7.37 32.23 35.21
C ARG N 201 -6.45 33.27 34.57
N LYS N 202 -6.42 34.46 35.18
CA LYS N 202 -5.59 35.54 34.67
C LYS N 202 -4.13 35.33 35.03
N ARG N 203 -3.90 34.65 36.15
CA ARG N 203 -2.55 34.29 36.57
C ARG N 203 -1.96 33.31 35.56
N MET N 204 -2.81 32.42 35.06
CA MET N 204 -2.42 31.48 34.01
C MET N 204 -2.19 32.22 32.69
N GLY N 205 -3.05 33.21 32.43
CA GLY N 205 -2.97 33.99 31.21
C GLY N 205 -1.64 34.71 31.11
N LEU N 206 -1.09 35.09 32.25
CA LEU N 206 0.23 35.71 32.30
C LEU N 206 1.31 34.70 31.94
N LYS N 207 1.29 33.56 32.62
CA LYS N 207 2.24 32.48 32.37
C LYS N 207 2.18 32.00 30.93
N MET N 208 0.96 31.91 30.40
CA MET N 208 0.74 31.49 29.03
C MET N 208 1.41 32.46 28.05
N LEU N 209 1.08 33.75 28.20
CA LEU N 209 1.56 34.76 27.27
C LEU N 209 3.09 34.86 27.27
N LEU N 210 3.71 34.71 28.43
CA LEU N 210 5.16 34.74 28.52
C LEU N 210 5.78 33.53 27.83
N ILE N 211 5.28 32.34 28.17
CA ILE N 211 5.75 31.10 27.56
C ILE N 211 5.51 31.10 26.05
N SER N 212 4.29 31.43 25.64
CA SER N 212 3.92 31.48 24.24
C SER N 212 4.78 32.44 23.42
N ALA N 213 5.09 33.59 24.01
CA ALA N 213 5.95 34.57 23.36
C ALA N 213 7.36 34.02 23.18
N LEU N 214 7.84 33.33 24.21
CA LEU N 214 9.17 32.73 24.17
C LEU N 214 9.24 31.63 23.13
N LEU N 215 8.24 30.75 23.12
CA LEU N 215 8.28 29.55 22.29
C LEU N 215 8.03 29.87 20.81
N THR N 216 7.14 30.81 20.54
CA THR N 216 6.87 31.25 19.17
C THR N 216 8.12 31.82 18.51
N SER N 217 8.87 32.61 19.26
CA SER N 217 10.11 33.20 18.76
C SER N 217 11.15 32.13 18.45
N LEU N 218 11.35 31.22 19.39
CA LEU N 218 12.34 30.16 19.25
C LEU N 218 12.03 29.26 18.05
N LEU N 219 10.76 28.88 17.92
CA LEU N 219 10.33 28.03 16.83
C LEU N 219 10.42 28.73 15.48
N TYR N 220 10.31 30.06 15.49
CA TYR N 220 10.42 30.82 14.26
C TYR N 220 11.85 30.77 13.75
N TYR N 221 12.81 30.86 14.65
CA TYR N 221 14.22 30.78 14.28
C TYR N 221 14.54 29.41 13.71
N MET N 222 14.10 28.36 14.41
CA MET N 222 14.35 26.98 14.00
C MET N 222 13.73 26.68 12.63
N LYS N 223 12.59 27.31 12.35
CA LYS N 223 11.96 27.15 11.05
C LYS N 223 12.80 27.86 9.99
N ARG N 224 13.13 29.12 10.25
CA ARG N 224 13.94 29.92 9.34
C ARG N 224 15.32 29.30 9.15
N HIS N 225 15.86 28.72 10.21
CA HIS N 225 17.17 28.08 10.16
C HIS N 225 17.17 26.90 9.19
N LYS N 226 16.17 26.03 9.32
CA LYS N 226 16.04 24.87 8.44
C LYS N 226 15.71 25.28 7.00
N TRP N 227 14.84 26.29 6.86
CA TRP N 227 14.41 26.74 5.54
C TRP N 227 15.43 27.65 4.87
N SER N 228 16.51 27.94 5.57
CA SER N 228 17.57 28.79 5.04
C SER N 228 18.24 28.15 3.84
N VAL N 229 18.28 26.82 3.83
CA VAL N 229 18.85 26.06 2.72
C VAL N 229 18.10 26.36 1.42
N LEU N 230 16.78 26.44 1.50
CA LEU N 230 15.96 26.67 0.31
C LEU N 230 15.82 28.17 0.01
N LYS N 231 15.74 28.99 1.04
CA LYS N 231 15.54 30.42 0.89
C LYS N 231 16.72 31.13 0.22
N SER N 232 17.92 30.60 0.40
CA SER N 232 19.12 31.20 -0.18
C SER N 232 19.55 30.51 -1.47
N ARG N 233 19.01 29.32 -1.71
CA ARG N 233 19.39 28.47 -2.83
C ARG N 233 19.29 29.18 -4.19
N LYS N 234 20.34 29.05 -4.99
CA LYS N 234 20.34 29.58 -6.36
C LYS N 234 20.45 28.43 -7.34
N MET N 235 19.91 28.63 -8.54
CA MET N 235 19.93 27.60 -9.56
C MET N 235 20.20 28.16 -10.95
N ALA N 236 20.83 27.36 -11.79
CA ALA N 236 21.16 27.78 -13.14
C ALA N 236 20.73 26.75 -14.19
N TYR N 237 20.46 27.23 -15.39
CA TYR N 237 20.14 26.35 -16.51
C TYR N 237 21.31 26.30 -17.49
N ARG N 238 22.09 25.24 -17.42
CA ARG N 238 23.28 25.12 -18.26
C ARG N 238 23.28 23.84 -19.10
N PRO N 239 22.63 23.90 -20.28
CA PRO N 239 22.59 22.81 -21.27
C PRO N 239 23.96 22.66 -21.94
N PRO N 240 24.16 21.61 -22.76
CA PRO N 240 25.50 21.39 -23.33
C PRO N 240 25.91 22.47 -24.33
N LYS N 241 25.05 22.69 -25.33
CA LYS N 241 25.27 23.69 -26.39
C LYS N 241 26.71 23.75 -26.92
N VAL O 1 31.53 22.65 -21.07
CA VAL O 1 32.04 21.61 -20.19
C VAL O 1 31.66 21.87 -18.74
N HIS O 2 32.32 21.17 -17.82
CA HIS O 2 32.04 21.32 -16.39
C HIS O 2 33.09 22.19 -15.72
N ASN O 3 34.24 22.34 -16.37
CA ASN O 3 35.29 23.22 -15.86
C ASN O 3 34.83 24.67 -15.90
N ASP O 4 33.85 24.95 -16.77
CA ASP O 4 33.30 26.29 -16.90
C ASP O 4 32.23 26.56 -15.85
N VAL O 5 32.15 25.69 -14.84
CA VAL O 5 31.14 25.82 -13.80
C VAL O 5 31.76 26.11 -12.43
N THR O 6 31.28 27.16 -11.79
CA THR O 6 31.73 27.52 -10.44
C THR O 6 30.55 27.82 -9.53
N VAL O 7 30.80 27.84 -8.23
CA VAL O 7 29.77 28.14 -7.25
C VAL O 7 29.62 29.65 -7.07
N PRO O 8 28.37 30.14 -7.16
CA PRO O 8 28.06 31.57 -6.97
C PRO O 8 28.51 32.08 -5.60
N ASP O 9 28.58 33.41 -5.46
CA ASP O 9 29.04 34.02 -4.22
C ASP O 9 27.91 34.09 -3.20
N PHE O 10 28.11 33.48 -2.04
CA PHE O 10 27.10 33.41 -1.01
C PHE O 10 27.37 34.35 0.16
N SER O 11 28.23 35.34 -0.05
CA SER O 11 28.60 36.29 1.00
C SER O 11 27.40 37.10 1.47
N ALA O 12 26.36 37.16 0.64
CA ALA O 12 25.14 37.87 0.98
C ALA O 12 24.33 37.12 2.04
N TYR O 13 24.62 35.84 2.21
CA TYR O 13 23.87 35.00 3.13
C TYR O 13 24.74 34.36 4.20
N ARG O 14 26.06 34.38 4.00
CA ARG O 14 26.99 33.75 4.93
C ARG O 14 26.96 34.41 6.31
N ARG O 15 27.33 33.64 7.34
CA ARG O 15 27.46 34.18 8.69
C ARG O 15 28.73 35.02 8.78
N GLU O 16 28.91 35.67 9.93
CA GLU O 16 30.03 36.60 10.11
C GLU O 16 31.39 35.93 10.02
N ASP O 17 31.51 34.76 10.64
CA ASP O 17 32.82 34.13 10.83
C ASP O 17 33.26 33.28 9.64
N VAL O 18 32.35 33.05 8.70
CA VAL O 18 32.69 32.29 7.50
C VAL O 18 32.68 33.19 6.26
N MET O 19 32.62 34.49 6.51
CA MET O 19 32.57 35.49 5.44
C MET O 19 33.88 35.55 4.66
N ASP O 20 35.00 35.48 5.37
CA ASP O 20 36.32 35.56 4.75
C ASP O 20 36.73 34.21 4.17
N ALA O 21 37.17 34.23 2.91
CA ALA O 21 37.46 32.99 2.19
C ALA O 21 38.88 32.47 2.48
N THR O 22 39.70 33.29 3.10
CA THR O 22 41.07 32.87 3.45
C THR O 22 41.17 32.53 4.92
N THR O 23 40.02 32.45 5.58
CA THR O 23 39.96 32.14 7.00
C THR O 23 39.39 30.74 7.22
N SER O 24 39.94 30.02 8.18
CA SER O 24 39.46 28.69 8.52
C SER O 24 38.01 28.72 8.98
N SER O 25 37.18 27.87 8.39
CA SER O 25 35.77 27.81 8.73
C SER O 25 35.51 26.97 9.98
N GLN O 26 36.52 26.21 10.39
CA GLN O 26 36.36 25.22 11.46
C GLN O 26 36.54 25.79 12.87
N THR O 27 37.36 26.83 12.99
CA THR O 27 37.62 27.45 14.28
C THR O 27 36.35 28.04 14.88
N SER O 28 35.41 28.41 14.01
CA SER O 28 34.16 29.01 14.45
C SER O 28 32.97 28.07 14.27
N SER O 29 33.26 26.78 14.09
CA SER O 29 32.22 25.79 13.85
C SER O 29 31.38 25.52 15.10
N GLU O 30 32.05 25.20 16.20
CA GLU O 30 31.38 24.95 17.47
C GLU O 30 30.62 26.18 17.95
N ASP O 31 31.10 27.35 17.54
CA ASP O 31 30.46 28.61 17.90
C ASP O 31 29.14 28.78 17.16
N ARG O 32 29.15 28.45 15.88
CA ARG O 32 27.96 28.58 15.03
C ARG O 32 26.91 27.52 15.35
N LYS O 33 27.36 26.28 15.52
CA LYS O 33 26.45 25.19 15.83
C LYS O 33 25.93 25.28 17.27
N GLY O 34 26.77 25.79 18.15
CA GLY O 34 26.42 25.92 19.55
C GLY O 34 25.28 26.89 19.78
N PHE O 35 25.17 27.90 18.92
CA PHE O 35 24.11 28.89 19.03
C PHE O 35 22.76 28.32 18.57
N SER O 36 22.74 27.74 17.39
CA SER O 36 21.51 27.19 16.83
C SER O 36 20.97 26.04 17.67
N TYR O 37 21.88 25.23 18.21
CA TYR O 37 21.49 24.13 19.08
C TYR O 37 21.02 24.63 20.44
N LEU O 38 21.51 25.80 20.84
CA LEU O 38 21.05 26.43 22.07
C LEU O 38 19.60 26.88 21.93
N VAL O 39 19.29 27.44 20.76
CA VAL O 39 17.93 27.85 20.45
C VAL O 39 16.99 26.65 20.49
N THR O 40 17.45 25.55 19.90
CA THR O 40 16.68 24.31 19.91
C THR O 40 16.50 23.76 21.31
N ALA O 41 17.60 23.69 22.06
CA ALA O 41 17.58 23.15 23.42
C ALA O 41 16.68 23.96 24.34
N THR O 42 16.63 25.26 24.10
CA THR O 42 15.75 26.14 24.88
C THR O 42 14.28 25.88 24.54
N ALA O 43 14.00 25.74 23.25
CA ALA O 43 12.64 25.48 22.79
C ALA O 43 12.13 24.15 23.33
N CYS O 44 13.04 23.21 23.51
CA CYS O 44 12.72 21.92 24.13
C CYS O 44 12.34 22.10 25.60
N VAL O 45 13.09 22.96 26.28
CA VAL O 45 12.83 23.27 27.68
C VAL O 45 11.49 23.94 27.86
N ALA O 46 11.21 24.93 27.01
CA ALA O 46 9.94 25.64 27.04
C ALA O 46 8.77 24.70 26.75
N THR O 47 8.99 23.76 25.85
CA THR O 47 7.98 22.76 25.51
C THR O 47 7.76 21.80 26.67
N ALA O 48 8.86 21.35 27.26
CA ALA O 48 8.83 20.44 28.40
C ALA O 48 8.06 21.05 29.56
N TYR O 49 8.24 22.35 29.77
CA TYR O 49 7.52 23.07 30.82
C TYR O 49 6.03 23.13 30.52
N ALA O 50 5.70 23.48 29.28
CA ALA O 50 4.32 23.58 28.84
C ALA O 50 3.64 22.22 28.86
N ALA O 51 4.37 21.20 28.44
CA ALA O 51 3.85 19.83 28.41
C ALA O 51 3.60 19.30 29.81
N LYS O 52 4.60 19.47 30.68
CA LYS O 52 4.51 18.99 32.06
C LYS O 52 3.30 19.59 32.78
N ASN O 53 3.08 20.89 32.60
CA ASN O 53 1.97 21.58 33.26
C ASN O 53 0.61 21.15 32.73
N VAL O 54 0.42 21.25 31.41
CA VAL O 54 -0.83 20.88 30.77
C VAL O 54 -1.23 19.45 31.10
N VAL O 55 -0.25 18.54 31.05
CA VAL O 55 -0.48 17.15 31.44
C VAL O 55 -0.87 17.07 32.91
N THR O 56 -0.09 17.73 33.77
CA THR O 56 -0.37 17.77 35.21
C THR O 56 -1.79 18.23 35.50
N GLN O 57 -2.21 19.31 34.83
CA GLN O 57 -3.54 19.87 35.02
C GLN O 57 -4.63 18.87 34.62
N PHE O 58 -4.45 18.22 33.48
CA PHE O 58 -5.44 17.29 32.95
C PHE O 58 -5.54 16.02 33.79
N ILE O 59 -4.40 15.54 34.28
CA ILE O 59 -4.38 14.36 35.15
C ILE O 59 -5.09 14.67 36.46
N SER O 60 -4.98 15.91 36.92
CA SER O 60 -5.60 16.34 38.16
C SER O 60 -7.12 16.36 38.06
N SER O 61 -7.64 16.47 36.85
CA SER O 61 -9.08 16.58 36.63
C SER O 61 -9.82 15.27 36.91
N LEU O 62 -9.07 14.19 37.12
CA LEU O 62 -9.68 12.89 37.37
C LEU O 62 -9.65 12.53 38.86
N SER O 63 -8.82 13.22 39.62
CA SER O 63 -8.76 13.01 41.07
C SER O 63 -9.93 13.72 41.74
N ALA O 64 -10.11 13.46 43.04
CA ALA O 64 -11.27 13.94 43.80
C ALA O 64 -11.54 15.43 43.63
N SER O 65 -12.80 15.76 43.37
CA SER O 65 -13.22 17.16 43.18
C SER O 65 -13.39 17.87 44.52
N ALA O 66 -13.74 19.15 44.46
CA ALA O 66 -13.85 19.98 45.66
C ALA O 66 -14.93 19.48 46.62
N ASP O 67 -16.08 19.11 46.08
CA ASP O 67 -17.20 18.64 46.90
C ASP O 67 -16.88 17.29 47.52
N VAL O 68 -16.14 16.44 46.81
CA VAL O 68 -15.73 15.15 47.33
C VAL O 68 -14.74 15.31 48.48
N LEU O 69 -13.80 16.24 48.29
CA LEU O 69 -12.81 16.54 49.32
C LEU O 69 -13.45 17.14 50.57
N ALA O 70 -14.61 17.76 50.39
CA ALA O 70 -15.32 18.39 51.51
C ALA O 70 -15.77 17.37 52.54
N LEU O 71 -16.05 16.15 52.08
CA LEU O 71 -16.51 15.09 52.97
C LEU O 71 -15.39 14.13 53.33
N SER O 72 -14.16 14.50 53.00
CA SER O 72 -13.00 13.65 53.30
C SER O 72 -12.82 13.47 54.79
N LYS O 73 -12.81 14.58 55.52
CA LYS O 73 -12.68 14.54 56.97
C LYS O 73 -13.97 14.96 57.65
N ILE O 74 -14.09 14.61 58.94
CA ILE O 74 -15.25 15.00 59.72
C ILE O 74 -14.83 15.43 61.13
N GLU O 75 -15.45 16.50 61.62
CA GLU O 75 -15.20 16.97 62.98
C GLU O 75 -16.34 16.53 63.90
N ILE O 76 -15.97 16.12 65.11
CA ILE O 76 -16.94 15.62 66.08
C ILE O 76 -16.69 16.19 67.46
N LYS O 77 -17.67 16.91 67.99
CA LYS O 77 -17.54 17.49 69.33
C LYS O 77 -17.82 16.46 70.40
N LEU O 78 -16.84 16.25 71.28
CA LEU O 78 -16.94 15.25 72.34
C LEU O 78 -17.95 15.63 73.42
N SER O 79 -18.50 16.85 73.32
CA SER O 79 -19.50 17.31 74.27
C SER O 79 -20.83 16.60 74.05
N ASP O 80 -21.18 16.38 72.78
CA ASP O 80 -22.48 15.82 72.42
C ASP O 80 -22.59 14.33 72.74
N ILE O 81 -21.54 13.77 73.33
CA ILE O 81 -21.53 12.34 73.65
C ILE O 81 -21.32 12.09 75.14
N PRO O 82 -22.41 11.90 75.88
CA PRO O 82 -22.35 11.56 77.30
C PRO O 82 -21.73 10.18 77.51
N GLU O 83 -21.13 9.96 78.67
CA GLU O 83 -20.43 8.70 78.95
C GLU O 83 -21.41 7.53 78.98
N GLY O 84 -21.14 6.53 78.16
CA GLY O 84 -21.97 5.34 78.11
C GLY O 84 -22.82 5.27 76.85
N LYS O 85 -23.22 6.43 76.35
CA LYS O 85 -24.08 6.50 75.17
C LYS O 85 -23.27 6.58 73.88
N ASN O 86 -23.71 5.85 72.87
CA ASN O 86 -23.05 5.83 71.57
C ASN O 86 -23.75 6.75 70.58
N VAL O 87 -22.96 7.46 69.78
CA VAL O 87 -23.51 8.35 68.76
C VAL O 87 -22.93 8.01 67.38
N ALA O 88 -23.81 7.95 66.39
CA ALA O 88 -23.40 7.58 65.04
C ALA O 88 -23.47 8.77 64.08
N PHE O 89 -22.54 8.82 63.13
CA PHE O 89 -22.48 9.92 62.18
C PHE O 89 -22.27 9.42 60.76
N LYS O 90 -22.62 10.26 59.79
CA LYS O 90 -22.37 9.95 58.39
C LYS O 90 -20.96 10.35 57.99
N TRP O 91 -20.13 9.38 57.66
CA TRP O 91 -18.79 9.65 57.16
C TRP O 91 -18.49 8.81 55.92
N ARG O 92 -18.40 9.47 54.78
CA ARG O 92 -18.18 8.82 53.49
C ARG O 92 -19.28 7.82 53.17
N GLY O 93 -20.51 8.18 53.50
CA GLY O 93 -21.67 7.35 53.19
C GLY O 93 -21.97 6.29 54.24
N LYS O 94 -20.91 5.72 54.82
CA LYS O 94 -21.06 4.66 55.82
C LYS O 94 -21.02 5.23 57.23
N PRO O 95 -21.93 4.77 58.09
CA PRO O 95 -22.06 5.23 59.48
C PRO O 95 -20.74 5.16 60.27
N LEU O 96 -20.48 6.21 61.04
CA LEU O 96 -19.25 6.29 61.85
C LEU O 96 -19.59 6.31 63.34
N PHE O 97 -19.01 5.38 64.09
CA PHE O 97 -19.31 5.25 65.52
C PHE O 97 -18.29 5.97 66.40
N VAL O 98 -18.78 6.76 67.35
CA VAL O 98 -17.93 7.37 68.36
C VAL O 98 -18.57 7.15 69.74
N ARG O 99 -17.97 6.28 70.54
CA ARG O 99 -18.56 5.90 71.82
C ARG O 99 -17.77 6.46 73.00
N HIS O 100 -18.51 6.94 73.99
CA HIS O 100 -17.92 7.46 75.21
C HIS O 100 -17.86 6.34 76.26
N ARG O 101 -16.69 5.73 76.41
CA ARG O 101 -16.55 4.58 77.30
C ARG O 101 -16.44 4.98 78.77
N THR O 102 -17.42 4.58 79.56
CA THR O 102 -17.38 4.78 81.00
C THR O 102 -16.30 3.89 81.61
N GLN O 103 -15.86 4.23 82.82
CA GLN O 103 -14.85 3.45 83.52
C GLN O 103 -15.32 2.02 83.76
N ALA O 104 -16.63 1.81 83.71
CA ALA O 104 -17.21 0.48 83.86
C ALA O 104 -17.02 -0.33 82.58
N GLU O 105 -16.75 0.37 81.47
CA GLU O 105 -16.61 -0.28 80.18
C GLU O 105 -15.16 -0.62 79.84
N ILE O 106 -14.24 0.27 80.22
CA ILE O 106 -12.83 0.10 79.88
C ILE O 106 -12.22 -1.08 80.60
N ASN O 107 -12.44 -1.16 81.91
CA ASN O 107 -11.83 -2.19 82.75
C ASN O 107 -12.29 -3.59 82.38
N GLN O 108 -13.60 -3.76 82.24
CA GLN O 108 -14.21 -5.06 81.97
C GLN O 108 -13.77 -5.65 80.64
N GLU O 109 -13.48 -4.80 79.67
CA GLU O 109 -13.07 -5.28 78.35
C GLU O 109 -11.56 -5.57 78.33
N ALA O 110 -10.80 -4.86 79.15
CA ALA O 110 -9.35 -4.92 79.10
C ALA O 110 -8.78 -6.29 79.51
N GLU O 111 -9.65 -7.19 79.97
CA GLU O 111 -9.19 -8.48 80.47
C GLU O 111 -9.67 -9.66 79.61
N VAL O 112 -9.03 -9.84 78.45
CA VAL O 112 -9.24 -11.04 77.65
C VAL O 112 -7.93 -11.48 76.99
N ASP O 113 -7.95 -12.68 76.43
CA ASP O 113 -6.73 -13.40 76.06
C ASP O 113 -5.88 -12.72 74.99
N VAL O 114 -4.65 -13.22 74.86
CA VAL O 114 -3.73 -12.77 73.83
C VAL O 114 -4.25 -13.22 72.46
N SER O 115 -4.90 -14.39 72.43
CA SER O 115 -5.42 -14.92 71.17
C SER O 115 -6.50 -15.99 71.40
N LYS O 116 -7.67 -15.54 71.87
CA LYS O 116 -8.85 -16.41 71.93
C LYS O 116 -9.95 -15.80 71.08
N LEU O 117 -9.59 -14.77 70.32
CA LEU O 117 -10.49 -14.16 69.36
C LEU O 117 -9.90 -14.34 67.96
N ARG O 118 -10.75 -14.33 66.93
CA ARG O 118 -10.30 -14.56 65.57
C ARG O 118 -9.39 -13.45 65.06
N ASP O 119 -9.39 -12.32 65.75
CA ASP O 119 -8.51 -11.21 65.39
C ASP O 119 -7.63 -10.81 66.56
N PRO O 120 -6.30 -11.00 66.41
CA PRO O 120 -5.32 -10.74 67.48
C PRO O 120 -5.00 -9.26 67.66
N GLN O 121 -5.83 -8.55 68.41
CA GLN O 121 -5.60 -7.14 68.69
C GLN O 121 -6.11 -6.71 70.06
N HIS O 122 -5.21 -6.12 70.84
CA HIS O 122 -5.55 -5.54 72.14
C HIS O 122 -6.07 -4.11 71.92
N ASP O 123 -5.84 -3.24 72.89
CA ASP O 123 -6.01 -1.81 72.70
C ASP O 123 -4.62 -1.21 72.64
N LEU O 124 -3.63 -2.09 72.70
CA LEU O 124 -2.22 -1.73 72.67
C LEU O 124 -1.81 -1.24 71.29
N ASP O 125 -2.72 -1.36 70.33
CA ASP O 125 -2.53 -0.84 68.98
C ASP O 125 -3.88 -0.59 68.33
N ARG O 126 -4.81 -0.04 69.10
CA ARG O 126 -6.17 0.15 68.63
C ARG O 126 -6.72 1.52 69.00
N VAL O 127 -7.40 1.60 70.14
CA VAL O 127 -8.03 2.85 70.57
C VAL O 127 -7.00 3.87 71.04
N LYS O 128 -7.47 5.08 71.33
CA LYS O 128 -6.60 6.12 71.88
C LYS O 128 -7.07 6.50 73.29
N LYS O 129 -7.70 7.66 73.42
CA LYS O 129 -8.24 8.08 74.70
C LYS O 129 -9.34 7.11 75.12
N PRO O 130 -9.06 6.28 76.15
CA PRO O 130 -9.85 5.11 76.51
C PRO O 130 -11.33 5.36 76.78
N GLU O 131 -11.74 6.63 76.87
CA GLU O 131 -13.16 6.95 76.98
C GLU O 131 -13.70 7.35 75.62
N TRP O 132 -12.95 7.03 74.56
CA TRP O 132 -13.37 7.33 73.20
C TRP O 132 -12.91 6.27 72.21
N VAL O 133 -13.80 5.35 71.87
CA VAL O 133 -13.50 4.37 70.84
C VAL O 133 -14.23 4.74 69.55
N ILE O 134 -13.49 4.87 68.46
CA ILE O 134 -14.07 5.29 67.19
C ILE O 134 -13.97 4.20 66.13
N LEU O 135 -15.12 3.67 65.75
CA LEU O 135 -15.19 2.56 64.80
C LEU O 135 -16.04 2.90 63.59
N VAL O 136 -15.80 2.20 62.49
CA VAL O 136 -16.67 2.31 61.32
C VAL O 136 -17.89 1.41 61.53
N GLY O 137 -19.07 2.01 61.52
CA GLY O 137 -20.30 1.27 61.81
C GLY O 137 -20.68 0.26 60.74
N VAL O 138 -19.70 -0.50 60.26
CA VAL O 138 -19.93 -1.49 59.22
C VAL O 138 -19.45 -2.86 59.67
N CYS O 139 -20.35 -3.85 59.63
CA CYS O 139 -20.01 -5.21 59.99
C CYS O 139 -18.91 -5.75 59.08
N THR O 140 -18.06 -6.62 59.60
CA THR O 140 -16.95 -7.16 58.82
C THR O 140 -17.39 -8.34 57.98
N HIS O 141 -18.45 -9.00 58.44
CA HIS O 141 -18.97 -10.19 57.78
C HIS O 141 -19.43 -9.87 56.35
N LEU O 142 -20.60 -9.26 56.23
CA LEU O 142 -21.11 -8.86 54.92
C LEU O 142 -21.49 -7.39 54.88
N GLY O 143 -20.88 -6.60 55.76
CA GLY O 143 -20.90 -5.15 55.64
C GLY O 143 -22.12 -4.38 56.13
N CYS O 144 -22.84 -4.92 57.11
CA CYS O 144 -24.08 -4.28 57.56
C CYS O 144 -23.90 -3.44 58.82
N VAL O 145 -24.97 -2.79 59.26
CA VAL O 145 -24.91 -1.86 60.39
C VAL O 145 -25.34 -2.51 61.69
N PRO O 146 -24.40 -2.61 62.66
CA PRO O 146 -24.64 -3.23 63.96
C PRO O 146 -25.54 -2.39 64.87
N ILE O 147 -26.13 -3.05 65.87
CA ILE O 147 -27.02 -2.39 66.83
C ILE O 147 -26.20 -1.70 67.93
N ALA O 148 -26.70 -0.56 68.40
CA ALA O 148 -25.99 0.30 69.35
C ALA O 148 -25.51 -0.40 70.62
N ASN O 149 -26.40 -0.53 71.60
CA ASN O 149 -26.00 -0.98 72.94
C ASN O 149 -26.39 -2.42 73.28
N SER O 150 -27.18 -3.06 72.42
CA SER O 150 -27.70 -4.38 72.72
C SER O 150 -26.92 -5.49 72.02
N GLY O 151 -26.14 -6.24 72.79
CA GLY O 151 -25.34 -7.33 72.24
C GLY O 151 -24.99 -8.37 73.28
N ASP O 152 -24.51 -9.52 72.82
CA ASP O 152 -24.15 -10.62 73.73
C ASP O 152 -22.93 -10.25 74.57
N PHE O 153 -22.17 -9.27 74.10
CA PHE O 153 -20.96 -8.84 74.79
C PHE O 153 -21.01 -7.34 75.11
N GLY O 154 -22.21 -6.83 75.36
CA GLY O 154 -22.39 -5.45 75.76
C GLY O 154 -22.24 -4.43 74.64
N GLY O 155 -21.26 -4.64 73.78
CA GLY O 155 -20.96 -3.71 72.70
C GLY O 155 -22.00 -3.66 71.60
N TYR O 156 -21.72 -4.33 70.49
CA TYR O 156 -22.57 -4.23 69.30
C TYR O 156 -23.03 -5.60 68.80
N TYR O 157 -24.24 -5.64 68.25
CA TYR O 157 -24.77 -6.85 67.64
C TYR O 157 -25.32 -6.56 66.26
N CYS O 158 -24.94 -7.38 65.29
CA CYS O 158 -25.40 -7.22 63.91
C CYS O 158 -26.63 -8.07 63.64
N PRO O 159 -27.78 -7.42 63.37
CA PRO O 159 -29.05 -8.13 63.23
C PRO O 159 -29.20 -8.91 61.93
N CYS O 160 -28.09 -9.23 61.26
CA CYS O 160 -28.16 -9.93 59.98
C CYS O 160 -27.81 -11.41 60.10
N HIS O 161 -26.58 -11.70 60.52
CA HIS O 161 -26.11 -13.08 60.63
C HIS O 161 -25.54 -13.38 62.02
N GLY O 162 -25.77 -12.48 62.96
CA GLY O 162 -25.25 -12.64 64.31
C GLY O 162 -24.13 -11.66 64.61
N SER O 163 -22.92 -12.18 64.76
CA SER O 163 -21.73 -11.36 65.00
C SER O 163 -21.87 -10.40 66.17
N HIS O 164 -21.55 -10.88 67.37
CA HIS O 164 -21.59 -10.05 68.56
C HIS O 164 -20.24 -9.39 68.81
N TYR O 165 -20.23 -8.07 68.85
CA TYR O 165 -19.00 -7.32 69.11
C TYR O 165 -18.98 -6.79 70.54
N ASP O 166 -17.81 -6.85 71.18
CA ASP O 166 -17.67 -6.38 72.55
C ASP O 166 -17.51 -4.86 72.59
N ALA O 167 -17.04 -4.35 73.72
CA ALA O 167 -16.86 -2.91 73.92
C ALA O 167 -15.71 -2.36 73.06
N SER O 168 -14.73 -3.20 72.78
CA SER O 168 -13.56 -2.79 72.02
C SER O 168 -13.81 -2.86 70.52
N GLY O 169 -15.02 -3.29 70.15
CA GLY O 169 -15.39 -3.38 68.75
C GLY O 169 -14.82 -4.61 68.09
N ARG O 170 -14.55 -5.64 68.90
CA ARG O 170 -13.96 -6.86 68.41
C ARG O 170 -14.98 -7.99 68.39
N ILE O 171 -14.93 -8.81 67.34
CA ILE O 171 -15.87 -9.92 67.20
C ILE O 171 -15.60 -11.00 68.24
N ARG O 172 -16.66 -11.42 68.92
CA ARG O 172 -16.56 -12.39 70.00
C ARG O 172 -17.35 -13.65 69.68
N LYS O 173 -18.56 -13.45 69.16
CA LYS O 173 -19.48 -14.54 68.90
C LYS O 173 -20.23 -14.30 67.60
N GLY O 174 -19.88 -15.05 66.56
CA GLY O 174 -20.53 -14.90 65.26
C GLY O 174 -19.64 -15.28 64.09
N PRO O 175 -20.20 -15.21 62.87
CA PRO O 175 -19.52 -15.61 61.62
C PRO O 175 -18.60 -14.52 61.07
N ALA O 176 -18.58 -13.35 61.69
CA ALA O 176 -17.74 -12.24 61.22
C ALA O 176 -16.26 -12.57 61.36
N PRO O 177 -15.48 -12.35 60.30
CA PRO O 177 -14.05 -12.66 60.29
C PRO O 177 -13.21 -11.71 61.14
N TYR O 178 -13.41 -10.40 60.98
CA TYR O 178 -12.58 -9.42 61.66
C TYR O 178 -13.33 -8.60 62.70
N ASN O 179 -12.60 -7.70 63.34
CA ASN O 179 -13.19 -6.71 64.22
C ASN O 179 -13.62 -5.49 63.42
N LEU O 180 -14.57 -4.72 63.96
CA LEU O 180 -15.01 -3.49 63.32
C LEU O 180 -13.81 -2.57 63.11
N GLU O 181 -13.70 -2.02 61.90
CA GLU O 181 -12.52 -1.23 61.52
C GLU O 181 -12.36 0.03 62.36
N VAL O 182 -11.13 0.29 62.78
CA VAL O 182 -10.78 1.54 63.45
C VAL O 182 -10.08 2.45 62.44
N PRO O 183 -10.82 3.42 61.90
CA PRO O 183 -10.29 4.33 60.87
C PRO O 183 -9.27 5.30 61.44
N THR O 184 -8.25 5.63 60.66
CA THR O 184 -7.19 6.53 61.12
C THR O 184 -7.75 7.90 61.50
N TYR O 185 -7.33 8.41 62.66
CA TYR O 185 -7.87 9.66 63.18
C TYR O 185 -6.97 10.28 64.24
N GLN O 186 -7.48 11.33 64.89
CA GLN O 186 -6.74 12.04 65.93
C GLN O 186 -7.67 12.97 66.71
N PHE O 187 -7.25 13.36 67.91
CA PHE O 187 -7.97 14.34 68.70
C PHE O 187 -7.36 15.72 68.51
N VAL O 188 -8.04 16.75 69.01
CA VAL O 188 -7.53 18.11 68.88
C VAL O 188 -7.90 19.00 70.08
N GLY O 189 -9.05 19.65 70.01
CA GLY O 189 -9.44 20.62 71.02
C GLY O 189 -9.81 20.05 72.38
N ASP O 190 -10.47 20.85 73.19
CA ASP O 190 -10.88 20.44 74.54
C ASP O 190 -12.00 19.40 74.50
N ASP O 191 -12.62 19.26 73.33
CA ASP O 191 -13.70 18.29 73.14
C ASP O 191 -13.86 17.98 71.66
N LEU O 192 -12.75 17.98 70.93
CA LEU O 192 -12.80 17.86 69.48
C LEU O 192 -11.99 16.67 68.97
N VAL O 193 -12.58 15.93 68.04
CA VAL O 193 -11.89 14.81 67.41
C VAL O 193 -12.18 14.82 65.91
N VAL O 194 -11.15 14.50 65.11
CA VAL O 194 -11.29 14.53 63.65
C VAL O 194 -10.92 13.19 63.03
N VAL O 195 -11.90 12.57 62.37
CA VAL O 195 -11.69 11.29 61.71
C VAL O 195 -11.56 11.47 60.21
N GLY O 196 -10.49 10.93 59.64
CA GLY O 196 -10.24 11.01 58.22
C GLY O 196 -8.88 11.59 57.89
N GLY P 10 -9.83 42.45 -34.04
CA GLY P 10 -9.90 43.82 -33.55
C GLY P 10 -8.68 44.19 -32.72
N ARG P 11 -8.40 45.48 -32.65
CA ARG P 11 -7.22 45.97 -31.94
C ARG P 11 -7.59 46.45 -30.53
N LEU P 12 -8.87 46.66 -30.29
CA LEU P 12 -9.35 47.02 -28.96
C LEU P 12 -9.23 45.83 -28.02
N MET P 13 -9.74 44.68 -28.45
CA MET P 13 -9.60 43.45 -27.68
C MET P 13 -8.14 43.05 -27.58
N ASP P 14 -7.35 43.45 -28.57
CA ASP P 14 -5.93 43.12 -28.62
C ASP P 14 -5.13 43.90 -27.58
N ARG P 15 -5.62 45.08 -27.21
CA ARG P 15 -4.96 45.92 -26.21
C ARG P 15 -5.35 45.47 -24.80
N ILE P 16 -6.63 45.13 -24.66
CA ILE P 16 -7.16 44.46 -23.48
C ILE P 16 -6.30 43.22 -23.13
N ARG P 17 -5.89 42.49 -24.17
CA ARG P 17 -4.99 41.35 -24.01
C ARG P 17 -3.74 41.73 -23.23
N LYS P 18 -3.04 42.73 -23.75
CA LYS P 18 -1.77 43.19 -23.19
C LYS P 18 -1.94 43.67 -21.76
N TRP P 19 -3.10 44.23 -21.45
CA TRP P 19 -3.40 44.66 -20.09
C TRP P 19 -3.54 43.46 -19.15
N TYR P 20 -4.30 42.46 -19.57
CA TYR P 20 -4.53 41.28 -18.75
C TYR P 20 -3.24 40.50 -18.52
N TYR P 21 -2.40 40.47 -19.54
CA TYR P 21 -1.13 39.77 -19.46
C TYR P 21 -0.25 40.36 -18.37
N ASN P 22 -0.25 41.68 -18.26
CA ASN P 22 0.52 42.36 -17.23
C ASN P 22 -0.18 42.28 -15.86
N ALA P 23 -1.50 42.32 -15.87
CA ALA P 23 -2.28 42.22 -14.64
C ALA P 23 -2.18 40.82 -14.04
N ALA P 24 -2.03 39.82 -14.90
CA ALA P 24 -1.85 38.43 -14.47
C ALA P 24 -0.56 38.29 -13.69
N GLY P 25 0.54 38.72 -14.30
CA GLY P 25 1.81 38.82 -13.61
C GLY P 25 2.59 37.54 -13.43
N PHE P 26 2.39 36.58 -14.33
CA PHE P 26 3.20 35.37 -14.31
C PHE P 26 4.52 35.64 -15.03
N ASN P 27 4.57 36.75 -15.75
CA ASN P 27 5.80 37.17 -16.42
C ASN P 27 6.82 37.65 -15.40
N LYS P 28 6.34 38.03 -14.23
CA LYS P 28 7.20 38.42 -13.13
C LYS P 28 8.00 37.22 -12.62
N TYR P 29 7.47 36.03 -12.83
CA TYR P 29 8.15 34.80 -12.43
C TYR P 29 9.02 34.26 -13.56
N GLY P 30 8.99 34.93 -14.71
CA GLY P 30 9.71 34.47 -15.88
C GLY P 30 9.02 33.27 -16.51
N LEU P 31 7.69 33.27 -16.46
CA LEU P 31 6.91 32.17 -17.02
C LEU P 31 6.22 32.57 -18.31
N MET P 32 6.20 31.65 -19.27
CA MET P 32 5.41 31.84 -20.48
C MET P 32 3.94 31.59 -20.15
N ARG P 33 3.05 31.97 -21.07
CA ARG P 33 1.63 31.76 -20.87
C ARG P 33 1.29 30.28 -20.76
N ASP P 34 1.96 29.49 -21.59
CA ASP P 34 1.70 28.05 -21.65
C ASP P 34 2.38 27.29 -20.51
N ASP P 35 3.20 28.00 -19.73
CA ASP P 35 3.80 27.41 -18.54
C ASP P 35 2.75 27.29 -17.44
N THR P 36 1.85 28.26 -17.41
CA THR P 36 0.83 28.34 -16.36
C THR P 36 -0.39 27.49 -16.70
N LEU P 37 -0.35 26.82 -17.84
CA LEU P 37 -1.44 25.93 -18.25
C LEU P 37 -1.62 24.77 -17.28
N TYR P 38 -2.85 24.59 -16.80
CA TYR P 38 -3.16 23.46 -15.94
C TYR P 38 -3.10 22.17 -16.75
N GLU P 39 -2.36 21.20 -16.24
CA GLU P 39 -2.10 19.97 -16.99
C GLU P 39 -3.23 18.95 -16.87
N ASP P 40 -4.27 19.10 -17.69
CA ASP P 40 -5.29 18.08 -17.78
C ASP P 40 -4.81 16.98 -18.72
N ASP P 41 -5.73 16.11 -19.14
CA ASP P 41 -5.36 14.99 -20.00
C ASP P 41 -4.81 15.45 -21.35
N ASP P 42 -5.34 16.56 -21.88
CA ASP P 42 -4.89 17.08 -23.16
C ASP P 42 -3.50 17.71 -23.06
N VAL P 43 -3.33 18.60 -22.10
CA VAL P 43 -2.05 19.28 -21.90
C VAL P 43 -0.92 18.30 -21.60
N LYS P 44 -1.23 17.27 -20.80
CA LYS P 44 -0.26 16.22 -20.51
C LYS P 44 0.26 15.56 -21.78
N GLU P 45 -0.66 15.23 -22.68
CA GLU P 45 -0.30 14.57 -23.93
C GLU P 45 0.50 15.50 -24.84
N ALA P 46 0.08 16.76 -24.93
CA ALA P 46 0.75 17.75 -25.75
C ALA P 46 2.18 17.99 -25.27
N LEU P 47 2.36 17.94 -23.96
CA LEU P 47 3.67 18.12 -23.34
C LEU P 47 4.64 17.02 -23.75
N LYS P 48 4.14 15.81 -23.87
CA LYS P 48 4.98 14.66 -24.23
C LYS P 48 5.43 14.73 -25.68
N ARG P 49 4.75 15.55 -26.47
CA ARG P 49 5.09 15.71 -27.88
C ARG P 49 6.13 16.81 -28.08
N LEU P 50 6.39 17.58 -27.02
CA LEU P 50 7.33 18.69 -27.10
C LEU P 50 8.75 18.21 -27.36
N PRO P 51 9.49 18.95 -28.19
CA PRO P 51 10.91 18.67 -28.44
C PRO P 51 11.73 18.77 -27.16
N GLU P 52 12.84 18.04 -27.09
CA GLU P 52 13.67 17.96 -25.90
C GLU P 52 14.09 19.33 -25.36
N ASP P 53 14.57 20.19 -26.26
CA ASP P 53 15.06 21.50 -25.87
C ASP P 53 13.97 22.36 -25.24
N LEU P 54 12.81 22.42 -25.88
CA LEU P 54 11.70 23.20 -25.37
C LEU P 54 11.20 22.64 -24.03
N TYR P 55 11.24 21.32 -23.90
CA TYR P 55 10.77 20.66 -22.68
C TYR P 55 11.72 20.92 -21.51
N ASN P 56 13.01 20.76 -21.75
CA ASN P 56 14.02 21.03 -20.73
C ASN P 56 14.06 22.49 -20.32
N GLU P 57 13.70 23.38 -21.25
CA GLU P 57 13.64 24.81 -20.95
C GLU P 57 12.40 25.13 -20.12
N ARG P 58 11.27 24.52 -20.49
CA ARG P 58 10.03 24.67 -19.72
C ARG P 58 10.22 24.20 -18.29
N MET P 59 10.95 23.11 -18.15
CA MET P 59 11.19 22.51 -16.84
C MET P 59 11.94 23.45 -15.92
N PHE P 60 12.94 24.15 -16.47
CA PHE P 60 13.73 25.09 -15.69
C PHE P 60 12.91 26.31 -15.29
N ARG P 61 12.14 26.85 -16.23
CA ARG P 61 11.32 28.03 -15.98
C ARG P 61 10.32 27.77 -14.84
N ILE P 62 9.76 26.57 -14.83
CA ILE P 62 8.81 26.16 -13.80
C ILE P 62 9.51 25.99 -12.45
N LYS P 63 10.62 25.27 -12.46
CA LYS P 63 11.40 25.05 -11.24
C LYS P 63 11.92 26.38 -10.69
N ARG P 64 12.17 27.34 -11.58
CA ARG P 64 12.62 28.66 -11.17
C ARG P 64 11.49 29.43 -10.52
N ALA P 65 10.30 29.32 -11.09
CA ALA P 65 9.11 29.97 -10.56
C ALA P 65 8.75 29.38 -9.21
N LEU P 66 8.92 28.06 -9.08
CA LEU P 66 8.68 27.38 -7.83
C LEU P 66 9.65 27.85 -6.75
N ASP P 67 10.93 27.95 -7.11
CA ASP P 67 11.95 28.42 -6.18
C ASP P 67 11.71 29.87 -5.78
N LEU P 68 11.27 30.68 -6.73
CA LEU P 68 10.92 32.07 -6.45
C LEU P 68 9.74 32.16 -5.50
N SER P 69 8.75 31.30 -5.72
CA SER P 69 7.51 31.33 -4.94
C SER P 69 7.75 30.97 -3.47
N LEU P 70 8.71 30.10 -3.20
CA LEU P 70 9.02 29.70 -1.83
C LEU P 70 9.89 30.76 -1.17
N LYS P 71 10.48 31.62 -1.99
CA LYS P 71 11.30 32.73 -1.50
C LYS P 71 10.43 33.97 -1.31
N HIS P 72 9.21 33.92 -1.83
CA HIS P 72 8.31 35.08 -1.85
C HIS P 72 8.94 36.26 -2.58
N ARG P 73 9.82 35.94 -3.53
CA ARG P 73 10.47 36.94 -4.36
C ARG P 73 10.04 36.75 -5.81
N ILE P 74 10.38 37.72 -6.65
CA ILE P 74 10.17 37.60 -8.08
C ILE P 74 11.44 37.97 -8.82
N LEU P 75 11.39 37.90 -10.15
CA LEU P 75 12.53 38.29 -10.96
C LEU P 75 12.62 39.81 -11.04
N PRO P 76 13.85 40.34 -11.25
CA PRO P 76 13.99 41.77 -11.51
C PRO P 76 13.17 42.20 -12.73
N LYS P 77 12.71 43.45 -12.73
CA LYS P 77 11.86 43.96 -13.80
C LYS P 77 12.46 43.73 -15.18
N GLU P 78 13.78 43.71 -15.25
CA GLU P 78 14.50 43.48 -16.49
C GLU P 78 14.25 42.09 -17.07
N GLN P 79 14.06 41.12 -16.18
CA GLN P 79 13.93 39.72 -16.60
C GLN P 79 12.49 39.27 -16.78
N TRP P 80 11.55 40.22 -16.77
CA TRP P 80 10.15 39.90 -16.97
C TRP P 80 9.86 39.62 -18.43
N VAL P 81 9.10 38.56 -18.70
CA VAL P 81 8.72 38.23 -20.06
C VAL P 81 7.80 39.31 -20.63
N LYS P 82 8.21 39.93 -21.73
CA LYS P 82 7.36 40.91 -22.39
C LYS P 82 6.16 40.23 -23.04
N TYR P 83 5.06 40.97 -23.14
CA TYR P 83 3.84 40.45 -23.76
C TYR P 83 4.09 40.03 -25.20
N GLU P 84 4.82 40.86 -25.93
CA GLU P 84 5.11 40.60 -27.33
C GLU P 84 6.22 39.57 -27.52
N GLU P 85 6.91 39.24 -26.43
CA GLU P 85 8.02 38.29 -26.49
C GLU P 85 7.64 36.93 -25.91
N ASP P 86 6.36 36.74 -25.62
CA ASP P 86 5.88 35.49 -25.05
C ASP P 86 5.71 34.42 -26.12
N LYS P 87 6.35 33.28 -25.91
CA LYS P 87 6.28 32.18 -26.86
C LYS P 87 5.14 31.22 -26.55
N PRO P 88 4.16 31.13 -27.46
CA PRO P 88 3.11 30.12 -27.33
C PRO P 88 3.60 28.76 -27.82
N TYR P 89 4.59 28.21 -27.13
CA TYR P 89 5.33 27.04 -27.60
C TYR P 89 4.51 25.75 -27.56
N LEU P 90 3.51 25.68 -26.69
CA LEU P 90 2.75 24.46 -26.50
C LEU P 90 1.40 24.49 -27.19
N GLU P 91 0.91 25.69 -27.49
CA GLU P 91 -0.43 25.84 -28.05
C GLU P 91 -0.66 25.16 -29.40
N PRO P 92 0.33 25.22 -30.33
CA PRO P 92 0.10 24.47 -31.58
C PRO P 92 -0.03 22.98 -31.35
N TYR P 93 0.77 22.44 -30.44
CA TYR P 93 0.70 21.02 -30.09
C TYR P 93 -0.64 20.69 -29.44
N LEU P 94 -1.08 21.54 -28.53
CA LEU P 94 -2.29 21.30 -27.76
C LEU P 94 -3.53 21.31 -28.66
N LYS P 95 -3.50 22.14 -29.70
CA LYS P 95 -4.62 22.24 -30.63
C LYS P 95 -4.83 20.96 -31.43
N GLU P 96 -3.73 20.32 -31.82
CA GLU P 96 -3.80 19.08 -32.58
C GLU P 96 -4.25 17.93 -31.69
N VAL P 97 -3.75 17.91 -30.46
CA VAL P 97 -4.14 16.90 -29.47
C VAL P 97 -5.65 16.93 -29.26
N ILE P 98 -6.21 18.13 -29.18
CA ILE P 98 -7.65 18.31 -29.02
C ILE P 98 -8.39 17.95 -30.30
N ARG P 99 -7.83 18.36 -31.45
CA ARG P 99 -8.42 18.06 -32.75
C ARG P 99 -8.51 16.55 -32.98
N GLU P 100 -7.43 15.85 -32.67
CA GLU P 100 -7.40 14.40 -32.81
C GLU P 100 -8.43 13.72 -31.91
N ARG P 101 -8.56 14.20 -30.68
CA ARG P 101 -9.47 13.61 -29.71
C ARG P 101 -10.92 13.79 -30.12
N LEU P 102 -11.25 15.00 -30.59
CA LEU P 102 -12.61 15.31 -31.02
C LEU P 102 -13.02 14.43 -32.19
N GLU P 103 -12.04 14.07 -33.02
CA GLU P 103 -12.28 13.16 -34.13
C GLU P 103 -12.70 11.78 -33.63
N ARG P 104 -11.93 11.25 -32.69
CA ARG P 104 -12.21 9.93 -32.11
C ARG P 104 -13.57 9.91 -31.42
N GLU P 105 -13.86 10.96 -30.67
CA GLU P 105 -15.14 11.07 -29.95
C GLU P 105 -16.31 11.13 -30.93
N ALA P 106 -16.09 11.75 -32.08
CA ALA P 106 -17.12 11.83 -33.11
C ALA P 106 -17.21 10.51 -33.88
N TRP P 107 -16.06 9.89 -34.11
CA TRP P 107 -16.00 8.65 -34.88
C TRP P 107 -16.55 7.47 -34.10
N ASN P 108 -16.59 7.61 -32.78
CA ASN P 108 -17.06 6.53 -31.90
C ASN P 108 -18.55 6.60 -31.63
N LYS P 109 -19.19 7.69 -32.05
CA LYS P 109 -20.62 7.85 -31.88
C LYS P 109 -21.37 7.49 -33.17
N LYS P 110 -20.62 7.01 -34.16
CA LYS P 110 -21.18 6.65 -35.46
C LYS P 110 -22.01 5.36 -35.39
N ILE Q 2 7.45 4.62 -2.42
CA ILE Q 2 7.84 4.82 -3.81
C ILE Q 2 7.23 6.09 -4.37
N HIS Q 3 7.90 7.22 -4.15
CA HIS Q 3 7.37 8.51 -4.56
C HIS Q 3 8.48 9.48 -4.91
N PHE Q 4 9.69 9.19 -4.44
CA PHE Q 4 10.86 9.95 -4.84
C PHE Q 4 11.70 9.13 -5.83
N GLY Q 5 11.87 9.67 -7.03
CA GLY Q 5 12.61 9.00 -8.07
C GLY Q 5 11.86 8.92 -9.38
N ASN Q 6 10.56 8.67 -9.29
CA ASN Q 6 9.72 8.54 -10.47
C ASN Q 6 8.83 9.76 -10.69
N LEU Q 7 9.32 10.92 -10.25
CA LEU Q 7 8.52 12.15 -10.31
C LEU Q 7 8.55 12.82 -11.68
N ALA Q 8 9.73 13.30 -12.08
CA ALA Q 8 9.86 14.05 -13.33
C ALA Q 8 11.21 13.85 -14.01
N ARG Q 9 11.22 14.03 -15.33
CA ARG Q 9 12.44 13.98 -16.11
C ARG Q 9 13.03 15.37 -16.26
N VAL Q 10 14.14 15.61 -15.56
CA VAL Q 10 14.77 16.93 -15.53
C VAL Q 10 16.23 16.86 -15.99
N ARG Q 11 16.63 17.78 -16.87
CA ARG Q 11 18.00 17.82 -17.37
C ARG Q 11 18.61 19.22 -17.27
N HIS Q 12 19.93 19.26 -17.14
CA HIS Q 12 20.72 20.50 -17.25
C HIS Q 12 20.37 21.56 -16.20
N ILE Q 13 20.11 21.11 -14.97
CA ILE Q 13 19.83 22.06 -13.89
C ILE Q 13 20.78 21.87 -12.71
N ILE Q 14 21.63 22.86 -12.48
CA ILE Q 14 22.57 22.85 -11.36
C ILE Q 14 22.05 23.74 -10.23
N THR Q 15 22.06 23.21 -9.01
CA THR Q 15 21.64 23.98 -7.85
C THR Q 15 22.75 24.04 -6.80
N TYR Q 16 22.87 25.19 -6.14
CA TYR Q 16 23.88 25.39 -5.11
C TYR Q 16 23.21 25.77 -3.80
N SER Q 17 23.70 25.22 -2.70
CA SER Q 17 23.13 25.51 -1.39
C SER Q 17 24.17 25.37 -0.28
N LEU Q 18 23.98 26.08 0.82
CA LEU Q 18 24.88 26.00 1.96
C LEU Q 18 24.22 25.31 3.14
N SER Q 19 25.04 24.77 4.04
CA SER Q 19 24.56 24.25 5.32
C SER Q 19 23.89 25.38 6.09
N PRO Q 20 22.87 25.05 6.89
CA PRO Q 20 22.20 26.06 7.71
C PRO Q 20 23.15 26.72 8.73
N PHE Q 21 24.22 26.00 9.08
CA PHE Q 21 25.16 26.48 10.07
C PHE Q 21 26.25 27.37 9.46
N GLU Q 22 26.26 27.44 8.13
CA GLU Q 22 27.21 28.27 7.41
C GLU Q 22 26.58 29.59 6.97
N GLN Q 23 25.27 29.73 7.22
CA GLN Q 23 24.55 30.93 6.79
C GLN Q 23 23.57 31.43 7.85
N ARG Q 24 23.10 32.65 7.65
CA ARG Q 24 22.20 33.32 8.60
C ARG Q 24 20.74 32.90 8.39
N ALA Q 25 20.02 32.71 9.48
CA ALA Q 25 18.64 32.24 9.42
C ALA Q 25 17.69 33.32 8.92
N ILE Q 26 17.81 34.52 9.49
CA ILE Q 26 17.01 35.67 9.08
C ILE Q 26 17.91 36.78 8.57
N PRO Q 27 18.32 36.69 7.29
CA PRO Q 27 19.29 37.62 6.69
C PRO Q 27 18.64 38.80 5.98
N ASN Q 28 19.36 39.93 5.95
CA ASN Q 28 18.95 41.09 5.15
C ASN Q 28 17.52 41.55 5.41
N ILE Q 29 17.20 41.78 6.69
CA ILE Q 29 15.85 42.17 7.08
C ILE Q 29 15.43 43.50 6.45
N PHE Q 30 16.35 44.45 6.37
CA PHE Q 30 16.02 45.79 5.88
C PHE Q 30 16.41 46.00 4.42
N SER Q 31 17.32 45.18 3.91
CA SER Q 31 17.83 45.37 2.55
C SER Q 31 17.05 44.56 1.52
N ASP Q 32 16.41 43.48 1.95
CA ASP Q 32 15.72 42.59 1.03
C ASP Q 32 14.37 42.12 1.54
N ALA Q 33 14.31 41.72 2.81
CA ALA Q 33 13.10 41.16 3.40
C ALA Q 33 11.94 42.16 3.45
N LEU Q 34 12.11 43.21 4.26
CA LEU Q 34 11.08 44.22 4.44
C LEU Q 34 10.66 44.98 3.16
N PRO Q 35 11.62 45.32 2.26
CA PRO Q 35 11.18 45.95 1.02
C PRO Q 35 10.20 45.10 0.22
N ASN Q 36 10.32 43.78 0.30
CA ASN Q 36 9.40 42.88 -0.37
C ASN Q 36 8.07 42.78 0.38
N VAL Q 37 8.14 42.83 1.71
CA VAL Q 37 6.95 42.77 2.56
C VAL Q 37 5.99 43.90 2.17
N TRP Q 38 6.55 45.05 1.85
CA TRP Q 38 5.78 46.17 1.34
C TRP Q 38 5.26 45.89 -0.06
N ARG Q 39 6.13 45.32 -0.90
CA ARG Q 39 5.78 45.01 -2.29
C ARG Q 39 4.59 44.05 -2.34
N ARG Q 40 4.62 43.04 -1.48
CA ARG Q 40 3.56 42.03 -1.44
C ARG Q 40 2.27 42.65 -0.90
N PHE Q 41 2.39 43.57 0.05
CA PHE Q 41 1.23 44.29 0.57
C PHE Q 41 0.68 45.24 -0.49
N SER Q 42 1.59 45.85 -1.25
CA SER Q 42 1.22 46.84 -2.25
C SER Q 42 0.45 46.22 -3.41
N SER Q 43 0.87 45.04 -3.84
CA SER Q 43 0.28 44.39 -5.00
C SER Q 43 -1.14 43.89 -4.75
N GLN Q 44 -1.42 43.45 -3.53
CA GLN Q 44 -2.67 42.76 -3.23
C GLN Q 44 -3.73 43.63 -2.56
N VAL Q 45 -3.31 44.72 -1.92
CA VAL Q 45 -4.23 45.53 -1.12
C VAL Q 45 -5.33 46.19 -1.95
N PHE Q 46 -5.13 46.29 -3.25
CA PHE Q 46 -6.14 46.90 -4.12
C PHE Q 46 -7.11 45.85 -4.65
N LYS Q 47 -6.90 44.60 -4.23
CA LYS Q 47 -7.81 43.51 -4.59
C LYS Q 47 -8.54 43.03 -3.35
N VAL Q 48 -7.81 42.97 -2.23
CA VAL Q 48 -8.34 42.45 -0.98
C VAL Q 48 -9.20 43.47 -0.24
N ALA Q 49 -8.65 44.67 -0.03
CA ALA Q 49 -9.32 45.69 0.77
C ALA Q 49 -10.65 46.23 0.21
N PRO Q 50 -10.73 46.54 -1.10
CA PRO Q 50 -11.97 47.18 -1.59
C PRO Q 50 -13.30 46.47 -1.27
N PRO Q 51 -13.38 45.13 -1.42
CA PRO Q 51 -14.67 44.54 -1.05
C PRO Q 51 -14.91 44.54 0.45
N PHE Q 52 -13.84 44.43 1.24
CA PHE Q 52 -13.96 44.49 2.69
C PHE Q 52 -14.30 45.91 3.16
N LEU Q 53 -13.72 46.90 2.49
CA LEU Q 53 -14.03 48.30 2.78
C LEU Q 53 -15.50 48.58 2.45
N GLY Q 54 -15.94 48.07 1.30
CA GLY Q 54 -17.31 48.25 0.86
C GLY Q 54 -18.30 47.49 1.72
N ALA Q 55 -17.84 46.38 2.29
CA ALA Q 55 -18.66 45.58 3.18
C ALA Q 55 -18.90 46.31 4.49
N TYR Q 56 -17.86 46.96 5.00
CA TYR Q 56 -17.96 47.74 6.23
C TYR Q 56 -18.94 48.89 6.08
N LEU Q 57 -18.95 49.50 4.90
CA LEU Q 57 -19.85 50.60 4.61
C LEU Q 57 -21.31 50.17 4.71
N LEU Q 58 -21.60 49.00 4.17
CA LEU Q 58 -22.93 48.42 4.25
C LEU Q 58 -23.30 48.14 5.70
N TYR Q 59 -22.32 47.67 6.47
CA TYR Q 59 -22.52 47.42 7.89
C TYR Q 59 -22.78 48.71 8.65
N SER Q 60 -22.01 49.75 8.34
CA SER Q 60 -22.12 51.03 9.01
C SER Q 60 -23.48 51.67 8.74
N TRP Q 61 -23.94 51.59 7.50
CA TRP Q 61 -25.25 52.12 7.14
C TRP Q 61 -26.37 51.28 7.76
N GLY Q 62 -26.26 49.96 7.62
CA GLY Q 62 -27.27 49.05 8.12
C GLY Q 62 -27.53 49.19 9.60
N THR Q 63 -26.47 49.41 10.37
CA THR Q 63 -26.58 49.60 11.81
C THR Q 63 -27.22 50.95 12.14
N GLN Q 64 -26.70 52.02 11.54
CA GLN Q 64 -27.20 53.37 11.77
C GLN Q 64 -28.67 53.50 11.38
N GLU Q 65 -29.02 52.98 10.21
CA GLU Q 65 -30.40 53.04 9.72
C GLU Q 65 -31.35 52.30 10.65
N PHE Q 66 -30.89 51.16 11.16
CA PHE Q 66 -31.68 50.38 12.10
C PHE Q 66 -31.88 51.14 13.41
N GLU Q 67 -30.86 51.88 13.83
CA GLU Q 67 -30.94 52.67 15.04
C GLU Q 67 -31.81 53.92 14.82
N ARG Q 68 -31.72 54.50 13.63
CA ARG Q 68 -32.51 55.69 13.30
C ARG Q 68 -34.00 55.37 13.28
N LEU Q 69 -34.32 54.13 12.91
CA LEU Q 69 -35.72 53.69 12.85
C LEU Q 69 -36.28 53.39 14.23
N LYS Q 70 -35.44 53.53 15.26
CA LYS Q 70 -35.88 53.39 16.64
C LYS Q 70 -36.33 54.73 17.21
N ARG Q 71 -35.62 55.79 16.81
CA ARG Q 71 -35.94 57.14 17.25
C ARG Q 71 -37.34 57.53 16.76
N LYS Q 72 -37.97 58.47 17.46
CA LYS Q 72 -39.33 58.88 17.10
C LYS Q 72 -39.33 60.07 16.15
N ASN Q 73 -40.29 60.10 15.24
CA ASN Q 73 -40.47 61.21 14.33
C ASN Q 73 -41.40 62.25 14.95
N PRO Q 74 -40.84 63.40 15.37
CA PRO Q 74 -41.59 64.42 16.11
C PRO Q 74 -42.76 65.01 15.33
N ALA Q 75 -42.77 64.80 14.01
CA ALA Q 75 -43.85 65.30 13.17
C ALA Q 75 -45.11 64.45 13.32
N ASP Q 76 -44.99 63.34 14.04
CA ASP Q 76 -46.12 62.45 14.28
C ASP Q 76 -47.14 63.05 15.24
N TYR Q 77 -46.69 63.54 16.39
CA TYR Q 77 -47.63 63.83 17.47
C TYR Q 77 -47.99 65.29 17.64
N GLU Q 78 -47.60 66.12 16.68
CA GLU Q 78 -47.98 67.53 16.73
C GLU Q 78 -49.26 67.77 15.95
N ASN Q 79 -49.86 66.69 15.46
CA ASN Q 79 -51.17 66.75 14.83
C ASN Q 79 -52.26 66.42 15.84
N ASP Q 80 -51.84 66.09 17.06
CA ASP Q 80 -52.75 65.71 18.12
C ASP Q 80 -53.24 66.94 18.88
N GLU R 10 -23.00 63.60 61.54
CA GLU R 10 -23.45 62.57 60.61
C GLU R 10 -23.48 63.09 59.17
N GLU R 11 -24.41 62.57 58.38
CA GLU R 11 -24.57 62.93 56.97
C GLU R 11 -23.31 62.54 56.18
N LEU R 12 -23.39 61.44 55.44
CA LEU R 12 -22.19 60.80 54.90
C LEU R 12 -21.43 61.68 53.87
N VAL R 13 -21.97 62.05 52.71
CA VAL R 13 -23.23 61.60 52.12
C VAL R 13 -22.91 60.62 50.98
N ASP R 14 -23.87 60.41 50.09
CA ASP R 14 -23.66 59.55 48.93
C ASP R 14 -22.74 60.24 47.91
N PRO R 15 -21.56 59.64 47.65
CA PRO R 15 -20.64 60.18 46.64
C PRO R 15 -21.26 60.12 45.25
N LEU R 16 -22.22 59.21 45.10
CA LEU R 16 -22.99 59.08 43.87
C LEU R 16 -23.73 60.39 43.57
N THR R 17 -24.69 60.74 44.42
CA THR R 17 -25.53 61.92 44.22
C THR R 17 -24.72 63.23 44.21
N THR R 18 -23.58 63.22 44.89
CA THR R 18 -22.68 64.37 44.88
C THR R 18 -22.14 64.57 43.47
N ILE R 19 -21.69 63.48 42.86
CA ILE R 19 -21.18 63.53 41.50
C ILE R 19 -22.33 63.62 40.50
N ARG R 20 -23.47 63.02 40.85
CA ARG R 20 -24.67 63.09 40.03
C ARG R 20 -25.08 64.55 39.77
N GLU R 21 -25.24 65.32 40.83
CA GLU R 21 -25.59 66.73 40.71
C GLU R 21 -24.57 67.48 39.85
N HIS R 22 -23.30 67.27 40.14
CA HIS R 22 -22.22 67.97 39.46
C HIS R 22 -22.14 67.56 37.98
N CYS R 23 -22.58 66.35 37.68
CA CYS R 23 -22.56 65.86 36.31
C CYS R 23 -23.73 66.38 35.49
N GLU R 24 -24.83 66.72 36.15
CA GLU R 24 -26.03 67.19 35.47
C GLU R 24 -25.88 68.62 34.95
N GLN R 25 -24.67 69.17 35.05
CA GLN R 25 -24.38 70.49 34.52
C GLN R 25 -23.44 70.40 33.32
N THR R 26 -23.32 69.19 32.76
CA THR R 26 -22.53 68.98 31.56
C THR R 26 -23.15 69.73 30.39
N GLU R 27 -22.31 70.10 29.42
CA GLU R 27 -22.79 70.75 28.20
C GLU R 27 -23.85 69.89 27.52
N LYS R 28 -23.61 68.58 27.49
CA LYS R 28 -24.54 67.66 26.86
C LYS R 28 -25.76 67.40 27.76
N CYS R 29 -25.57 67.55 29.07
CA CYS R 29 -26.61 67.22 30.03
C CYS R 29 -27.82 68.17 29.97
N VAL R 30 -27.61 69.42 30.38
CA VAL R 30 -28.70 70.39 30.44
C VAL R 30 -29.32 70.63 29.07
N LYS R 31 -28.52 70.51 28.03
CA LYS R 31 -29.02 70.62 26.66
C LYS R 31 -29.95 69.47 26.33
N ALA R 32 -29.76 68.34 27.02
CA ALA R 32 -30.63 67.18 26.84
C ALA R 32 -31.70 67.14 27.92
N ARG R 33 -31.45 67.84 29.03
CA ARG R 33 -32.45 67.97 30.09
C ARG R 33 -33.63 68.80 29.60
N GLU R 34 -33.32 69.90 28.91
CA GLU R 34 -34.34 70.73 28.29
C GLU R 34 -35.11 69.94 27.25
N ARG R 35 -34.39 69.09 26.52
CA ARG R 35 -34.99 68.21 25.52
C ARG R 35 -36.04 67.29 26.15
N LEU R 36 -35.80 66.90 27.40
CA LEU R 36 -36.74 66.07 28.13
C LEU R 36 -37.87 66.90 28.73
N GLU R 37 -37.50 67.94 29.47
CA GLU R 37 -38.44 68.72 30.25
C GLU R 37 -39.47 69.46 29.40
N LEU R 38 -39.16 69.65 28.12
CA LEU R 38 -40.09 70.29 27.20
C LEU R 38 -40.93 69.23 26.49
N CYS R 39 -40.41 68.02 26.43
CA CYS R 39 -41.17 66.89 25.92
C CYS R 39 -42.02 66.33 27.05
N ASP R 40 -41.51 66.44 28.28
CA ASP R 40 -42.22 65.99 29.46
C ASP R 40 -43.45 66.85 29.74
N ALA R 41 -43.26 68.16 29.72
CA ALA R 41 -44.33 69.11 30.04
C ALA R 41 -45.45 69.06 29.00
N ARG R 42 -45.10 68.74 27.75
CA ARG R 42 -46.08 68.68 26.67
C ARG R 42 -47.04 67.51 26.86
N VAL R 43 -46.50 66.33 27.08
CA VAL R 43 -47.32 65.13 27.27
C VAL R 43 -48.05 65.17 28.60
N SER R 44 -47.49 65.92 29.55
CA SER R 44 -48.05 66.02 30.90
C SER R 44 -49.48 66.57 30.92
N SER R 45 -49.90 67.23 29.85
CA SER R 45 -51.24 67.79 29.81
C SER R 45 -51.91 67.68 28.44
N ARG R 46 -52.43 66.48 28.15
CA ARG R 46 -53.30 66.23 27.00
C ARG R 46 -53.80 64.80 27.01
N SER R 47 -55.10 64.63 27.25
CA SER R 47 -55.72 63.32 27.17
C SER R 47 -55.74 62.84 25.72
N HIS R 48 -55.75 61.51 25.54
CA HIS R 48 -55.80 60.89 24.22
C HIS R 48 -54.61 61.26 23.35
N THR R 49 -53.45 60.66 23.66
CA THR R 49 -52.27 60.78 22.82
C THR R 49 -51.29 59.64 23.15
N GLU R 50 -50.62 59.14 22.12
CA GLU R 50 -49.73 57.98 22.27
C GLU R 50 -48.41 58.35 22.92
N GLU R 51 -47.76 59.38 22.38
CA GLU R 51 -46.38 59.76 22.70
C GLU R 51 -45.92 59.56 24.14
N GLN R 52 -44.75 58.94 24.29
CA GLN R 52 -44.10 58.79 25.58
C GLN R 52 -42.81 59.59 25.61
N CYS R 53 -42.11 59.57 26.75
CA CYS R 53 -40.86 60.33 26.89
C CYS R 53 -39.66 59.45 27.19
N THR R 54 -39.77 58.16 26.90
CA THR R 54 -38.69 57.21 27.17
C THR R 54 -37.43 57.56 26.38
N GLU R 55 -37.60 58.07 25.18
CA GLU R 55 -36.45 58.45 24.36
C GLU R 55 -35.70 59.63 24.96
N GLU R 56 -36.44 60.67 25.37
CA GLU R 56 -35.85 61.86 25.94
C GLU R 56 -35.10 61.56 27.25
N LEU R 57 -35.73 60.80 28.13
CA LEU R 57 -35.11 60.46 29.40
C LEU R 57 -33.86 59.61 29.20
N PHE R 58 -33.93 58.68 28.25
CA PHE R 58 -32.79 57.81 27.95
C PHE R 58 -31.59 58.60 27.49
N ASP R 59 -31.78 59.45 26.49
CA ASP R 59 -30.70 60.27 25.94
C ASP R 59 -30.05 61.12 27.02
N PHE R 60 -30.87 61.57 27.97
CA PHE R 60 -30.36 62.30 29.13
C PHE R 60 -29.56 61.38 30.04
N LEU R 61 -30.20 60.30 30.49
CA LEU R 61 -29.56 59.33 31.38
C LEU R 61 -28.35 58.66 30.75
N HIS R 62 -28.34 58.60 29.42
CA HIS R 62 -27.20 58.04 28.69
C HIS R 62 -26.00 58.96 28.82
N ALA R 63 -26.25 60.26 28.94
CA ALA R 63 -25.18 61.24 29.07
C ALA R 63 -24.78 61.45 30.51
N ARG R 64 -25.77 61.52 31.40
CA ARG R 64 -25.51 61.72 32.82
C ARG R 64 -24.68 60.59 33.40
N ASP R 65 -25.11 59.35 33.17
CA ASP R 65 -24.47 58.19 33.77
C ASP R 65 -23.10 57.89 33.18
N HIS R 66 -22.92 58.20 31.90
CA HIS R 66 -21.61 58.03 31.26
C HIS R 66 -20.57 58.92 31.93
N CYS R 67 -20.99 60.13 32.28
CA CYS R 67 -20.12 61.09 32.94
C CYS R 67 -19.91 60.70 34.40
N VAL R 68 -20.92 60.09 35.00
CA VAL R 68 -20.84 59.63 36.38
C VAL R 68 -19.85 58.46 36.51
N ALA R 69 -20.01 57.45 35.67
CA ALA R 69 -19.15 56.28 35.67
C ALA R 69 -17.68 56.65 35.47
N HIS R 70 -17.47 57.76 34.78
CA HIS R 70 -16.14 58.25 34.44
C HIS R 70 -15.39 58.77 35.67
N LYS R 71 -16.10 58.92 36.80
CA LYS R 71 -15.53 59.53 37.98
C LYS R 71 -15.85 58.80 39.29
N LEU R 72 -17.09 58.31 39.39
CA LEU R 72 -17.62 57.76 40.64
C LEU R 72 -16.72 56.75 41.36
N PHE R 73 -16.05 55.90 40.61
CA PHE R 73 -15.26 54.82 41.22
C PHE R 73 -13.97 55.31 41.88
N ASN R 74 -13.64 56.58 41.69
CA ASN R 74 -12.51 57.18 42.40
C ASN R 74 -12.84 57.36 43.87
N LYS R 75 -14.13 57.59 44.15
CA LYS R 75 -14.59 57.82 45.52
C LYS R 75 -14.72 56.53 46.30
N LEU R 76 -15.46 55.58 45.73
CA LEU R 76 -15.77 54.32 46.41
C LEU R 76 -14.50 53.56 46.79
N LYS R 77 -14.54 52.93 47.96
CA LYS R 77 -13.37 52.25 48.51
C LYS R 77 -13.04 50.97 47.76
N UNK S 31 43.84 -5.51 -3.48
CA UNK S 31 44.05 -4.48 -2.47
C UNK S 31 44.45 -3.15 -3.12
N UNK S 32 44.26 -3.06 -4.42
CA UNK S 32 44.56 -1.85 -5.19
C UNK S 32 43.97 -1.95 -6.59
N UNK S 33 43.76 -0.81 -7.23
CA UNK S 33 43.22 -0.78 -8.58
C UNK S 33 41.80 -0.24 -8.62
N UNK S 34 41.49 0.50 -9.68
CA UNK S 34 40.21 1.19 -9.79
C UNK S 34 39.11 0.37 -10.44
N UNK S 35 37.88 0.63 -10.04
CA UNK S 35 36.73 -0.13 -10.51
C UNK S 35 35.96 0.52 -11.65
N UNK S 36 34.79 -0.03 -11.94
CA UNK S 36 33.94 0.48 -13.03
C UNK S 36 32.49 0.01 -12.89
N UNK S 37 31.62 0.52 -13.76
CA UNK S 37 30.22 0.15 -13.75
C UNK S 37 29.52 0.38 -15.08
N UNK S 38 28.85 -0.66 -15.58
CA UNK S 38 28.12 -0.58 -16.83
C UNK S 38 26.89 -1.46 -16.82
N UNK S 39 26.34 -1.75 -18.00
CA UNK S 39 25.14 -2.56 -18.10
C UNK S 39 24.92 -3.13 -19.50
N UNK S 40 23.92 -3.99 -19.62
CA UNK S 40 23.51 -4.59 -20.89
C UNK S 40 22.11 -5.15 -20.75
N UNK S 41 21.69 -5.99 -21.70
CA UNK S 41 20.39 -6.63 -21.62
C UNK S 41 19.72 -6.84 -22.96
N UNK S 42 20.52 -6.88 -24.02
N PRO S 46 33.84 10.20 -24.54
CA PRO S 46 34.63 9.65 -25.63
C PRO S 46 36.12 9.85 -25.43
N LEU S 47 36.93 9.31 -26.35
CA LEU S 47 38.36 9.56 -26.37
C LEU S 47 38.80 9.77 -27.81
N LEU S 48 38.72 11.03 -28.26
CA LEU S 48 38.86 11.34 -29.68
C LEU S 48 40.10 12.15 -30.03
N CYS S 49 41.09 12.18 -29.16
CA CYS S 49 42.33 12.90 -29.49
C CYS S 49 43.52 11.96 -29.44
N ARG S 50 44.43 12.14 -30.40
CA ARG S 50 45.50 11.20 -30.70
C ARG S 50 46.27 10.66 -29.50
N GLU S 51 46.26 11.39 -28.39
CA GLU S 51 47.18 11.06 -27.30
C GLU S 51 46.49 10.70 -25.98
N SER S 52 45.29 11.22 -25.75
CA SER S 52 44.55 10.87 -24.55
C SER S 52 43.87 9.52 -24.68
N MET S 53 43.84 9.00 -25.91
CA MET S 53 43.38 7.64 -26.16
C MET S 53 44.54 6.83 -26.73
N SER S 54 45.75 7.17 -26.32
CA SER S 54 46.93 6.46 -26.80
C SER S 54 47.49 5.56 -25.71
N GLY S 55 48.10 4.47 -26.13
CA GLY S 55 48.56 3.43 -25.22
C GLY S 55 47.67 2.22 -25.41
N ARG S 56 46.70 2.34 -26.31
CA ARG S 56 45.80 1.24 -26.62
C ARG S 56 45.84 0.89 -28.10
N SER S 57 46.24 -0.35 -28.37
CA SER S 57 46.26 -0.94 -29.71
C SER S 57 46.79 -2.36 -29.56
N ALA S 58 46.72 -2.83 -28.32
CA ALA S 58 47.21 -4.15 -27.93
C ALA S 58 48.72 -4.28 -28.14
N ARG S 59 49.49 -4.01 -27.09
CA ARG S 59 50.93 -4.25 -27.10
C ARG S 59 51.16 -5.75 -27.28
N ARG S 60 50.55 -6.53 -26.39
CA ARG S 60 50.45 -7.96 -26.59
C ARG S 60 49.09 -8.27 -27.21
N ASP S 61 48.23 -8.96 -26.48
CA ASP S 61 46.89 -9.23 -27.01
C ASP S 61 45.78 -8.98 -25.99
N LEU S 62 45.61 -9.91 -25.05
CA LEU S 62 44.40 -9.92 -24.24
C LEU S 62 44.51 -10.83 -23.03
N VAL S 63 44.81 -10.24 -21.88
CA VAL S 63 44.76 -10.96 -20.62
C VAL S 63 43.39 -10.72 -19.98
N ALA S 64 42.95 -11.65 -19.13
CA ALA S 64 41.69 -11.50 -18.43
C ALA S 64 41.86 -11.78 -16.94
N GLY S 65 41.83 -10.73 -16.14
CA GLY S 65 42.00 -10.87 -14.70
C GLY S 65 40.72 -10.63 -13.92
N ILE S 66 40.51 -11.45 -12.90
CA ILE S 66 39.42 -11.24 -11.95
C ILE S 66 39.97 -11.47 -10.56
N SER S 67 39.49 -10.71 -9.58
CA SER S 67 40.07 -10.76 -8.25
C SER S 67 39.04 -10.87 -7.14
N LEU S 68 39.42 -11.58 -6.07
CA LEU S 68 38.59 -11.77 -4.89
C LEU S 68 38.19 -10.43 -4.29
N ASN S 69 39.17 -9.55 -4.09
CA ASN S 69 38.87 -8.18 -3.69
C ASN S 69 39.73 -7.16 -4.44
N ALA S 70 39.42 -7.03 -5.73
CA ALA S 70 40.01 -6.02 -6.60
C ALA S 70 39.24 -6.04 -7.92
N PRO S 71 39.04 -4.86 -8.53
CA PRO S 71 38.24 -4.74 -9.75
C PRO S 71 38.77 -5.60 -10.90
N ALA S 72 37.86 -6.19 -11.67
CA ALA S 72 38.22 -7.12 -12.75
C ALA S 72 39.16 -6.47 -13.76
N SER S 73 40.36 -7.02 -13.87
CA SER S 73 41.37 -6.47 -14.76
C SER S 73 41.11 -6.87 -16.20
N VAL S 74 41.67 -6.10 -17.12
CA VAL S 74 41.56 -6.40 -18.54
C VAL S 74 42.72 -5.76 -19.30
N ARG S 75 43.37 -6.55 -20.15
CA ARG S 75 44.50 -6.08 -20.93
C ARG S 75 44.43 -6.60 -22.36
N ALA T 1 34.03 31.66 26.38
CA ALA T 1 33.54 31.12 25.12
C ALA T 1 32.36 30.18 25.35
N LEU T 2 31.27 30.72 25.86
CA LEU T 2 30.11 29.92 26.27
C LEU T 2 29.46 29.14 25.12
N LEU T 3 29.25 29.81 24.00
CA LEU T 3 28.60 29.17 22.84
C LEU T 3 29.36 27.93 22.38
N ARG T 4 30.68 27.94 22.54
CA ARG T 4 31.50 26.78 22.21
C ARG T 4 31.53 25.80 23.39
N GLN T 5 31.77 26.32 24.58
CA GLN T 5 31.86 25.51 25.79
C GLN T 5 30.57 24.73 26.04
N ALA T 6 29.45 25.31 25.67
CA ALA T 6 28.17 24.63 25.82
C ALA T 6 28.02 23.52 24.79
N TYR T 7 28.47 23.79 23.56
CA TYR T 7 28.36 22.82 22.47
C TYR T 7 29.12 21.54 22.76
N SER T 8 30.41 21.68 23.05
CA SER T 8 31.29 20.55 23.29
C SER T 8 30.79 19.61 24.38
N ALA T 9 30.25 20.19 25.46
CA ALA T 9 29.81 19.41 26.60
C ALA T 9 28.35 19.01 26.48
N LEU T 10 27.48 19.99 26.31
CA LEU T 10 26.05 19.77 26.40
C LEU T 10 25.42 19.32 25.08
N PHE T 11 25.68 20.06 24.01
CA PHE T 11 24.90 19.91 22.77
C PHE T 11 25.46 18.90 21.78
N ARG T 12 26.63 18.33 22.06
CA ARG T 12 27.24 17.39 21.12
C ARG T 12 26.51 16.05 21.12
N ARG T 13 26.87 15.16 22.05
CA ARG T 13 26.21 13.88 22.18
C ARG T 13 24.72 14.07 22.47
N THR T 14 23.89 13.27 21.80
CA THR T 14 22.43 13.40 21.93
C THR T 14 21.97 13.12 23.36
N SER T 15 22.82 12.42 24.11
CA SER T 15 22.54 12.09 25.51
C SER T 15 22.58 13.34 26.38
N THR T 16 23.73 14.03 26.37
CA THR T 16 23.92 15.23 27.19
C THR T 16 22.96 16.36 26.77
N PHE T 17 22.52 16.33 25.51
CA PHE T 17 21.52 17.28 25.03
C PHE T 17 20.23 17.09 25.80
N ALA T 18 19.79 15.84 25.88
CA ALA T 18 18.56 15.48 26.59
C ALA T 18 18.69 15.77 28.08
N LEU T 19 19.85 15.45 28.65
CA LEU T 19 20.09 15.67 30.07
C LEU T 19 20.12 17.17 30.37
N THR T 20 20.53 17.97 29.39
CA THR T 20 20.52 19.41 29.52
C THR T 20 19.09 19.94 29.52
N VAL T 21 18.30 19.45 28.56
CA VAL T 21 16.89 19.81 28.46
C VAL T 21 16.13 19.43 29.72
N VAL T 22 16.40 18.23 30.24
CA VAL T 22 15.76 17.76 31.46
C VAL T 22 16.10 18.64 32.66
N LEU T 23 17.39 18.87 32.87
CA LEU T 23 17.84 19.70 33.99
C LEU T 23 17.54 21.17 33.75
N GLY T 24 17.48 21.56 32.47
CA GLY T 24 17.16 22.92 32.11
C GLY T 24 15.69 23.23 32.40
N ALA T 25 14.84 22.23 32.22
CA ALA T 25 13.42 22.37 32.48
C ALA T 25 13.14 22.46 33.98
N VAL T 26 14.00 21.82 34.77
CA VAL T 26 13.90 21.87 36.22
C VAL T 26 14.23 23.27 36.73
N LEU T 27 15.31 23.82 36.22
CA LEU T 27 15.73 25.17 36.59
C LEU T 27 14.74 26.23 36.09
N PHE T 28 14.25 26.03 34.87
CA PHE T 28 13.33 26.98 34.27
C PHE T 28 12.01 27.05 35.03
N GLU T 29 11.54 25.90 35.51
CA GLU T 29 10.26 25.83 36.21
C GLU T 29 10.30 26.61 37.52
N ARG T 30 11.33 26.37 38.32
CA ARG T 30 11.51 27.11 39.58
C ARG T 30 11.60 28.61 39.32
N ALA T 31 12.33 28.96 38.27
CA ALA T 31 12.57 30.37 37.94
C ALA T 31 11.33 31.04 37.39
N PHE T 32 10.74 30.45 36.36
CA PHE T 32 9.59 31.05 35.68
C PHE T 32 8.40 31.21 36.61
N ASP T 33 8.10 30.17 37.37
CA ASP T 33 6.97 30.18 38.29
C ASP T 33 7.09 31.29 39.32
N GLN T 34 8.23 31.33 40.02
CA GLN T 34 8.47 32.37 41.02
C GLN T 34 8.42 33.75 40.39
N GLY T 35 8.94 33.86 39.16
CA GLY T 35 8.96 35.12 38.45
C GLY T 35 7.57 35.62 38.11
N ALA T 36 6.82 34.80 37.38
CA ALA T 36 5.47 35.15 36.96
C ALA T 36 4.55 35.37 38.15
N ASP T 37 4.72 34.57 39.21
CA ASP T 37 3.96 34.75 40.44
C ASP T 37 4.20 36.14 41.03
N ALA T 38 5.46 36.57 41.02
CA ALA T 38 5.82 37.87 41.57
C ALA T 38 5.21 39.01 40.77
N ILE T 39 5.31 38.92 39.45
CA ILE T 39 4.78 39.93 38.55
C ILE T 39 3.27 40.11 38.74
N PHE T 40 2.57 38.99 38.94
CA PHE T 40 1.13 39.02 39.07
C PHE T 40 0.68 39.58 40.42
N GLU T 41 1.36 39.20 41.49
CA GLU T 41 0.98 39.64 42.83
C GLU T 41 1.30 41.13 43.05
N HIS T 42 2.36 41.60 42.41
CA HIS T 42 2.75 43.00 42.54
C HIS T 42 1.80 43.90 41.75
N LEU T 43 1.29 43.37 40.64
CA LEU T 43 0.31 44.09 39.82
C LEU T 43 -1.03 44.19 40.51
N ASN T 44 -1.21 43.43 41.59
CA ASN T 44 -2.46 43.42 42.33
C ASN T 44 -2.25 43.48 43.84
N GLU T 45 -1.47 44.45 44.30
CA GLU T 45 -1.21 44.62 45.73
C GLU T 45 -2.47 45.02 46.49
N GLY T 46 -2.64 44.45 47.68
CA GLY T 46 -3.76 44.77 48.54
C GLY T 46 -5.09 44.22 48.06
N LYS T 47 -5.05 43.37 47.04
CA LYS T 47 -6.28 42.85 46.45
C LYS T 47 -6.45 41.36 46.70
N LEU T 48 -5.33 40.65 46.83
CA LEU T 48 -5.35 39.21 47.06
C LEU T 48 -5.62 38.86 48.51
N TRP T 49 -6.06 37.63 48.74
CA TRP T 49 -6.23 37.14 50.11
C TRP T 49 -4.86 37.00 50.76
N LYS T 50 -3.84 36.83 49.93
CA LYS T 50 -2.45 36.81 50.37
C LYS T 50 -2.12 38.07 51.15
N HIS T 51 -2.73 39.18 50.76
CA HIS T 51 -2.44 40.48 51.37
C HIS T 51 -3.37 40.79 52.54
N ILE T 52 -4.67 40.67 52.32
CA ILE T 52 -5.66 41.06 53.32
C ILE T 52 -5.90 39.97 54.36
N LYS T 53 -5.02 38.97 54.39
CA LYS T 53 -5.15 37.85 55.30
C LYS T 53 -5.05 38.28 56.77
N HIS T 54 -3.98 39.00 57.09
CA HIS T 54 -3.67 39.39 58.46
C HIS T 54 -4.81 40.14 59.16
N LYS T 55 -5.66 40.80 58.39
CA LYS T 55 -6.75 41.59 58.94
C LYS T 55 -7.82 40.76 59.63
N TYR T 56 -7.76 39.44 59.45
CA TYR T 56 -8.84 38.59 59.94
C TYR T 56 -8.33 37.37 60.71
N GLU T 57 -7.15 37.51 61.33
CA GLU T 57 -6.62 36.44 62.16
C GLU T 57 -6.42 36.89 63.60
N ALA T 58 -7.50 36.90 64.36
CA ALA T 58 -7.42 37.09 65.80
C ALA T 58 -7.43 35.73 66.48
N SER T 59 -6.81 34.77 65.82
CA SER T 59 -6.83 33.37 66.24
C SER T 59 -5.67 33.05 67.19
N GLU T 60 -5.02 34.09 67.70
#